data_8AC5
#
_entry.id   8AC5
#
_cell.length_a   1.00
_cell.length_b   1.00
_cell.length_c   1.00
_cell.angle_alpha   90.00
_cell.angle_beta   90.00
_cell.angle_gamma   90.00
#
_symmetry.space_group_name_H-M   'P 1'
#
loop_
_entity.id
_entity.type
_entity.pdbx_description
1 polymer 'Cytochrome b'
2 polymer 'Cytochrome b-c1 complex subunit Rieske, mitochondrial'
3 polymer 'Cytochrome b-c1 complex subunit 7'
4 polymer YALI0F24673p
5 polymer YALI0A14806p
6 polymer 'Cytochrome b-c1 complex subunit 2, mitochondrial'
7 polymer YALI0A17468p
8 polymer 'Cytochrome b-c1 complex subunit 8'
9 polymer 'Complex III subunit 9'
10 polymer YALI0C12210p
11 non-polymer 'HEME C'
12 non-polymer 1,2-DIACYL-SN-GLYCERO-3-PHOSPHOCHOLINE
13 non-polymer PHOSPHATIDYLETHANOLAMINE
14 non-polymer CARDIOLIPIN
15 non-polymer DODECYL-BETA-D-MALTOSIDE
16 non-polymer 'FE2/S2 (INORGANIC) CLUSTER'
17 non-polymer 1,2-DIMYRISTOYL-SN-GLYCERO-3-PHOSPHATE
#
loop_
_entity_poly.entity_id
_entity_poly.type
_entity_poly.pdbx_seq_one_letter_code
_entity_poly.pdbx_strand_id
1 'polypeptide(L)'
;MALRKKNSLLNMANSYVLDSPQPSNLNYFWNFGSLLALCLVIQLATGITLAMHYTSHASLAFDSVEHIMRDVNFGWFIRY
AHANTASFFFICIYAHMGRNIYYGSYKTPRVLPWSIGVIIFLLLIITAFMGYVLVFGQMSLWGATVICNLVSAIPWLGED
IVHFLWGGFSVGNPTLQRFFALHYLMPFVLAVFALLHLIALHTAGSSNPLGITSNVDKLSMHPYYSFKDLITVFAFLLMF
TLFVFFSPDKLGHPDNYIPANPMVTPASIVPEWYLLPFYAILRAIPDKLGGVIAMVAAILILLILPIVDRSIIRGNAFKP
ISKLLFGFFICNFLLLGVLGQVHIEPPFIVLGQICTIFYFSYFLILLPMVSTIENIFFYIGSLRK
;
C,N
2 'polypeptide(L)'
;MSLLRTAAQAVKAPKAYTPLVAAKAFAQTRSVSSQPIGGKSTYKIPDFTPYLKKDRNTDANRLFSYFMIGSFGMLSAAGA
KATVQDFLSNMSASADVLAMAKVEVKLGAIPLGKNVIIKWRGKPIFIRHRTSEEIEEANEVNVATLRDPQTDDERVQKPE
WLVMIGVCTHLGCVPIGEAGDFGGWFCPCHGSHYDISGRIRRGPAPLNLEIPEYDFADAETLVIG
;
P,E
3 'polypeptide(L)'
;MASITSVVKTSELILKSPLLSKIVVPLAKTYVKFSGYRQLGFKMNDLIIEETPNMQLALRRLPPTESYDRVYRLIRATQF
SLSHKLATGNDITKPEEDDHYLIPYILDVEAEAFEKDALDNLEVVKRK
;
G,R
4 'polypeptide(L)'
;MSYFLTLASEVAESLLPTVAFASEEEKEQDEPVEVESDDDESEEKEDDDEEEDEDDDDDDDDDEVPDPAIALHEAAAEGP
CHDFKHHFDECVERVTKAQEAEDYDHAEYKEDCVEEFFHLQHCINDNTADKLFRVLK
;
F,Q
5 'polypeptide(L)'
;MNSLLRLPALKRGVFTMSKRGLATTVSPKTRTSNLKNGLTIASESNPLVQTATVGVWIDAGSRNENAYNNGTAHFFEHLA
FKGTDKRSQHQLELDIENMGGHLNAYTSRESTVYYAKSFKDDVPKSVEILADILQHSKLAESAIDREREVITRELEEVNK
QYEEVVFDHLHATAFMNQPLGRTILGPRENIQTITNTELRKFITENYTADRMVLVGAGAVDHDALVELAEKYFSHLPSSQ
SPVPLGTPRSSGEDANQNPIPNFVGSEVRLRDDTMPVAHIAIAVEGVSWTSEDYYTALVAQAIIGNYDRAVGTSRHQGSR
LSNIVSENNLANSFQSFSTSYSDTGLWGIYLTSENTTQIDDLVHFTLKEWNRLSTSVSNLQVERAKSQLKAGLLLSLDGT
TYVAEDIGRQLTTLGRRVTPAEVEAKLEAVTEHDVRAWAQKTLYDKDIALVGLGPIEGLYDYNRIRNDMSMMRW
;
A,L
6 'polypeptide(L)'
;MTRGVPRLAVAARHFSTAEAAGVKVAAQDGQSPISDLSVVLRGGSRYATVPGVSHILEKFAFQNTVPKSALRFVRELELF
GGKLYTHTTREHIVLRTQFLKQDLPYFVDAFANVLKETKFQQFELTERVAPVAELDLLKRESDPAFTALEAAHEVAFRTG
LGNSVYAQGYSPVTLEDVKEFARQVYAKQNVAVVGNNVVPADLQQLVGTAFADLQEGSKVTQAGTTTLHGGEARVRTSTG
NALTIALPIAEPKPVYHALASFLGGPASMPWSVGASPLAQATVGTHTSVKATYHNYGDAGLFAITIKGDSPAEISQVAHK
AVQALKDTGAEVTEEQAARAYAKSKFAAAEAFENPDSSASVIGMELLSGVSRIAPENVQKFTPAELSEAAAQLSASAKPV
VAAVGQVHALPFADELF
;
B,M
7 'polypeptide(L)'
;MRRRRIGVWPENRRVSRLWVSLSPRSCVTCPVPTNQNPPINNHHTPILTQMFKAIPLRQALLGISSAVCAGATTTYYYTT
KAEAMTAAEHGLHPAEYPWPQNGMLSTFDHASLRRGYQVYKEVCAACHSLDRIAWRNLVGVTHTTDEAKAFAEELEYDDE
PDDEGNPRKRPGKLADYIPGPYPNEQAARAANQGALPPDLSLIAKARHGGADYIFALLTGYPDEPPAGVVLAPGMNYNPY
FPGGGIGMARTLFDGVVEYEDGTPATTSQMAKDVAAFLTWAAEPEHDERKKLGLKAIIVISAMLGLSVYIKKFKWSPIKN
RKFIYNPPKN
;
D,O
8 'polypeptide(L)'
;MGGNGHYMGWWGHMGSPPQKGIAGYTISPFAARPFAGVVHAAIFNTFRRTKNQALFVILPVSFFYYVWTQASEKNEWLYT
KAGRHELAKALAE
;
H,S
9 'polypeptide(L)' MAWATTFYNVFVKRNSAFVATILASAFVFDMTFETAIDNFWDRINAGKQWKDIRHKYIEAAGDDDEDDE I,T
10 'polypeptide(L)'
;MICGEGDYVKKPSYKIVPHFLGFNIPTVSKWIPIFGIWGAAAGIGALFLIEGVPRTRQDILSKIPIIGEHWIREIPASDN
PF
;
J,U
#
loop_
_chem_comp.id
_chem_comp.type
_chem_comp.name
_chem_comp.formula
CDL non-polymer CARDIOLIPIN 'C81 H156 O17 P2 -2'
FES non-polymer 'FE2/S2 (INORGANIC) CLUSTER' 'Fe2 S2'
HEC non-polymer 'HEME C' 'C34 H34 Fe N4 O4'
LMT D-saccharide DODECYL-BETA-D-MALTOSIDE 'C24 H46 O11'
PC1 non-polymer 1,2-DIACYL-SN-GLYCERO-3-PHOSPHOCHOLINE 'C44 H88 N O8 P'
PTY non-polymer PHOSPHATIDYLETHANOLAMINE 'C40 H80 N O8 P'
XP4 non-polymer 1,2-DIMYRISTOYL-SN-GLYCERO-3-PHOSPHATE 'C31 H60 O8 P -1'
#
# COMPACT_ATOMS: atom_id res chain seq x y z
N MET A 1 -11.07 -15.54 -2.87
CA MET A 1 -10.25 -14.74 -1.87
C MET A 1 -11.05 -14.30 -0.65
N ALA A 2 -10.39 -14.37 0.52
CA ALA A 2 -10.97 -14.03 1.80
C ALA A 2 -11.31 -12.55 1.84
N LEU A 3 -12.47 -12.24 2.40
CA LEU A 3 -12.93 -10.87 2.53
C LEU A 3 -11.88 -9.96 3.19
N ARG A 4 -11.19 -10.44 4.23
CA ARG A 4 -10.26 -9.59 4.95
C ARG A 4 -9.11 -9.16 4.04
N LYS A 5 -8.92 -9.86 2.93
CA LYS A 5 -7.82 -9.53 2.03
C LYS A 5 -8.34 -8.76 0.82
N LYS A 6 -9.61 -8.98 0.47
CA LYS A 6 -10.24 -8.48 -0.75
C LYS A 6 -10.63 -7.02 -0.55
N ASN A 7 -11.32 -6.74 0.56
CA ASN A 7 -11.87 -5.43 0.82
C ASN A 7 -10.76 -4.48 1.26
N SER A 8 -10.65 -3.29 0.63
CA SER A 8 -9.49 -2.46 0.87
C SER A 8 -9.43 -1.94 2.31
N LEU A 9 -10.58 -1.58 2.89
CA LEU A 9 -10.51 -1.11 4.26
C LEU A 9 -10.10 -2.23 5.20
N LEU A 10 -10.80 -3.37 5.16
CA LEU A 10 -10.48 -4.51 6.01
C LEU A 10 -9.03 -4.90 5.80
N ASN A 11 -8.56 -4.80 4.56
CA ASN A 11 -7.21 -5.23 4.28
C ASN A 11 -6.17 -4.38 5.01
N MET A 12 -6.46 -3.09 5.22
CA MET A 12 -5.52 -2.26 5.97
C MET A 12 -5.46 -2.70 7.41
N ALA A 13 -6.61 -2.98 8.03
CA ALA A 13 -6.63 -3.54 9.37
C ALA A 13 -5.85 -4.85 9.39
N ASN A 14 -6.19 -5.74 8.45
CA ASN A 14 -5.61 -7.06 8.35
C ASN A 14 -4.08 -6.97 8.33
N SER A 15 -3.56 -6.06 7.52
CA SER A 15 -2.13 -5.95 7.32
C SER A 15 -1.43 -5.47 8.58
N TYR A 16 -2.16 -4.90 9.55
CA TYR A 16 -1.51 -4.37 10.75
C TYR A 16 -1.76 -5.26 11.96
N VAL A 17 -2.91 -5.93 12.01
CA VAL A 17 -3.22 -6.54 13.29
C VAL A 17 -3.45 -8.03 13.17
N LEU A 18 -3.55 -8.55 11.96
CA LEU A 18 -3.92 -9.94 11.90
C LEU A 18 -2.89 -10.74 11.11
N ASP A 19 -2.82 -10.50 9.80
CA ASP A 19 -1.88 -11.25 8.98
C ASP A 19 -0.47 -10.69 9.11
N SER A 20 -0.29 -9.54 9.77
CA SER A 20 1.02 -8.90 9.80
C SER A 20 2.12 -9.91 10.16
N PRO A 21 3.12 -10.19 9.30
CA PRO A 21 4.15 -11.19 9.62
C PRO A 21 5.22 -10.71 10.58
N GLN A 22 5.29 -11.35 11.74
CA GLN A 22 6.18 -10.92 12.81
C GLN A 22 7.29 -11.93 12.99
N PRO A 23 8.46 -11.52 13.51
CA PRO A 23 9.50 -12.48 13.88
C PRO A 23 8.91 -13.41 14.95
N SER A 24 9.33 -14.67 14.98
CA SER A 24 8.66 -15.58 15.90
C SER A 24 9.31 -15.52 17.27
N ASN A 25 10.36 -14.71 17.44
CA ASN A 25 11.11 -14.70 18.69
C ASN A 25 11.08 -13.36 19.43
N LEU A 26 10.04 -12.53 19.29
CA LEU A 26 10.04 -11.27 20.03
C LEU A 26 9.86 -11.58 21.51
N ASN A 27 10.63 -10.94 22.39
CA ASN A 27 10.52 -11.13 23.85
C ASN A 27 9.57 -10.08 24.44
N TYR A 28 9.47 -10.00 25.76
CA TYR A 28 8.44 -9.17 26.36
C TYR A 28 8.76 -7.68 26.20
N PHE A 29 10.00 -7.32 25.89
CA PHE A 29 10.25 -5.91 25.63
C PHE A 29 9.64 -5.43 24.32
N TRP A 30 9.13 -6.34 23.47
CA TRP A 30 8.37 -5.89 22.33
C TRP A 30 6.92 -5.58 22.72
N ASN A 31 6.57 -5.66 24.01
CA ASN A 31 5.19 -5.44 24.37
C ASN A 31 4.91 -3.98 24.72
N PHE A 32 5.94 -3.13 24.80
CA PHE A 32 5.72 -1.75 25.20
C PHE A 32 4.97 -0.95 24.13
N GLY A 33 5.16 -1.31 22.87
CA GLY A 33 4.40 -0.70 21.80
C GLY A 33 2.90 -0.78 22.06
N SER A 34 2.38 -1.98 22.34
CA SER A 34 0.95 -2.08 22.60
C SER A 34 0.59 -1.42 23.93
N LEU A 35 1.45 -1.50 24.96
CA LEU A 35 1.12 -0.72 26.16
C LEU A 35 1.02 0.78 25.87
N LEU A 36 1.92 1.32 25.06
CA LEU A 36 1.83 2.73 24.75
C LEU A 36 0.52 3.03 24.04
N ALA A 37 0.05 2.12 23.18
CA ALA A 37 -1.24 2.32 22.51
C ALA A 37 -2.38 2.27 23.53
N LEU A 38 -2.27 1.39 24.52
CA LEU A 38 -3.24 1.35 25.60
C LEU A 38 -3.27 2.64 26.44
N CYS A 39 -2.09 3.16 26.84
CA CYS A 39 -2.07 4.41 27.57
C CYS A 39 -2.69 5.50 26.72
N LEU A 40 -2.40 5.49 25.42
CA LEU A 40 -2.91 6.56 24.60
C LEU A 40 -4.44 6.49 24.54
N VAL A 41 -4.97 5.27 24.45
CA VAL A 41 -6.41 5.13 24.50
C VAL A 41 -6.99 5.51 25.86
N ILE A 42 -6.37 5.12 26.96
CA ILE A 42 -6.88 5.52 28.26
C ILE A 42 -6.88 7.04 28.40
N GLN A 43 -5.78 7.69 27.99
CA GLN A 43 -5.66 9.14 28.08
C GLN A 43 -6.76 9.78 27.22
N LEU A 44 -7.04 9.21 26.05
CA LEU A 44 -8.11 9.82 25.27
C LEU A 44 -9.45 9.71 25.99
N ALA A 45 -9.78 8.53 26.51
CA ALA A 45 -11.09 8.35 27.11
C ALA A 45 -11.19 9.18 28.39
N THR A 46 -10.18 9.10 29.24
CA THR A 46 -10.32 9.85 30.48
C THR A 46 -10.24 11.34 30.17
N GLY A 47 -9.37 11.72 29.23
CA GLY A 47 -9.13 13.13 28.95
C GLY A 47 -10.39 13.80 28.40
N ILE A 48 -11.04 13.15 27.44
CA ILE A 48 -12.24 13.71 26.87
C ILE A 48 -13.32 13.83 27.93
N THR A 49 -13.41 12.82 28.81
CA THR A 49 -14.34 12.92 29.91
C THR A 49 -14.01 14.04 30.90
N LEU A 50 -12.73 14.21 31.26
CA LEU A 50 -12.45 15.31 32.17
C LEU A 50 -12.84 16.62 31.49
N ALA A 51 -12.62 16.72 30.17
CA ALA A 51 -12.95 17.95 29.47
C ALA A 51 -14.44 18.22 29.59
N MET A 52 -15.28 17.21 29.84
CA MET A 52 -16.70 17.51 29.95
C MET A 52 -17.04 18.19 31.27
N HIS A 53 -16.08 18.27 32.19
CA HIS A 53 -16.39 18.74 33.54
C HIS A 53 -15.43 19.83 33.95
N TYR A 54 -14.42 20.10 33.12
CA TYR A 54 -13.37 21.01 33.53
C TYR A 54 -13.68 22.40 32.99
N THR A 55 -13.31 23.47 33.68
CA THR A 55 -13.50 24.79 33.09
C THR A 55 -12.13 25.43 32.96
N SER A 56 -11.82 25.98 31.78
CA SER A 56 -10.45 26.39 31.52
C SER A 56 -10.16 27.80 32.05
N HIS A 57 -11.19 28.54 32.45
CA HIS A 57 -11.01 29.89 32.95
C HIS A 57 -10.26 29.86 34.29
N ALA A 58 -9.25 30.72 34.46
CA ALA A 58 -8.39 30.71 35.64
C ALA A 58 -9.16 30.95 36.95
N SER A 59 -10.33 31.59 36.88
CA SER A 59 -11.10 31.80 38.09
C SER A 59 -11.80 30.51 38.55
N LEU A 60 -11.93 29.54 37.65
CA LEU A 60 -12.75 28.38 37.93
C LEU A 60 -12.00 27.07 37.76
N ALA A 61 -10.78 27.08 37.20
CA ALA A 61 -10.07 25.87 36.81
C ALA A 61 -9.83 24.95 38.00
N PHE A 62 -9.11 25.47 39.00
CA PHE A 62 -8.74 24.68 40.15
C PHE A 62 -10.00 24.16 40.82
N ASP A 63 -11.01 25.02 40.92
CA ASP A 63 -12.23 24.58 41.57
C ASP A 63 -12.94 23.53 40.73
N SER A 64 -12.80 23.59 39.39
CA SER A 64 -13.53 22.64 38.57
C SER A 64 -12.88 21.28 38.78
N VAL A 65 -11.58 21.28 39.06
CA VAL A 65 -10.94 20.00 39.30
C VAL A 65 -11.36 19.46 40.67
N GLU A 66 -11.58 20.33 41.65
CA GLU A 66 -12.11 19.83 42.92
C GLU A 66 -13.54 19.34 42.79
N HIS A 67 -14.33 20.00 41.95
CA HIS A 67 -15.69 19.57 41.65
C HIS A 67 -15.68 18.16 41.03
N ILE A 68 -14.72 17.91 40.12
CA ILE A 68 -14.55 16.60 39.53
C ILE A 68 -14.24 15.58 40.62
N MET A 69 -13.28 15.86 41.50
CA MET A 69 -12.96 14.94 42.58
C MET A 69 -14.15 14.70 43.51
N ARG A 70 -14.95 15.74 43.79
CA ARG A 70 -15.91 15.65 44.88
C ARG A 70 -17.36 15.37 44.45
N ASP A 71 -17.81 15.90 43.29
CA ASP A 71 -19.22 15.86 42.92
C ASP A 71 -19.53 14.93 41.75
N VAL A 72 -18.68 14.90 40.73
CA VAL A 72 -18.95 14.10 39.55
C VAL A 72 -18.84 12.62 39.90
N ASN A 73 -19.82 11.79 39.47
CA ASN A 73 -19.80 10.37 39.81
C ASN A 73 -18.56 9.72 39.24
N PHE A 74 -17.77 9.05 40.10
CA PHE A 74 -16.51 8.48 39.65
C PHE A 74 -15.52 9.51 39.14
N GLY A 75 -15.76 10.78 39.45
CA GLY A 75 -14.81 11.78 39.00
C GLY A 75 -13.42 11.51 39.56
N TRP A 76 -13.35 11.05 40.82
CA TRP A 76 -12.07 10.78 41.44
C TRP A 76 -11.29 9.76 40.61
N PHE A 77 -12.02 8.77 40.09
CA PHE A 77 -11.33 7.72 39.38
C PHE A 77 -10.84 8.24 38.04
N ILE A 78 -11.71 8.96 37.35
CA ILE A 78 -11.35 9.48 36.05
C ILE A 78 -10.15 10.41 36.21
N ARG A 79 -10.17 11.27 37.22
CA ARG A 79 -9.06 12.16 37.41
C ARG A 79 -7.78 11.39 37.75
N TYR A 80 -7.84 10.46 38.71
CA TYR A 80 -6.62 9.78 39.07
C TYR A 80 -6.12 8.85 37.96
N ALA A 81 -7.03 8.21 37.24
CA ALA A 81 -6.60 7.43 36.09
C ALA A 81 -5.85 8.31 35.10
N HIS A 82 -6.37 9.51 34.83
CA HIS A 82 -5.73 10.38 33.86
C HIS A 82 -4.36 10.80 34.35
N ALA A 83 -4.25 11.15 35.63
CA ALA A 83 -2.99 11.64 36.17
C ALA A 83 -1.95 10.52 36.26
N ASN A 84 -2.36 9.31 36.63
CA ASN A 84 -1.40 8.24 36.84
C ASN A 84 -0.96 7.64 35.52
N THR A 85 -1.91 7.54 34.60
CA THR A 85 -1.58 7.04 33.28
C THR A 85 -0.55 7.97 32.63
N ALA A 86 -0.58 9.27 32.93
CA ALA A 86 0.47 10.10 32.37
C ALA A 86 1.85 9.61 32.83
N SER A 87 1.98 9.15 34.07
CA SER A 87 3.26 8.63 34.52
C SER A 87 3.58 7.29 33.86
N PHE A 88 2.57 6.42 33.77
CA PHE A 88 2.80 5.14 33.15
C PHE A 88 3.19 5.30 31.68
N PHE A 89 2.59 6.28 30.99
CA PHE A 89 2.91 6.58 29.62
C PHE A 89 4.42 6.81 29.52
N PHE A 90 5.00 7.54 30.47
CA PHE A 90 6.42 7.80 30.39
C PHE A 90 7.28 6.62 30.80
N ILE A 91 6.82 5.81 31.75
CA ILE A 91 7.55 4.59 32.01
C ILE A 91 7.58 3.72 30.75
N CYS A 92 6.42 3.50 30.13
CA CYS A 92 6.41 2.67 28.94
C CYS A 92 7.19 3.29 27.78
N ILE A 93 7.24 4.62 27.66
CA ILE A 93 7.92 5.21 26.53
C ILE A 93 9.42 5.13 26.70
N TYR A 94 9.89 5.28 27.93
CA TYR A 94 11.32 5.14 28.15
C TYR A 94 11.73 3.68 27.93
N ALA A 95 10.86 2.73 28.31
CA ALA A 95 11.14 1.31 28.13
C ALA A 95 11.25 1.02 26.64
N HIS A 96 10.29 1.55 25.91
CA HIS A 96 10.23 1.32 24.49
C HIS A 96 11.48 1.90 23.85
N MET A 97 11.85 3.14 24.20
CA MET A 97 13.05 3.74 23.64
C MET A 97 14.32 3.00 24.06
N GLY A 98 14.35 2.54 25.33
CA GLY A 98 15.43 1.70 25.82
C GLY A 98 15.58 0.43 24.96
N ARG A 99 14.47 -0.28 24.70
CA ARG A 99 14.47 -1.48 23.88
C ARG A 99 15.05 -1.13 22.51
N ASN A 100 14.58 -0.01 21.95
CA ASN A 100 15.04 0.37 20.62
C ASN A 100 16.53 0.64 20.61
N ILE A 101 17.08 1.25 21.67
CA ILE A 101 18.50 1.56 21.65
C ILE A 101 19.32 0.30 21.88
N TYR A 102 18.89 -0.56 22.80
CA TYR A 102 19.67 -1.75 23.08
C TYR A 102 19.68 -2.71 21.89
N TYR A 103 18.56 -2.86 21.19
CA TYR A 103 18.53 -3.85 20.14
C TYR A 103 18.78 -3.23 18.78
N GLY A 104 19.21 -1.97 18.74
CA GLY A 104 19.64 -1.44 17.45
C GLY A 104 18.46 -1.22 16.50
N SER A 105 17.27 -0.95 17.04
CA SER A 105 16.11 -0.68 16.22
C SER A 105 16.28 0.61 15.42
N TYR A 106 17.25 1.43 15.80
CA TYR A 106 17.44 2.67 15.07
C TYR A 106 18.26 2.46 13.81
N LYS A 107 18.93 1.31 13.63
CA LYS A 107 19.80 1.19 12.47
C LYS A 107 18.98 0.94 11.20
N THR A 108 19.62 1.20 10.06
CA THR A 108 19.06 0.84 8.77
C THR A 108 18.55 -0.60 8.82
N PRO A 109 17.40 -0.95 8.23
CA PRO A 109 16.57 -0.01 7.50
C PRO A 109 15.43 0.58 8.33
N ARG A 110 15.69 0.91 9.59
CA ARG A 110 14.59 1.44 10.37
C ARG A 110 14.91 2.85 10.84
N VAL A 111 15.72 3.61 10.09
CA VAL A 111 15.99 4.98 10.49
C VAL A 111 14.74 5.84 10.47
N LEU A 112 13.85 5.64 9.50
CA LEU A 112 12.69 6.51 9.44
C LEU A 112 11.73 6.31 10.63
N PRO A 113 11.27 5.09 10.98
CA PRO A 113 10.40 4.93 12.15
C PRO A 113 11.07 5.46 13.41
N TRP A 114 12.40 5.35 13.49
CA TRP A 114 13.10 5.81 14.68
C TRP A 114 13.06 7.33 14.76
N SER A 115 13.29 7.98 13.62
CA SER A 115 13.34 9.42 13.61
C SER A 115 11.95 10.01 13.88
N ILE A 116 10.91 9.40 13.32
CA ILE A 116 9.56 9.87 13.62
C ILE A 116 9.30 9.65 15.09
N GLY A 117 9.86 8.56 15.63
CA GLY A 117 9.70 8.23 17.04
C GLY A 117 10.21 9.37 17.92
N VAL A 118 11.37 9.93 17.57
CA VAL A 118 11.91 11.02 18.35
C VAL A 118 10.95 12.21 18.38
N ILE A 119 10.24 12.46 17.29
CA ILE A 119 9.26 13.52 17.30
C ILE A 119 8.05 13.16 18.16
N ILE A 120 7.61 11.90 18.13
CA ILE A 120 6.55 11.48 19.02
C ILE A 120 6.92 11.82 20.45
N PHE A 121 8.19 11.60 20.81
CA PHE A 121 8.64 11.80 22.17
C PHE A 121 8.57 13.26 22.54
N LEU A 122 8.92 14.17 21.61
CA LEU A 122 8.78 15.60 21.85
C LEU A 122 7.32 16.00 22.00
N LEU A 123 6.45 15.44 21.16
CA LEU A 123 5.05 15.80 21.32
C LEU A 123 4.53 15.32 22.68
N LEU A 124 4.98 14.17 23.16
CA LEU A 124 4.46 13.67 24.42
C LEU A 124 4.86 14.64 25.53
N ILE A 125 6.09 15.15 25.46
CA ILE A 125 6.59 16.04 26.50
C ILE A 125 5.74 17.30 26.53
N ILE A 126 5.48 17.88 25.36
CA ILE A 126 4.68 19.08 25.30
C ILE A 126 3.25 18.79 25.78
N THR A 127 2.65 17.68 25.34
CA THR A 127 1.30 17.34 25.74
C THR A 127 1.25 17.28 27.26
N ALA A 128 2.19 16.56 27.87
CA ALA A 128 2.10 16.33 29.29
C ALA A 128 2.39 17.61 30.07
N PHE A 129 3.27 18.46 29.53
CA PHE A 129 3.58 19.70 30.20
C PHE A 129 2.33 20.56 30.30
N MET A 130 1.65 20.72 29.16
CA MET A 130 0.48 21.57 29.12
C MET A 130 -0.63 21.00 29.98
N GLY A 131 -0.76 19.68 30.03
CA GLY A 131 -1.85 19.12 30.80
C GLY A 131 -1.64 19.42 32.28
N TYR A 132 -0.39 19.39 32.70
CA TYR A 132 -0.10 19.66 34.09
C TYR A 132 -0.49 21.07 34.49
N VAL A 133 -0.33 22.03 33.58
CA VAL A 133 -0.66 23.42 33.89
C VAL A 133 -2.17 23.58 34.11
N LEU A 134 -2.99 22.73 33.51
CA LEU A 134 -4.42 22.95 33.57
C LEU A 134 -4.98 22.86 34.98
N VAL A 135 -4.28 22.22 35.92
CA VAL A 135 -4.80 22.10 37.27
C VAL A 135 -4.84 23.46 37.93
N PHE A 136 -3.84 24.28 37.60
CA PHE A 136 -3.71 25.62 38.13
C PHE A 136 -3.57 25.59 39.65
N GLY A 137 -2.84 24.58 40.13
CA GLY A 137 -2.27 24.65 41.47
C GLY A 137 -0.94 25.39 41.46
N GLN A 138 -0.25 25.41 42.60
CA GLN A 138 1.03 26.10 42.70
C GLN A 138 2.06 25.50 41.75
N MET A 139 2.15 24.17 41.67
CA MET A 139 3.14 23.60 40.77
C MET A 139 2.82 23.91 39.31
N SER A 140 1.55 23.81 38.96
CA SER A 140 1.08 24.18 37.63
C SER A 140 1.60 25.56 37.26
N LEU A 141 1.36 26.55 38.09
CA LEU A 141 1.67 27.91 37.70
C LEU A 141 3.19 28.12 37.65
N TRP A 142 3.89 27.69 38.71
CA TRP A 142 5.29 27.99 38.84
C TRP A 142 6.11 27.17 37.84
N GLY A 143 5.64 25.96 37.55
CA GLY A 143 6.26 25.21 36.47
C GLY A 143 6.09 25.92 35.13
N ALA A 144 4.88 26.40 34.84
CA ALA A 144 4.66 27.09 33.59
C ALA A 144 5.54 28.32 33.54
N THR A 145 5.67 29.04 34.64
CA THR A 145 6.45 30.28 34.65
C THR A 145 7.91 30.02 34.26
N VAL A 146 8.49 29.02 34.87
CA VAL A 146 9.91 28.77 34.76
C VAL A 146 10.23 28.18 33.39
N ILE A 147 9.37 27.27 32.92
CA ILE A 147 9.65 26.61 31.67
C ILE A 147 9.38 27.56 30.52
N CYS A 148 8.34 28.38 30.62
CA CYS A 148 8.02 29.32 29.56
C CYS A 148 9.04 30.46 29.50
N ASN A 149 9.71 30.75 30.62
CA ASN A 149 10.74 31.76 30.61
C ASN A 149 12.01 31.31 29.88
N LEU A 150 12.16 30.02 29.63
CA LEU A 150 13.35 29.55 28.95
C LEU A 150 13.38 30.03 27.50
N VAL A 151 12.18 30.30 26.98
CA VAL A 151 12.01 30.81 25.64
C VAL A 151 12.55 32.25 25.54
N SER A 152 12.61 32.98 26.65
CA SER A 152 13.21 34.31 26.66
C SER A 152 14.68 34.27 26.23
N ALA A 153 15.27 33.07 26.14
CA ALA A 153 16.69 32.96 25.90
C ALA A 153 16.97 33.03 24.40
N ILE A 154 15.97 32.63 23.60
CA ILE A 154 16.03 32.79 22.17
C ILE A 154 16.46 34.23 21.91
N PRO A 155 17.56 34.47 21.16
CA PRO A 155 18.12 35.82 21.06
C PRO A 155 17.22 36.72 20.22
N TRP A 156 17.24 38.01 20.57
CA TRP A 156 16.55 39.06 19.85
C TRP A 156 15.04 39.04 20.11
N LEU A 157 14.37 37.92 19.81
CA LEU A 157 12.92 37.89 19.80
C LEU A 157 12.33 37.15 21.00
N GLY A 158 13.22 36.63 21.88
CA GLY A 158 12.80 35.71 22.93
C GLY A 158 11.68 36.26 23.82
N GLU A 159 11.86 37.49 24.33
CA GLU A 159 10.91 38.17 25.19
C GLU A 159 9.54 38.30 24.53
N ASP A 160 9.55 38.71 23.25
CA ASP A 160 8.36 38.85 22.44
C ASP A 160 7.67 37.51 22.30
N ILE A 161 8.45 36.45 22.15
CA ILE A 161 7.85 35.15 21.97
C ILE A 161 7.18 34.74 23.27
N VAL A 162 7.79 35.06 24.41
CA VAL A 162 7.21 34.63 25.67
C VAL A 162 5.86 35.30 25.87
N HIS A 163 5.82 36.62 25.65
CA HIS A 163 4.58 37.35 25.80
C HIS A 163 3.53 36.85 24.84
N PHE A 164 3.98 36.41 23.67
CA PHE A 164 3.05 35.87 22.70
C PHE A 164 2.49 34.54 23.15
N LEU A 165 3.34 33.64 23.69
CA LEU A 165 2.85 32.37 24.23
C LEU A 165 1.85 32.57 25.36
N TRP A 166 2.20 33.45 26.30
CA TRP A 166 1.40 33.68 27.50
C TRP A 166 0.09 34.35 27.18
N GLY A 167 0.09 35.15 26.11
CA GLY A 167 -1.00 36.03 25.75
C GLY A 167 -1.19 37.14 26.77
N GLY A 168 -0.09 37.63 27.32
CA GLY A 168 -0.16 38.52 28.46
C GLY A 168 1.23 38.70 29.03
N PHE A 169 1.28 39.20 30.26
CA PHE A 169 2.56 39.59 30.81
C PHE A 169 3.11 38.59 31.81
N SER A 170 2.31 37.59 32.11
CA SER A 170 2.68 36.56 33.07
C SER A 170 1.75 35.39 32.77
N VAL A 171 2.00 34.25 33.40
CA VAL A 171 1.09 33.13 33.22
C VAL A 171 -0.19 33.46 33.97
N GLY A 172 -1.31 33.41 33.26
CA GLY A 172 -2.59 33.80 33.82
C GLY A 172 -3.71 33.16 32.99
N ASN A 173 -4.88 33.79 33.00
CA ASN A 173 -6.04 33.23 32.33
C ASN A 173 -5.77 32.95 30.85
N PRO A 174 -5.18 33.87 30.06
CA PRO A 174 -5.00 33.61 28.64
C PRO A 174 -4.14 32.37 28.39
N THR A 175 -3.19 32.17 29.32
CA THR A 175 -2.26 31.08 29.13
C THR A 175 -3.00 29.76 29.37
N LEU A 176 -3.80 29.79 30.42
CA LEU A 176 -4.49 28.59 30.84
C LEU A 176 -5.48 28.17 29.77
N GLN A 177 -6.22 29.12 29.20
CA GLN A 177 -7.20 28.75 28.21
C GLN A 177 -6.53 28.23 26.95
N ARG A 178 -5.37 28.77 26.59
CA ARG A 178 -4.77 28.30 25.36
C ARG A 178 -4.14 26.94 25.59
N PHE A 179 -3.63 26.71 26.79
CA PHE A 179 -3.06 25.40 27.05
C PHE A 179 -4.17 24.37 27.07
N PHE A 180 -5.36 24.75 27.50
CA PHE A 180 -6.43 23.77 27.44
C PHE A 180 -6.68 23.34 26.00
N ALA A 181 -6.80 24.31 25.09
CA ALA A 181 -7.13 24.01 23.71
C ALA A 181 -6.03 23.14 23.09
N LEU A 182 -4.78 23.49 23.37
CA LEU A 182 -3.66 22.76 22.79
C LEU A 182 -3.47 21.39 23.44
N HIS A 183 -3.69 21.29 24.75
CA HIS A 183 -3.59 20.01 25.40
C HIS A 183 -4.66 19.07 24.84
N TYR A 184 -5.82 19.60 24.48
CA TYR A 184 -6.86 18.76 23.89
C TYR A 184 -6.37 18.24 22.54
N LEU A 185 -5.73 19.12 21.76
CA LEU A 185 -5.42 18.80 20.39
C LEU A 185 -4.19 17.89 20.27
N MET A 186 -3.14 18.17 21.05
CA MET A 186 -1.87 17.49 20.92
C MET A 186 -1.97 15.96 20.91
N PRO A 187 -2.76 15.30 21.78
CA PRO A 187 -2.97 13.86 21.69
C PRO A 187 -3.45 13.35 20.35
N PHE A 188 -4.23 14.15 19.62
CA PHE A 188 -4.61 13.71 18.28
C PHE A 188 -3.42 13.77 17.34
N VAL A 189 -2.62 14.82 17.46
CA VAL A 189 -1.44 14.91 16.63
C VAL A 189 -0.51 13.74 16.93
N LEU A 190 -0.37 13.45 18.21
CA LEU A 190 0.51 12.41 18.66
C LEU A 190 0.04 11.06 18.10
N ALA A 191 -1.26 10.79 18.14
CA ALA A 191 -1.76 9.55 17.59
C ALA A 191 -1.47 9.43 16.09
N VAL A 192 -1.56 10.53 15.35
CA VAL A 192 -1.22 10.45 13.94
C VAL A 192 0.25 10.12 13.75
N PHE A 193 1.16 10.74 14.52
CA PHE A 193 2.57 10.45 14.32
C PHE A 193 2.88 9.01 14.72
N ALA A 194 2.12 8.51 15.70
CA ALA A 194 2.35 7.15 16.15
C ALA A 194 1.97 6.23 15.00
N LEU A 195 0.87 6.56 14.33
CA LEU A 195 0.49 5.75 13.20
C LEU A 195 1.51 5.88 12.06
N LEU A 196 2.02 7.07 11.79
CA LEU A 196 3.07 7.20 10.79
C LEU A 196 4.31 6.37 11.12
N HIS A 197 4.78 6.37 12.36
CA HIS A 197 5.97 5.60 12.58
C HIS A 197 5.73 4.12 12.31
N LEU A 198 4.50 3.66 12.53
CA LEU A 198 4.20 2.25 12.25
C LEU A 198 4.18 1.95 10.76
N ILE A 199 3.53 2.84 9.99
CA ILE A 199 3.49 2.72 8.55
C ILE A 199 4.92 2.69 8.00
N ALA A 200 5.78 3.56 8.52
CA ALA A 200 7.17 3.52 8.08
C ALA A 200 7.82 2.19 8.42
N LEU A 201 7.51 1.66 9.61
CA LEU A 201 8.16 0.42 10.00
C LEU A 201 7.73 -0.74 9.11
N HIS A 202 6.56 -0.62 8.52
CA HIS A 202 5.95 -1.81 7.96
C HIS A 202 6.70 -2.25 6.71
N THR A 203 7.56 -1.38 6.19
CA THR A 203 8.38 -1.77 5.06
C THR A 203 9.45 -2.80 5.44
N ALA A 204 10.00 -2.72 6.66
CA ALA A 204 11.09 -3.59 7.08
C ALA A 204 10.58 -4.70 7.98
N GLY A 205 9.40 -4.46 8.57
CA GLY A 205 8.95 -5.29 9.68
C GLY A 205 9.73 -5.06 10.98
N SER A 206 9.25 -5.71 12.05
CA SER A 206 9.87 -5.55 13.35
C SER A 206 11.28 -6.12 13.32
N SER A 207 12.17 -5.48 14.06
CA SER A 207 13.45 -6.10 14.34
C SER A 207 13.19 -7.18 15.38
N ASN A 208 14.21 -7.90 15.82
CA ASN A 208 14.01 -8.99 16.76
C ASN A 208 15.20 -9.07 17.69
N PRO A 209 15.11 -9.76 18.83
CA PRO A 209 16.20 -9.68 19.78
C PRO A 209 17.50 -10.32 19.31
N LEU A 210 17.53 -11.10 18.22
CA LEU A 210 18.83 -11.62 17.77
C LEU A 210 19.51 -10.64 16.83
N GLY A 211 18.72 -9.76 16.23
CA GLY A 211 19.23 -8.75 15.32
C GLY A 211 19.49 -9.29 13.92
N ILE A 212 19.09 -10.53 13.67
CA ILE A 212 19.23 -11.14 12.34
C ILE A 212 17.93 -10.94 11.58
N THR A 213 17.90 -11.36 10.31
CA THR A 213 16.65 -11.33 9.54
C THR A 213 15.63 -12.29 10.13
N SER A 214 14.35 -11.92 10.02
CA SER A 214 13.30 -12.83 10.43
C SER A 214 12.55 -13.34 9.21
N ASN A 215 13.00 -12.93 8.02
CA ASN A 215 12.31 -13.30 6.80
C ASN A 215 12.24 -14.82 6.66
N VAL A 216 13.10 -15.53 7.39
CA VAL A 216 13.15 -16.98 7.27
C VAL A 216 12.04 -17.66 8.07
N ASP A 217 11.40 -16.96 9.03
CA ASP A 217 10.51 -17.60 10.00
C ASP A 217 9.51 -16.61 10.61
N LYS A 218 8.38 -16.46 9.94
CA LYS A 218 7.44 -15.43 10.35
C LYS A 218 6.23 -16.06 11.03
N LEU A 219 5.64 -15.32 11.96
CA LEU A 219 4.45 -15.72 12.69
C LEU A 219 3.41 -14.65 12.47
N SER A 220 2.13 -15.03 12.29
CA SER A 220 1.01 -14.08 12.25
C SER A 220 0.93 -13.31 13.55
N MET A 221 0.66 -12.02 13.47
CA MET A 221 0.52 -11.15 14.62
C MET A 221 -0.59 -11.71 15.50
N HIS A 222 -1.67 -12.21 14.88
CA HIS A 222 -2.73 -12.85 15.65
C HIS A 222 -2.78 -14.30 15.22
N PRO A 223 -2.95 -15.29 16.12
CA PRO A 223 -3.18 -15.06 17.54
C PRO A 223 -1.98 -14.90 18.47
N TYR A 224 -0.76 -15.05 17.97
CA TYR A 224 0.32 -15.22 18.91
C TYR A 224 0.64 -13.96 19.70
N TYR A 225 0.78 -12.83 19.00
CA TYR A 225 1.15 -11.64 19.73
C TYR A 225 -0.06 -10.98 20.38
N SER A 226 -1.26 -11.18 19.84
CA SER A 226 -2.48 -10.74 20.50
C SER A 226 -2.59 -11.29 21.92
N PHE A 227 -2.37 -12.60 22.05
CA PHE A 227 -2.52 -13.24 23.35
C PHE A 227 -1.33 -12.96 24.23
N LYS A 228 -0.16 -12.74 23.64
CA LYS A 228 0.99 -12.38 24.44
C LYS A 228 0.86 -10.96 24.98
N ASP A 229 0.24 -10.06 24.21
CA ASP A 229 -0.02 -8.68 24.62
C ASP A 229 -0.99 -8.62 25.79
N LEU A 230 -1.95 -9.58 25.87
CA LEU A 230 -2.88 -9.64 26.99
C LEU A 230 -2.15 -9.80 28.33
N ILE A 231 -1.06 -10.57 28.35
CA ILE A 231 -0.38 -10.75 29.61
C ILE A 231 0.14 -9.42 30.12
N THR A 232 0.76 -8.61 29.26
CA THR A 232 1.31 -7.38 29.79
C THR A 232 0.21 -6.36 30.02
N VAL A 233 -0.89 -6.45 29.26
CA VAL A 233 -2.02 -5.60 29.58
C VAL A 233 -2.48 -5.86 31.00
N PHE A 234 -2.63 -7.13 31.41
CA PHE A 234 -3.08 -7.42 32.76
C PHE A 234 -2.03 -7.06 33.80
N ALA A 235 -0.74 -7.22 33.47
CA ALA A 235 0.28 -6.80 34.41
C ALA A 235 0.26 -5.28 34.60
N PHE A 236 0.09 -4.55 33.50
CA PHE A 236 -0.02 -3.11 33.53
C PHE A 236 -1.21 -2.71 34.41
N LEU A 237 -2.38 -3.35 34.17
CA LEU A 237 -3.61 -2.99 34.86
C LEU A 237 -3.52 -3.24 36.36
N LEU A 238 -2.72 -4.24 36.75
CA LEU A 238 -2.49 -4.46 38.16
C LEU A 238 -1.69 -3.32 38.75
N MET A 239 -0.63 -2.87 38.05
CA MET A 239 0.16 -1.75 38.52
C MET A 239 -0.71 -0.49 38.55
N PHE A 240 -1.52 -0.31 37.51
CA PHE A 240 -2.42 0.83 37.39
C PHE A 240 -3.33 0.86 38.62
N THR A 241 -3.94 -0.30 38.92
CA THR A 241 -4.87 -0.44 40.02
C THR A 241 -4.22 -0.09 41.35
N LEU A 242 -3.01 -0.59 41.58
CA LEU A 242 -2.37 -0.28 42.85
C LEU A 242 -2.14 1.23 43.03
N PHE A 243 -1.87 1.97 41.95
CA PHE A 243 -1.66 3.39 42.12
C PHE A 243 -2.99 4.13 42.19
N VAL A 244 -3.84 3.85 41.22
CA VAL A 244 -5.10 4.58 41.12
C VAL A 244 -5.98 4.35 42.36
N PHE A 245 -6.09 3.11 42.84
CA PHE A 245 -7.04 2.86 43.92
C PHE A 245 -6.42 2.96 45.30
N PHE A 246 -5.11 2.69 45.45
CA PHE A 246 -4.55 2.55 46.77
C PHE A 246 -3.53 3.61 47.11
N SER A 247 -2.94 4.25 46.10
CA SER A 247 -1.95 5.26 46.43
C SER A 247 -2.03 6.38 45.41
N PRO A 248 -3.20 7.03 45.20
CA PRO A 248 -3.38 7.84 44.00
C PRO A 248 -2.45 9.06 43.92
N ASP A 249 -1.83 9.41 45.05
CA ASP A 249 -1.05 10.64 45.13
C ASP A 249 0.45 10.39 45.26
N LYS A 250 0.91 9.15 45.12
CA LYS A 250 2.31 8.80 45.31
C LYS A 250 3.20 9.50 44.29
N LEU A 251 2.71 9.65 43.06
CA LEU A 251 3.58 10.19 42.02
C LEU A 251 3.48 11.70 41.91
N GLY A 252 2.64 12.31 42.75
CA GLY A 252 2.29 13.73 42.63
C GLY A 252 3.01 14.60 43.64
N HIS A 253 2.82 15.91 43.47
CA HIS A 253 3.40 16.92 44.34
C HIS A 253 2.27 17.55 45.13
N PRO A 254 2.34 17.53 46.48
CA PRO A 254 1.29 18.11 47.31
C PRO A 254 1.01 19.57 47.02
N ASP A 255 2.02 20.30 46.52
CA ASP A 255 1.87 21.71 46.25
C ASP A 255 0.83 21.96 45.17
N ASN A 256 0.51 20.94 44.37
CA ASN A 256 -0.48 21.17 43.33
C ASN A 256 -1.89 21.12 43.91
N TYR A 257 -2.02 20.93 45.23
CA TYR A 257 -3.34 21.03 45.85
C TYR A 257 -3.47 22.37 46.55
N ILE A 258 -2.51 23.24 46.28
CA ILE A 258 -2.65 24.60 46.74
C ILE A 258 -3.02 25.45 45.54
N PRO A 259 -4.09 26.28 45.54
CA PRO A 259 -4.39 27.10 44.35
C PRO A 259 -3.23 28.01 43.97
N ALA A 260 -2.98 28.14 42.65
CA ALA A 260 -1.93 29.00 42.12
C ALA A 260 -1.98 30.38 42.80
N ASN A 261 -0.81 30.87 43.21
CA ASN A 261 -0.67 32.17 43.87
C ASN A 261 0.58 32.81 43.29
N PRO A 262 0.44 33.78 42.39
CA PRO A 262 1.62 34.36 41.76
C PRO A 262 2.59 35.07 42.71
N MET A 263 2.14 35.39 43.92
CA MET A 263 2.97 36.07 44.90
C MET A 263 3.89 35.06 45.58
N VAL A 264 3.32 34.11 46.31
CA VAL A 264 4.09 33.10 47.00
C VAL A 264 4.74 32.14 46.02
N THR A 265 6.06 31.99 46.18
CA THR A 265 6.81 31.01 45.42
C THR A 265 6.97 29.75 46.26
N PRO A 266 6.65 28.55 45.73
CA PRO A 266 6.77 27.33 46.50
C PRO A 266 8.23 27.07 46.86
N ALA A 267 8.40 26.26 47.90
CA ALA A 267 9.69 25.80 48.41
C ALA A 267 10.63 25.38 47.28
N SER A 268 10.18 24.43 46.45
CA SER A 268 11.00 23.90 45.36
C SER A 268 10.13 23.73 44.11
N ILE A 269 10.59 24.29 43.00
CA ILE A 269 9.88 24.13 41.75
C ILE A 269 10.64 23.10 40.96
N VAL A 270 10.06 21.90 40.84
CA VAL A 270 10.63 20.87 40.00
C VAL A 270 9.58 20.47 38.98
N PRO A 271 10.00 19.96 37.81
CA PRO A 271 9.04 19.40 36.86
C PRO A 271 8.53 18.05 37.35
N GLU A 272 7.54 17.52 36.63
CA GLU A 272 7.14 16.15 36.89
C GLU A 272 8.32 15.22 36.68
N TRP A 273 8.29 14.10 37.40
CA TRP A 273 9.47 13.24 37.49
C TRP A 273 10.02 12.91 36.11
N TYR A 274 9.16 12.72 35.10
CA TYR A 274 9.63 12.18 33.82
C TYR A 274 10.43 13.20 33.04
N LEU A 275 10.35 14.48 33.43
CA LEU A 275 11.13 15.49 32.73
C LEU A 275 12.42 15.75 33.49
N LEU A 276 12.62 15.12 34.64
CA LEU A 276 13.71 15.55 35.50
C LEU A 276 15.07 15.39 34.86
N PRO A 277 15.39 14.33 34.09
CA PRO A 277 16.73 14.23 33.53
C PRO A 277 17.07 15.41 32.63
N PHE A 278 16.08 15.89 31.86
CA PHE A 278 16.37 16.98 30.95
C PHE A 278 16.54 18.27 31.73
N TYR A 279 15.84 18.38 32.86
CA TYR A 279 16.04 19.52 33.72
C TYR A 279 17.44 19.50 34.33
N ALA A 280 17.94 18.33 34.70
CA ALA A 280 19.30 18.28 35.24
C ALA A 280 20.32 18.70 34.19
N ILE A 281 20.09 18.31 32.94
CA ILE A 281 21.01 18.66 31.86
C ILE A 281 20.99 20.16 31.67
N LEU A 282 19.82 20.76 31.76
CA LEU A 282 19.73 22.21 31.63
C LEU A 282 20.50 22.92 32.75
N ARG A 283 20.33 22.48 34.01
CA ARG A 283 21.04 23.09 35.14
C ARG A 283 22.56 22.97 35.01
N ALA A 284 23.02 21.96 34.27
CA ALA A 284 24.46 21.71 34.24
C ALA A 284 25.18 22.84 33.52
N ILE A 285 24.52 23.43 32.52
CA ILE A 285 25.15 24.49 31.76
C ILE A 285 24.85 25.80 32.47
N PRO A 286 25.84 26.64 32.86
CA PRO A 286 25.53 27.88 33.58
C PRO A 286 24.74 28.93 32.80
N ASP A 287 25.06 29.08 31.50
CA ASP A 287 24.40 30.01 30.60
C ASP A 287 22.96 29.58 30.36
N LYS A 288 22.05 30.56 30.32
CA LYS A 288 20.63 30.36 30.06
C LYS A 288 20.41 29.73 28.68
N LEU A 289 20.95 30.37 27.64
CA LEU A 289 20.73 29.88 26.28
C LEU A 289 21.47 28.57 26.09
N GLY A 290 22.70 28.50 26.64
CA GLY A 290 23.48 27.26 26.64
C GLY A 290 22.66 26.10 27.18
N GLY A 291 22.05 26.32 28.34
CA GLY A 291 21.26 25.31 29.02
C GLY A 291 20.08 24.85 28.18
N VAL A 292 19.46 25.78 27.47
CA VAL A 292 18.30 25.43 26.68
C VAL A 292 18.73 24.59 25.49
N ILE A 293 19.84 24.99 24.87
CA ILE A 293 20.37 24.28 23.72
C ILE A 293 20.71 22.86 24.12
N ALA A 294 21.43 22.70 25.24
CA ALA A 294 21.84 21.41 25.74
C ALA A 294 20.63 20.54 26.01
N MET A 295 19.58 21.14 26.57
CA MET A 295 18.41 20.38 26.99
C MET A 295 17.73 19.81 25.74
N VAL A 296 17.67 20.63 24.69
CA VAL A 296 16.98 20.19 23.49
C VAL A 296 17.86 19.19 22.75
N ALA A 297 19.17 19.47 22.69
CA ALA A 297 20.15 18.57 22.09
C ALA A 297 20.09 17.19 22.74
N ALA A 298 19.76 17.13 24.04
CA ALA A 298 19.70 15.85 24.75
C ALA A 298 18.60 14.97 24.15
N ILE A 299 17.61 15.59 23.53
CA ILE A 299 16.58 14.81 22.85
C ILE A 299 16.93 14.65 21.39
N LEU A 300 17.40 15.72 20.75
CA LEU A 300 17.61 15.63 19.31
C LEU A 300 18.84 14.79 18.99
N ILE A 301 19.77 14.61 19.95
CA ILE A 301 20.96 13.80 19.71
C ILE A 301 20.61 12.34 19.40
N LEU A 302 19.43 11.88 19.82
CA LEU A 302 18.94 10.57 19.47
C LEU A 302 18.92 10.37 17.95
N LEU A 303 18.77 11.46 17.19
CA LEU A 303 18.69 11.35 15.74
C LEU A 303 20.03 10.98 15.11
N ILE A 304 21.13 11.03 15.85
CA ILE A 304 22.41 10.70 15.22
C ILE A 304 22.83 9.28 15.56
N LEU A 305 22.05 8.57 16.37
CA LEU A 305 22.45 7.20 16.64
C LEU A 305 22.71 6.40 15.36
N PRO A 306 21.87 6.50 14.31
CA PRO A 306 22.09 5.74 13.10
C PRO A 306 23.48 5.97 12.49
N ILE A 307 24.09 7.13 12.78
CA ILE A 307 25.37 7.51 12.20
C ILE A 307 26.53 7.04 13.08
N VAL A 308 26.40 7.26 14.39
CA VAL A 308 27.54 7.13 15.29
C VAL A 308 27.76 5.67 15.67
N ASP A 309 26.71 4.85 15.55
CA ASP A 309 26.87 3.42 15.77
C ASP A 309 27.54 2.79 14.55
N ARG A 310 28.80 2.37 14.69
CA ARG A 310 29.56 1.93 13.53
C ARG A 310 29.58 0.42 13.42
N SER A 311 28.72 -0.27 14.16
CA SER A 311 28.82 -1.71 14.24
C SER A 311 28.34 -2.36 12.94
N ILE A 312 28.92 -3.52 12.63
CA ILE A 312 28.45 -4.28 11.49
C ILE A 312 27.35 -5.24 11.96
N ILE A 313 27.06 -5.23 13.26
CA ILE A 313 26.08 -6.14 13.84
C ILE A 313 24.96 -5.35 14.48
N ARG A 314 23.71 -5.79 14.31
CA ARG A 314 22.60 -4.98 14.78
C ARG A 314 22.30 -5.39 16.22
N GLY A 315 22.34 -4.43 17.16
CA GLY A 315 21.90 -4.65 18.54
C GLY A 315 22.96 -5.22 19.47
N ASN A 316 22.65 -5.30 20.77
CA ASN A 316 23.66 -5.59 21.78
C ASN A 316 23.62 -7.01 22.32
N ALA A 317 22.71 -7.87 21.85
CA ALA A 317 22.59 -9.18 22.46
C ALA A 317 23.92 -9.94 22.44
N PHE A 318 24.76 -9.66 21.44
CA PHE A 318 26.01 -10.39 21.33
C PHE A 318 27.22 -9.50 21.53
N LYS A 319 27.05 -8.35 22.20
CA LYS A 319 28.16 -7.42 22.24
C LYS A 319 28.45 -7.07 23.68
N PRO A 320 29.34 -7.83 24.35
CA PRO A 320 29.57 -7.63 25.78
C PRO A 320 29.99 -6.23 26.19
N ILE A 321 30.86 -5.60 25.40
CA ILE A 321 31.30 -4.27 25.79
C ILE A 321 30.17 -3.26 25.60
N SER A 322 29.50 -3.30 24.45
CA SER A 322 28.36 -2.43 24.24
C SER A 322 27.30 -2.61 25.33
N LYS A 323 27.10 -3.84 25.82
CA LYS A 323 26.11 -4.04 26.86
C LYS A 323 26.52 -3.34 28.15
N LEU A 324 27.82 -3.31 28.45
CA LEU A 324 28.28 -2.67 29.68
C LEU A 324 28.09 -1.18 29.57
N LEU A 325 28.48 -0.65 28.40
CA LEU A 325 28.34 0.76 28.15
C LEU A 325 26.87 1.18 28.22
N PHE A 326 25.98 0.32 27.72
CA PHE A 326 24.56 0.63 27.75
C PHE A 326 24.06 0.67 29.19
N GLY A 327 24.55 -0.24 30.03
CA GLY A 327 24.19 -0.30 31.44
C GLY A 327 24.54 1.01 32.14
N PHE A 328 25.75 1.51 31.88
CA PHE A 328 26.25 2.74 32.46
C PHE A 328 25.44 3.92 31.96
N PHE A 329 25.14 3.93 30.66
CA PHE A 329 24.35 5.01 30.09
C PHE A 329 22.97 5.07 30.74
N ILE A 330 22.32 3.93 30.95
CA ILE A 330 20.96 3.94 31.50
C ILE A 330 20.98 4.42 32.95
N CYS A 331 21.95 3.94 33.72
CA CYS A 331 22.03 4.32 35.12
C CYS A 331 22.39 5.79 35.27
N ASN A 332 23.19 6.32 34.34
CA ASN A 332 23.51 7.73 34.32
C ASN A 332 22.26 8.54 33.99
N PHE A 333 21.41 8.03 33.11
CA PHE A 333 20.18 8.75 32.84
C PHE A 333 19.26 8.79 34.06
N LEU A 334 19.26 7.72 34.87
CA LEU A 334 18.53 7.74 36.13
C LEU A 334 19.19 8.68 37.15
N LEU A 335 20.52 8.73 37.20
CA LEU A 335 21.16 9.67 38.10
C LEU A 335 20.81 11.11 37.72
N LEU A 336 20.86 11.42 36.43
CA LEU A 336 20.42 12.73 35.99
C LEU A 336 19.03 13.03 36.51
N GLY A 337 18.13 12.05 36.42
CA GLY A 337 16.78 12.24 36.91
C GLY A 337 16.77 12.65 38.37
N VAL A 338 17.50 11.90 39.22
CA VAL A 338 17.59 12.22 40.63
C VAL A 338 18.17 13.62 40.83
N LEU A 339 19.21 13.98 40.07
CA LEU A 339 19.85 15.28 40.29
C LEU A 339 18.95 16.42 39.85
N GLY A 340 17.92 16.10 39.08
CA GLY A 340 16.96 17.10 38.66
C GLY A 340 16.10 17.56 39.83
N GLN A 341 16.04 16.80 40.93
CA GLN A 341 15.12 17.16 42.00
C GLN A 341 15.83 17.45 43.32
N VAL A 342 17.17 17.38 43.33
CA VAL A 342 17.90 17.88 44.49
C VAL A 342 17.97 19.40 44.45
N HIS A 343 18.40 20.02 45.56
CA HIS A 343 18.64 21.46 45.51
C HIS A 343 19.98 21.74 44.83
N ILE A 344 20.09 22.93 44.23
CA ILE A 344 21.33 23.37 43.64
C ILE A 344 22.31 23.72 44.77
N GLU A 345 22.99 22.68 45.26
CA GLU A 345 23.89 22.79 46.38
C GLU A 345 25.09 21.87 46.15
N PRO A 346 26.24 22.11 46.80
CA PRO A 346 27.34 21.15 46.75
C PRO A 346 26.94 19.87 47.47
N PRO A 347 27.42 18.69 47.03
CA PRO A 347 28.30 18.58 45.86
C PRO A 347 27.54 18.18 44.59
N PHE A 348 26.24 18.46 44.57
CA PHE A 348 25.43 17.96 43.49
C PHE A 348 25.65 18.79 42.23
N ILE A 349 26.27 19.96 42.39
CA ILE A 349 26.45 20.82 41.25
C ILE A 349 27.44 20.20 40.28
N VAL A 350 28.60 19.80 40.81
CA VAL A 350 29.66 19.22 40.00
C VAL A 350 29.26 17.85 39.48
N LEU A 351 28.59 17.06 40.33
CA LEU A 351 28.14 15.75 39.91
C LEU A 351 27.19 15.85 38.71
N GLY A 352 26.33 16.86 38.70
CA GLY A 352 25.37 17.10 37.63
C GLY A 352 26.07 17.35 36.31
N GLN A 353 27.23 18.00 36.41
CA GLN A 353 28.00 18.41 35.25
C GLN A 353 28.73 17.20 34.68
N ILE A 354 29.30 16.40 35.58
CA ILE A 354 29.93 15.17 35.13
C ILE A 354 28.91 14.24 34.47
N CYS A 355 27.74 14.03 35.09
CA CYS A 355 26.74 13.16 34.47
C CYS A 355 26.27 13.71 33.13
N THR A 356 26.22 15.03 33.00
CA THR A 356 25.82 15.60 31.73
C THR A 356 26.86 15.31 30.65
N ILE A 357 28.14 15.42 31.01
CA ILE A 357 29.23 15.11 30.09
C ILE A 357 29.12 13.64 29.67
N PHE A 358 28.88 12.76 30.63
CA PHE A 358 28.78 11.36 30.29
C PHE A 358 27.61 11.10 29.35
N TYR A 359 26.48 11.76 29.59
CA TYR A 359 25.32 11.58 28.73
C TYR A 359 25.68 11.87 27.27
N PHE A 360 26.35 12.98 27.01
CA PHE A 360 26.60 13.38 25.63
C PHE A 360 27.71 12.54 25.02
N SER A 361 28.68 12.14 25.86
CA SER A 361 29.86 11.47 25.35
C SER A 361 29.53 10.04 24.94
N TYR A 362 28.43 9.50 25.46
CA TYR A 362 27.93 8.21 24.99
C TYR A 362 27.69 8.30 23.48
N PHE A 363 26.92 9.29 23.05
CA PHE A 363 26.63 9.43 21.62
C PHE A 363 27.87 9.82 20.81
N LEU A 364 28.75 10.64 21.37
CA LEU A 364 29.69 11.35 20.53
C LEU A 364 31.05 10.66 20.51
N ILE A 365 31.36 9.89 21.54
CA ILE A 365 32.71 9.36 21.68
C ILE A 365 32.65 7.85 21.89
N LEU A 366 31.97 7.45 22.96
CA LEU A 366 32.06 6.07 23.43
C LEU A 366 31.39 5.12 22.45
N LEU A 367 30.18 5.42 22.01
CA LEU A 367 29.53 4.48 21.13
C LEU A 367 30.32 4.34 19.83
N PRO A 368 30.74 5.43 19.15
CA PRO A 368 31.61 5.29 17.99
C PRO A 368 32.92 4.52 18.24
N MET A 369 33.57 4.70 19.41
CA MET A 369 34.78 3.96 19.73
C MET A 369 34.49 2.48 19.92
N VAL A 370 33.53 2.22 20.81
CA VAL A 370 33.27 0.85 21.25
C VAL A 370 32.76 0.05 20.06
N SER A 371 31.91 0.66 19.24
CA SER A 371 31.36 -0.08 18.13
C SER A 371 32.42 -0.43 17.09
N THR A 372 33.39 0.48 16.88
CA THR A 372 34.51 0.23 15.99
C THR A 372 35.39 -0.91 16.49
N ILE A 373 35.75 -0.86 17.77
CA ILE A 373 36.57 -1.91 18.36
C ILE A 373 35.87 -3.28 18.35
N GLU A 374 34.58 -3.29 18.64
CA GLU A 374 33.98 -4.61 18.68
C GLU A 374 33.97 -5.22 17.29
N ASN A 375 33.84 -4.39 16.23
CA ASN A 375 33.89 -4.88 14.87
C ASN A 375 35.18 -5.66 14.68
N ILE A 376 36.29 -5.09 15.15
CA ILE A 376 37.59 -5.70 14.96
C ILE A 376 37.72 -6.98 15.78
N PHE A 377 37.19 -6.95 17.00
CA PHE A 377 37.25 -8.15 17.82
C PHE A 377 36.41 -9.28 17.23
N PHE A 378 35.29 -8.97 16.57
CA PHE A 378 34.50 -10.05 16.02
C PHE A 378 35.27 -10.74 14.90
N TYR A 379 35.97 -9.92 14.12
CA TYR A 379 36.65 -10.45 12.96
C TYR A 379 37.85 -11.27 13.39
N ILE A 380 38.70 -10.68 14.22
CA ILE A 380 39.91 -11.38 14.62
C ILE A 380 39.56 -12.57 15.52
N GLY A 381 38.57 -12.38 16.37
CA GLY A 381 38.19 -13.38 17.35
C GLY A 381 37.60 -14.64 16.73
N SER A 382 37.10 -14.52 15.49
CA SER A 382 36.50 -15.70 14.88
C SER A 382 37.40 -16.34 13.82
N LEU A 383 38.57 -15.74 13.52
CA LEU A 383 39.45 -16.22 12.47
C LEU A 383 39.94 -17.66 12.70
N GLY B 39 -7.67 10.82 -41.20
CA GLY B 39 -8.60 9.69 -41.54
C GLY B 39 -7.88 8.35 -41.69
N LYS B 40 -6.59 8.40 -42.09
CA LYS B 40 -5.77 7.21 -42.33
C LYS B 40 -4.27 7.39 -42.06
N SER B 41 -3.58 8.30 -42.75
CA SER B 41 -2.13 8.39 -42.53
C SER B 41 -1.84 9.04 -41.19
N THR B 42 -0.97 8.43 -40.38
CA THR B 42 -0.70 9.00 -39.06
C THR B 42 0.46 9.98 -39.10
N TYR B 43 1.03 10.21 -40.28
CA TYR B 43 2.09 11.19 -40.42
C TYR B 43 1.51 12.54 -40.81
N LYS B 44 0.22 12.56 -41.15
CA LYS B 44 -0.34 13.85 -41.50
C LYS B 44 -0.93 14.45 -40.23
N ILE B 45 -0.17 15.30 -39.53
CA ILE B 45 -0.61 15.84 -38.27
C ILE B 45 -1.92 16.60 -38.47
N PRO B 46 -2.93 16.35 -37.62
CA PRO B 46 -4.18 17.11 -37.67
C PRO B 46 -3.96 18.61 -37.54
N ASP B 47 -4.99 19.38 -37.91
CA ASP B 47 -4.85 20.82 -38.04
C ASP B 47 -4.83 21.46 -36.65
N PHE B 48 -3.72 22.15 -36.34
CA PHE B 48 -3.59 22.85 -35.07
C PHE B 48 -3.47 24.36 -35.26
N THR B 49 -3.68 24.84 -36.50
CA THR B 49 -3.52 26.26 -36.81
C THR B 49 -4.44 27.15 -36.00
N PRO B 50 -5.72 26.77 -35.71
CA PRO B 50 -6.56 27.54 -34.78
C PRO B 50 -5.97 27.86 -33.42
N TYR B 51 -4.91 27.14 -33.01
CA TYR B 51 -4.39 27.30 -31.67
C TYR B 51 -2.92 27.69 -31.63
N LEU B 52 -2.16 27.36 -32.67
CA LEU B 52 -0.71 27.53 -32.62
C LEU B 52 -0.33 29.01 -32.65
N LYS B 53 0.57 29.40 -31.75
CA LYS B 53 1.16 30.73 -31.78
C LYS B 53 2.31 30.76 -32.77
N LYS B 54 2.42 31.86 -33.52
CA LYS B 54 3.55 32.03 -34.42
C LYS B 54 4.87 32.16 -33.64
N ASP B 55 4.90 32.92 -32.54
CA ASP B 55 6.15 33.19 -31.85
C ASP B 55 6.40 32.24 -30.68
N ARG B 56 6.02 30.98 -30.83
CA ARG B 56 6.01 30.04 -29.74
C ARG B 56 7.40 29.78 -29.17
N ASN B 57 8.46 30.02 -29.96
CA ASN B 57 9.79 29.60 -29.53
C ASN B 57 10.59 30.72 -28.89
N THR B 58 10.04 31.94 -28.90
CA THR B 58 10.70 33.13 -28.38
C THR B 58 10.72 33.16 -26.85
N ASP B 59 11.74 33.85 -26.30
CA ASP B 59 11.82 34.10 -24.86
C ASP B 59 10.65 34.97 -24.40
N ALA B 60 10.24 35.94 -25.22
CA ALA B 60 9.10 36.77 -24.87
C ALA B 60 7.87 35.91 -24.60
N ASN B 61 7.69 34.87 -25.40
CA ASN B 61 6.53 34.02 -25.25
C ASN B 61 6.53 33.29 -23.90
N ARG B 62 7.67 32.72 -23.51
CA ARG B 62 7.75 32.03 -22.23
C ARG B 62 7.59 33.02 -21.09
N LEU B 63 8.25 34.18 -21.24
CA LEU B 63 8.30 35.20 -20.22
C LEU B 63 6.90 35.65 -19.85
N PHE B 64 6.03 35.75 -20.87
CA PHE B 64 4.69 36.19 -20.60
C PHE B 64 3.96 35.22 -19.67
N SER B 65 4.06 33.94 -19.99
CA SER B 65 3.31 33.01 -19.16
C SER B 65 3.92 32.93 -17.76
N TYR B 66 5.24 33.17 -17.63
CA TYR B 66 5.83 33.18 -16.30
C TYR B 66 5.47 34.44 -15.53
N PHE B 67 5.15 35.50 -16.25
CA PHE B 67 4.65 36.69 -15.60
C PHE B 67 3.31 36.40 -14.93
N MET B 68 2.43 35.67 -15.64
CA MET B 68 1.13 35.30 -15.09
C MET B 68 1.28 34.36 -13.89
N ILE B 69 2.13 33.35 -14.05
CA ILE B 69 2.37 32.41 -12.95
C ILE B 69 2.96 33.14 -11.76
N GLY B 70 3.94 34.01 -12.04
CA GLY B 70 4.61 34.78 -11.01
C GLY B 70 3.66 35.74 -10.29
N SER B 71 2.77 36.42 -11.04
CA SER B 71 1.81 37.32 -10.41
C SER B 71 0.91 36.59 -9.43
N PHE B 72 0.53 35.40 -9.85
CA PHE B 72 -0.36 34.58 -9.05
C PHE B 72 0.38 34.14 -7.79
N GLY B 73 1.66 33.81 -7.95
CA GLY B 73 2.46 33.42 -6.80
C GLY B 73 2.67 34.63 -5.88
N MET B 74 2.74 35.81 -6.50
CA MET B 74 3.04 37.00 -5.72
C MET B 74 1.84 37.34 -4.84
N LEU B 75 0.65 37.32 -5.44
CA LEU B 75 -0.53 37.63 -4.65
C LEU B 75 -0.80 36.54 -3.61
N SER B 76 -0.50 35.29 -3.96
CA SER B 76 -0.69 34.22 -3.00
C SER B 76 0.24 34.40 -1.80
N ALA B 77 1.50 34.83 -2.05
CA ALA B 77 2.46 35.10 -0.99
C ALA B 77 2.00 36.28 -0.14
N ALA B 78 1.52 37.35 -0.80
CA ALA B 78 1.10 38.52 -0.03
C ALA B 78 -0.18 38.23 0.77
N GLY B 79 -1.11 37.50 0.15
CA GLY B 79 -2.35 37.12 0.81
C GLY B 79 -2.11 36.13 1.96
N ALA B 80 -1.15 35.20 1.79
CA ALA B 80 -0.83 34.25 2.85
C ALA B 80 -0.22 34.98 4.02
N LYS B 81 0.69 35.93 3.70
CA LYS B 81 1.34 36.67 4.75
C LYS B 81 0.29 37.45 5.57
N ALA B 82 -0.61 38.16 4.88
CA ALA B 82 -1.66 38.91 5.54
C ALA B 82 -2.55 38.00 6.39
N THR B 83 -2.92 36.85 5.83
CA THR B 83 -3.79 35.92 6.51
C THR B 83 -3.12 35.42 7.78
N VAL B 84 -1.89 34.90 7.65
CA VAL B 84 -1.14 34.40 8.80
C VAL B 84 -0.94 35.47 9.86
N GLN B 85 -0.51 36.67 9.46
CA GLN B 85 -0.24 37.74 10.42
C GLN B 85 -1.52 38.12 11.16
N ASP B 86 -2.62 38.30 10.42
CA ASP B 86 -3.81 38.80 11.09
C ASP B 86 -4.34 37.71 11.99
N PHE B 87 -4.38 36.48 11.46
CA PHE B 87 -4.92 35.37 12.19
C PHE B 87 -4.13 35.11 13.47
N LEU B 88 -2.80 35.01 13.37
CA LEU B 88 -2.03 34.66 14.57
C LEU B 88 -2.02 35.78 15.61
N SER B 89 -2.37 37.00 15.21
CA SER B 89 -2.33 38.11 16.15
C SER B 89 -3.38 37.89 17.22
N ASN B 90 -4.36 37.00 16.98
CA ASN B 90 -5.33 36.67 18.02
C ASN B 90 -4.61 36.22 19.30
N MET B 91 -3.40 35.68 19.14
CA MET B 91 -2.72 35.08 20.28
C MET B 91 -1.92 36.09 21.08
N SER B 92 -1.69 37.28 20.51
CA SER B 92 -1.10 38.39 21.24
C SER B 92 -2.09 38.91 22.29
N ALA B 93 -1.57 39.60 23.32
CA ALA B 93 -2.39 40.06 24.44
C ALA B 93 -3.61 40.84 23.93
N SER B 94 -4.78 40.43 24.40
CA SER B 94 -6.04 41.06 24.03
C SER B 94 -6.15 42.43 24.68
N ALA B 95 -7.11 43.19 24.17
CA ALA B 95 -7.31 44.59 24.54
C ALA B 95 -7.69 44.72 26.01
N ASP B 96 -8.39 43.74 26.58
CA ASP B 96 -8.71 43.80 28.00
C ASP B 96 -7.46 43.59 28.87
N VAL B 97 -6.50 42.79 28.39
CA VAL B 97 -5.27 42.55 29.12
C VAL B 97 -4.40 43.81 29.08
N LEU B 98 -4.38 44.47 27.92
CA LEU B 98 -3.58 45.68 27.73
C LEU B 98 -4.16 46.83 28.54
N ALA B 99 -5.47 46.79 28.84
CA ALA B 99 -6.11 47.81 29.64
C ALA B 99 -5.45 47.89 31.03
N MET B 100 -5.29 46.74 31.69
CA MET B 100 -4.68 46.68 33.02
C MET B 100 -3.19 46.36 32.90
N ALA B 101 -2.41 47.33 32.40
CA ALA B 101 -0.96 47.20 32.31
C ALA B 101 -0.26 48.37 33.00
N LYS B 102 -1.04 49.31 33.56
CA LYS B 102 -0.52 50.47 34.27
C LYS B 102 -1.15 50.52 35.66
N VAL B 103 -0.32 50.62 36.71
CA VAL B 103 -0.84 50.69 38.07
C VAL B 103 -0.34 51.97 38.75
N GLU B 104 -1.27 52.70 39.35
CA GLU B 104 -0.93 53.80 40.23
C GLU B 104 -0.93 53.31 41.69
N VAL B 105 0.09 53.75 42.45
CA VAL B 105 0.22 53.41 43.86
C VAL B 105 0.45 54.70 44.65
N LYS B 106 -0.20 54.83 45.82
CA LYS B 106 0.11 55.87 46.80
C LYS B 106 1.46 55.61 47.46
N LEU B 107 1.97 56.63 48.17
CA LEU B 107 3.24 56.52 48.89
C LEU B 107 3.14 57.04 50.32
N GLY B 108 2.03 57.72 50.64
CA GLY B 108 1.85 58.33 51.96
C GLY B 108 1.73 57.29 53.06
N ALA B 109 1.13 56.14 52.70
CA ALA B 109 0.83 55.05 53.62
C ALA B 109 2.10 54.34 54.06
N ILE B 110 3.12 54.34 53.18
CA ILE B 110 4.31 53.50 53.33
C ILE B 110 5.26 54.15 54.33
N PRO B 111 5.52 53.49 55.49
CA PRO B 111 6.43 54.02 56.51
C PRO B 111 7.88 53.81 56.07
N LEU B 112 8.79 54.52 56.75
CA LEU B 112 10.23 54.33 56.52
C LEU B 112 10.64 52.92 56.95
N GLY B 113 11.51 52.28 56.16
CA GLY B 113 12.06 50.97 56.48
C GLY B 113 11.09 49.83 56.18
N LYS B 114 10.31 50.01 55.10
CA LYS B 114 9.31 49.03 54.71
C LYS B 114 9.38 48.79 53.20
N ASN B 115 9.03 47.56 52.79
CA ASN B 115 8.96 47.17 51.39
C ASN B 115 7.56 46.62 51.08
N VAL B 116 6.90 47.27 50.10
CA VAL B 116 5.56 46.91 49.67
C VAL B 116 5.69 45.92 48.52
N ILE B 117 4.59 45.21 48.25
CA ILE B 117 4.45 44.31 47.13
C ILE B 117 3.16 44.68 46.41
N ILE B 118 3.30 45.31 45.25
CA ILE B 118 2.15 45.73 44.46
C ILE B 118 2.06 44.75 43.30
N LYS B 119 0.88 44.15 43.07
CA LYS B 119 0.79 43.34 41.87
C LYS B 119 0.64 44.25 40.66
N TRP B 120 1.53 44.03 39.69
CA TRP B 120 1.58 44.83 38.50
C TRP B 120 1.82 43.82 37.41
N ARG B 121 0.79 43.60 36.59
CA ARG B 121 0.77 42.57 35.57
C ARG B 121 1.05 41.22 36.23
N GLY B 122 0.41 40.96 37.37
CA GLY B 122 0.53 39.69 38.08
C GLY B 122 1.90 39.45 38.70
N LYS B 123 2.95 40.04 38.14
CA LYS B 123 4.26 40.01 38.77
C LYS B 123 4.21 40.91 40.01
N PRO B 124 4.91 40.55 41.11
CA PRO B 124 5.11 41.45 42.26
C PRO B 124 6.04 42.63 42.01
N ILE B 125 5.66 43.80 42.56
CA ILE B 125 6.48 45.01 42.51
C ILE B 125 6.89 45.32 43.93
N PHE B 126 8.20 45.28 44.17
CA PHE B 126 8.73 45.66 45.46
C PHE B 126 8.92 47.17 45.49
N ILE B 127 8.21 47.81 46.42
CA ILE B 127 8.42 49.23 46.66
C ILE B 127 8.91 49.36 48.09
N ARG B 128 10.17 49.78 48.22
CA ARG B 128 10.77 50.02 49.52
C ARG B 128 10.92 51.52 49.76
N HIS B 129 10.46 51.96 50.94
CA HIS B 129 10.72 53.30 51.45
C HIS B 129 12.01 53.25 52.26
N ARG B 130 13.14 53.41 51.55
CA ARG B 130 14.47 53.26 52.11
C ARG B 130 14.78 54.46 52.99
N THR B 131 15.40 54.17 54.14
CA THR B 131 15.93 55.18 55.04
C THR B 131 17.24 55.75 54.49
N SER B 132 17.70 56.85 55.09
CA SER B 132 18.95 57.50 54.74
C SER B 132 20.13 56.52 54.79
N GLU B 133 20.23 55.73 55.89
CA GLU B 133 21.37 54.85 56.13
C GLU B 133 21.35 53.64 55.20
N GLU B 134 20.15 53.28 54.72
CA GLU B 134 19.95 52.19 53.75
C GLU B 134 20.57 52.60 52.41
N ILE B 135 20.27 53.85 51.99
CA ILE B 135 20.77 54.46 50.77
C ILE B 135 22.30 54.46 50.80
N GLU B 136 22.84 54.84 51.96
CA GLU B 136 24.27 54.90 52.21
C GLU B 136 24.90 53.52 52.04
N GLU B 137 24.26 52.48 52.62
CA GLU B 137 24.74 51.11 52.58
C GLU B 137 24.84 50.62 51.13
N ALA B 138 23.88 51.04 50.31
CA ALA B 138 23.80 50.66 48.91
C ALA B 138 24.86 51.38 48.08
N ASN B 139 25.19 52.62 48.47
CA ASN B 139 26.09 53.46 47.68
C ASN B 139 27.56 53.14 47.99
N GLU B 140 27.80 52.06 48.78
CA GLU B 140 29.14 51.72 49.25
C GLU B 140 29.85 50.82 48.23
N VAL B 141 29.25 49.65 47.96
CA VAL B 141 29.83 48.60 47.14
C VAL B 141 30.42 49.21 45.86
N ASN B 142 31.71 48.95 45.62
CA ASN B 142 32.33 49.37 44.36
C ASN B 142 31.61 48.67 43.21
N VAL B 143 31.17 49.47 42.23
CA VAL B 143 30.48 49.01 41.03
C VAL B 143 31.26 47.87 40.36
N ALA B 144 32.60 47.99 40.38
CA ALA B 144 33.49 47.03 39.75
C ALA B 144 33.13 45.59 40.10
N THR B 145 32.94 45.31 41.40
CA THR B 145 32.65 43.96 41.88
C THR B 145 31.15 43.71 41.99
N LEU B 146 30.50 43.48 40.83
CA LEU B 146 29.06 43.29 40.72
C LEU B 146 28.77 42.56 39.42
N ARG B 147 28.18 41.35 39.51
CA ARG B 147 27.84 40.58 38.32
C ARG B 147 27.26 41.51 37.25
N ASP B 148 26.24 42.28 37.66
CA ASP B 148 25.59 43.30 36.87
C ASP B 148 25.99 44.67 37.42
N PRO B 149 27.04 45.34 36.87
CA PRO B 149 27.58 46.57 37.43
C PRO B 149 26.68 47.80 37.21
N GLN B 150 26.08 48.27 38.30
CA GLN B 150 25.17 49.41 38.28
C GLN B 150 25.25 50.06 39.67
N THR B 151 25.06 51.39 39.72
CA THR B 151 24.92 52.12 40.98
C THR B 151 23.44 52.42 41.21
N ASP B 152 23.07 52.68 42.47
CA ASP B 152 21.69 52.89 42.89
C ASP B 152 21.06 54.04 42.08
N ASP B 153 21.90 55.02 41.72
CA ASP B 153 21.47 56.20 40.97
C ASP B 153 20.97 55.83 39.58
N GLU B 154 21.51 54.75 39.00
CA GLU B 154 21.06 54.23 37.71
C GLU B 154 19.70 53.54 37.86
N ARG B 155 19.49 52.92 39.04
CA ARG B 155 18.35 52.06 39.33
C ARG B 155 17.15 52.92 39.69
N VAL B 156 17.27 53.71 40.76
CA VAL B 156 16.19 54.57 41.21
C VAL B 156 16.28 55.94 40.51
N GLN B 157 15.12 56.58 40.31
CA GLN B 157 15.07 57.96 39.86
C GLN B 157 14.89 58.87 41.07
N LYS B 158 14.60 58.24 42.22
CA LYS B 158 14.41 58.94 43.48
C LYS B 158 14.95 58.04 44.58
N PRO B 159 16.05 58.43 45.27
CA PRO B 159 16.72 57.57 46.27
C PRO B 159 15.87 56.98 47.40
N GLU B 160 14.67 57.52 47.59
CA GLU B 160 13.82 57.12 48.71
C GLU B 160 12.77 56.13 48.21
N TRP B 161 12.78 55.86 46.91
CA TRP B 161 11.80 54.94 46.34
C TRP B 161 12.47 53.90 45.45
N LEU B 162 12.93 52.80 46.07
CA LEU B 162 13.35 51.65 45.28
C LEU B 162 12.11 50.96 44.73
N VAL B 163 11.92 51.09 43.42
CA VAL B 163 10.85 50.40 42.72
C VAL B 163 11.48 49.34 41.81
N MET B 164 11.14 48.06 42.05
CA MET B 164 11.66 46.96 41.25
C MET B 164 10.56 45.96 40.94
N ILE B 165 10.77 45.24 39.83
CA ILE B 165 10.01 44.03 39.55
C ILE B 165 10.59 42.91 40.39
N GLY B 166 9.84 42.51 41.43
CA GLY B 166 10.29 41.57 42.44
C GLY B 166 10.22 40.09 42.02
N VAL B 167 10.61 39.82 40.77
CA VAL B 167 10.86 38.47 40.30
C VAL B 167 12.37 38.28 40.19
N CYS B 168 12.88 37.19 40.77
CA CYS B 168 14.30 36.89 40.77
C CYS B 168 14.78 36.60 39.34
N THR B 169 15.97 37.14 39.03
CA THR B 169 16.49 37.16 37.67
C THR B 169 17.04 35.80 37.28
N HIS B 170 17.18 34.89 38.26
CA HIS B 170 17.65 33.55 37.99
C HIS B 170 16.62 32.76 37.20
N LEU B 171 15.58 32.27 37.88
CA LEU B 171 14.56 31.47 37.23
C LEU B 171 13.19 32.17 37.23
N GLY B 172 12.78 32.72 38.38
CA GLY B 172 11.66 33.65 38.37
C GLY B 172 10.75 33.51 39.59
N CYS B 173 11.34 33.03 40.69
CA CYS B 173 10.73 33.03 42.02
C CYS B 173 10.74 34.44 42.58
N VAL B 174 10.05 34.65 43.70
CA VAL B 174 10.01 35.98 44.28
C VAL B 174 10.89 36.00 45.51
N PRO B 175 11.92 36.89 45.55
CA PRO B 175 12.78 37.01 46.73
C PRO B 175 11.98 37.48 47.94
N ILE B 176 12.30 36.89 49.08
CA ILE B 176 11.76 37.34 50.35
C ILE B 176 12.64 38.49 50.77
N GLY B 177 12.02 39.65 50.96
CA GLY B 177 12.73 40.87 51.33
C GLY B 177 13.23 40.85 52.78
N GLU B 178 14.16 41.78 53.07
CA GLU B 178 14.78 41.97 54.37
C GLU B 178 15.74 40.83 54.68
N ALA B 179 15.42 39.62 54.17
CA ALA B 179 16.33 38.48 54.24
C ALA B 179 17.46 38.65 53.22
N GLY B 180 18.44 37.73 53.27
CA GLY B 180 19.61 37.77 52.40
C GLY B 180 20.89 37.65 53.22
N ASP B 181 21.97 38.27 52.70
CA ASP B 181 23.28 38.29 53.34
C ASP B 181 23.86 39.65 53.00
N PHE B 182 23.10 40.35 52.18
CA PHE B 182 23.38 41.70 51.76
C PHE B 182 22.16 42.52 52.15
N GLY B 183 21.36 41.87 53.01
CA GLY B 183 20.22 42.43 53.73
C GLY B 183 19.28 43.23 52.83
N GLY B 184 18.92 42.68 51.68
CA GLY B 184 17.95 43.31 50.81
C GLY B 184 16.81 42.34 50.55
N TRP B 185 17.14 41.31 49.77
CA TRP B 185 16.18 40.33 49.27
C TRP B 185 16.92 39.02 49.11
N PHE B 186 16.29 37.91 49.50
CA PHE B 186 16.87 36.60 49.33
C PHE B 186 15.87 35.73 48.62
N CYS B 187 16.29 35.23 47.45
CA CYS B 187 15.49 34.26 46.74
C CYS B 187 15.67 32.90 47.41
N PRO B 188 14.61 32.27 47.93
CA PRO B 188 14.77 31.01 48.67
C PRO B 188 14.97 29.81 47.75
N CYS B 189 14.70 30.00 46.46
CA CYS B 189 14.68 28.95 45.45
C CYS B 189 16.07 28.35 45.25
N HIS B 190 17.05 29.21 44.97
CA HIS B 190 18.40 28.74 44.71
C HIS B 190 19.41 29.54 45.53
N GLY B 191 18.88 30.39 46.42
CA GLY B 191 19.69 31.16 47.34
C GLY B 191 20.52 32.21 46.61
N SER B 192 19.82 33.16 45.99
CA SER B 192 20.48 34.34 45.43
C SER B 192 20.12 35.58 46.24
N HIS B 193 21.14 36.37 46.58
CA HIS B 193 21.00 37.49 47.50
C HIS B 193 21.03 38.79 46.71
N TYR B 194 19.99 39.61 46.91
CA TYR B 194 19.93 40.93 46.31
C TYR B 194 20.16 41.98 47.40
N ASP B 195 20.54 43.19 46.97
CA ASP B 195 21.01 44.27 47.84
C ASP B 195 19.88 45.22 48.21
N ILE B 196 20.24 46.38 48.78
CA ILE B 196 19.28 47.42 49.12
C ILE B 196 18.98 48.25 47.88
N SER B 197 19.82 48.06 46.86
CA SER B 197 19.58 48.61 45.55
C SER B 197 18.86 47.55 44.75
N GLY B 198 18.81 46.34 45.32
CA GLY B 198 18.27 45.20 44.58
C GLY B 198 19.23 44.73 43.50
N ARG B 199 20.53 44.88 43.79
CA ARG B 199 21.60 44.34 42.97
C ARG B 199 21.96 42.93 43.45
N ILE B 200 22.26 42.04 42.49
CA ILE B 200 22.67 40.67 42.80
C ILE B 200 24.10 40.67 43.34
N ARG B 201 24.30 39.95 44.46
CA ARG B 201 25.58 39.93 45.15
C ARG B 201 26.13 38.50 45.23
N ARG B 202 25.27 37.55 45.61
CA ARG B 202 25.63 36.14 45.77
C ARG B 202 24.50 35.26 45.25
N GLY B 203 24.87 34.11 44.67
CA GLY B 203 23.91 33.10 44.21
C GLY B 203 23.75 33.07 42.69
N PRO B 204 22.94 32.15 42.11
CA PRO B 204 22.95 31.83 40.68
C PRO B 204 22.43 32.92 39.74
N ALA B 205 21.66 33.87 40.31
CA ALA B 205 21.01 34.92 39.54
C ALA B 205 22.04 35.75 38.78
N PRO B 206 21.85 35.94 37.45
CA PRO B 206 22.81 36.69 36.63
C PRO B 206 22.71 38.23 36.69
N LEU B 207 21.49 38.76 36.83
CA LEU B 207 21.23 40.19 36.70
C LEU B 207 20.63 40.76 37.98
N ASN B 208 20.62 42.10 38.10
CA ASN B 208 19.95 42.79 39.20
C ASN B 208 18.45 42.82 38.90
N LEU B 209 17.63 42.87 39.97
CA LEU B 209 16.17 42.90 39.87
C LEU B 209 15.72 44.05 38.98
N GLU B 210 15.08 43.72 37.85
CA GLU B 210 14.67 44.70 36.85
C GLU B 210 13.85 45.84 37.46
N ILE B 211 13.97 47.00 36.81
CA ILE B 211 13.26 48.19 37.22
C ILE B 211 12.15 48.39 36.21
N PRO B 212 10.88 48.53 36.66
CA PRO B 212 9.80 48.80 35.72
C PRO B 212 9.91 50.26 35.28
N GLU B 213 9.08 50.64 34.30
CA GLU B 213 9.03 52.03 33.89
C GLU B 213 8.03 52.72 34.79
N TYR B 214 8.55 53.54 35.69
CA TYR B 214 7.72 54.21 36.67
C TYR B 214 8.02 55.71 36.67
N ASP B 215 6.97 56.51 36.87
CA ASP B 215 7.07 57.95 36.94
C ASP B 215 6.31 58.46 38.16
N PHE B 216 6.86 59.48 38.81
CA PHE B 216 6.17 60.17 39.89
C PHE B 216 5.28 61.25 39.30
N ALA B 217 3.97 60.93 39.17
CA ALA B 217 2.95 61.87 38.75
C ALA B 217 2.82 63.00 39.77
N ASP B 218 2.57 62.61 41.03
CA ASP B 218 2.73 63.46 42.20
C ASP B 218 3.94 62.96 43.00
N ALA B 219 4.25 63.65 44.10
CA ALA B 219 5.32 63.24 45.02
C ALA B 219 4.79 62.22 46.03
N GLU B 220 3.50 61.90 45.91
CA GLU B 220 2.79 61.02 46.84
C GLU B 220 2.23 59.80 46.10
N THR B 221 2.31 59.83 44.76
CA THR B 221 1.80 58.75 43.92
C THR B 221 2.72 58.51 42.73
N LEU B 222 3.05 57.24 42.48
CA LEU B 222 3.78 56.84 41.27
C LEU B 222 2.92 55.89 40.44
N VAL B 223 3.09 55.99 39.11
CA VAL B 223 2.44 55.15 38.12
C VAL B 223 3.49 54.18 37.56
N ILE B 224 3.09 52.96 37.21
CA ILE B 224 4.09 51.95 36.84
C ILE B 224 3.80 51.46 35.42
N ALA C 2 29.38 0.83 9.45
CA ALA C 2 30.78 0.68 8.82
C ALA C 2 30.90 -0.48 7.83
N SER C 3 31.87 -0.39 6.92
CA SER C 3 31.94 -1.32 5.81
C SER C 3 32.80 -2.51 6.20
N ILE C 4 32.48 -3.67 5.63
CA ILE C 4 33.24 -4.87 5.95
C ILE C 4 34.67 -4.64 5.49
N THR C 5 34.83 -3.93 4.38
CA THR C 5 36.16 -3.63 3.87
C THR C 5 37.02 -2.94 4.93
N SER C 6 36.46 -1.91 5.56
CA SER C 6 37.14 -1.14 6.61
C SER C 6 37.64 -2.07 7.71
N VAL C 7 36.74 -2.95 8.15
CA VAL C 7 36.94 -3.80 9.31
C VAL C 7 38.06 -4.75 8.98
N VAL C 8 38.03 -5.26 7.75
CA VAL C 8 38.98 -6.27 7.33
C VAL C 8 40.36 -5.62 7.19
N LYS C 9 40.43 -4.41 6.62
CA LYS C 9 41.72 -3.75 6.45
C LYS C 9 42.39 -3.42 7.79
N THR C 10 41.61 -2.84 8.71
CA THR C 10 42.11 -2.49 10.03
C THR C 10 42.58 -3.73 10.79
N SER C 11 41.81 -4.81 10.71
CA SER C 11 42.22 -6.06 11.32
C SER C 11 43.54 -6.56 10.75
N GLU C 12 43.75 -6.37 9.44
CA GLU C 12 44.98 -6.84 8.85
C GLU C 12 46.16 -6.00 9.31
N LEU C 13 45.96 -4.69 9.51
CA LEU C 13 47.02 -3.86 10.07
C LEU C 13 47.49 -4.35 11.43
N ILE C 14 46.54 -4.81 12.24
CA ILE C 14 46.82 -5.25 13.60
C ILE C 14 47.52 -6.60 13.53
N LEU C 15 47.06 -7.48 12.66
CA LEU C 15 47.64 -8.80 12.60
C LEU C 15 49.07 -8.76 12.09
N LYS C 16 49.40 -7.74 11.29
CA LYS C 16 50.75 -7.55 10.80
C LYS C 16 51.70 -7.15 11.94
N SER C 17 51.35 -6.12 12.73
CA SER C 17 52.17 -5.65 13.85
C SER C 17 52.30 -6.74 14.91
N PRO C 18 53.54 -7.22 15.22
CA PRO C 18 53.72 -8.33 16.16
C PRO C 18 53.20 -7.97 17.55
N LEU C 19 53.61 -6.79 18.05
CA LEU C 19 53.19 -6.26 19.33
C LEU C 19 51.67 -6.21 19.44
N LEU C 20 51.05 -5.56 18.43
CA LEU C 20 49.60 -5.40 18.39
C LEU C 20 48.91 -6.75 18.43
N SER C 21 49.31 -7.69 17.55
CA SER C 21 48.68 -8.99 17.52
C SER C 21 48.83 -9.72 18.86
N LYS C 22 50.00 -9.60 19.49
CA LYS C 22 50.28 -10.26 20.76
C LYS C 22 49.27 -9.86 21.83
N ILE C 23 48.75 -8.62 21.77
CA ILE C 23 47.88 -8.12 22.82
C ILE C 23 46.41 -8.14 22.38
N VAL C 24 46.14 -8.11 21.07
CA VAL C 24 44.79 -8.00 20.57
C VAL C 24 44.20 -9.39 20.33
N VAL C 25 44.99 -10.31 19.80
CA VAL C 25 44.41 -11.60 19.45
C VAL C 25 43.84 -12.33 20.66
N PRO C 26 44.52 -12.38 21.83
CA PRO C 26 43.93 -13.03 23.00
C PRO C 26 42.69 -12.31 23.51
N LEU C 27 42.68 -10.98 23.42
CA LEU C 27 41.48 -10.26 23.79
C LEU C 27 40.33 -10.63 22.88
N ALA C 28 40.59 -10.73 21.57
CA ALA C 28 39.53 -10.98 20.60
C ALA C 28 38.93 -12.37 20.84
N LYS C 29 39.79 -13.32 21.21
CA LYS C 29 39.34 -14.66 21.49
C LYS C 29 38.44 -14.69 22.73
N THR C 30 38.75 -13.90 23.75
CA THR C 30 37.90 -13.91 24.92
C THR C 30 36.63 -13.12 24.65
N TYR C 31 36.74 -12.05 23.87
CA TYR C 31 35.56 -11.31 23.49
C TYR C 31 34.57 -12.26 22.83
N VAL C 32 35.08 -13.06 21.91
CA VAL C 32 34.17 -13.94 21.20
C VAL C 32 33.57 -14.99 22.13
N LYS C 33 34.34 -15.43 23.12
CA LYS C 33 33.84 -16.41 24.08
C LYS C 33 32.71 -15.80 24.91
N PHE C 34 32.90 -14.56 25.38
CA PHE C 34 31.84 -13.90 26.12
C PHE C 34 30.66 -13.48 25.26
N SER C 35 30.91 -13.23 23.97
CA SER C 35 29.84 -12.82 23.07
C SER C 35 28.72 -13.86 23.11
N GLY C 36 29.12 -15.13 22.95
CA GLY C 36 28.22 -16.25 23.13
C GLY C 36 27.31 -16.51 21.94
N TYR C 37 27.63 -15.98 20.75
CA TYR C 37 26.83 -16.32 19.59
C TYR C 37 27.00 -17.79 19.21
N ARG C 38 28.13 -18.41 19.56
CA ARG C 38 28.32 -19.81 19.22
C ARG C 38 27.37 -20.71 20.01
N GLN C 39 26.87 -20.20 21.14
CA GLN C 39 25.97 -20.97 22.00
C GLN C 39 24.57 -21.04 21.40
N LEU C 40 24.34 -20.30 20.31
CA LEU C 40 23.08 -20.36 19.58
C LEU C 40 23.29 -21.04 18.23
N GLY C 41 24.49 -21.56 18.03
CA GLY C 41 24.84 -22.28 16.82
C GLY C 41 25.01 -21.36 15.63
N PHE C 42 25.38 -20.09 15.89
CA PHE C 42 25.64 -19.20 14.79
C PHE C 42 27.11 -19.25 14.41
N LYS C 43 27.40 -18.95 13.15
CA LYS C 43 28.75 -18.54 12.80
C LYS C 43 28.81 -17.02 12.78
N MET C 44 30.00 -16.47 12.99
CA MET C 44 30.12 -15.02 13.14
C MET C 44 29.41 -14.31 11.99
N ASN C 45 29.63 -14.80 10.76
CA ASN C 45 29.15 -14.06 9.60
C ASN C 45 27.62 -14.04 9.52
N ASP C 46 26.93 -14.97 10.20
CA ASP C 46 25.47 -14.94 10.27
C ASP C 46 24.94 -13.67 10.93
N LEU C 47 25.77 -12.97 11.71
CA LEU C 47 25.29 -11.82 12.46
C LEU C 47 25.42 -10.52 11.69
N ILE C 48 26.12 -10.50 10.55
CA ILE C 48 26.29 -9.26 9.82
C ILE C 48 24.95 -8.75 9.25
N ILE C 49 24.71 -7.43 9.37
CA ILE C 49 23.46 -6.79 8.95
C ILE C 49 23.28 -7.01 7.46
N GLU C 50 22.11 -7.50 7.03
CA GLU C 50 21.99 -7.82 5.61
C GLU C 50 21.01 -6.92 4.87
N GLU C 51 20.34 -6.00 5.57
CA GLU C 51 19.37 -5.15 4.90
C GLU C 51 20.09 -3.95 4.29
N THR C 52 20.99 -4.23 3.34
CA THR C 52 21.66 -3.20 2.55
C THR C 52 21.73 -3.75 1.13
N PRO C 53 21.72 -2.93 0.07
CA PRO C 53 21.84 -3.46 -1.29
C PRO C 53 23.07 -4.34 -1.48
N ASN C 54 24.22 -3.91 -0.93
CA ASN C 54 25.47 -4.62 -1.06
C ASN C 54 25.37 -6.02 -0.47
N MET C 55 24.77 -6.10 0.72
CA MET C 55 24.72 -7.37 1.42
C MET C 55 23.72 -8.30 0.76
N GLN C 56 22.65 -7.74 0.22
CA GLN C 56 21.70 -8.53 -0.54
C GLN C 56 22.38 -9.18 -1.73
N LEU C 57 23.23 -8.40 -2.41
CA LEU C 57 23.97 -8.91 -3.56
C LEU C 57 24.93 -10.01 -3.14
N ALA C 58 25.67 -9.81 -2.04
CA ALA C 58 26.62 -10.82 -1.62
C ALA C 58 25.90 -12.10 -1.21
N LEU C 59 24.70 -11.97 -0.64
CA LEU C 59 24.00 -13.16 -0.19
C LEU C 59 23.52 -13.99 -1.38
N ARG C 60 23.13 -13.28 -2.46
CA ARG C 60 22.67 -13.92 -3.69
C ARG C 60 23.80 -14.70 -4.35
N ARG C 61 25.05 -14.31 -4.06
CA ARG C 61 26.21 -14.89 -4.71
C ARG C 61 26.79 -16.07 -3.92
N LEU C 62 26.23 -16.34 -2.73
CA LEU C 62 26.64 -17.54 -2.01
C LEU C 62 26.36 -18.79 -2.84
N PRO C 63 27.26 -19.80 -2.80
CA PRO C 63 26.96 -21.12 -3.37
C PRO C 63 25.73 -21.74 -2.72
N PRO C 64 24.89 -22.48 -3.47
CA PRO C 64 23.58 -22.89 -2.96
C PRO C 64 23.65 -23.64 -1.63
N THR C 65 24.69 -24.48 -1.46
CA THR C 65 24.83 -25.26 -0.25
C THR C 65 25.03 -24.34 0.96
N GLU C 66 25.95 -23.37 0.84
CA GLU C 66 26.21 -22.40 1.88
C GLU C 66 24.93 -21.66 2.20
N SER C 67 24.19 -21.32 1.15
CA SER C 67 22.96 -20.57 1.33
C SER C 67 21.94 -21.39 2.11
N TYR C 68 21.75 -22.68 1.74
CA TYR C 68 20.76 -23.50 2.43
C TYR C 68 21.16 -23.70 3.89
N ASP C 69 22.46 -23.82 4.14
CA ASP C 69 22.87 -24.05 5.52
C ASP C 69 22.70 -22.81 6.37
N ARG C 70 22.88 -21.63 5.75
CA ARG C 70 22.69 -20.40 6.48
C ARG C 70 21.23 -20.32 6.92
N VAL C 71 20.33 -20.65 6.01
CA VAL C 71 18.93 -20.55 6.34
C VAL C 71 18.64 -21.45 7.52
N TYR C 72 19.20 -22.65 7.52
CA TYR C 72 18.94 -23.52 8.64
C TYR C 72 19.50 -22.97 9.96
N ARG C 73 20.72 -22.43 9.95
CA ARG C 73 21.26 -21.90 11.18
C ARG C 73 20.38 -20.77 11.71
N LEU C 74 19.86 -19.92 10.82
CA LEU C 74 19.09 -18.79 11.32
C LEU C 74 17.79 -19.30 11.94
N ILE C 75 17.19 -20.29 11.29
CA ILE C 75 15.92 -20.78 11.79
C ILE C 75 16.14 -21.49 13.11
N ARG C 76 17.18 -22.31 13.18
CA ARG C 76 17.45 -23.02 14.41
C ARG C 76 17.72 -22.01 15.54
N ALA C 77 18.52 -20.97 15.28
CA ALA C 77 18.84 -20.00 16.32
C ALA C 77 17.59 -19.27 16.77
N THR C 78 16.70 -18.95 15.82
CA THR C 78 15.45 -18.27 16.17
C THR C 78 14.62 -19.14 17.09
N GLN C 79 14.64 -20.45 16.87
CA GLN C 79 13.88 -21.36 17.72
C GLN C 79 14.51 -21.46 19.10
N PHE C 80 15.85 -21.42 19.22
CA PHE C 80 16.46 -21.40 20.54
C PHE C 80 16.11 -20.12 21.27
N SER C 81 16.13 -19.01 20.54
CA SER C 81 15.84 -17.73 21.13
C SER C 81 14.43 -17.72 21.71
N LEU C 82 13.45 -18.21 20.93
CA LEU C 82 12.09 -18.07 21.41
C LEU C 82 11.80 -19.05 22.54
N SER C 83 12.56 -20.13 22.61
CA SER C 83 12.41 -21.12 23.66
C SER C 83 13.20 -20.76 24.91
N HIS C 84 14.09 -19.77 24.80
CA HIS C 84 15.04 -19.44 25.86
C HIS C 84 15.91 -20.62 26.26
N LYS C 85 16.32 -21.42 25.26
CA LYS C 85 17.30 -22.48 25.47
C LYS C 85 18.60 -22.09 24.77
N LEU C 86 19.68 -22.80 25.10
CA LEU C 86 20.90 -22.69 24.34
C LEU C 86 21.13 -23.96 23.54
N ALA C 87 21.98 -23.87 22.51
CA ALA C 87 22.41 -25.04 21.75
C ALA C 87 23.15 -25.98 22.69
N THR C 88 23.06 -27.28 22.42
CA THR C 88 23.86 -28.24 23.13
C THR C 88 24.45 -29.19 22.11
N GLY C 89 25.55 -29.86 22.48
CA GLY C 89 26.14 -30.91 21.68
C GLY C 89 26.62 -30.39 20.33
N ASN C 90 26.07 -30.97 19.27
CA ASN C 90 26.52 -30.70 17.92
C ASN C 90 25.99 -29.36 17.40
N ASP C 91 25.03 -28.78 18.11
CA ASP C 91 24.45 -27.53 17.66
C ASP C 91 25.37 -26.39 18.06
N ILE C 92 26.23 -26.59 19.06
CA ILE C 92 27.16 -25.53 19.43
C ILE C 92 28.19 -25.38 18.33
N THR C 93 28.45 -24.15 17.91
CA THR C 93 29.45 -23.93 16.88
C THR C 93 30.83 -24.07 17.50
N LYS C 94 31.60 -25.02 17.00
CA LYS C 94 32.96 -25.21 17.49
C LYS C 94 33.86 -24.19 16.80
N PRO C 95 34.94 -23.69 17.43
CA PRO C 95 35.77 -22.64 16.83
C PRO C 95 36.28 -22.93 15.42
N GLU C 96 36.44 -24.21 15.08
CA GLU C 96 36.94 -24.67 13.78
C GLU C 96 35.86 -24.59 12.70
N GLU C 97 34.60 -24.56 13.14
CA GLU C 97 33.48 -24.47 12.22
C GLU C 97 33.08 -23.00 12.01
N ASP C 98 33.68 -22.07 12.75
CA ASP C 98 33.25 -20.68 12.64
C ASP C 98 33.96 -20.04 11.45
N ASP C 99 33.61 -20.44 10.23
CA ASP C 99 34.35 -20.01 9.04
C ASP C 99 33.71 -18.76 8.44
N HIS C 100 34.55 -17.90 7.85
CA HIS C 100 34.10 -16.68 7.24
C HIS C 100 33.59 -16.93 5.83
N TYR C 101 32.45 -17.62 5.74
CA TYR C 101 31.94 -18.07 4.45
C TYR C 101 31.50 -16.87 3.60
N LEU C 102 31.12 -15.76 4.22
CA LEU C 102 30.49 -14.69 3.47
C LEU C 102 31.48 -13.59 3.15
N ILE C 103 32.54 -13.46 3.96
CA ILE C 103 33.43 -12.31 3.86
C ILE C 103 33.96 -12.12 2.45
N PRO C 104 34.45 -13.17 1.74
CA PRO C 104 34.95 -13.00 0.38
C PRO C 104 33.92 -12.43 -0.60
N TYR C 105 32.66 -12.84 -0.45
CA TYR C 105 31.61 -12.33 -1.31
C TYR C 105 31.33 -10.85 -1.06
N ILE C 106 31.28 -10.44 0.21
CA ILE C 106 30.90 -9.06 0.49
C ILE C 106 32.10 -8.18 0.14
N LEU C 107 33.31 -8.69 0.35
CA LEU C 107 34.45 -7.87 0.00
C LEU C 107 34.49 -7.62 -1.50
N ASP C 108 34.04 -8.58 -2.33
CA ASP C 108 34.04 -8.36 -3.77
C ASP C 108 32.95 -7.38 -4.20
N VAL C 109 31.78 -7.50 -3.59
CA VAL C 109 30.67 -6.62 -3.91
C VAL C 109 31.08 -5.19 -3.57
N GLU C 110 31.69 -5.02 -2.39
CA GLU C 110 32.05 -3.69 -1.93
C GLU C 110 33.21 -3.14 -2.77
N ALA C 111 34.13 -4.02 -3.17
CA ALA C 111 35.28 -3.61 -3.98
C ALA C 111 34.77 -2.87 -5.21
N GLU C 112 33.78 -3.48 -5.87
CA GLU C 112 33.24 -2.89 -7.08
C GLU C 112 32.49 -1.60 -6.76
N ALA C 113 31.68 -1.61 -5.70
CA ALA C 113 30.93 -0.42 -5.32
C ALA C 113 31.86 0.76 -5.01
N PHE C 114 33.00 0.48 -4.36
CA PHE C 114 33.91 1.57 -4.01
C PHE C 114 34.73 2.02 -5.22
N GLU C 115 35.06 1.09 -6.12
CA GLU C 115 35.76 1.46 -7.35
C GLU C 115 34.85 2.34 -8.19
N LYS C 116 33.57 1.98 -8.23
CA LYS C 116 32.59 2.73 -9.00
C LYS C 116 32.55 4.16 -8.50
N ASP C 117 32.49 4.35 -7.17
CA ASP C 117 32.46 5.68 -6.58
C ASP C 117 33.72 6.45 -6.95
N ALA C 118 34.88 5.79 -6.89
CA ALA C 118 36.12 6.49 -7.22
C ALA C 118 36.10 6.96 -8.66
N LEU C 119 35.69 6.06 -9.56
CA LEU C 119 35.83 6.32 -10.98
C LEU C 119 34.79 7.34 -11.45
N ASP C 120 33.70 7.47 -10.69
CA ASP C 120 32.67 8.47 -10.95
C ASP C 120 33.20 9.87 -10.65
N ASN C 121 34.38 9.95 -10.02
CA ASN C 121 34.98 11.22 -9.69
C ASN C 121 36.34 11.34 -10.37
N LEU C 122 36.55 10.66 -11.51
CA LEU C 122 37.86 10.79 -12.12
C LEU C 122 37.95 12.07 -12.94
N GLU C 123 39.17 12.65 -12.94
CA GLU C 123 39.48 13.90 -13.59
C GLU C 123 40.62 13.67 -14.57
N VAL C 124 40.34 13.81 -15.86
CA VAL C 124 41.39 13.74 -16.88
C VAL C 124 42.40 14.85 -16.61
N VAL C 125 43.66 14.44 -16.48
CA VAL C 125 44.75 15.35 -16.15
C VAL C 125 45.44 15.94 -17.40
N PRO D 66 -5.50 12.62 81.95
CA PRO D 66 -4.41 13.43 81.38
C PRO D 66 -3.60 12.77 80.26
N ASP D 67 -2.84 13.62 79.55
CA ASP D 67 -2.39 13.33 78.19
C ASP D 67 -1.40 12.18 78.23
N PRO D 68 -1.69 11.05 77.55
CA PRO D 68 -0.81 9.89 77.53
C PRO D 68 0.55 10.24 76.96
N ALA D 69 0.59 11.22 76.04
CA ALA D 69 1.82 11.52 75.31
C ALA D 69 2.92 12.00 76.25
N ILE D 70 2.53 12.76 77.27
CA ILE D 70 3.43 13.38 78.24
C ILE D 70 4.32 12.31 78.87
N ALA D 71 3.66 11.26 79.39
CA ALA D 71 4.30 10.15 80.07
C ALA D 71 5.20 9.36 79.11
N LEU D 72 4.68 9.08 77.91
CA LEU D 72 5.38 8.25 76.96
C LEU D 72 6.64 8.95 76.46
N HIS D 73 6.55 10.27 76.28
CA HIS D 73 7.66 11.08 75.79
C HIS D 73 8.76 11.14 76.84
N GLU D 74 8.34 11.22 78.10
CA GLU D 74 9.30 11.37 79.18
C GLU D 74 10.08 10.07 79.36
N ALA D 75 9.35 8.94 79.28
CA ALA D 75 9.87 7.59 79.44
C ALA D 75 10.85 7.26 78.33
N ALA D 76 10.53 7.70 77.10
CA ALA D 76 11.39 7.41 75.96
C ALA D 76 12.64 8.27 75.99
N ALA D 77 12.56 9.45 76.64
CA ALA D 77 13.71 10.33 76.70
C ALA D 77 14.73 9.79 77.70
N GLU D 78 14.22 9.25 78.81
CA GLU D 78 15.05 8.77 79.90
C GLU D 78 15.65 7.41 79.56
N GLY D 79 14.96 6.68 78.66
CA GLY D 79 15.29 5.31 78.30
C GLY D 79 16.08 5.22 76.99
N PRO D 80 15.41 4.83 75.88
CA PRO D 80 16.10 4.56 74.60
C PRO D 80 16.74 5.77 73.92
N CYS D 81 16.36 6.97 74.35
CA CYS D 81 16.83 8.18 73.70
C CYS D 81 17.66 8.99 74.69
N HIS D 82 18.44 8.31 75.53
CA HIS D 82 19.12 8.98 76.62
C HIS D 82 20.36 9.74 76.16
N ASP D 83 21.04 9.16 75.16
CA ASP D 83 22.25 9.75 74.61
C ASP D 83 21.91 11.09 73.99
N PHE D 84 20.77 11.10 73.25
CA PHE D 84 20.30 12.27 72.54
C PHE D 84 19.79 13.32 73.50
N LYS D 85 19.17 12.86 74.60
CA LYS D 85 18.66 13.74 75.64
C LYS D 85 19.85 14.51 76.24
N HIS D 86 20.94 13.79 76.53
CA HIS D 86 22.10 14.39 77.16
C HIS D 86 22.81 15.35 76.19
N HIS D 87 22.86 15.00 74.90
CA HIS D 87 23.42 15.89 73.88
C HIS D 87 22.69 17.22 73.83
N PHE D 88 21.36 17.16 73.80
CA PHE D 88 20.52 18.35 73.74
C PHE D 88 20.75 19.19 74.99
N ASP D 89 20.78 18.52 76.15
CA ASP D 89 20.99 19.20 77.43
C ASP D 89 22.31 19.96 77.41
N GLU D 90 23.38 19.25 77.06
CA GLU D 90 24.70 19.87 77.02
C GLU D 90 24.70 21.06 76.05
N CYS D 91 24.09 20.89 74.86
CA CYS D 91 23.97 21.98 73.90
C CYS D 91 23.30 23.20 74.56
N VAL D 92 22.16 23.00 75.21
CA VAL D 92 21.40 24.09 75.82
C VAL D 92 22.30 24.86 76.79
N GLU D 93 23.00 24.11 77.67
CA GLU D 93 23.92 24.68 78.64
C GLU D 93 24.93 25.60 77.96
N ARG D 94 25.55 25.13 76.87
CA ARG D 94 26.57 25.88 76.13
C ARG D 94 25.98 27.17 75.56
N VAL D 95 24.78 27.06 74.98
CA VAL D 95 24.23 28.18 74.24
C VAL D 95 23.79 29.28 75.21
N THR D 96 23.13 28.87 76.31
CA THR D 96 22.65 29.80 77.33
C THR D 96 23.83 30.55 77.95
N LYS D 97 24.92 29.82 78.22
CA LYS D 97 26.15 30.36 78.76
C LYS D 97 26.77 31.36 77.79
N ALA D 98 26.64 31.06 76.51
CA ALA D 98 27.25 31.88 75.47
C ALA D 98 26.44 33.16 75.30
N GLN D 99 25.13 33.08 75.56
CA GLN D 99 24.23 34.22 75.44
C GLN D 99 24.42 35.14 76.64
N GLU D 100 24.80 34.54 77.77
CA GLU D 100 25.07 35.24 79.03
C GLU D 100 26.28 36.15 78.88
N ALA D 101 27.30 35.67 78.15
CA ALA D 101 28.53 36.41 77.88
C ALA D 101 28.22 37.62 77.00
N GLU D 102 28.93 38.73 77.27
CA GLU D 102 28.71 39.99 76.58
C GLU D 102 29.40 39.97 75.21
N ASP D 103 28.94 40.85 74.33
CA ASP D 103 29.37 40.95 72.93
C ASP D 103 29.01 39.65 72.19
N TYR D 104 27.90 39.05 72.63
CA TYR D 104 27.31 37.90 71.96
C TYR D 104 26.47 38.39 70.79
N ASP D 105 25.84 39.56 70.96
CA ASP D 105 24.96 40.16 69.96
C ASP D 105 25.76 40.59 68.73
N HIS D 106 27.04 40.91 68.95
CA HIS D 106 27.97 41.30 67.89
C HIS D 106 28.94 40.16 67.59
N ALA D 107 28.39 38.94 67.52
CA ALA D 107 29.15 37.78 67.08
C ALA D 107 28.71 37.40 65.67
N GLU D 108 29.57 36.69 64.95
CA GLU D 108 29.26 36.27 63.59
C GLU D 108 28.32 35.07 63.67
N TYR D 109 28.77 34.06 64.42
CA TYR D 109 28.10 32.77 64.52
C TYR D 109 27.44 32.60 65.88
N LYS D 110 26.11 32.51 65.87
CA LYS D 110 25.32 32.22 67.07
C LYS D 110 24.81 30.78 66.97
N GLU D 111 25.35 29.90 67.81
CA GLU D 111 24.96 28.50 67.84
C GLU D 111 23.54 28.36 68.39
N ASP D 112 22.75 27.44 67.81
CA ASP D 112 21.44 27.04 68.32
C ASP D 112 21.51 25.56 68.68
N CYS D 113 20.36 25.00 69.09
CA CYS D 113 20.30 23.60 69.50
C CYS D 113 19.25 22.85 68.72
N VAL D 114 18.89 23.39 67.55
CA VAL D 114 17.84 22.79 66.78
C VAL D 114 18.26 21.39 66.32
N GLU D 115 19.52 21.25 65.88
CA GLU D 115 20.00 19.98 65.37
C GLU D 115 19.81 18.87 66.41
N GLU D 116 20.26 19.16 67.64
CA GLU D 116 20.24 18.19 68.72
C GLU D 116 18.79 17.89 69.13
N PHE D 117 17.96 18.93 69.06
CA PHE D 117 16.57 18.82 69.39
C PHE D 117 15.90 17.89 68.37
N PHE D 118 16.21 18.08 67.09
CA PHE D 118 15.62 17.22 66.08
C PHE D 118 16.07 15.79 66.28
N HIS D 119 17.35 15.57 66.65
CA HIS D 119 17.79 14.20 66.83
C HIS D 119 17.03 13.54 67.97
N LEU D 120 16.76 14.32 69.02
CA LEU D 120 16.05 13.80 70.17
C LEU D 120 14.60 13.50 69.80
N GLN D 121 13.94 14.48 69.14
CA GLN D 121 12.51 14.32 68.87
C GLN D 121 12.29 13.18 67.89
N HIS D 122 13.18 13.09 66.90
CA HIS D 122 13.09 12.05 65.91
C HIS D 122 13.14 10.69 66.59
N CYS D 123 14.02 10.61 67.60
CA CYS D 123 14.21 9.39 68.36
C CYS D 123 12.98 9.10 69.20
N ILE D 124 12.51 10.10 69.95
CA ILE D 124 11.35 9.89 70.79
C ILE D 124 10.17 9.40 69.95
N ASN D 125 9.99 9.99 68.76
CA ASN D 125 8.82 9.67 67.94
C ASN D 125 8.87 8.21 67.49
N ASP D 126 10.08 7.74 67.15
CA ASP D 126 10.31 6.37 66.72
C ASP D 126 9.95 5.37 67.82
N ASN D 127 10.05 5.79 69.09
CA ASN D 127 9.83 4.88 70.21
C ASN D 127 8.47 5.03 70.85
N THR D 128 7.57 5.81 70.24
CA THR D 128 6.41 6.29 70.96
C THR D 128 5.16 6.17 70.10
N ALA D 129 5.34 6.50 68.81
CA ALA D 129 4.27 6.58 67.84
C ALA D 129 3.24 5.46 68.04
N ASP D 130 3.72 4.21 67.99
CA ASP D 130 2.84 3.06 68.05
C ASP D 130 2.14 2.97 69.40
N LYS D 131 2.89 3.27 70.46
CA LYS D 131 2.40 3.11 71.82
C LYS D 131 1.29 4.12 72.09
N LEU D 132 1.48 5.33 71.58
CA LEU D 132 0.52 6.39 71.82
C LEU D 132 -0.80 6.09 71.12
N PHE D 133 -0.74 5.72 69.84
CA PHE D 133 -1.98 5.48 69.12
C PHE D 133 -2.73 4.27 69.64
N ARG D 134 -2.02 3.42 70.39
CA ARG D 134 -2.62 2.22 70.96
C ARG D 134 -3.56 2.57 72.10
N VAL D 135 -3.32 3.71 72.76
CA VAL D 135 -4.16 4.13 73.89
C VAL D 135 -5.09 5.32 73.54
N LEU D 136 -5.43 5.50 72.26
CA LEU D 136 -6.45 6.48 71.88
C LEU D 136 -7.62 5.79 71.14
N VAL E 26 -27.65 -56.57 -13.18
CA VAL E 26 -27.49 -57.37 -11.89
C VAL E 26 -26.34 -58.38 -12.03
N SER E 27 -25.28 -58.15 -11.24
CA SER E 27 -24.02 -58.88 -11.29
C SER E 27 -24.20 -60.31 -10.80
N PRO E 28 -23.43 -61.31 -11.33
CA PRO E 28 -23.48 -62.67 -10.80
C PRO E 28 -23.05 -62.74 -9.35
N LYS E 29 -23.62 -63.71 -8.65
CA LYS E 29 -23.42 -63.98 -7.24
C LYS E 29 -21.96 -64.36 -6.93
N THR E 30 -21.42 -63.80 -5.82
CA THR E 30 -20.09 -64.17 -5.36
C THR E 30 -20.17 -65.47 -4.56
N ARG E 31 -19.57 -66.54 -5.10
CA ARG E 31 -19.58 -67.80 -4.37
C ARG E 31 -18.38 -67.83 -3.44
N THR E 32 -18.58 -68.47 -2.28
CA THR E 32 -17.58 -68.52 -1.22
C THR E 32 -17.54 -69.94 -0.63
N SER E 33 -16.33 -70.49 -0.52
CA SER E 33 -16.12 -71.75 0.16
C SER E 33 -14.92 -71.61 1.08
N ASN E 34 -14.85 -72.51 2.07
CA ASN E 34 -13.69 -72.69 2.92
C ASN E 34 -13.01 -74.02 2.62
N LEU E 35 -11.72 -74.12 3.00
CA LEU E 35 -11.04 -75.40 3.18
C LEU E 35 -11.03 -75.73 4.67
N LYS E 36 -10.39 -76.87 4.99
CA LYS E 36 -10.24 -77.40 6.33
C LYS E 36 -9.34 -76.53 7.20
N ASN E 37 -8.24 -76.06 6.61
CA ASN E 37 -7.26 -75.26 7.32
C ASN E 37 -7.86 -73.90 7.68
N GLY E 38 -8.81 -73.41 6.87
CA GLY E 38 -9.47 -72.15 7.17
C GLY E 38 -9.24 -71.12 6.06
N LEU E 39 -8.68 -71.60 4.95
CA LEU E 39 -8.50 -70.76 3.78
C LEU E 39 -9.85 -70.55 3.11
N THR E 40 -10.20 -69.28 2.86
CA THR E 40 -11.41 -68.92 2.14
C THR E 40 -11.14 -68.87 0.64
N ILE E 41 -12.05 -69.43 -0.15
CA ILE E 41 -12.02 -69.32 -1.61
C ILE E 41 -13.25 -68.54 -2.06
N ALA E 42 -13.04 -67.48 -2.85
CA ALA E 42 -14.17 -66.65 -3.26
C ALA E 42 -14.04 -66.32 -4.74
N SER E 43 -15.15 -66.42 -5.46
CA SER E 43 -15.06 -66.28 -6.88
C SER E 43 -16.26 -65.50 -7.44
N GLU E 44 -16.00 -64.74 -8.50
CA GLU E 44 -17.12 -64.16 -9.25
C GLU E 44 -16.87 -64.30 -10.74
N SER E 45 -17.60 -65.24 -11.35
CA SER E 45 -17.45 -65.61 -12.76
C SER E 45 -18.18 -64.65 -13.68
N ASN E 46 -17.60 -64.42 -14.86
CA ASN E 46 -18.08 -63.49 -15.87
C ASN E 46 -17.90 -64.14 -17.23
N PRO E 47 -18.94 -64.80 -17.79
CA PRO E 47 -18.82 -65.53 -19.06
C PRO E 47 -18.68 -64.67 -20.32
N LEU E 48 -18.53 -63.35 -20.13
CA LEU E 48 -18.36 -62.37 -21.18
C LEU E 48 -16.87 -62.09 -21.46
N VAL E 49 -16.00 -62.42 -20.50
CA VAL E 49 -14.57 -62.14 -20.65
C VAL E 49 -13.82 -63.45 -20.89
N GLN E 50 -12.54 -63.30 -21.28
CA GLN E 50 -11.70 -64.42 -21.69
C GLN E 50 -10.45 -64.49 -20.82
N THR E 51 -10.27 -63.46 -19.96
CA THR E 51 -9.16 -63.45 -19.02
C THR E 51 -9.68 -63.77 -17.63
N ALA E 52 -8.77 -64.15 -16.72
CA ALA E 52 -9.12 -64.39 -15.32
C ALA E 52 -8.04 -63.82 -14.42
N THR E 53 -8.45 -63.21 -13.31
CA THR E 53 -7.51 -62.80 -12.28
C THR E 53 -7.69 -63.71 -11.06
N VAL E 54 -6.74 -64.64 -10.81
CA VAL E 54 -6.68 -65.32 -9.53
C VAL E 54 -5.57 -64.71 -8.68
N GLY E 55 -5.80 -64.70 -7.37
CA GLY E 55 -4.75 -64.27 -6.48
C GLY E 55 -5.09 -64.55 -5.02
N VAL E 56 -4.12 -64.21 -4.18
CA VAL E 56 -4.23 -64.44 -2.76
C VAL E 56 -4.23 -63.09 -2.07
N TRP E 57 -5.33 -62.80 -1.36
CA TRP E 57 -5.38 -61.62 -0.53
C TRP E 57 -5.04 -62.03 0.88
N ILE E 58 -4.10 -61.33 1.52
CA ILE E 58 -3.71 -61.66 2.88
C ILE E 58 -4.02 -60.52 3.84
N ASP E 59 -4.66 -60.86 4.96
CA ASP E 59 -4.91 -59.90 6.02
C ASP E 59 -3.66 -59.77 6.88
N ALA E 60 -2.62 -59.11 6.34
CA ALA E 60 -1.33 -58.93 6.99
C ALA E 60 -0.58 -57.88 6.20
N GLY E 61 0.24 -57.05 6.83
CA GLY E 61 1.04 -56.12 6.07
C GLY E 61 2.09 -55.52 6.97
N SER E 62 2.54 -54.29 6.69
CA SER E 62 3.58 -53.66 7.47
C SER E 62 3.20 -53.51 8.94
N ARG E 63 1.89 -53.43 9.21
CA ARG E 63 1.43 -53.14 10.55
C ARG E 63 1.78 -54.29 11.49
N ASN E 64 2.11 -55.43 10.90
CA ASN E 64 2.35 -56.64 11.66
C ASN E 64 3.80 -56.72 12.13
N GLU E 65 4.65 -55.85 11.59
CA GLU E 65 6.02 -55.75 12.05
C GLU E 65 6.09 -54.93 13.34
N ASN E 66 7.20 -55.11 14.08
CA ASN E 66 7.58 -54.18 15.13
C ASN E 66 8.61 -53.20 14.58
N ALA E 67 9.31 -52.49 15.47
CA ALA E 67 10.15 -51.42 15.01
C ALA E 67 11.48 -51.97 14.46
N TYR E 68 11.86 -53.17 14.91
CA TYR E 68 13.14 -53.78 14.56
C TYR E 68 13.09 -54.45 13.19
N ASN E 69 11.93 -55.03 12.85
CA ASN E 69 11.82 -55.70 11.57
C ASN E 69 10.91 -54.91 10.62
N ASN E 70 10.80 -53.59 10.82
CA ASN E 70 9.95 -52.79 9.95
C ASN E 70 10.60 -52.75 8.56
N GLY E 71 9.85 -53.16 7.54
CA GLY E 71 10.37 -53.24 6.18
C GLY E 71 10.42 -54.68 5.68
N THR E 72 10.20 -55.64 6.59
CA THR E 72 10.27 -57.05 6.26
C THR E 72 9.24 -57.45 5.21
N ALA E 73 8.00 -57.00 5.40
CA ALA E 73 6.91 -57.41 4.53
C ALA E 73 7.18 -56.95 3.10
N HIS E 74 7.78 -55.77 2.98
CA HIS E 74 8.06 -55.25 1.66
C HIS E 74 9.25 -55.97 1.06
N PHE E 75 10.19 -56.33 1.94
CA PHE E 75 11.39 -57.05 1.54
C PHE E 75 10.98 -58.38 0.96
N PHE E 76 10.05 -59.08 1.64
CA PHE E 76 9.57 -60.38 1.20
C PHE E 76 8.97 -60.33 -0.19
N GLU E 77 8.15 -59.32 -0.45
CA GLU E 77 7.55 -59.12 -1.76
C GLU E 77 8.60 -59.19 -2.87
N HIS E 78 9.81 -58.65 -2.62
CA HIS E 78 10.87 -58.68 -3.62
C HIS E 78 11.42 -60.10 -3.77
N LEU E 79 11.53 -60.81 -2.65
CA LEU E 79 12.18 -62.10 -2.64
C LEU E 79 11.24 -63.21 -3.09
N ALA E 80 9.94 -62.93 -3.06
CA ALA E 80 8.96 -63.90 -3.50
C ALA E 80 9.19 -64.26 -4.96
N PHE E 81 9.78 -63.32 -5.70
CA PHE E 81 9.98 -63.51 -7.12
C PHE E 81 11.45 -63.80 -7.45
N LYS E 82 12.19 -64.19 -6.42
CA LYS E 82 13.62 -64.40 -6.58
C LYS E 82 13.96 -65.88 -6.64
N GLY E 83 12.96 -66.77 -6.74
CA GLY E 83 13.21 -68.20 -6.89
C GLY E 83 12.74 -69.04 -5.70
N THR E 84 12.28 -70.24 -6.04
CA THR E 84 11.68 -71.15 -5.08
C THR E 84 12.55 -72.40 -5.01
N ASP E 85 12.13 -73.35 -4.17
CA ASP E 85 12.86 -74.59 -3.96
C ASP E 85 12.95 -75.41 -5.25
N LYS E 86 11.93 -75.32 -6.12
CA LYS E 86 11.94 -75.98 -7.43
C LYS E 86 12.52 -75.04 -8.49
N ARG E 87 11.71 -74.09 -8.95
CA ARG E 87 12.09 -73.20 -10.03
C ARG E 87 13.06 -72.15 -9.51
N SER E 88 14.15 -71.95 -10.26
CA SER E 88 15.11 -70.90 -10.00
C SER E 88 14.51 -69.57 -10.44
N GLN E 89 15.26 -68.48 -10.23
CA GLN E 89 14.78 -67.15 -10.59
C GLN E 89 14.43 -67.14 -12.08
N HIS E 90 15.31 -67.77 -12.88
CA HIS E 90 15.22 -67.73 -14.32
C HIS E 90 14.07 -68.60 -14.82
N GLN E 91 13.94 -69.79 -14.22
CA GLN E 91 12.84 -70.69 -14.51
C GLN E 91 11.51 -70.02 -14.19
N LEU E 92 11.43 -69.33 -13.03
CA LEU E 92 10.24 -68.61 -12.63
C LEU E 92 9.84 -67.63 -13.74
N GLU E 93 10.80 -66.78 -14.16
CA GLU E 93 10.60 -65.79 -15.21
C GLU E 93 10.00 -66.47 -16.46
N LEU E 94 10.65 -67.55 -16.89
CA LEU E 94 10.23 -68.25 -18.10
C LEU E 94 8.82 -68.83 -17.94
N ASP E 95 8.52 -69.44 -16.78
CA ASP E 95 7.24 -70.09 -16.56
C ASP E 95 6.11 -69.09 -16.74
N ILE E 96 6.30 -67.87 -16.20
CA ILE E 96 5.27 -66.84 -16.27
C ILE E 96 5.17 -66.29 -17.69
N GLU E 97 6.34 -66.08 -18.33
CA GLU E 97 6.37 -65.62 -19.71
C GLU E 97 5.59 -66.59 -20.59
N ASN E 98 5.70 -67.90 -20.31
CA ASN E 98 5.10 -68.93 -21.12
C ASN E 98 3.60 -69.06 -20.84
N MET E 99 3.18 -68.65 -19.64
CA MET E 99 1.76 -68.62 -19.32
C MET E 99 1.07 -67.62 -20.24
N GLY E 100 1.70 -66.45 -20.43
CA GLY E 100 1.16 -65.44 -21.32
C GLY E 100 0.73 -64.19 -20.56
N GLY E 101 0.26 -64.36 -19.33
CA GLY E 101 -0.20 -63.25 -18.52
C GLY E 101 0.92 -62.66 -17.66
N HIS E 102 0.55 -62.03 -16.55
CA HIS E 102 1.55 -61.46 -15.67
C HIS E 102 1.17 -61.74 -14.22
N LEU E 103 2.16 -61.57 -13.35
CA LEU E 103 1.98 -61.63 -11.91
C LEU E 103 2.19 -60.23 -11.36
N ASN E 104 1.52 -59.92 -10.25
CA ASN E 104 1.69 -58.64 -9.64
C ASN E 104 1.46 -58.77 -8.14
N ALA E 105 2.07 -57.87 -7.36
CA ALA E 105 2.01 -57.94 -5.92
C ALA E 105 2.04 -56.54 -5.34
N TYR E 106 1.38 -56.33 -4.19
CA TYR E 106 1.63 -55.12 -3.41
C TYR E 106 1.39 -55.40 -1.93
N THR E 107 2.19 -54.73 -1.12
CA THR E 107 2.09 -54.79 0.33
C THR E 107 1.67 -53.40 0.80
N SER E 108 0.59 -53.32 1.57
CA SER E 108 0.23 -52.08 2.22
C SER E 108 0.41 -52.23 3.74
N ARG E 109 -0.21 -51.32 4.50
CA ARG E 109 -0.02 -51.33 5.94
C ARG E 109 -0.76 -52.53 6.52
N GLU E 110 -1.93 -52.85 5.97
CA GLU E 110 -2.76 -53.86 6.59
C GLU E 110 -3.05 -55.04 5.65
N SER E 111 -2.58 -54.96 4.41
CA SER E 111 -3.01 -55.93 3.42
C SER E 111 -1.86 -56.26 2.48
N THR E 112 -1.69 -57.54 2.15
CA THR E 112 -0.78 -57.96 1.09
C THR E 112 -1.58 -58.66 0.00
N VAL E 113 -1.27 -58.39 -1.27
CA VAL E 113 -1.91 -59.09 -2.37
C VAL E 113 -0.87 -59.70 -3.29
N TYR E 114 -1.14 -60.89 -3.82
CA TYR E 114 -0.32 -61.48 -4.89
C TYR E 114 -1.29 -62.07 -5.90
N TYR E 115 -1.34 -61.51 -7.10
CA TYR E 115 -2.29 -62.04 -8.05
C TYR E 115 -1.63 -62.34 -9.38
N ALA E 116 -2.38 -63.05 -10.21
CA ALA E 116 -1.92 -63.44 -11.54
C ALA E 116 -3.10 -63.27 -12.50
N LYS E 117 -2.92 -62.38 -13.47
CA LYS E 117 -3.85 -62.28 -14.57
C LYS E 117 -3.39 -63.21 -15.68
N SER E 118 -4.31 -64.00 -16.22
CA SER E 118 -3.94 -64.92 -17.28
C SER E 118 -5.09 -65.06 -18.27
N PHE E 119 -4.94 -66.07 -19.14
CA PHE E 119 -6.00 -66.55 -20.00
C PHE E 119 -6.89 -67.51 -19.21
N LYS E 120 -8.08 -67.81 -19.74
CA LYS E 120 -9.07 -68.64 -19.08
C LYS E 120 -8.49 -70.00 -18.68
N ASP E 121 -7.67 -70.59 -19.54
CA ASP E 121 -7.31 -71.99 -19.38
C ASP E 121 -5.90 -72.12 -18.81
N ASP E 122 -5.32 -70.96 -18.47
CA ASP E 122 -4.00 -70.85 -17.86
C ASP E 122 -4.13 -70.62 -16.36
N VAL E 123 -5.33 -70.85 -15.82
CA VAL E 123 -5.62 -70.58 -14.43
C VAL E 123 -4.92 -71.59 -13.54
N PRO E 124 -4.97 -72.90 -13.85
CA PRO E 124 -4.25 -73.89 -13.04
C PRO E 124 -2.75 -73.68 -12.94
N LYS E 125 -2.13 -73.05 -13.97
CA LYS E 125 -0.69 -72.81 -13.94
C LYS E 125 -0.41 -71.70 -12.94
N SER E 126 -1.22 -70.65 -13.04
CA SER E 126 -1.05 -69.45 -12.24
C SER E 126 -1.29 -69.74 -10.76
N VAL E 127 -2.31 -70.56 -10.44
CA VAL E 127 -2.56 -70.91 -9.05
C VAL E 127 -1.37 -71.68 -8.48
N GLU E 128 -0.79 -72.54 -9.32
CA GLU E 128 0.34 -73.36 -8.92
C GLU E 128 1.57 -72.47 -8.66
N ILE E 129 1.79 -71.48 -9.51
CA ILE E 129 2.94 -70.62 -9.33
C ILE E 129 2.76 -69.77 -8.07
N LEU E 130 1.54 -69.27 -7.82
CA LEU E 130 1.31 -68.44 -6.65
C LEU E 130 1.53 -69.23 -5.38
N ALA E 131 1.06 -70.48 -5.38
CA ALA E 131 1.16 -71.31 -4.19
C ALA E 131 2.62 -71.63 -3.89
N ASP E 132 3.43 -71.69 -4.96
CA ASP E 132 4.85 -72.02 -4.86
C ASP E 132 5.64 -70.86 -4.25
N ILE E 133 5.37 -69.63 -4.72
CA ILE E 133 6.20 -68.50 -4.33
C ILE E 133 5.87 -68.09 -2.89
N LEU E 134 4.66 -68.45 -2.42
CA LEU E 134 4.23 -68.09 -1.09
C LEU E 134 4.69 -69.10 -0.05
N GLN E 135 4.68 -70.38 -0.42
CA GLN E 135 4.92 -71.43 0.56
C GLN E 135 6.39 -71.86 0.54
N HIS E 136 7.02 -71.80 -0.64
CA HIS E 136 8.24 -72.57 -0.85
C HIS E 136 9.33 -71.68 -1.45
N SER E 137 9.48 -70.46 -0.92
CA SER E 137 10.46 -69.53 -1.46
C SER E 137 11.84 -69.82 -0.88
N LYS E 138 12.91 -69.61 -1.67
CA LYS E 138 14.23 -69.98 -1.20
C LYS E 138 14.73 -69.02 -0.12
N LEU E 139 14.66 -67.70 -0.40
CA LEU E 139 15.21 -66.63 0.44
C LEU E 139 16.68 -66.93 0.72
N ALA E 140 17.46 -67.00 -0.36
CA ALA E 140 18.87 -67.31 -0.35
C ALA E 140 19.69 -66.07 0.00
N GLU E 141 20.66 -66.24 0.91
CA GLU E 141 21.47 -65.14 1.43
C GLU E 141 22.04 -64.27 0.30
N SER E 142 22.38 -64.90 -0.83
CA SER E 142 22.90 -64.18 -1.99
C SER E 142 21.88 -63.19 -2.56
N ALA E 143 20.59 -63.55 -2.50
CA ALA E 143 19.54 -62.74 -3.10
C ALA E 143 19.07 -61.68 -2.10
N ILE E 144 19.10 -62.01 -0.80
CA ILE E 144 18.87 -61.05 0.27
C ILE E 144 19.85 -59.91 0.12
N ASP E 145 21.11 -60.26 -0.17
CA ASP E 145 22.20 -59.28 -0.21
C ASP E 145 22.07 -58.39 -1.44
N ARG E 146 21.64 -59.00 -2.55
CA ARG E 146 21.40 -58.30 -3.80
C ARG E 146 20.24 -57.30 -3.69
N GLU E 147 19.12 -57.68 -3.03
CA GLU E 147 17.92 -56.83 -2.99
C GLU E 147 18.12 -55.70 -2.01
N ARG E 148 19.05 -55.93 -1.06
CA ARG E 148 19.34 -54.97 -0.02
C ARG E 148 19.85 -53.66 -0.62
N GLU E 149 20.37 -53.72 -1.85
CA GLU E 149 20.84 -52.51 -2.54
C GLU E 149 19.70 -51.89 -3.34
N VAL E 150 18.89 -52.75 -3.95
CA VAL E 150 17.74 -52.36 -4.77
C VAL E 150 16.75 -51.57 -3.93
N ILE E 151 16.51 -52.08 -2.72
CA ILE E 151 15.55 -51.49 -1.82
C ILE E 151 16.17 -50.22 -1.23
N THR E 152 17.49 -50.21 -1.05
CA THR E 152 18.16 -49.02 -0.55
C THR E 152 18.00 -47.87 -1.55
N ARG E 153 18.06 -48.19 -2.85
CA ARG E 153 17.88 -47.20 -3.91
C ARG E 153 16.43 -46.72 -4.00
N GLU E 154 15.48 -47.52 -3.49
CA GLU E 154 14.06 -47.16 -3.56
C GLU E 154 13.77 -46.05 -2.56
N LEU E 155 14.53 -46.02 -1.46
CA LEU E 155 14.48 -44.95 -0.47
C LEU E 155 14.78 -43.58 -1.08
N GLU E 156 15.63 -43.50 -2.12
CA GLU E 156 15.97 -42.19 -2.71
C GLU E 156 15.26 -41.90 -4.03
N GLU E 157 14.08 -42.49 -4.28
CA GLU E 157 13.41 -42.33 -5.56
C GLU E 157 11.89 -42.22 -5.39
N VAL E 158 11.38 -42.59 -4.20
CA VAL E 158 10.02 -42.28 -3.76
C VAL E 158 9.89 -40.76 -3.64
N ASN E 159 11.02 -40.11 -3.32
CA ASN E 159 11.22 -38.69 -3.12
C ASN E 159 10.55 -37.86 -4.22
N LYS E 160 10.37 -38.50 -5.38
CA LYS E 160 9.83 -37.88 -6.57
C LYS E 160 8.30 -37.97 -6.61
N GLN E 161 7.75 -39.05 -6.05
CA GLN E 161 6.32 -39.29 -6.04
C GLN E 161 5.66 -38.49 -4.93
N TYR E 162 5.28 -37.26 -5.25
CA TYR E 162 4.95 -36.29 -4.21
C TYR E 162 3.74 -36.74 -3.43
N GLU E 163 2.73 -37.26 -4.13
CA GLU E 163 1.54 -37.70 -3.42
C GLU E 163 1.93 -38.72 -2.37
N GLU E 164 2.81 -39.64 -2.72
CA GLU E 164 3.16 -40.69 -1.78
C GLU E 164 3.97 -40.12 -0.62
N VAL E 165 4.89 -39.20 -0.91
CA VAL E 165 5.65 -38.54 0.14
C VAL E 165 4.72 -37.87 1.13
N VAL E 166 3.73 -37.14 0.60
CA VAL E 166 2.77 -36.45 1.44
C VAL E 166 2.00 -37.46 2.30
N PHE E 167 1.43 -38.51 1.69
CA PHE E 167 0.66 -39.40 2.51
C PHE E 167 1.50 -40.23 3.48
N ASP E 168 2.76 -40.50 3.16
CA ASP E 168 3.55 -41.24 4.12
C ASP E 168 3.90 -40.37 5.33
N HIS E 169 4.16 -39.09 5.10
CA HIS E 169 4.38 -38.25 6.26
C HIS E 169 3.08 -38.08 7.04
N LEU E 170 1.96 -38.07 6.32
CA LEU E 170 0.68 -37.91 6.99
C LEU E 170 0.43 -39.08 7.94
N HIS E 171 0.74 -40.31 7.54
CA HIS E 171 0.52 -41.40 8.47
C HIS E 171 1.49 -41.32 9.64
N ALA E 172 2.73 -40.91 9.32
CA ALA E 172 3.77 -40.87 10.33
C ALA E 172 3.38 -39.94 11.48
N THR E 173 2.74 -38.82 11.12
CA THR E 173 2.46 -37.82 12.12
C THR E 173 1.11 -38.10 12.79
N ALA E 174 0.10 -38.48 12.01
CA ALA E 174 -1.21 -38.74 12.59
C ALA E 174 -1.11 -39.86 13.62
N PHE E 175 -0.33 -40.89 13.30
CA PHE E 175 -0.24 -42.03 14.21
C PHE E 175 1.16 -42.10 14.77
N MET E 176 1.56 -40.99 15.41
CA MET E 176 2.91 -40.78 15.88
C MET E 176 3.33 -41.93 16.81
N ASN E 177 4.47 -42.56 16.49
CA ASN E 177 5.08 -43.68 17.21
C ASN E 177 4.11 -44.85 17.41
N GLN E 178 3.23 -45.09 16.45
CA GLN E 178 2.37 -46.24 16.55
C GLN E 178 2.58 -47.08 15.30
N PRO E 179 2.21 -48.38 15.28
CA PRO E 179 2.36 -49.21 14.09
C PRO E 179 1.84 -48.67 12.76
N LEU E 180 0.67 -48.02 12.78
CA LEU E 180 0.17 -47.45 11.54
C LEU E 180 1.05 -46.30 11.04
N GLY E 181 1.87 -45.73 11.93
CA GLY E 181 2.64 -44.57 11.54
C GLY E 181 3.92 -44.94 10.81
N ARG E 182 4.30 -46.22 10.82
CA ARG E 182 5.52 -46.66 10.17
C ARG E 182 5.34 -46.70 8.66
N THR E 183 6.43 -46.52 7.93
CA THR E 183 6.37 -46.62 6.48
C THR E 183 6.41 -48.09 6.10
N ILE E 184 6.14 -48.39 4.83
CA ILE E 184 6.15 -49.75 4.34
C ILE E 184 7.58 -50.19 4.02
N LEU E 185 8.37 -49.27 3.43
CA LEU E 185 9.76 -49.53 3.09
C LEU E 185 10.59 -49.82 4.33
N GLY E 186 10.29 -49.11 5.43
CA GLY E 186 11.05 -49.27 6.65
C GLY E 186 12.29 -48.36 6.63
N PRO E 187 12.96 -48.18 7.78
CA PRO E 187 14.19 -47.38 7.83
C PRO E 187 15.36 -48.05 7.12
N ARG E 188 16.30 -47.24 6.63
CA ARG E 188 17.53 -47.69 5.97
C ARG E 188 18.28 -48.72 6.82
N GLU E 189 18.26 -48.51 8.14
CA GLU E 189 19.02 -49.32 9.08
C GLU E 189 18.50 -50.76 9.08
N ASN E 190 17.19 -50.94 8.90
CA ASN E 190 16.55 -52.24 8.95
C ASN E 190 16.86 -52.99 7.66
N ILE E 191 16.85 -52.25 6.55
CA ILE E 191 17.10 -52.84 5.25
C ILE E 191 18.47 -53.50 5.26
N GLN E 192 19.43 -52.89 5.98
CA GLN E 192 20.78 -53.43 6.06
C GLN E 192 20.89 -54.65 6.98
N THR E 193 19.87 -54.88 7.83
CA THR E 193 19.98 -55.91 8.86
C THR E 193 18.87 -56.96 8.78
N ILE E 194 18.08 -56.95 7.69
CA ILE E 194 17.05 -57.96 7.53
C ILE E 194 17.73 -59.27 7.11
N THR E 195 17.50 -60.35 7.88
CA THR E 195 18.06 -61.65 7.58
C THR E 195 16.97 -62.58 7.03
N ASN E 196 17.40 -63.66 6.37
CA ASN E 196 16.50 -64.67 5.86
C ASN E 196 15.68 -65.30 7.00
N THR E 197 16.25 -65.30 8.21
CA THR E 197 15.62 -65.89 9.38
C THR E 197 14.38 -65.09 9.76
N GLU E 198 14.53 -63.77 9.81
CA GLU E 198 13.43 -62.92 10.21
C GLU E 198 12.40 -62.82 9.08
N LEU E 199 12.85 -62.95 7.82
CA LEU E 199 11.92 -63.03 6.71
C LEU E 199 11.04 -64.27 6.84
N ARG E 200 11.67 -65.40 7.18
CA ARG E 200 11.01 -66.68 7.31
C ARG E 200 10.01 -66.59 8.46
N LYS E 201 10.46 -65.96 9.54
CA LYS E 201 9.65 -65.87 10.75
C LYS E 201 8.40 -65.04 10.45
N PHE E 202 8.57 -64.01 9.63
CA PHE E 202 7.46 -63.11 9.36
C PHE E 202 6.38 -63.87 8.60
N ILE E 203 6.79 -64.58 7.56
CA ILE E 203 5.82 -65.22 6.67
C ILE E 203 5.26 -66.49 7.29
N THR E 204 5.88 -66.96 8.38
CA THR E 204 5.40 -68.15 9.05
C THR E 204 4.33 -67.77 10.07
N GLU E 205 4.54 -66.60 10.69
CA GLU E 205 3.62 -66.09 11.67
C GLU E 205 2.37 -65.48 11.02
N ASN E 206 2.53 -64.92 9.81
CA ASN E 206 1.51 -64.01 9.28
C ASN E 206 0.73 -64.63 8.12
N TYR E 207 1.43 -65.37 7.25
CA TYR E 207 0.82 -65.93 6.07
C TYR E 207 0.17 -67.27 6.42
N THR E 208 -0.88 -67.19 7.26
CA THR E 208 -1.58 -68.37 7.71
C THR E 208 -2.94 -68.45 7.02
N ALA E 209 -3.48 -69.66 7.01
CA ALA E 209 -4.60 -69.99 6.17
C ALA E 209 -5.82 -69.18 6.57
N ASP E 210 -5.94 -68.89 7.87
CA ASP E 210 -7.13 -68.21 8.34
C ASP E 210 -7.03 -66.72 8.05
N ARG E 211 -5.88 -66.30 7.52
CA ARG E 211 -5.69 -64.89 7.18
C ARG E 211 -5.67 -64.66 5.66
N MET E 212 -5.92 -65.72 4.90
CA MET E 212 -5.71 -65.69 3.47
C MET E 212 -7.02 -65.97 2.74
N VAL E 213 -7.18 -65.33 1.59
CA VAL E 213 -8.34 -65.57 0.76
C VAL E 213 -7.84 -65.79 -0.66
N LEU E 214 -8.23 -66.92 -1.24
CA LEU E 214 -7.95 -67.15 -2.63
C LEU E 214 -9.13 -66.64 -3.47
N VAL E 215 -8.85 -65.71 -4.38
CA VAL E 215 -9.90 -65.02 -5.09
C VAL E 215 -9.78 -65.32 -6.58
N GLY E 216 -10.91 -65.56 -7.25
CA GLY E 216 -10.89 -65.62 -8.71
C GLY E 216 -12.00 -64.78 -9.31
N ALA E 217 -11.65 -63.98 -10.31
CA ALA E 217 -12.66 -63.19 -11.01
C ALA E 217 -12.43 -63.32 -12.51
N GLY E 218 -13.53 -63.31 -13.25
CA GLY E 218 -13.48 -63.40 -14.70
C GLY E 218 -13.86 -64.79 -15.15
N ALA E 219 -13.06 -65.37 -16.03
CA ALA E 219 -13.41 -66.65 -16.59
C ALA E 219 -12.88 -67.78 -15.70
N VAL E 220 -13.47 -67.95 -14.52
CA VAL E 220 -13.05 -68.95 -13.56
C VAL E 220 -14.29 -69.76 -13.20
N ASP E 221 -14.13 -71.07 -12.99
CA ASP E 221 -15.20 -71.81 -12.36
C ASP E 221 -14.88 -71.91 -10.87
N HIS E 222 -15.87 -71.65 -10.00
CA HIS E 222 -15.67 -71.71 -8.57
C HIS E 222 -15.20 -73.09 -8.13
N ASP E 223 -15.84 -74.13 -8.68
CA ASP E 223 -15.61 -75.50 -8.23
C ASP E 223 -14.23 -75.96 -8.68
N ALA E 224 -13.76 -75.40 -9.80
CA ALA E 224 -12.43 -75.69 -10.34
C ALA E 224 -11.36 -75.05 -9.47
N LEU E 225 -11.67 -73.85 -8.97
CA LEU E 225 -10.75 -73.07 -8.16
C LEU E 225 -10.64 -73.69 -6.77
N VAL E 226 -11.72 -74.29 -6.28
CA VAL E 226 -11.75 -74.93 -4.97
C VAL E 226 -10.88 -76.19 -5.02
N GLU E 227 -10.86 -76.85 -6.17
CA GLU E 227 -10.07 -78.06 -6.36
C GLU E 227 -8.59 -77.69 -6.39
N LEU E 228 -8.27 -76.59 -7.07
CA LEU E 228 -6.90 -76.10 -7.18
C LEU E 228 -6.37 -75.66 -5.82
N ALA E 229 -7.28 -75.22 -4.94
CA ALA E 229 -6.94 -74.76 -3.61
C ALA E 229 -6.63 -75.96 -2.71
N GLU E 230 -7.37 -77.05 -2.95
CA GLU E 230 -7.22 -78.28 -2.22
C GLU E 230 -5.93 -78.98 -2.65
N LYS E 231 -5.44 -78.62 -3.83
CA LYS E 231 -4.26 -79.24 -4.42
C LYS E 231 -2.98 -78.52 -3.97
N TYR E 232 -3.09 -77.21 -3.76
CA TYR E 232 -1.87 -76.43 -3.61
C TYR E 232 -1.79 -75.75 -2.25
N PHE E 233 -2.93 -75.37 -1.70
CA PHE E 233 -2.90 -74.59 -0.48
C PHE E 233 -3.43 -75.41 0.69
N SER E 234 -3.37 -76.74 0.60
CA SER E 234 -3.97 -77.51 1.67
C SER E 234 -3.02 -77.66 2.85
N HIS E 235 -1.72 -77.75 2.57
CA HIS E 235 -0.70 -77.81 3.61
C HIS E 235 -0.28 -76.39 4.00
N LEU E 236 -1.24 -75.49 4.26
CA LEU E 236 -0.92 -74.17 4.83
C LEU E 236 -1.06 -74.27 6.35
N PRO E 237 -0.14 -73.66 7.14
CA PRO E 237 -0.30 -73.63 8.58
C PRO E 237 -1.54 -72.82 8.97
N SER E 238 -2.22 -73.27 10.02
CA SER E 238 -3.27 -72.48 10.64
C SER E 238 -2.69 -71.76 11.87
N SER E 239 -3.15 -70.53 12.14
CA SER E 239 -2.77 -69.82 13.36
C SER E 239 -3.39 -70.49 14.58
N GLN E 240 -2.75 -70.34 15.74
CA GLN E 240 -3.13 -70.98 17.00
C GLN E 240 -4.50 -70.49 17.45
N SER E 241 -4.71 -69.17 17.35
CA SER E 241 -5.93 -68.49 17.75
C SER E 241 -6.58 -67.81 16.54
N PRO E 242 -7.44 -68.55 15.77
CA PRO E 242 -8.12 -68.01 14.60
C PRO E 242 -9.19 -66.99 14.96
N VAL E 243 -8.82 -65.71 14.79
CA VAL E 243 -9.77 -64.60 14.83
C VAL E 243 -10.47 -64.48 13.47
N PRO E 244 -11.64 -63.80 13.36
CA PRO E 244 -12.29 -63.60 12.07
C PRO E 244 -11.47 -62.67 11.17
N LEU E 245 -11.72 -62.73 9.86
CA LEU E 245 -11.06 -61.84 8.92
C LEU E 245 -11.44 -60.39 9.19
N GLY E 246 -10.42 -59.52 9.10
CA GLY E 246 -10.57 -58.08 9.25
C GLY E 246 -10.60 -57.64 10.72
N THR E 247 -9.99 -58.45 11.59
CA THR E 247 -9.86 -58.16 13.01
C THR E 247 -8.56 -57.39 13.22
N PRO E 248 -8.57 -56.30 14.03
CA PRO E 248 -7.36 -55.50 14.31
C PRO E 248 -6.07 -56.27 14.70
N ILE E 260 -3.72 -49.54 20.21
CA ILE E 260 -5.06 -48.97 19.83
C ILE E 260 -4.86 -47.54 19.36
N PRO E 261 -5.18 -47.19 18.09
CA PRO E 261 -4.68 -45.95 17.47
C PRO E 261 -5.17 -44.68 18.17
N ASN E 262 -4.21 -43.79 18.42
CA ASN E 262 -4.51 -42.62 19.20
C ASN E 262 -3.96 -41.49 18.35
N PHE E 263 -4.83 -40.85 17.57
CA PHE E 263 -4.48 -39.82 16.61
C PHE E 263 -3.76 -38.66 17.30
N VAL E 264 -2.73 -38.09 16.66
CA VAL E 264 -2.07 -36.91 17.21
C VAL E 264 -2.27 -35.75 16.22
N GLY E 265 -3.00 -34.71 16.62
CA GLY E 265 -3.09 -33.52 15.80
C GLY E 265 -1.71 -32.87 15.72
N SER E 266 -1.23 -32.61 14.50
CA SER E 266 0.18 -32.29 14.36
C SER E 266 0.42 -31.81 12.94
N GLU E 267 1.62 -31.30 12.68
CA GLU E 267 1.89 -30.86 11.32
C GLU E 267 3.32 -31.23 10.96
N VAL E 268 3.55 -31.55 9.68
CA VAL E 268 4.89 -31.71 9.14
C VAL E 268 4.99 -30.71 8.00
N ARG E 269 6.04 -29.88 8.00
CA ARG E 269 6.23 -29.00 6.87
C ARG E 269 7.54 -29.35 6.20
N LEU E 270 7.47 -29.59 4.89
CA LEU E 270 8.67 -29.92 4.13
C LEU E 270 8.78 -28.83 3.07
N ARG E 271 9.20 -27.65 3.52
CA ARG E 271 9.23 -26.54 2.59
C ARG E 271 10.36 -26.75 1.59
N ASP E 272 10.06 -26.52 0.31
CA ASP E 272 11.04 -26.64 -0.76
C ASP E 272 10.74 -25.57 -1.79
N ASP E 273 11.48 -24.47 -1.73
CA ASP E 273 11.15 -23.31 -2.54
C ASP E 273 11.43 -23.59 -4.02
N THR E 274 12.20 -24.63 -4.31
CA THR E 274 12.55 -24.92 -5.69
C THR E 274 11.44 -25.66 -6.42
N MET E 275 10.53 -26.30 -5.67
CA MET E 275 9.37 -26.95 -6.26
C MET E 275 8.38 -25.87 -6.71
N PRO E 276 7.74 -26.04 -7.89
CA PRO E 276 6.72 -25.10 -8.36
C PRO E 276 5.29 -25.29 -7.82
N VAL E 277 4.96 -26.54 -7.47
CA VAL E 277 3.63 -26.89 -6.98
C VAL E 277 3.73 -27.26 -5.51
N ALA E 278 2.82 -26.72 -4.70
CA ALA E 278 2.69 -27.13 -3.32
C ALA E 278 1.74 -28.32 -3.25
N HIS E 279 2.07 -29.31 -2.42
CA HIS E 279 1.16 -30.40 -2.12
C HIS E 279 0.81 -30.35 -0.65
N ILE E 280 -0.49 -30.35 -0.34
CA ILE E 280 -0.93 -30.24 1.03
C ILE E 280 -1.97 -31.31 1.32
N ALA E 281 -1.82 -32.01 2.44
CA ALA E 281 -2.89 -32.88 2.88
C ALA E 281 -3.36 -32.39 4.24
N ILE E 282 -4.66 -32.49 4.51
CA ILE E 282 -5.22 -32.23 5.82
C ILE E 282 -6.14 -33.39 6.13
N ALA E 283 -6.05 -33.96 7.32
CA ALA E 283 -6.89 -35.10 7.63
C ALA E 283 -7.30 -34.99 9.09
N VAL E 284 -8.45 -35.58 9.40
CA VAL E 284 -8.82 -35.84 10.77
C VAL E 284 -8.87 -37.35 10.92
N GLU E 285 -8.95 -37.83 12.16
CA GLU E 285 -9.21 -39.24 12.36
C GLU E 285 -10.56 -39.59 11.75
N GLY E 286 -10.56 -40.60 10.85
CA GLY E 286 -11.72 -41.03 10.08
C GLY E 286 -12.36 -42.28 10.70
N VAL E 287 -12.89 -43.16 9.85
CA VAL E 287 -13.68 -44.29 10.34
C VAL E 287 -13.05 -45.60 9.89
N SER E 288 -13.24 -46.66 10.67
CA SER E 288 -12.75 -47.97 10.29
C SER E 288 -13.72 -48.65 9.32
N TRP E 289 -13.32 -49.79 8.73
CA TRP E 289 -14.14 -50.50 7.76
C TRP E 289 -15.50 -50.85 8.35
N THR E 290 -15.52 -51.16 9.66
CA THR E 290 -16.74 -51.70 10.23
C THR E 290 -17.45 -50.67 11.08
N SER E 291 -16.99 -49.42 11.03
CA SER E 291 -17.73 -48.36 11.72
C SER E 291 -19.19 -48.30 11.26
N GLU E 292 -20.05 -47.85 12.18
CA GLU E 292 -21.44 -47.57 11.88
C GLU E 292 -21.55 -46.35 10.97
N ASP E 293 -20.48 -45.56 10.92
CA ASP E 293 -20.53 -44.30 10.20
C ASP E 293 -19.80 -44.41 8.87
N TYR E 294 -19.45 -45.63 8.47
CA TYR E 294 -18.65 -45.83 7.28
C TYR E 294 -19.32 -45.20 6.07
N TYR E 295 -20.62 -45.43 5.88
CA TYR E 295 -21.28 -44.87 4.72
C TYR E 295 -21.54 -43.38 4.88
N THR E 296 -21.76 -42.94 6.12
CA THR E 296 -21.97 -41.54 6.39
C THR E 296 -20.72 -40.75 6.03
N ALA E 297 -19.55 -41.30 6.36
CA ALA E 297 -18.29 -40.68 6.01
C ALA E 297 -18.08 -40.63 4.49
N LEU E 298 -18.60 -41.62 3.74
CA LEU E 298 -18.44 -41.64 2.29
C LEU E 298 -19.31 -40.56 1.67
N VAL E 299 -20.53 -40.43 2.17
CA VAL E 299 -21.40 -39.39 1.67
C VAL E 299 -20.78 -38.03 1.98
N ALA E 300 -20.21 -37.84 3.17
CA ALA E 300 -19.62 -36.54 3.50
C ALA E 300 -18.50 -36.24 2.52
N GLN E 301 -17.68 -37.26 2.28
CA GLN E 301 -16.56 -37.09 1.38
C GLN E 301 -17.05 -36.69 -0.02
N ALA E 302 -18.18 -37.26 -0.46
CA ALA E 302 -18.72 -36.99 -1.79
C ALA E 302 -19.32 -35.59 -1.90
N ILE E 303 -19.73 -35.01 -0.78
CA ILE E 303 -20.21 -33.64 -0.82
C ILE E 303 -19.05 -32.70 -1.16
N ILE E 304 -17.84 -32.96 -0.70
CA ILE E 304 -16.75 -32.09 -1.07
C ILE E 304 -16.24 -32.49 -2.45
N GLY E 305 -15.95 -33.79 -2.59
CA GLY E 305 -15.62 -34.39 -3.87
C GLY E 305 -14.23 -34.02 -4.35
N ASN E 306 -14.02 -34.18 -5.67
CA ASN E 306 -12.72 -34.01 -6.28
C ASN E 306 -12.79 -32.87 -7.27
N TYR E 307 -11.62 -32.38 -7.69
CA TYR E 307 -11.57 -31.37 -8.72
C TYR E 307 -10.22 -31.48 -9.43
N ASP E 308 -10.18 -31.30 -10.76
CA ASP E 308 -8.90 -31.27 -11.46
C ASP E 308 -8.99 -30.32 -12.64
N ARG E 309 -8.14 -29.28 -12.70
CA ARG E 309 -8.32 -28.27 -13.74
C ARG E 309 -8.11 -28.86 -15.13
N ALA E 310 -7.43 -29.99 -15.20
CA ALA E 310 -7.13 -30.58 -16.50
C ALA E 310 -8.33 -31.37 -17.05
N VAL E 311 -9.30 -31.68 -16.20
CA VAL E 311 -10.46 -32.39 -16.71
C VAL E 311 -11.48 -31.35 -17.14
N GLY E 312 -12.11 -31.57 -18.30
CA GLY E 312 -13.02 -30.60 -18.89
C GLY E 312 -14.23 -30.25 -18.02
N THR E 313 -14.82 -31.30 -17.43
CA THR E 313 -16.09 -31.21 -16.76
C THR E 313 -15.96 -30.51 -15.40
N SER E 314 -14.73 -30.38 -14.88
CA SER E 314 -14.56 -30.06 -13.47
C SER E 314 -15.01 -28.64 -13.18
N ARG E 315 -14.97 -27.76 -14.18
CA ARG E 315 -15.38 -26.41 -13.87
C ARG E 315 -16.89 -26.32 -13.65
N HIS E 316 -17.60 -27.39 -13.99
CA HIS E 316 -19.05 -27.31 -13.93
C HIS E 316 -19.63 -28.03 -12.73
N GLN E 317 -18.78 -28.75 -11.97
CA GLN E 317 -19.22 -29.62 -10.90
C GLN E 317 -19.99 -28.85 -9.85
N GLY E 318 -20.91 -29.56 -9.17
CA GLY E 318 -21.86 -28.94 -8.27
C GLY E 318 -21.27 -28.57 -6.89
N SER E 319 -20.22 -29.29 -6.48
CA SER E 319 -19.52 -29.09 -5.22
C SER E 319 -19.17 -27.61 -5.01
N ARG E 320 -19.50 -27.10 -3.83
CA ARG E 320 -19.26 -25.70 -3.53
C ARG E 320 -17.76 -25.40 -3.57
N LEU E 321 -16.97 -26.29 -2.99
CA LEU E 321 -15.53 -26.04 -2.94
C LEU E 321 -14.98 -26.02 -4.36
N SER E 322 -15.48 -26.93 -5.20
CA SER E 322 -15.09 -26.97 -6.60
C SER E 322 -15.30 -25.61 -7.23
N ASN E 323 -16.48 -25.01 -7.00
CA ASN E 323 -16.79 -23.74 -7.60
C ASN E 323 -15.86 -22.65 -7.12
N ILE E 324 -15.60 -22.59 -5.80
CA ILE E 324 -14.73 -21.56 -5.23
C ILE E 324 -13.32 -21.67 -5.82
N VAL E 325 -12.81 -22.89 -5.83
CA VAL E 325 -11.47 -23.17 -6.28
C VAL E 325 -11.33 -22.86 -7.76
N SER E 326 -12.30 -23.29 -8.58
CA SER E 326 -12.15 -23.12 -10.01
C SER E 326 -12.27 -21.63 -10.40
N GLU E 327 -13.24 -20.91 -9.82
CA GLU E 327 -13.47 -19.52 -10.19
C GLU E 327 -12.27 -18.64 -9.83
N ASN E 328 -11.58 -19.03 -8.75
CA ASN E 328 -10.54 -18.19 -8.20
C ASN E 328 -9.14 -18.68 -8.57
N ASN E 329 -9.05 -19.75 -9.35
CA ASN E 329 -7.79 -20.42 -9.65
C ASN E 329 -6.98 -20.69 -8.38
N LEU E 330 -7.62 -21.25 -7.36
CA LEU E 330 -6.85 -21.46 -6.16
C LEU E 330 -6.06 -22.75 -6.22
N ALA E 331 -6.41 -23.70 -7.09
CA ALA E 331 -5.66 -24.94 -7.06
C ALA E 331 -5.61 -25.59 -8.42
N ASN E 332 -4.69 -26.54 -8.60
CA ASN E 332 -4.69 -27.36 -9.78
C ASN E 332 -5.65 -28.51 -9.57
N SER E 333 -5.72 -28.99 -8.33
CA SER E 333 -6.53 -30.15 -8.05
C SER E 333 -6.79 -30.28 -6.57
N PHE E 334 -7.86 -30.99 -6.26
CA PHE E 334 -8.02 -31.52 -4.93
C PHE E 334 -8.75 -32.84 -5.01
N GLN E 335 -8.49 -33.70 -4.03
CA GLN E 335 -9.01 -35.04 -3.97
C GLN E 335 -9.40 -35.28 -2.52
N SER E 336 -10.69 -35.48 -2.27
CA SER E 336 -11.14 -35.86 -0.95
C SER E 336 -10.84 -37.34 -0.76
N PHE E 337 -10.45 -37.75 0.44
CA PHE E 337 -10.24 -39.16 0.64
C PHE E 337 -10.85 -39.57 1.96
N SER E 338 -11.23 -40.84 2.03
CA SER E 338 -11.61 -41.42 3.30
C SER E 338 -11.01 -42.82 3.39
N THR E 339 -9.77 -42.87 3.86
CA THR E 339 -8.98 -44.09 4.04
C THR E 339 -9.36 -44.82 5.34
N SER E 340 -9.63 -46.13 5.25
CA SER E 340 -10.06 -46.89 6.41
C SER E 340 -9.04 -47.96 6.74
N TYR E 341 -8.91 -48.24 8.04
CA TYR E 341 -8.16 -49.40 8.50
C TYR E 341 -9.06 -50.22 9.40
N SER E 342 -8.51 -51.24 10.04
CA SER E 342 -9.33 -52.15 10.81
C SER E 342 -9.87 -51.45 12.05
N ASP E 343 -9.11 -50.50 12.60
CA ASP E 343 -9.52 -49.91 13.87
C ASP E 343 -9.51 -48.39 13.86
N THR E 344 -9.21 -47.77 12.71
CA THR E 344 -9.17 -46.32 12.60
C THR E 344 -9.29 -45.93 11.12
N GLY E 345 -9.13 -44.65 10.81
CA GLY E 345 -9.08 -44.18 9.44
C GLY E 345 -8.53 -42.78 9.37
N LEU E 346 -8.33 -42.27 8.16
CA LEU E 346 -8.02 -40.86 7.99
C LEU E 346 -9.00 -40.28 6.98
N TRP E 347 -9.63 -39.14 7.27
CA TRP E 347 -10.61 -38.54 6.38
C TRP E 347 -10.13 -37.14 6.10
N GLY E 348 -10.06 -36.74 4.83
CA GLY E 348 -9.42 -35.45 4.63
C GLY E 348 -9.34 -35.09 3.16
N ILE E 349 -8.38 -34.24 2.82
CA ILE E 349 -8.34 -33.77 1.46
C ILE E 349 -6.89 -33.58 1.08
N TYR E 350 -6.60 -33.81 -0.19
CA TYR E 350 -5.26 -33.61 -0.68
C TYR E 350 -5.32 -32.56 -1.78
N LEU E 351 -4.53 -31.49 -1.66
CA LEU E 351 -4.64 -30.32 -2.53
C LEU E 351 -3.34 -30.11 -3.28
N THR E 352 -3.43 -29.68 -4.54
CA THR E 352 -2.20 -29.25 -5.18
C THR E 352 -2.43 -27.89 -5.80
N SER E 353 -1.43 -27.02 -5.68
CA SER E 353 -1.60 -25.66 -6.14
C SER E 353 -0.27 -25.06 -6.58
N GLU E 354 -0.35 -24.25 -7.64
CA GLU E 354 0.75 -23.40 -8.07
C GLU E 354 0.54 -21.98 -7.58
N ASN E 355 -0.63 -21.69 -7.03
CA ASN E 355 -0.95 -20.34 -6.61
C ASN E 355 -0.32 -20.11 -5.24
N THR E 356 0.95 -19.72 -5.20
CA THR E 356 1.62 -19.85 -3.93
C THR E 356 1.34 -18.67 -3.01
N THR E 357 0.78 -17.59 -3.54
CA THR E 357 0.40 -16.49 -2.67
C THR E 357 -1.04 -16.61 -2.18
N GLN E 358 -1.76 -17.63 -2.63
CA GLN E 358 -3.13 -17.73 -2.15
C GLN E 358 -3.39 -19.08 -1.52
N ILE E 359 -2.33 -19.72 -1.03
CA ILE E 359 -2.50 -20.96 -0.31
C ILE E 359 -3.41 -20.75 0.90
N ASP E 360 -3.25 -19.59 1.56
CA ASP E 360 -4.07 -19.25 2.70
C ASP E 360 -5.55 -19.29 2.31
N ASP E 361 -5.91 -18.73 1.15
CA ASP E 361 -7.29 -18.74 0.69
C ASP E 361 -7.77 -20.16 0.39
N LEU E 362 -6.94 -20.91 -0.33
CA LEU E 362 -7.26 -22.29 -0.63
C LEU E 362 -7.58 -23.08 0.63
N VAL E 363 -6.70 -23.00 1.65
CA VAL E 363 -6.94 -23.74 2.86
C VAL E 363 -8.15 -23.17 3.61
N HIS E 364 -8.23 -21.85 3.68
CA HIS E 364 -9.36 -21.22 4.34
C HIS E 364 -10.66 -21.74 3.76
N PHE E 365 -10.82 -21.66 2.43
CA PHE E 365 -12.07 -22.04 1.80
C PHE E 365 -12.40 -23.52 1.99
N THR E 366 -11.37 -24.36 1.93
CA THR E 366 -11.55 -25.78 2.13
C THR E 366 -12.08 -26.04 3.53
N LEU E 367 -11.45 -25.47 4.55
CA LEU E 367 -11.94 -25.81 5.88
C LEU E 367 -13.34 -25.25 6.17
N LYS E 368 -13.68 -24.16 5.49
CA LYS E 368 -14.98 -23.57 5.76
C LYS E 368 -16.05 -24.44 5.10
N GLU E 369 -15.70 -25.14 4.00
CA GLU E 369 -16.64 -26.07 3.39
C GLU E 369 -16.85 -27.27 4.31
N TRP E 370 -15.80 -27.75 4.96
CA TRP E 370 -15.99 -28.77 5.97
C TRP E 370 -16.89 -28.28 7.10
N ASN E 371 -16.72 -27.03 7.55
CA ASN E 371 -17.54 -26.54 8.65
C ASN E 371 -19.00 -26.73 8.28
N ARG E 372 -19.36 -26.50 7.02
CA ARG E 372 -20.76 -26.51 6.62
C ARG E 372 -21.37 -27.92 6.65
N LEU E 373 -20.53 -28.96 6.71
CA LEU E 373 -21.10 -30.29 6.88
C LEU E 373 -21.70 -30.40 8.27
N SER E 374 -21.21 -29.58 9.22
CA SER E 374 -21.73 -29.56 10.59
C SER E 374 -22.87 -28.57 10.69
N THR E 375 -22.83 -27.46 9.95
CA THR E 375 -23.73 -26.38 10.28
C THR E 375 -24.89 -26.26 9.30
N SER E 376 -24.68 -26.63 8.04
CA SER E 376 -25.56 -26.14 6.98
C SER E 376 -26.14 -27.24 6.10
N VAL E 377 -25.58 -28.46 6.12
CA VAL E 377 -25.99 -29.37 5.07
C VAL E 377 -27.41 -29.82 5.28
N SER E 378 -28.10 -29.97 4.15
CA SER E 378 -29.49 -30.33 4.15
C SER E 378 -29.67 -31.47 3.17
N ASN E 379 -30.93 -31.81 2.94
CA ASN E 379 -31.28 -32.85 1.99
C ASN E 379 -30.80 -32.52 0.58
N LEU E 380 -30.56 -31.25 0.30
CA LEU E 380 -30.13 -30.88 -1.03
C LEU E 380 -28.77 -31.51 -1.37
N GLN E 381 -27.78 -31.35 -0.47
CA GLN E 381 -26.44 -31.82 -0.77
C GLN E 381 -26.40 -33.33 -0.55
N VAL E 382 -27.04 -33.79 0.53
CA VAL E 382 -26.99 -35.19 0.90
C VAL E 382 -27.58 -36.07 -0.20
N GLU E 383 -28.72 -35.66 -0.78
CA GLU E 383 -29.33 -36.51 -1.80
C GLU E 383 -28.51 -36.51 -3.07
N ARG E 384 -27.88 -35.38 -3.37
CA ARG E 384 -27.06 -35.28 -4.56
C ARG E 384 -25.87 -36.24 -4.45
N ALA E 385 -25.24 -36.27 -3.26
CA ALA E 385 -24.06 -37.07 -3.01
C ALA E 385 -24.40 -38.55 -2.98
N LYS E 386 -25.59 -38.88 -2.44
CA LYS E 386 -26.02 -40.27 -2.38
C LYS E 386 -26.20 -40.80 -3.79
N SER E 387 -26.82 -39.99 -4.66
CA SER E 387 -27.06 -40.40 -6.03
C SER E 387 -25.74 -40.70 -6.75
N GLN E 388 -24.75 -39.83 -6.57
CA GLN E 388 -23.43 -39.97 -7.15
C GLN E 388 -22.70 -41.21 -6.66
N LEU E 389 -23.01 -41.69 -5.44
CA LEU E 389 -22.27 -42.77 -4.82
C LEU E 389 -22.89 -44.12 -5.18
N LYS E 390 -24.22 -44.13 -5.25
CA LYS E 390 -24.97 -45.33 -5.57
C LYS E 390 -24.43 -45.91 -6.88
N ALA E 391 -24.08 -45.05 -7.82
CA ALA E 391 -23.49 -45.50 -9.08
C ALA E 391 -21.98 -45.70 -8.91
N GLY E 392 -21.32 -44.77 -8.21
CA GLY E 392 -19.87 -44.75 -8.10
C GLY E 392 -19.26 -46.05 -7.56
N LEU E 393 -19.95 -46.64 -6.58
CA LEU E 393 -19.49 -47.85 -5.90
C LEU E 393 -19.56 -49.07 -6.82
N LEU E 394 -20.41 -48.96 -7.85
CA LEU E 394 -20.62 -50.04 -8.80
C LEU E 394 -19.76 -49.82 -10.05
N LEU E 395 -19.53 -48.55 -10.42
CA LEU E 395 -18.82 -48.14 -11.63
C LEU E 395 -17.37 -48.57 -11.55
N SER E 396 -16.79 -48.39 -10.36
CA SER E 396 -15.40 -48.70 -10.07
C SER E 396 -15.01 -50.11 -10.51
N LEU E 397 -15.98 -51.05 -10.43
CA LEU E 397 -15.71 -52.44 -10.77
C LEU E 397 -15.95 -52.66 -12.27
N ASP E 398 -14.94 -52.36 -13.09
CA ASP E 398 -15.14 -52.43 -14.54
C ASP E 398 -14.20 -53.40 -15.26
N GLY E 399 -13.35 -54.16 -14.53
CA GLY E 399 -12.50 -55.18 -15.11
C GLY E 399 -12.21 -56.29 -14.10
N THR E 400 -11.63 -57.42 -14.53
CA THR E 400 -11.49 -58.57 -13.65
C THR E 400 -10.55 -58.29 -12.48
N THR E 401 -9.55 -57.43 -12.71
CA THR E 401 -8.63 -57.14 -11.63
C THR E 401 -9.34 -56.25 -10.61
N TYR E 402 -10.21 -55.35 -11.06
CA TYR E 402 -10.96 -54.50 -10.14
C TYR E 402 -11.95 -55.33 -9.35
N VAL E 403 -12.59 -56.30 -10.03
CA VAL E 403 -13.53 -57.18 -9.38
C VAL E 403 -12.80 -58.02 -8.33
N ALA E 404 -11.64 -58.55 -8.69
CA ALA E 404 -10.88 -59.39 -7.77
C ALA E 404 -10.43 -58.57 -6.58
N GLU E 405 -10.05 -57.31 -6.86
CA GLU E 405 -9.56 -56.47 -5.78
C GLU E 405 -10.72 -56.14 -4.86
N ASP E 406 -11.93 -56.06 -5.42
CA ASP E 406 -13.10 -55.76 -4.61
C ASP E 406 -13.45 -56.97 -3.73
N ILE E 407 -13.41 -58.15 -4.32
CA ILE E 407 -13.74 -59.33 -3.55
C ILE E 407 -12.71 -59.49 -2.45
N GLY E 408 -11.44 -59.36 -2.81
CA GLY E 408 -10.35 -59.58 -1.88
C GLY E 408 -10.36 -58.59 -0.73
N ARG E 409 -10.61 -57.31 -1.04
CA ARG E 409 -10.59 -56.27 -0.04
C ARG E 409 -11.74 -56.51 0.92
N GLN E 410 -12.96 -56.69 0.39
CA GLN E 410 -14.11 -56.89 1.25
C GLN E 410 -13.97 -58.14 2.12
N LEU E 411 -13.37 -59.21 1.60
CA LEU E 411 -13.32 -60.45 2.35
C LEU E 411 -12.30 -60.33 3.46
N THR E 412 -11.25 -59.51 3.24
CA THR E 412 -10.20 -59.40 4.24
C THR E 412 -10.45 -58.27 5.24
N THR E 413 -11.49 -57.45 5.04
CA THR E 413 -11.78 -56.32 5.92
C THR E 413 -13.11 -56.48 6.62
N LEU E 414 -14.09 -57.12 5.96
CA LEU E 414 -15.41 -57.29 6.54
C LEU E 414 -15.74 -58.75 6.80
N GLY E 415 -14.98 -59.65 6.18
CA GLY E 415 -15.21 -61.08 6.32
C GLY E 415 -16.27 -61.62 5.37
N ARG E 416 -16.87 -60.73 4.55
CA ARG E 416 -17.88 -61.13 3.58
C ARG E 416 -17.92 -60.11 2.45
N ARG E 417 -18.47 -60.54 1.32
CA ARG E 417 -18.72 -59.64 0.21
C ARG E 417 -20.09 -59.04 0.43
N VAL E 418 -20.15 -57.71 0.40
CA VAL E 418 -21.43 -57.05 0.57
C VAL E 418 -22.09 -56.90 -0.80
N THR E 419 -23.30 -57.44 -0.93
CA THR E 419 -24.09 -57.44 -2.17
C THR E 419 -24.48 -56.00 -2.54
N PRO E 420 -24.67 -55.66 -3.84
CA PRO E 420 -25.09 -54.30 -4.20
C PRO E 420 -26.40 -53.83 -3.59
N ALA E 421 -27.30 -54.78 -3.30
CA ALA E 421 -28.57 -54.48 -2.67
C ALA E 421 -28.37 -54.00 -1.24
N GLU E 422 -27.42 -54.61 -0.51
CA GLU E 422 -27.15 -54.22 0.87
C GLU E 422 -26.48 -52.86 0.86
N VAL E 423 -25.58 -52.64 -0.10
CA VAL E 423 -24.88 -51.38 -0.16
C VAL E 423 -25.86 -50.26 -0.50
N GLU E 424 -26.86 -50.60 -1.33
CA GLU E 424 -27.84 -49.60 -1.75
C GLU E 424 -28.70 -49.21 -0.55
N ALA E 425 -28.98 -50.19 0.33
CA ALA E 425 -29.80 -49.97 1.53
C ALA E 425 -29.05 -49.16 2.57
N LYS E 426 -27.74 -49.44 2.74
CA LYS E 426 -26.89 -48.72 3.69
C LYS E 426 -26.76 -47.25 3.28
N LEU E 427 -26.59 -47.00 1.97
CA LEU E 427 -26.51 -45.64 1.46
C LEU E 427 -27.84 -44.91 1.64
N GLU E 428 -28.95 -45.62 1.38
CA GLU E 428 -30.27 -45.00 1.49
C GLU E 428 -30.57 -44.59 2.92
N ALA E 429 -29.98 -45.30 3.87
CA ALA E 429 -30.23 -45.01 5.27
C ALA E 429 -29.49 -43.75 5.74
N VAL E 430 -28.55 -43.22 4.94
CA VAL E 430 -27.81 -42.04 5.35
C VAL E 430 -28.70 -40.80 5.14
N THR E 431 -29.01 -40.06 6.20
CA THR E 431 -29.82 -38.87 6.07
C THR E 431 -28.96 -37.63 6.26
N GLU E 432 -29.54 -36.45 6.05
CA GLU E 432 -28.83 -35.21 6.34
C GLU E 432 -28.55 -35.12 7.85
N HIS E 433 -29.46 -35.66 8.65
CA HIS E 433 -29.26 -35.58 10.07
C HIS E 433 -28.00 -36.38 10.47
N ASP E 434 -27.83 -37.54 9.83
CA ASP E 434 -26.71 -38.42 10.10
C ASP E 434 -25.40 -37.74 9.73
N VAL E 435 -25.38 -37.07 8.57
CA VAL E 435 -24.17 -36.40 8.13
C VAL E 435 -23.84 -35.28 9.10
N ARG E 436 -24.83 -34.46 9.49
CA ARG E 436 -24.55 -33.39 10.43
C ARG E 436 -24.04 -33.96 11.73
N ALA E 437 -24.69 -35.02 12.23
CA ALA E 437 -24.28 -35.56 13.52
C ALA E 437 -22.84 -36.07 13.45
N TRP E 438 -22.50 -36.72 12.33
CA TRP E 438 -21.18 -37.28 12.16
C TRP E 438 -20.16 -36.17 12.10
N ALA E 439 -20.46 -35.12 11.32
CA ALA E 439 -19.47 -34.08 11.13
C ALA E 439 -19.20 -33.34 12.43
N GLN E 440 -20.25 -33.21 13.26
CA GLN E 440 -20.13 -32.46 14.49
C GLN E 440 -19.29 -33.22 15.51
N LYS E 441 -19.21 -34.55 15.38
CA LYS E 441 -18.39 -35.31 16.30
C LYS E 441 -17.02 -35.63 15.73
N THR E 442 -16.84 -35.52 14.40
CA THR E 442 -15.63 -35.98 13.76
C THR E 442 -14.77 -34.82 13.28
N LEU E 443 -15.44 -33.76 12.80
CA LEU E 443 -14.73 -32.70 12.12
C LEU E 443 -14.75 -31.43 12.93
N TYR E 444 -15.90 -31.12 13.51
CA TYR E 444 -16.09 -29.78 14.02
C TYR E 444 -15.13 -29.53 15.17
N ASP E 445 -14.29 -28.51 15.07
CA ASP E 445 -13.41 -28.12 16.17
C ASP E 445 -12.50 -29.28 16.57
N LYS E 446 -11.98 -30.03 15.61
CA LYS E 446 -11.17 -31.19 15.97
C LYS E 446 -9.75 -30.95 15.52
N ASP E 447 -8.81 -31.72 16.07
CA ASP E 447 -7.41 -31.58 15.70
C ASP E 447 -7.20 -32.18 14.32
N ILE E 448 -6.28 -31.58 13.56
CA ILE E 448 -6.04 -32.07 12.23
C ILE E 448 -4.60 -32.54 12.15
N ALA E 449 -4.32 -33.40 11.18
CA ALA E 449 -2.95 -33.67 10.84
C ALA E 449 -2.73 -32.99 9.51
N LEU E 450 -1.62 -32.28 9.38
CA LEU E 450 -1.44 -31.39 8.26
C LEU E 450 -0.05 -31.62 7.72
N VAL E 451 0.07 -31.89 6.42
CA VAL E 451 1.39 -32.04 5.85
C VAL E 451 1.48 -31.12 4.65
N GLY E 452 2.57 -30.37 4.57
CA GLY E 452 2.74 -29.51 3.42
C GLY E 452 4.11 -29.74 2.80
N LEU E 453 4.15 -29.73 1.49
CA LEU E 453 5.39 -30.03 0.81
C LEU E 453 5.53 -29.07 -0.36
N GLY E 454 6.69 -28.43 -0.47
CA GLY E 454 6.96 -27.55 -1.59
C GLY E 454 6.97 -26.08 -1.18
N PRO E 455 6.55 -25.15 -2.06
CA PRO E 455 6.58 -23.74 -1.72
C PRO E 455 5.40 -23.36 -0.83
N ILE E 456 5.51 -23.65 0.47
CA ILE E 456 4.37 -23.56 1.38
C ILE E 456 4.56 -22.42 2.37
N GLU E 457 5.40 -21.45 2.00
CA GLU E 457 5.67 -20.30 2.85
C GLU E 457 4.36 -19.67 3.32
N GLY E 458 3.38 -19.60 2.42
CA GLY E 458 2.12 -18.92 2.72
C GLY E 458 1.11 -19.82 3.43
N LEU E 459 1.51 -21.04 3.78
CA LEU E 459 0.59 -21.82 4.59
C LEU E 459 0.77 -21.33 6.01
N TYR E 460 -0.28 -20.86 6.69
CA TYR E 460 -0.10 -20.33 8.04
C TYR E 460 0.27 -21.43 9.02
N ASP E 461 0.63 -21.03 10.23
CA ASP E 461 0.98 -21.90 11.35
C ASP E 461 -0.21 -22.77 11.77
N TYR E 462 0.08 -23.79 12.59
CA TYR E 462 -0.91 -24.78 12.98
C TYR E 462 -2.18 -24.12 13.55
N ASN E 463 -2.02 -23.18 14.49
CA ASN E 463 -3.19 -22.58 15.13
C ASN E 463 -4.17 -21.96 14.12
N ARG E 464 -3.67 -21.13 13.22
CA ARG E 464 -4.60 -20.49 12.31
C ARG E 464 -5.28 -21.52 11.40
N ILE E 465 -4.60 -22.63 11.07
CA ILE E 465 -5.27 -23.64 10.25
C ILE E 465 -6.32 -24.30 11.11
N ARG E 466 -5.93 -24.72 12.30
CA ARG E 466 -6.87 -25.42 13.15
C ARG E 466 -8.04 -24.53 13.58
N ASN E 467 -7.84 -23.22 13.64
CA ASN E 467 -8.96 -22.36 13.99
C ASN E 467 -10.04 -22.35 12.92
N ASP E 468 -9.70 -22.70 11.68
CA ASP E 468 -10.71 -22.79 10.65
C ASP E 468 -11.60 -24.03 10.78
N MET E 469 -11.32 -24.90 11.75
CA MET E 469 -12.15 -26.07 11.97
C MET E 469 -13.44 -25.73 12.72
N SER E 470 -13.67 -24.46 13.04
CA SER E 470 -14.97 -24.10 13.63
C SER E 470 -15.40 -22.74 13.08
N MET E 471 -16.66 -22.36 13.28
CA MET E 471 -17.14 -21.09 12.80
C MET E 471 -17.62 -20.31 14.00
N MET E 472 -17.11 -19.10 14.22
CA MET E 472 -17.54 -18.28 15.34
C MET E 472 -19.00 -17.83 15.16
N ARG E 473 -19.48 -17.81 13.90
CA ARG E 473 -20.81 -17.32 13.60
C ARG E 473 -21.88 -18.36 13.94
N TRP E 474 -21.45 -19.60 14.22
CA TRP E 474 -22.39 -20.65 14.60
C TRP E 474 -22.16 -21.00 16.06
N PHE F 15 -20.74 -58.76 -29.84
CA PHE F 15 -21.34 -57.47 -30.31
C PHE F 15 -22.16 -57.67 -31.59
N SER F 16 -23.48 -57.75 -31.43
CA SER F 16 -24.40 -57.85 -32.55
C SER F 16 -24.47 -56.53 -33.31
N THR F 17 -23.79 -56.52 -34.47
CA THR F 17 -23.83 -55.43 -35.44
C THR F 17 -25.24 -55.34 -36.04
N ALA F 18 -25.83 -54.13 -36.01
CA ALA F 18 -27.02 -53.80 -36.78
C ALA F 18 -26.98 -52.36 -37.29
N GLU F 19 -28.12 -51.92 -37.82
CA GLU F 19 -28.27 -50.59 -38.39
C GLU F 19 -29.59 -49.99 -37.92
N ALA F 20 -29.51 -48.74 -37.47
CA ALA F 20 -30.70 -48.03 -37.02
C ALA F 20 -30.65 -46.64 -37.62
N ALA F 21 -31.59 -46.36 -38.52
CA ALA F 21 -31.74 -45.07 -39.18
C ALA F 21 -30.42 -44.60 -39.77
N GLY F 22 -29.71 -45.54 -40.41
CA GLY F 22 -28.51 -45.21 -41.19
C GLY F 22 -27.24 -45.18 -40.34
N VAL F 23 -27.41 -45.43 -39.05
CA VAL F 23 -26.29 -45.42 -38.11
C VAL F 23 -26.04 -46.88 -37.73
N LYS F 24 -24.77 -47.29 -37.82
CA LYS F 24 -24.32 -48.61 -37.38
C LYS F 24 -24.22 -48.68 -35.86
N VAL F 25 -24.94 -49.66 -35.28
CA VAL F 25 -25.05 -49.84 -33.84
C VAL F 25 -24.60 -51.26 -33.49
N ALA F 26 -23.65 -51.38 -32.57
CA ALA F 26 -23.17 -52.68 -32.11
C ALA F 26 -23.28 -52.76 -30.59
N ALA F 27 -23.95 -53.80 -30.09
CA ALA F 27 -24.19 -53.92 -28.67
C ALA F 27 -24.07 -55.37 -28.24
N GLN F 28 -23.68 -55.54 -26.98
CA GLN F 28 -23.48 -56.83 -26.36
C GLN F 28 -24.13 -56.71 -24.98
N ASP F 29 -25.20 -57.47 -24.77
CA ASP F 29 -25.82 -57.52 -23.45
C ASP F 29 -24.96 -58.33 -22.49
N GLY F 30 -24.99 -57.96 -21.20
CA GLY F 30 -24.15 -58.57 -20.19
C GLY F 30 -24.90 -58.65 -18.87
N GLN F 31 -24.16 -59.07 -17.83
CA GLN F 31 -24.75 -59.19 -16.50
C GLN F 31 -23.98 -58.30 -15.54
N SER F 32 -24.26 -57.01 -15.61
CA SER F 32 -23.62 -56.01 -14.76
C SER F 32 -24.60 -54.86 -14.62
N PRO F 33 -24.54 -54.06 -13.54
CA PRO F 33 -25.31 -52.82 -13.47
C PRO F 33 -24.71 -51.64 -14.25
N ILE F 34 -23.59 -51.84 -14.95
CA ILE F 34 -22.85 -50.73 -15.57
C ILE F 34 -22.84 -50.84 -17.09
N SER F 35 -23.34 -49.81 -17.77
CA SER F 35 -23.35 -49.80 -19.23
C SER F 35 -22.36 -48.77 -19.74
N ASP F 36 -21.65 -49.11 -20.83
CA ASP F 36 -20.77 -48.17 -21.48
C ASP F 36 -21.30 -47.91 -22.88
N LEU F 37 -21.66 -46.67 -23.16
CA LEU F 37 -22.08 -46.31 -24.49
C LEU F 37 -21.01 -45.43 -25.11
N SER F 38 -20.51 -45.83 -26.29
CA SER F 38 -19.44 -45.10 -26.94
C SER F 38 -19.81 -44.73 -28.37
N VAL F 39 -19.69 -43.45 -28.69
CA VAL F 39 -19.83 -43.05 -30.08
C VAL F 39 -18.43 -43.03 -30.70
N VAL F 40 -18.22 -43.83 -31.74
CA VAL F 40 -16.94 -43.82 -32.42
C VAL F 40 -17.09 -43.02 -33.71
N LEU F 41 -16.25 -41.99 -33.87
CA LEU F 41 -16.35 -41.15 -35.05
C LEU F 41 -15.13 -41.36 -35.94
N ARG F 42 -15.37 -41.44 -37.25
CA ARG F 42 -14.28 -41.47 -38.21
C ARG F 42 -13.74 -40.05 -38.32
N GLY F 43 -12.94 -39.64 -37.36
CA GLY F 43 -12.53 -38.25 -37.33
C GLY F 43 -11.17 -38.10 -36.68
N GLY F 44 -10.40 -39.19 -36.66
CA GLY F 44 -9.08 -39.12 -36.04
C GLY F 44 -8.14 -38.23 -36.83
N SER F 45 -6.89 -38.18 -36.39
CA SER F 45 -5.96 -37.20 -36.92
C SER F 45 -5.57 -37.44 -38.38
N ARG F 46 -5.78 -38.65 -38.88
CA ARG F 46 -5.33 -38.90 -40.25
C ARG F 46 -6.31 -38.22 -41.22
N TYR F 47 -7.48 -37.84 -40.69
CA TYR F 47 -8.49 -37.22 -41.52
C TYR F 47 -8.48 -35.72 -41.31
N ALA F 48 -7.70 -35.26 -40.34
CA ALA F 48 -7.71 -33.87 -39.92
C ALA F 48 -7.38 -32.95 -41.11
N THR F 49 -8.31 -32.04 -41.35
CA THR F 49 -8.16 -31.02 -42.39
C THR F 49 -6.97 -30.11 -42.05
N VAL F 50 -6.96 -29.60 -40.80
CA VAL F 50 -5.90 -28.75 -40.30
C VAL F 50 -5.29 -29.46 -39.10
N PRO F 51 -3.98 -29.28 -38.82
CA PRO F 51 -3.33 -29.98 -37.71
C PRO F 51 -3.95 -29.67 -36.34
N GLY F 52 -4.40 -30.73 -35.69
CA GLY F 52 -4.85 -30.68 -34.30
C GLY F 52 -6.37 -30.59 -34.22
N VAL F 53 -7.06 -30.55 -35.36
CA VAL F 53 -8.48 -30.28 -35.32
C VAL F 53 -9.26 -31.45 -34.71
N SER F 54 -8.73 -32.65 -34.83
CA SER F 54 -9.46 -33.80 -34.32
C SER F 54 -9.38 -33.82 -32.79
N HIS F 55 -8.24 -33.38 -32.22
CA HIS F 55 -8.08 -33.23 -30.78
C HIS F 55 -9.04 -32.18 -30.24
N ILE F 56 -9.15 -31.05 -30.96
CA ILE F 56 -10.02 -29.96 -30.59
C ILE F 56 -11.48 -30.39 -30.64
N LEU F 57 -11.86 -31.11 -31.70
CA LEU F 57 -13.24 -31.54 -31.81
C LEU F 57 -13.61 -32.50 -30.68
N GLU F 58 -12.66 -33.34 -30.29
CA GLU F 58 -12.89 -34.27 -29.19
C GLU F 58 -13.13 -33.47 -27.92
N LYS F 59 -12.31 -32.45 -27.67
CA LYS F 59 -12.45 -31.62 -26.48
C LYS F 59 -13.66 -30.71 -26.54
N PHE F 60 -14.26 -30.52 -27.73
CA PHE F 60 -15.46 -29.71 -27.85
C PHE F 60 -16.71 -30.55 -27.64
N ALA F 61 -16.57 -31.84 -27.33
CA ALA F 61 -17.74 -32.67 -27.11
C ALA F 61 -18.30 -32.34 -25.73
N PHE F 62 -19.63 -32.28 -25.65
CA PHE F 62 -20.36 -31.97 -24.42
C PHE F 62 -20.06 -30.55 -23.96
N GLN F 63 -19.82 -29.66 -24.94
CA GLN F 63 -19.88 -28.22 -24.67
C GLN F 63 -21.33 -27.78 -24.79
N ASN F 64 -21.58 -26.48 -25.02
CA ASN F 64 -22.95 -26.03 -25.05
C ASN F 64 -23.61 -26.58 -26.30
N THR F 65 -24.74 -27.25 -26.11
CA THR F 65 -25.58 -27.54 -27.27
C THR F 65 -26.76 -26.58 -27.21
N VAL F 66 -27.58 -26.58 -28.26
CA VAL F 66 -28.75 -25.74 -28.32
C VAL F 66 -29.79 -26.20 -27.29
N PRO F 67 -30.13 -27.50 -27.17
CA PRO F 67 -31.02 -27.97 -26.11
C PRO F 67 -30.54 -27.91 -24.67
N LYS F 68 -29.23 -28.04 -24.45
CA LYS F 68 -28.72 -28.23 -23.09
C LYS F 68 -27.31 -27.66 -22.99
N SER F 69 -27.09 -26.80 -21.98
CA SER F 69 -25.79 -26.20 -21.73
C SER F 69 -24.79 -27.23 -21.20
N ALA F 70 -23.49 -26.96 -21.40
CA ALA F 70 -22.45 -27.81 -20.85
C ALA F 70 -22.64 -27.98 -19.34
N LEU F 71 -22.96 -26.87 -18.68
CA LEU F 71 -23.14 -26.86 -17.24
C LEU F 71 -24.32 -27.75 -16.88
N ARG F 72 -25.43 -27.59 -17.59
CA ARG F 72 -26.57 -28.39 -17.19
C ARG F 72 -26.30 -29.89 -17.41
N PHE F 73 -25.58 -30.21 -18.46
CA PHE F 73 -25.28 -31.61 -18.72
C PHE F 73 -24.44 -32.18 -17.59
N VAL F 74 -23.37 -31.48 -17.21
CA VAL F 74 -22.49 -31.99 -16.17
C VAL F 74 -23.26 -32.15 -14.86
N ARG F 75 -24.15 -31.21 -14.50
CA ARG F 75 -24.85 -31.31 -13.23
C ARG F 75 -25.83 -32.48 -13.25
N GLU F 76 -26.36 -32.79 -14.43
CA GLU F 76 -27.32 -33.89 -14.49
C GLU F 76 -26.59 -35.22 -14.54
N LEU F 77 -25.42 -35.24 -15.18
CA LEU F 77 -24.63 -36.47 -15.25
C LEU F 77 -24.15 -36.86 -13.86
N GLU F 78 -23.96 -35.87 -12.97
CA GLU F 78 -23.58 -36.13 -11.58
C GLU F 78 -24.76 -36.69 -10.79
N LEU F 79 -25.99 -36.38 -11.21
CA LEU F 79 -27.18 -36.95 -10.58
C LEU F 79 -27.38 -38.42 -10.95
N PHE F 80 -26.83 -38.82 -12.10
CA PHE F 80 -26.91 -40.20 -12.53
C PHE F 80 -25.66 -40.95 -12.10
N GLY F 81 -24.69 -40.19 -11.59
CA GLY F 81 -23.36 -40.71 -11.30
C GLY F 81 -22.64 -41.29 -12.51
N GLY F 82 -23.04 -40.87 -13.72
CA GLY F 82 -22.31 -41.24 -14.92
C GLY F 82 -20.92 -40.60 -15.01
N LYS F 83 -20.07 -41.16 -15.86
CA LYS F 83 -18.76 -40.60 -16.11
C LYS F 83 -18.60 -40.42 -17.62
N LEU F 84 -17.74 -39.49 -18.00
CA LEU F 84 -17.53 -39.19 -19.39
C LEU F 84 -16.04 -39.38 -19.72
N TYR F 85 -15.74 -40.08 -20.81
CA TYR F 85 -14.35 -40.26 -21.20
C TYR F 85 -14.27 -39.96 -22.69
N THR F 86 -13.29 -39.17 -23.10
CA THR F 86 -13.14 -38.91 -24.52
C THR F 86 -11.67 -39.10 -24.90
N HIS F 87 -11.40 -39.61 -26.10
CA HIS F 87 -10.02 -39.57 -26.57
C HIS F 87 -9.97 -39.51 -28.09
N THR F 88 -8.83 -39.08 -28.63
CA THR F 88 -8.59 -39.00 -30.05
C THR F 88 -7.46 -39.96 -30.36
N THR F 89 -7.62 -40.70 -31.47
CA THR F 89 -6.53 -41.50 -32.01
C THR F 89 -6.17 -40.99 -33.39
N ARG F 90 -5.38 -41.79 -34.12
CA ARG F 90 -5.03 -41.41 -35.47
C ARG F 90 -6.20 -41.71 -36.38
N GLU F 91 -7.09 -42.60 -35.92
CA GLU F 91 -8.15 -43.12 -36.74
C GLU F 91 -9.51 -42.61 -36.27
N HIS F 92 -9.70 -42.48 -34.96
CA HIS F 92 -11.04 -42.18 -34.47
C HIS F 92 -11.02 -41.08 -33.42
N ILE F 93 -12.19 -40.51 -33.18
CA ILE F 93 -12.49 -39.83 -31.93
C ILE F 93 -13.46 -40.74 -31.23
N VAL F 94 -13.23 -40.99 -29.95
CA VAL F 94 -14.10 -41.86 -29.17
C VAL F 94 -14.68 -41.06 -28.00
N LEU F 95 -15.99 -41.13 -27.84
CA LEU F 95 -16.66 -40.43 -26.76
C LEU F 95 -17.40 -41.51 -26.00
N ARG F 96 -17.01 -41.76 -24.75
CA ARG F 96 -17.58 -42.87 -24.02
C ARG F 96 -18.30 -42.35 -22.78
N THR F 97 -19.44 -42.95 -22.48
CA THR F 97 -20.07 -42.63 -21.21
C THR F 97 -20.30 -43.92 -20.45
N GLN F 98 -20.14 -43.83 -19.14
CA GLN F 98 -20.34 -45.00 -18.31
C GLN F 98 -21.44 -44.65 -17.33
N PHE F 99 -22.48 -45.46 -17.22
CA PHE F 99 -23.61 -45.10 -16.37
C PHE F 99 -24.30 -46.39 -15.90
N LEU F 100 -25.40 -46.25 -15.15
CA LEU F 100 -26.16 -47.41 -14.75
C LEU F 100 -27.10 -47.80 -15.88
N LYS F 101 -27.39 -49.11 -15.98
CA LYS F 101 -28.06 -49.70 -17.14
C LYS F 101 -29.32 -48.93 -17.46
N GLN F 102 -30.12 -48.67 -16.44
CA GLN F 102 -31.44 -48.08 -16.58
C GLN F 102 -31.41 -46.68 -17.21
N ASP F 103 -30.30 -45.95 -17.10
CA ASP F 103 -30.25 -44.56 -17.55
C ASP F 103 -29.88 -44.42 -19.03
N LEU F 104 -30.01 -45.51 -19.79
CA LEU F 104 -29.55 -45.53 -21.17
C LEU F 104 -30.20 -44.42 -22.01
N PRO F 105 -31.54 -44.21 -21.98
CA PRO F 105 -32.16 -43.20 -22.84
C PRO F 105 -31.58 -41.78 -22.73
N TYR F 106 -31.21 -41.38 -21.51
CA TYR F 106 -30.59 -40.08 -21.27
C TYR F 106 -29.28 -39.95 -22.06
N PHE F 107 -28.44 -40.98 -22.00
CA PHE F 107 -27.14 -40.91 -22.64
C PHE F 107 -27.25 -40.95 -24.15
N VAL F 108 -28.23 -41.68 -24.67
CA VAL F 108 -28.42 -41.73 -26.11
C VAL F 108 -28.78 -40.33 -26.58
N ASP F 109 -29.71 -39.69 -25.86
CA ASP F 109 -30.19 -38.37 -26.25
C ASP F 109 -29.09 -37.32 -26.14
N ALA F 110 -28.18 -37.50 -25.20
CA ALA F 110 -27.11 -36.53 -25.01
C ALA F 110 -26.13 -36.58 -26.18
N PHE F 111 -25.81 -37.81 -26.63
CA PHE F 111 -24.97 -37.98 -27.79
C PHE F 111 -25.65 -37.40 -29.02
N ALA F 112 -26.97 -37.62 -29.15
CA ALA F 112 -27.70 -37.02 -30.25
C ALA F 112 -27.57 -35.49 -30.24
N ASN F 113 -27.66 -34.85 -29.07
CA ASN F 113 -27.58 -33.40 -29.00
C ASN F 113 -26.19 -32.92 -29.42
N VAL F 114 -25.17 -33.71 -29.08
CA VAL F 114 -23.80 -33.30 -29.34
C VAL F 114 -23.55 -33.31 -30.85
N LEU F 115 -24.13 -34.29 -31.54
CA LEU F 115 -23.78 -34.50 -32.94
C LEU F 115 -24.63 -33.59 -33.82
N LYS F 116 -25.85 -33.28 -33.37
CA LYS F 116 -26.79 -32.47 -34.12
C LYS F 116 -26.68 -30.96 -33.84
N GLU F 117 -26.38 -30.58 -32.58
CA GLU F 117 -26.73 -29.23 -32.12
C GLU F 117 -25.63 -28.56 -31.29
N THR F 118 -24.37 -28.93 -31.49
CA THR F 118 -23.29 -28.27 -30.76
C THR F 118 -23.15 -26.83 -31.27
N LYS F 119 -23.30 -25.84 -30.38
CA LYS F 119 -23.03 -24.45 -30.70
C LYS F 119 -21.53 -24.25 -30.57
N PHE F 120 -20.80 -24.11 -31.67
CA PHE F 120 -19.36 -24.00 -31.48
C PHE F 120 -19.09 -22.51 -31.28
N GLN F 121 -18.96 -22.09 -30.02
CA GLN F 121 -18.89 -20.67 -29.74
C GLN F 121 -17.44 -20.30 -29.50
N GLN F 122 -17.06 -19.11 -29.97
CA GLN F 122 -15.65 -18.78 -29.97
C GLN F 122 -15.12 -18.67 -28.53
N PHE F 123 -15.96 -18.24 -27.60
CA PHE F 123 -15.48 -18.13 -26.24
C PHE F 123 -15.15 -19.51 -25.64
N GLU F 124 -15.92 -20.55 -26.03
CA GLU F 124 -15.66 -21.90 -25.54
C GLU F 124 -14.30 -22.35 -26.05
N LEU F 125 -13.99 -22.00 -27.29
CA LEU F 125 -12.71 -22.40 -27.82
C LEU F 125 -11.58 -21.70 -27.07
N THR F 126 -11.69 -20.39 -26.85
CA THR F 126 -10.61 -19.65 -26.24
C THR F 126 -10.45 -19.98 -24.75
N GLU F 127 -11.56 -20.11 -24.04
CA GLU F 127 -11.47 -20.16 -22.59
C GLU F 127 -11.55 -21.60 -22.07
N ARG F 128 -12.22 -22.50 -22.79
CA ARG F 128 -12.52 -23.80 -22.25
C ARG F 128 -11.74 -24.90 -22.97
N VAL F 129 -12.00 -25.00 -24.27
CA VAL F 129 -11.54 -26.13 -25.05
C VAL F 129 -10.04 -26.06 -25.28
N ALA F 130 -9.54 -24.95 -25.86
CA ALA F 130 -8.12 -24.88 -26.18
C ALA F 130 -7.22 -25.06 -24.95
N PRO F 131 -7.47 -24.37 -23.81
CA PRO F 131 -6.63 -24.55 -22.60
C PRO F 131 -6.56 -25.98 -22.08
N VAL F 132 -7.68 -26.69 -22.16
CA VAL F 132 -7.75 -28.07 -21.70
C VAL F 132 -6.99 -28.96 -22.68
N ALA F 133 -7.14 -28.71 -23.98
CA ALA F 133 -6.38 -29.48 -24.96
C ALA F 133 -4.88 -29.28 -24.74
N GLU F 134 -4.48 -28.09 -24.27
CA GLU F 134 -3.07 -27.82 -24.08
C GLU F 134 -2.53 -28.54 -22.84
N LEU F 135 -3.34 -28.62 -21.78
CA LEU F 135 -2.97 -29.33 -20.58
C LEU F 135 -2.88 -30.84 -20.81
N ASP F 136 -3.79 -31.34 -21.67
CA ASP F 136 -3.83 -32.75 -22.05
C ASP F 136 -2.48 -33.12 -22.67
N LEU F 137 -2.02 -32.28 -23.59
CA LEU F 137 -0.80 -32.57 -24.32
C LEU F 137 0.40 -32.51 -23.39
N LEU F 138 0.47 -31.47 -22.54
CA LEU F 138 1.61 -31.30 -21.66
C LEU F 138 1.74 -32.46 -20.69
N LYS F 139 0.60 -33.04 -20.30
CA LYS F 139 0.63 -34.17 -19.40
C LYS F 139 1.19 -35.40 -20.10
N ARG F 140 0.87 -35.57 -21.38
CA ARG F 140 1.34 -36.74 -22.11
C ARG F 140 2.82 -36.67 -22.40
N GLU F 141 3.28 -35.44 -22.68
CA GLU F 141 4.65 -35.20 -23.07
C GLU F 141 5.58 -35.29 -21.88
N SER F 142 5.02 -35.34 -20.66
CA SER F 142 5.85 -35.53 -19.49
C SER F 142 6.66 -36.82 -19.62
N ASP F 143 6.06 -37.82 -20.30
CA ASP F 143 6.72 -39.06 -20.67
C ASP F 143 7.50 -38.89 -21.97
N PRO F 144 8.85 -38.93 -21.97
CA PRO F 144 9.64 -38.75 -23.20
C PRO F 144 9.41 -39.84 -24.23
N ALA F 145 8.92 -41.00 -23.79
CA ALA F 145 8.70 -42.10 -24.71
C ALA F 145 7.49 -41.81 -25.60
N PHE F 146 6.52 -41.06 -25.08
CA PHE F 146 5.33 -40.67 -25.82
C PHE F 146 5.75 -39.75 -26.95
N THR F 147 6.54 -38.74 -26.60
CA THR F 147 7.10 -37.80 -27.56
C THR F 147 7.88 -38.52 -28.65
N ALA F 148 8.72 -39.49 -28.26
CA ALA F 148 9.54 -40.22 -29.22
C ALA F 148 8.67 -41.01 -30.19
N LEU F 149 7.60 -41.62 -29.71
CA LEU F 149 6.83 -42.43 -30.64
C LEU F 149 5.95 -41.56 -31.52
N GLU F 150 5.53 -40.39 -31.02
CA GLU F 150 4.82 -39.42 -31.84
C GLU F 150 5.74 -38.88 -32.94
N ALA F 151 6.97 -38.51 -32.55
CA ALA F 151 7.93 -38.00 -33.52
C ALA F 151 8.22 -39.04 -34.59
N ALA F 152 8.22 -40.32 -34.21
CA ALA F 152 8.57 -41.36 -35.16
C ALA F 152 7.48 -41.49 -36.21
N HIS F 153 6.21 -41.33 -35.81
CA HIS F 153 5.16 -41.38 -36.81
C HIS F 153 5.25 -40.21 -37.77
N GLU F 154 5.77 -39.09 -37.29
CA GLU F 154 5.77 -37.88 -38.10
C GLU F 154 6.81 -38.02 -39.21
N VAL F 155 7.95 -38.63 -38.87
CA VAL F 155 9.04 -38.92 -39.80
C VAL F 155 8.60 -39.96 -40.81
N ALA F 156 7.88 -40.97 -40.31
CA ALA F 156 7.63 -42.13 -41.13
C ALA F 156 6.56 -41.84 -42.17
N PHE F 157 5.59 -40.99 -41.83
CA PHE F 157 4.44 -40.86 -42.71
C PHE F 157 4.26 -39.45 -43.27
N ARG F 158 4.87 -38.45 -42.62
CA ARG F 158 4.80 -37.03 -42.99
C ARG F 158 3.41 -36.41 -42.81
N THR F 159 2.43 -36.85 -43.61
CA THR F 159 1.06 -36.39 -43.49
C THR F 159 0.17 -37.58 -43.18
N GLY F 160 -1.14 -37.35 -43.05
CA GLY F 160 -2.08 -38.42 -42.78
C GLY F 160 -1.81 -39.03 -41.41
N LEU F 161 -1.22 -40.22 -41.42
CA LEU F 161 -0.77 -40.87 -40.21
C LEU F 161 0.35 -40.06 -39.55
N GLY F 162 0.97 -39.17 -40.34
CA GLY F 162 2.09 -38.40 -39.87
C GLY F 162 1.64 -37.11 -39.18
N ASN F 163 0.35 -36.75 -39.33
CA ASN F 163 -0.17 -35.58 -38.65
C ASN F 163 -0.08 -35.80 -37.14
N SER F 164 0.15 -34.71 -36.37
CA SER F 164 0.09 -34.84 -34.92
C SER F 164 -1.32 -35.18 -34.48
N VAL F 165 -1.45 -35.99 -33.42
CA VAL F 165 -2.75 -36.36 -32.92
C VAL F 165 -3.32 -35.19 -32.13
N TYR F 166 -2.41 -34.44 -31.50
CA TYR F 166 -2.80 -33.48 -30.49
C TYR F 166 -2.59 -32.10 -31.05
N ALA F 167 -3.38 -31.17 -30.52
CA ALA F 167 -3.25 -29.78 -30.91
C ALA F 167 -2.00 -29.19 -30.25
N GLN F 168 -1.18 -28.51 -31.07
CA GLN F 168 0.02 -27.85 -30.56
C GLN F 168 -0.11 -26.34 -30.65
N GLY F 169 0.70 -25.65 -29.84
CA GLY F 169 0.65 -24.21 -29.67
C GLY F 169 1.14 -23.47 -30.91
N TYR F 170 2.08 -24.10 -31.63
CA TYR F 170 2.73 -23.46 -32.75
C TYR F 170 1.77 -23.34 -33.94
N SER F 171 0.81 -24.27 -34.03
CA SER F 171 -0.15 -24.28 -35.13
C SER F 171 -1.58 -24.20 -34.58
N PRO F 172 -2.18 -22.99 -34.55
CA PRO F 172 -3.45 -22.77 -33.88
C PRO F 172 -4.67 -23.18 -34.72
N VAL F 173 -5.64 -23.80 -34.07
CA VAL F 173 -6.87 -24.20 -34.69
C VAL F 173 -7.86 -23.07 -34.47
N THR F 174 -8.59 -22.66 -35.53
CA THR F 174 -9.59 -21.61 -35.41
C THR F 174 -10.99 -22.21 -35.29
N LEU F 175 -11.95 -21.35 -34.95
CA LEU F 175 -13.29 -21.87 -34.73
C LEU F 175 -13.91 -22.26 -36.06
N GLU F 176 -13.40 -21.66 -37.15
CA GLU F 176 -13.91 -22.02 -38.45
C GLU F 176 -13.41 -23.40 -38.87
N ASP F 177 -12.14 -23.67 -38.57
CA ASP F 177 -11.53 -24.98 -38.76
C ASP F 177 -12.32 -26.05 -38.03
N VAL F 178 -12.61 -25.84 -36.74
CA VAL F 178 -13.31 -26.87 -35.98
C VAL F 178 -14.74 -27.04 -36.49
N LYS F 179 -15.40 -25.94 -36.86
CA LYS F 179 -16.78 -26.04 -37.31
C LYS F 179 -16.88 -26.77 -38.65
N GLU F 180 -15.88 -26.55 -39.53
CA GLU F 180 -15.85 -27.19 -40.84
C GLU F 180 -15.66 -28.70 -40.70
N PHE F 181 -14.67 -29.06 -39.88
CA PHE F 181 -14.37 -30.46 -39.67
C PHE F 181 -15.58 -31.15 -39.08
N ALA F 182 -16.25 -30.49 -38.12
CA ALA F 182 -17.42 -31.10 -37.49
C ALA F 182 -18.57 -31.30 -38.48
N ARG F 183 -18.63 -30.45 -39.53
CA ARG F 183 -19.66 -30.53 -40.55
C ARG F 183 -19.47 -31.81 -41.36
N GLN F 184 -18.21 -32.19 -41.60
CA GLN F 184 -17.86 -33.46 -42.24
C GLN F 184 -18.07 -34.65 -41.29
N VAL F 185 -17.54 -34.55 -40.07
CA VAL F 185 -17.44 -35.70 -39.20
C VAL F 185 -18.81 -36.02 -38.59
N TYR F 186 -19.55 -35.02 -38.14
CA TYR F 186 -20.75 -35.36 -37.39
C TYR F 186 -21.88 -35.65 -38.36
N ALA F 187 -21.82 -36.84 -38.99
CA ALA F 187 -22.68 -37.21 -40.10
C ALA F 187 -22.90 -38.73 -40.03
N LYS F 188 -24.07 -39.21 -40.48
CA LYS F 188 -24.40 -40.62 -40.31
C LYS F 188 -23.33 -41.55 -40.87
N GLN F 189 -22.56 -41.08 -41.84
CA GLN F 189 -21.61 -41.93 -42.54
C GLN F 189 -20.34 -42.14 -41.69
N ASN F 190 -20.17 -41.33 -40.65
CA ASN F 190 -18.91 -41.35 -39.94
C ASN F 190 -19.11 -41.68 -38.48
N VAL F 191 -20.30 -42.20 -38.15
CA VAL F 191 -20.70 -42.37 -36.77
C VAL F 191 -21.04 -43.84 -36.56
N ALA F 192 -20.46 -44.42 -35.51
CA ALA F 192 -20.82 -45.75 -35.04
C ALA F 192 -21.11 -45.69 -33.55
N VAL F 193 -22.15 -46.40 -33.13
CA VAL F 193 -22.48 -46.48 -31.72
C VAL F 193 -22.13 -47.88 -31.23
N VAL F 194 -21.39 -47.97 -30.11
CA VAL F 194 -21.01 -49.23 -29.51
C VAL F 194 -21.47 -49.27 -28.05
N GLY F 195 -22.32 -50.25 -27.72
CA GLY F 195 -22.86 -50.40 -26.38
C GLY F 195 -22.42 -51.69 -25.68
N ASN F 196 -21.56 -51.55 -24.68
CA ASN F 196 -21.16 -52.62 -23.79
C ASN F 196 -22.11 -52.72 -22.60
N ASN F 197 -22.71 -53.91 -22.45
CA ASN F 197 -23.68 -54.25 -21.42
C ASN F 197 -24.95 -53.43 -21.64
N VAL F 198 -25.36 -53.38 -22.90
CA VAL F 198 -26.55 -52.67 -23.30
C VAL F 198 -27.38 -53.69 -24.05
N VAL F 199 -28.68 -53.77 -23.77
CA VAL F 199 -29.54 -54.70 -24.49
C VAL F 199 -29.63 -54.26 -25.95
N PRO F 200 -29.19 -55.09 -26.94
CA PRO F 200 -29.06 -54.64 -28.33
C PRO F 200 -30.37 -54.18 -29.00
N ALA F 201 -31.50 -54.75 -28.60
CA ALA F 201 -32.75 -54.39 -29.24
C ALA F 201 -33.22 -53.01 -28.78
N ASP F 202 -32.90 -52.70 -27.53
CA ASP F 202 -33.33 -51.47 -26.89
C ASP F 202 -32.50 -50.31 -27.43
N LEU F 203 -31.22 -50.57 -27.70
CA LEU F 203 -30.33 -49.55 -28.21
C LEU F 203 -30.74 -49.17 -29.62
N GLN F 204 -31.09 -50.17 -30.44
CA GLN F 204 -31.47 -49.91 -31.82
C GLN F 204 -32.70 -49.01 -31.89
N GLN F 205 -33.63 -49.24 -30.95
CA GLN F 205 -34.85 -48.46 -30.89
C GLN F 205 -34.55 -47.00 -30.53
N LEU F 206 -33.56 -46.79 -29.64
CA LEU F 206 -33.31 -45.46 -29.12
C LEU F 206 -32.45 -44.68 -30.11
N VAL F 207 -31.46 -45.34 -30.71
CA VAL F 207 -30.60 -44.70 -31.69
C VAL F 207 -31.42 -44.35 -32.93
N GLY F 208 -32.45 -45.17 -33.19
CA GLY F 208 -33.29 -45.01 -34.35
C GLY F 208 -34.20 -43.78 -34.25
N THR F 209 -34.45 -43.34 -33.03
CA THR F 209 -35.32 -42.19 -32.85
C THR F 209 -34.49 -40.92 -32.66
N ALA F 210 -33.30 -41.10 -32.10
CA ALA F 210 -32.52 -39.96 -31.65
C ALA F 210 -31.59 -39.47 -32.75
N PHE F 211 -31.08 -40.39 -33.56
CA PHE F 211 -30.10 -40.02 -34.57
C PHE F 211 -30.70 -40.02 -35.97
N ALA F 212 -32.01 -39.81 -36.04
CA ALA F 212 -32.73 -39.86 -37.30
C ALA F 212 -32.50 -38.57 -38.12
N ASP F 213 -32.26 -37.46 -37.41
CA ASP F 213 -32.27 -36.13 -38.00
C ASP F 213 -30.84 -35.66 -38.29
N LEU F 214 -29.86 -36.54 -38.01
CA LEU F 214 -28.46 -36.24 -38.24
C LEU F 214 -28.23 -36.23 -39.75
N GLN F 215 -27.36 -35.33 -40.24
CA GLN F 215 -27.11 -35.34 -41.68
C GLN F 215 -26.59 -36.71 -42.09
N GLU F 216 -26.77 -37.02 -43.38
CA GLU F 216 -26.14 -38.20 -43.91
C GLU F 216 -24.65 -37.96 -44.19
N GLY F 217 -24.34 -36.85 -44.87
CA GLY F 217 -22.96 -36.47 -45.18
C GLY F 217 -22.29 -37.47 -46.11
N SER F 218 -20.95 -37.46 -46.13
CA SER F 218 -20.17 -38.45 -46.86
C SER F 218 -19.04 -38.99 -45.99
N LYS F 219 -18.47 -40.13 -46.41
CA LYS F 219 -17.29 -40.71 -45.78
C LYS F 219 -16.13 -39.72 -45.85
N VAL F 220 -15.61 -39.40 -44.67
CA VAL F 220 -14.39 -38.63 -44.51
C VAL F 220 -13.22 -39.45 -45.05
N THR F 221 -12.33 -38.80 -45.81
CA THR F 221 -11.21 -39.53 -46.39
C THR F 221 -9.92 -38.80 -46.09
N GLN F 222 -8.81 -39.55 -46.14
CA GLN F 222 -7.48 -39.03 -46.00
C GLN F 222 -7.18 -38.32 -47.32
N ALA F 223 -6.88 -37.01 -47.23
CA ALA F 223 -6.34 -36.30 -48.37
C ALA F 223 -4.95 -36.86 -48.70
N GLY F 224 -4.89 -37.68 -49.76
CA GLY F 224 -3.65 -38.21 -50.29
C GLY F 224 -3.37 -39.62 -49.75
N THR F 225 -2.55 -40.36 -50.50
CA THR F 225 -2.22 -41.73 -50.15
C THR F 225 -1.11 -41.75 -49.10
N THR F 226 -1.10 -42.82 -48.31
CA THR F 226 -0.08 -43.04 -47.29
C THR F 226 1.24 -43.38 -47.98
N THR F 227 2.25 -42.53 -47.75
CA THR F 227 3.59 -42.73 -48.27
C THR F 227 4.54 -42.93 -47.10
N LEU F 228 5.48 -43.88 -47.25
CA LEU F 228 6.44 -44.22 -46.21
C LEU F 228 7.78 -43.55 -46.51
N HIS F 229 8.46 -43.10 -45.46
CA HIS F 229 9.73 -42.40 -45.55
C HIS F 229 10.56 -42.82 -44.35
N GLY F 230 11.89 -42.78 -44.49
CA GLY F 230 12.79 -43.08 -43.39
C GLY F 230 13.37 -41.76 -42.88
N GLY F 231 14.23 -41.81 -41.85
CA GLY F 231 14.81 -40.56 -41.40
C GLY F 231 15.11 -40.51 -39.91
N GLU F 232 15.22 -39.27 -39.38
CA GLU F 232 15.54 -39.00 -37.99
C GLU F 232 14.79 -37.77 -37.52
N ALA F 233 14.41 -37.82 -36.24
CA ALA F 233 13.80 -36.72 -35.54
C ALA F 233 14.55 -36.55 -34.23
N ARG F 234 14.80 -35.29 -33.88
CA ARG F 234 15.65 -34.99 -32.74
C ARG F 234 14.98 -33.92 -31.88
N VAL F 235 14.03 -34.35 -31.08
CA VAL F 235 13.32 -33.45 -30.20
C VAL F 235 14.16 -33.16 -28.96
N ARG F 236 14.80 -31.99 -28.91
CA ARG F 236 15.63 -31.64 -27.76
C ARG F 236 14.75 -31.18 -26.60
N THR F 237 14.68 -31.99 -25.54
CA THR F 237 14.00 -31.61 -24.30
C THR F 237 15.01 -31.61 -23.17
N SER F 238 14.57 -31.16 -21.99
CA SER F 238 15.38 -31.22 -20.78
C SER F 238 14.75 -32.16 -19.75
N THR F 239 13.65 -32.82 -20.15
CA THR F 239 12.78 -33.53 -19.23
C THR F 239 12.71 -35.02 -19.57
N GLY F 240 13.86 -35.69 -19.49
CA GLY F 240 13.94 -37.13 -19.71
C GLY F 240 14.43 -37.47 -21.11
N ASN F 241 14.84 -38.74 -21.30
CA ASN F 241 15.49 -39.20 -22.51
C ASN F 241 14.76 -40.42 -23.05
N ALA F 242 14.59 -40.47 -24.37
CA ALA F 242 14.01 -41.66 -24.97
C ALA F 242 14.45 -41.79 -26.41
N LEU F 243 14.26 -42.98 -26.97
CA LEU F 243 14.64 -43.28 -28.34
C LEU F 243 13.67 -44.29 -28.93
N THR F 244 13.04 -43.92 -30.04
CA THR F 244 12.25 -44.88 -30.78
C THR F 244 13.00 -45.30 -32.04
N ILE F 245 13.01 -46.61 -32.30
CA ILE F 245 13.51 -47.15 -33.55
C ILE F 245 12.32 -47.73 -34.30
N ALA F 246 11.85 -47.01 -35.29
CA ALA F 246 10.65 -47.54 -35.90
C ALA F 246 10.99 -48.08 -37.28
N LEU F 247 10.18 -49.02 -37.76
CA LEU F 247 10.30 -49.50 -39.13
C LEU F 247 8.93 -49.45 -39.79
N PRO F 248 8.71 -48.51 -40.73
CA PRO F 248 7.43 -48.44 -41.47
C PRO F 248 7.15 -49.72 -42.25
N ILE F 249 5.90 -50.19 -42.20
CA ILE F 249 5.54 -51.43 -42.86
C ILE F 249 4.54 -51.07 -43.94
N ALA F 250 4.81 -51.49 -45.17
CA ALA F 250 3.98 -51.17 -46.32
C ALA F 250 2.78 -52.12 -46.41
N GLU F 251 2.99 -53.39 -46.03
CA GLU F 251 1.92 -54.38 -45.97
C GLU F 251 1.74 -54.82 -44.52
N PRO F 252 0.75 -54.24 -43.83
CA PRO F 252 0.45 -54.69 -42.47
C PRO F 252 -0.04 -56.13 -42.50
N LYS F 253 0.60 -56.96 -41.68
CA LYS F 253 0.31 -58.38 -41.56
C LYS F 253 0.17 -58.72 -40.08
N PRO F 254 -0.70 -59.70 -39.70
CA PRO F 254 -0.91 -60.07 -38.30
C PRO F 254 0.28 -60.70 -37.57
N VAL F 255 1.27 -61.14 -38.35
CA VAL F 255 2.49 -61.69 -37.77
C VAL F 255 3.24 -60.64 -36.95
N TYR F 256 3.07 -59.34 -37.23
CA TYR F 256 3.88 -58.36 -36.51
C TYR F 256 3.42 -58.19 -35.06
N HIS F 257 2.16 -58.55 -34.80
CA HIS F 257 1.66 -58.66 -33.43
C HIS F 257 2.46 -59.69 -32.67
N ALA F 258 2.58 -60.88 -33.27
CA ALA F 258 3.32 -61.96 -32.64
C ALA F 258 4.78 -61.54 -32.45
N LEU F 259 5.36 -60.88 -33.45
CA LEU F 259 6.73 -60.46 -33.30
C LEU F 259 6.91 -59.41 -32.21
N ALA F 260 5.95 -58.48 -32.07
CA ALA F 260 6.02 -57.46 -31.05
C ALA F 260 5.99 -58.08 -29.65
N SER F 261 5.12 -59.09 -29.50
CA SER F 261 4.93 -59.72 -28.20
C SER F 261 6.13 -60.60 -27.87
N PHE F 262 6.65 -61.31 -28.89
CA PHE F 262 7.89 -62.06 -28.74
C PHE F 262 9.03 -61.18 -28.25
N LEU F 263 9.41 -60.15 -29.03
CA LEU F 263 10.51 -59.27 -28.64
C LEU F 263 10.24 -58.65 -27.28
N GLY F 264 8.97 -58.35 -27.02
CA GLY F 264 8.47 -57.98 -25.70
C GLY F 264 9.11 -56.69 -25.20
N GLY F 265 9.67 -56.76 -23.98
CA GLY F 265 10.34 -55.63 -23.36
C GLY F 265 9.93 -55.43 -21.90
N PRO F 266 8.60 -55.33 -21.60
CA PRO F 266 8.11 -55.23 -20.23
C PRO F 266 8.19 -56.57 -19.50
N ALA F 267 8.31 -56.51 -18.16
CA ALA F 267 8.48 -57.68 -17.33
C ALA F 267 7.11 -58.24 -16.93
N SER F 268 7.05 -59.55 -16.72
CA SER F 268 5.78 -60.20 -16.45
C SER F 268 5.64 -60.51 -14.96
N MET F 269 6.47 -59.86 -14.15
CA MET F 269 6.71 -60.22 -12.76
C MET F 269 7.33 -59.01 -12.08
N PRO F 270 7.01 -58.68 -10.82
CA PRO F 270 7.62 -57.51 -10.17
C PRO F 270 9.11 -57.72 -9.90
N TRP F 271 9.87 -56.62 -9.94
CA TRP F 271 11.28 -56.60 -9.58
C TRP F 271 12.07 -57.58 -10.42
N SER F 272 11.62 -57.80 -11.65
CA SER F 272 12.34 -58.68 -12.55
C SER F 272 12.69 -57.93 -13.82
N VAL F 273 13.58 -58.52 -14.63
CA VAL F 273 13.87 -57.96 -15.94
C VAL F 273 12.96 -58.57 -17.00
N GLY F 274 12.82 -59.90 -16.98
CA GLY F 274 12.02 -60.56 -18.00
C GLY F 274 12.85 -61.44 -18.93
N ALA F 275 12.16 -62.32 -19.65
CA ALA F 275 12.77 -63.38 -20.42
C ALA F 275 12.72 -63.06 -21.92
N SER F 276 12.12 -61.92 -22.25
CA SER F 276 12.01 -61.46 -23.62
C SER F 276 13.36 -60.92 -24.10
N PRO F 277 13.73 -61.11 -25.38
CA PRO F 277 15.00 -60.57 -25.91
C PRO F 277 15.28 -59.10 -25.62
N LEU F 278 14.26 -58.25 -25.75
CA LEU F 278 14.44 -56.82 -25.53
C LEU F 278 14.57 -56.49 -24.05
N ALA F 279 13.96 -57.32 -23.20
CA ALA F 279 14.03 -57.15 -21.75
C ALA F 279 15.46 -57.45 -21.30
N GLN F 280 16.08 -58.46 -21.94
CA GLN F 280 17.41 -58.96 -21.63
C GLN F 280 18.47 -57.99 -22.12
N ALA F 281 18.05 -57.03 -22.96
CA ALA F 281 18.93 -56.03 -23.52
C ALA F 281 19.15 -54.89 -22.52
N THR F 282 18.36 -54.88 -21.44
CA THR F 282 18.40 -53.76 -20.51
C THR F 282 19.17 -54.13 -19.25
N VAL F 283 19.79 -55.32 -19.22
CA VAL F 283 20.37 -55.79 -17.96
C VAL F 283 21.60 -54.95 -17.60
N GLY F 284 21.58 -54.41 -16.38
CA GLY F 284 22.66 -53.57 -15.87
C GLY F 284 22.41 -52.09 -16.10
N THR F 285 21.23 -51.77 -16.64
CA THR F 285 20.82 -50.41 -16.92
C THR F 285 19.45 -50.16 -16.30
N HIS F 286 19.22 -48.90 -15.90
CA HIS F 286 17.90 -48.46 -15.46
C HIS F 286 17.14 -47.91 -16.65
N THR F 287 16.90 -48.78 -17.64
CA THR F 287 16.19 -48.43 -18.86
C THR F 287 15.05 -49.41 -19.05
N SER F 288 13.99 -48.93 -19.70
CA SER F 288 12.90 -49.81 -20.09
C SER F 288 12.73 -49.75 -21.60
N VAL F 289 12.05 -50.77 -22.13
CA VAL F 289 11.96 -51.05 -23.55
C VAL F 289 10.59 -51.66 -23.82
N LYS F 290 10.13 -51.49 -25.06
CA LYS F 290 8.79 -51.94 -25.39
C LYS F 290 8.68 -52.01 -26.91
N ALA F 291 8.38 -53.19 -27.43
CA ALA F 291 8.10 -53.29 -28.85
C ALA F 291 6.60 -53.15 -29.08
N THR F 292 6.22 -52.32 -30.05
CA THR F 292 4.80 -52.23 -30.35
C THR F 292 4.59 -52.23 -31.85
N TYR F 293 3.45 -52.78 -32.25
CA TYR F 293 3.11 -52.76 -33.65
C TYR F 293 1.78 -52.07 -33.81
N HIS F 294 1.72 -51.13 -34.75
CA HIS F 294 0.52 -50.36 -34.99
C HIS F 294 0.06 -50.61 -36.41
N ASN F 295 -1.09 -51.25 -36.50
CA ASN F 295 -1.73 -51.46 -37.78
C ASN F 295 -2.62 -50.24 -38.05
N TYR F 296 -2.53 -49.65 -39.24
CA TYR F 296 -3.41 -48.54 -39.57
C TYR F 296 -4.19 -48.83 -40.84
N GLY F 297 -4.21 -50.11 -41.22
CA GLY F 297 -5.01 -50.58 -42.32
C GLY F 297 -4.18 -50.69 -43.58
N ASP F 298 -3.58 -49.56 -43.97
CA ASP F 298 -2.94 -49.45 -45.26
C ASP F 298 -1.44 -49.31 -45.09
N ALA F 299 -1.01 -49.10 -43.84
CA ALA F 299 0.40 -49.14 -43.50
C ALA F 299 0.51 -49.47 -42.02
N GLY F 300 1.72 -49.80 -41.58
CA GLY F 300 1.91 -50.10 -40.18
C GLY F 300 3.18 -49.48 -39.66
N LEU F 301 3.35 -49.54 -38.35
CA LEU F 301 4.62 -49.12 -37.81
C LEU F 301 5.07 -50.10 -36.74
N PHE F 302 6.28 -50.60 -36.90
CA PHE F 302 6.81 -51.46 -35.87
C PHE F 302 7.82 -50.66 -35.10
N ALA F 303 7.61 -50.49 -33.79
CA ALA F 303 8.48 -49.59 -33.08
C ALA F 303 9.08 -50.28 -31.87
N ILE F 304 10.29 -49.83 -31.50
CA ILE F 304 10.93 -50.26 -30.29
C ILE F 304 11.35 -48.99 -29.57
N THR F 305 10.77 -48.76 -28.39
CA THR F 305 11.02 -47.52 -27.70
C THR F 305 11.78 -47.84 -26.43
N ILE F 306 12.77 -47.00 -26.13
CA ILE F 306 13.65 -47.20 -25.01
C ILE F 306 13.69 -45.89 -24.24
N LYS F 307 13.28 -45.90 -22.99
CA LYS F 307 13.49 -44.70 -22.20
C LYS F 307 14.48 -45.00 -21.10
N GLY F 308 15.04 -43.96 -20.51
CA GLY F 308 16.02 -44.08 -19.45
C GLY F 308 16.49 -42.70 -19.03
N ASP F 309 17.32 -42.67 -17.98
CA ASP F 309 17.82 -41.40 -17.47
C ASP F 309 19.18 -41.11 -18.07
N SER F 310 19.88 -42.16 -18.48
CA SER F 310 21.24 -42.02 -18.99
C SER F 310 21.21 -42.16 -20.51
N PRO F 311 21.70 -41.14 -21.25
CA PRO F 311 21.79 -41.24 -22.70
C PRO F 311 22.79 -42.30 -23.11
N ALA F 312 23.83 -42.51 -22.28
CA ALA F 312 24.85 -43.51 -22.56
C ALA F 312 24.25 -44.93 -22.51
N GLU F 313 23.36 -45.15 -21.54
CA GLU F 313 22.74 -46.46 -21.35
C GLU F 313 21.72 -46.69 -22.46
N ILE F 314 21.00 -45.63 -22.85
CA ILE F 314 20.01 -45.73 -23.91
C ILE F 314 20.70 -46.18 -25.20
N SER F 315 21.86 -45.58 -25.47
CA SER F 315 22.63 -45.85 -26.66
C SER F 315 23.08 -47.31 -26.70
N GLN F 316 23.55 -47.75 -25.53
CA GLN F 316 24.00 -49.12 -25.29
C GLN F 316 22.87 -50.11 -25.55
N VAL F 317 21.66 -49.81 -25.04
CA VAL F 317 20.53 -50.70 -25.22
C VAL F 317 20.10 -50.73 -26.68
N ALA F 318 20.20 -49.57 -27.35
CA ALA F 318 19.67 -49.42 -28.69
C ALA F 318 20.43 -50.33 -29.64
N HIS F 319 21.75 -50.44 -29.42
CA HIS F 319 22.59 -51.36 -30.19
C HIS F 319 22.15 -52.80 -29.97
N LYS F 320 21.95 -53.18 -28.70
CA LYS F 320 21.52 -54.53 -28.36
C LYS F 320 20.14 -54.82 -28.95
N ALA F 321 19.28 -53.79 -28.98
CA ALA F 321 17.92 -53.95 -29.46
C ALA F 321 17.91 -54.26 -30.94
N VAL F 322 18.77 -53.60 -31.73
CA VAL F 322 18.72 -53.86 -33.16
C VAL F 322 19.34 -55.21 -33.43
N GLN F 323 20.34 -55.58 -32.61
CA GLN F 323 20.96 -56.90 -32.69
C GLN F 323 19.90 -57.98 -32.42
N ALA F 324 19.11 -57.81 -31.35
CA ALA F 324 18.04 -58.74 -30.99
C ALA F 324 17.09 -58.99 -32.17
N LEU F 325 16.73 -57.91 -32.90
CA LEU F 325 15.85 -58.04 -34.05
C LEU F 325 16.52 -58.85 -35.16
N LYS F 326 17.84 -58.66 -35.39
CA LYS F 326 18.62 -59.36 -36.40
C LYS F 326 18.76 -60.84 -36.02
N ASP F 327 19.06 -61.10 -34.74
CA ASP F 327 19.13 -62.43 -34.16
C ASP F 327 17.82 -63.18 -34.33
N THR F 328 16.69 -62.46 -34.21
CA THR F 328 15.40 -63.09 -34.40
C THR F 328 15.23 -63.49 -35.85
N GLY F 329 15.74 -62.65 -36.76
CA GLY F 329 15.67 -62.88 -38.19
C GLY F 329 16.43 -64.14 -38.60
N ALA F 330 17.41 -64.52 -37.77
CA ALA F 330 18.21 -65.72 -37.96
C ALA F 330 17.38 -66.96 -37.62
N GLU F 331 17.06 -67.13 -36.33
CA GLU F 331 16.35 -68.32 -35.87
C GLU F 331 15.55 -68.04 -34.61
N VAL F 332 14.30 -68.54 -34.60
CA VAL F 332 13.44 -68.59 -33.43
C VAL F 332 13.27 -70.06 -33.06
N THR F 333 13.25 -70.35 -31.76
CA THR F 333 13.03 -71.73 -31.29
C THR F 333 11.52 -71.99 -31.26
N GLU F 334 11.14 -73.27 -31.16
CA GLU F 334 9.74 -73.65 -31.06
C GLU F 334 9.12 -73.12 -29.76
N GLU F 335 9.90 -73.21 -28.67
CA GLU F 335 9.50 -72.70 -27.37
C GLU F 335 9.15 -71.22 -27.48
N GLN F 336 10.00 -70.47 -28.19
CA GLN F 336 9.90 -69.03 -28.26
C GLN F 336 8.71 -68.65 -29.12
N ALA F 337 8.44 -69.48 -30.12
CA ALA F 337 7.30 -69.20 -30.99
C ALA F 337 5.99 -69.44 -30.25
N ALA F 338 6.01 -70.39 -29.30
CA ALA F 338 4.79 -70.71 -28.55
C ALA F 338 4.55 -69.63 -27.49
N ARG F 339 5.65 -69.18 -26.88
CA ARG F 339 5.64 -68.07 -25.95
C ARG F 339 5.08 -66.83 -26.63
N ALA F 340 5.28 -66.71 -27.95
CA ALA F 340 4.82 -65.52 -28.65
C ALA F 340 3.32 -65.60 -28.89
N TYR F 341 2.86 -66.82 -29.19
CA TYR F 341 1.44 -67.04 -29.40
C TYR F 341 0.67 -66.78 -28.11
N ALA F 342 1.25 -67.21 -26.98
CA ALA F 342 0.59 -67.07 -25.70
C ALA F 342 0.51 -65.60 -25.33
N LYS F 343 1.66 -64.90 -25.42
CA LYS F 343 1.69 -63.49 -25.05
C LYS F 343 0.77 -62.69 -25.97
N SER F 344 0.63 -63.12 -27.23
CA SER F 344 -0.16 -62.35 -28.17
C SER F 344 -1.66 -62.57 -27.98
N LYS F 345 -2.08 -63.82 -27.71
CA LYS F 345 -3.48 -64.11 -27.45
C LYS F 345 -3.94 -63.31 -26.23
N PHE F 346 -3.11 -63.31 -25.20
CA PHE F 346 -3.42 -62.60 -23.98
C PHE F 346 -3.54 -61.10 -24.24
N ALA F 347 -2.60 -60.54 -25.00
CA ALA F 347 -2.63 -59.12 -25.29
C ALA F 347 -3.91 -58.74 -26.04
N ALA F 348 -4.33 -59.61 -26.97
CA ALA F 348 -5.54 -59.35 -27.73
C ALA F 348 -6.76 -59.39 -26.81
N ALA F 349 -6.74 -60.31 -25.83
CA ALA F 349 -7.89 -60.47 -24.95
C ALA F 349 -8.07 -59.23 -24.09
N GLU F 350 -7.00 -58.74 -23.47
CA GLU F 350 -7.10 -57.63 -22.56
C GLU F 350 -7.43 -56.34 -23.29
N ALA F 351 -7.09 -56.27 -24.59
CA ALA F 351 -7.44 -55.11 -25.40
C ALA F 351 -8.95 -55.07 -25.67
N PHE F 352 -9.54 -56.26 -25.86
CA PHE F 352 -10.97 -56.36 -26.12
C PHE F 352 -11.76 -56.17 -24.83
N GLU F 353 -11.08 -56.21 -23.68
CA GLU F 353 -11.73 -56.02 -22.40
C GLU F 353 -11.73 -54.54 -22.01
N ASN F 354 -10.56 -53.89 -22.10
CA ASN F 354 -10.42 -52.48 -21.79
C ASN F 354 -11.40 -51.66 -22.62
N PRO F 355 -12.35 -50.89 -21.99
CA PRO F 355 -13.40 -50.20 -22.73
C PRO F 355 -12.91 -49.21 -23.78
N ASP F 356 -11.80 -48.53 -23.48
CA ASP F 356 -11.22 -47.56 -24.41
C ASP F 356 -10.88 -48.23 -25.73
N SER F 357 -10.09 -49.31 -25.68
CA SER F 357 -9.63 -50.01 -26.86
C SER F 357 -10.75 -50.85 -27.48
N SER F 358 -11.59 -51.44 -26.63
CA SER F 358 -12.72 -52.24 -27.10
C SER F 358 -13.55 -51.47 -28.12
N ALA F 359 -14.00 -50.28 -27.72
CA ALA F 359 -14.87 -49.41 -28.51
C ALA F 359 -14.25 -49.14 -29.89
N SER F 360 -12.94 -48.86 -29.92
CA SER F 360 -12.30 -48.53 -31.18
C SER F 360 -12.15 -49.76 -32.09
N VAL F 361 -12.05 -50.95 -31.49
CA VAL F 361 -11.90 -52.19 -32.23
C VAL F 361 -13.17 -52.47 -33.03
N ILE F 362 -14.33 -52.44 -32.35
CA ILE F 362 -15.61 -52.65 -33.02
C ILE F 362 -15.95 -51.43 -33.88
N GLY F 363 -15.48 -50.26 -33.44
CA GLY F 363 -15.64 -49.05 -34.24
C GLY F 363 -15.00 -49.20 -35.60
N MET F 364 -13.81 -49.83 -35.63
CA MET F 364 -13.12 -50.06 -36.90
C MET F 364 -13.92 -51.04 -37.76
N GLU F 365 -14.49 -52.07 -37.12
CA GLU F 365 -15.24 -53.09 -37.82
C GLU F 365 -16.47 -52.45 -38.46
N LEU F 366 -17.13 -51.57 -37.69
CA LEU F 366 -18.35 -50.93 -38.13
C LEU F 366 -18.08 -49.85 -39.17
N LEU F 367 -17.03 -49.03 -38.96
CA LEU F 367 -16.84 -47.88 -39.83
C LEU F 367 -16.11 -48.27 -41.09
N SER F 368 -15.08 -49.13 -41.00
CA SER F 368 -14.49 -49.70 -42.18
C SER F 368 -15.25 -50.98 -42.53
N GLY F 369 -14.54 -52.08 -42.70
CA GLY F 369 -15.24 -53.35 -42.77
C GLY F 369 -14.32 -54.45 -42.30
N VAL F 370 -13.23 -54.06 -41.59
CA VAL F 370 -12.24 -54.97 -41.06
C VAL F 370 -12.87 -55.73 -39.91
N SER F 371 -13.31 -56.98 -40.18
CA SER F 371 -13.88 -57.85 -39.17
C SER F 371 -12.85 -58.07 -38.05
N ARG F 372 -13.31 -57.97 -36.81
CA ARG F 372 -12.42 -58.06 -35.66
C ARG F 372 -11.90 -59.50 -35.53
N ILE F 373 -10.64 -59.62 -35.13
CA ILE F 373 -10.07 -60.93 -34.84
C ILE F 373 -10.30 -61.22 -33.36
N ALA F 374 -11.19 -62.18 -33.08
CA ALA F 374 -11.48 -62.66 -31.73
C ALA F 374 -10.19 -63.18 -31.09
N PRO F 375 -9.94 -62.91 -29.78
CA PRO F 375 -8.73 -63.42 -29.11
C PRO F 375 -8.56 -64.94 -29.19
N GLU F 376 -9.67 -65.67 -29.35
CA GLU F 376 -9.68 -67.11 -29.48
C GLU F 376 -9.31 -67.56 -30.90
N ASN F 377 -9.06 -66.61 -31.81
CA ASN F 377 -8.80 -66.92 -33.20
C ASN F 377 -7.47 -66.33 -33.65
N VAL F 378 -6.71 -65.83 -32.67
CA VAL F 378 -5.39 -65.29 -32.91
C VAL F 378 -4.53 -66.42 -33.47
N GLN F 379 -3.89 -66.16 -34.61
CA GLN F 379 -3.18 -67.19 -35.36
C GLN F 379 -1.88 -67.59 -34.65
N LYS F 380 -1.55 -68.90 -34.69
CA LYS F 380 -0.25 -69.36 -34.20
C LYS F 380 0.76 -69.33 -35.34
N PHE F 381 1.83 -68.52 -35.18
CA PHE F 381 2.88 -68.40 -36.16
C PHE F 381 4.05 -69.33 -35.80
N THR F 382 4.50 -70.09 -36.80
CA THR F 382 5.62 -71.02 -36.70
C THR F 382 6.92 -70.23 -36.53
N PRO F 383 8.04 -70.86 -36.08
CA PRO F 383 9.33 -70.16 -36.02
C PRO F 383 9.82 -69.64 -37.37
N ALA F 384 9.41 -70.31 -38.45
CA ALA F 384 9.77 -69.90 -39.80
C ALA F 384 9.16 -68.55 -40.15
N GLU F 385 7.87 -68.38 -39.82
CA GLU F 385 7.09 -67.21 -40.18
C GLU F 385 7.54 -66.01 -39.36
N LEU F 386 7.98 -66.27 -38.12
CA LEU F 386 8.37 -65.18 -37.23
C LEU F 386 9.73 -64.64 -37.64
N SER F 387 10.64 -65.56 -37.96
CA SER F 387 12.00 -65.22 -38.32
C SER F 387 12.00 -64.47 -39.63
N GLU F 388 11.07 -64.82 -40.52
CA GLU F 388 10.91 -64.20 -41.82
C GLU F 388 10.46 -62.75 -41.67
N ALA F 389 9.53 -62.54 -40.72
CA ALA F 389 8.99 -61.22 -40.43
C ALA F 389 10.07 -60.33 -39.81
N ALA F 390 10.94 -60.92 -38.98
CA ALA F 390 11.96 -60.12 -38.31
C ALA F 390 13.08 -59.77 -39.30
N ALA F 391 13.23 -60.62 -40.32
CA ALA F 391 14.29 -60.48 -41.29
C ALA F 391 13.97 -59.31 -42.21
N GLN F 392 12.67 -59.20 -42.58
CA GLN F 392 12.18 -58.10 -43.40
C GLN F 392 12.38 -56.76 -42.70
N LEU F 393 12.27 -56.78 -41.36
CA LEU F 393 12.37 -55.55 -40.59
C LEU F 393 13.83 -55.13 -40.44
N SER F 394 14.71 -56.11 -40.26
CA SER F 394 16.13 -55.82 -40.11
C SER F 394 16.69 -55.30 -41.42
N ALA F 395 16.02 -55.65 -42.52
CA ALA F 395 16.46 -55.32 -43.86
C ALA F 395 15.48 -54.33 -44.48
N SER F 396 15.11 -53.31 -43.70
CA SER F 396 14.20 -52.27 -44.18
C SER F 396 15.01 -51.14 -44.80
N ALA F 397 14.46 -50.58 -45.89
CA ALA F 397 15.11 -49.53 -46.64
C ALA F 397 14.87 -48.17 -45.99
N LYS F 398 13.92 -48.12 -45.04
CA LYS F 398 13.45 -46.85 -44.51
C LYS F 398 13.38 -46.86 -42.99
N PRO F 399 14.49 -47.12 -42.25
CA PRO F 399 14.46 -47.04 -40.79
C PRO F 399 14.31 -45.61 -40.26
N VAL F 400 13.43 -45.49 -39.27
CA VAL F 400 13.17 -44.24 -38.60
C VAL F 400 13.80 -44.29 -37.21
N VAL F 401 14.37 -43.16 -36.79
CA VAL F 401 14.87 -43.00 -35.43
C VAL F 401 14.41 -41.65 -34.86
N ALA F 402 13.69 -41.67 -33.74
CA ALA F 402 13.38 -40.43 -33.05
C ALA F 402 14.10 -40.42 -31.70
N ALA F 403 14.95 -39.42 -31.50
CA ALA F 403 15.62 -39.23 -30.21
C ALA F 403 14.99 -38.04 -29.48
N VAL F 404 14.82 -38.19 -28.17
CA VAL F 404 14.21 -37.14 -27.35
C VAL F 404 15.10 -36.96 -26.13
N GLY F 405 15.39 -35.70 -25.77
CA GLY F 405 16.21 -35.42 -24.59
C GLY F 405 17.58 -34.87 -24.98
N GLN F 406 18.65 -35.46 -24.42
CA GLN F 406 19.99 -34.99 -24.76
C GLN F 406 20.36 -35.62 -26.10
N VAL F 407 19.93 -34.96 -27.18
CA VAL F 407 19.92 -35.57 -28.49
C VAL F 407 21.34 -35.68 -29.04
N HIS F 408 22.26 -34.85 -28.53
CA HIS F 408 23.65 -34.88 -28.92
C HIS F 408 24.34 -36.17 -28.46
N ALA F 409 23.74 -36.85 -27.48
CA ALA F 409 24.34 -38.03 -26.88
C ALA F 409 23.55 -39.29 -27.23
N LEU F 410 22.52 -39.17 -28.05
CA LEU F 410 21.75 -40.34 -28.37
C LEU F 410 22.17 -40.85 -29.75
N PRO F 411 21.88 -42.13 -30.11
CA PRO F 411 22.27 -42.69 -31.40
C PRO F 411 21.60 -42.06 -32.62
N PHE F 412 22.20 -42.29 -33.78
CA PHE F 412 21.65 -41.88 -35.05
C PHE F 412 21.30 -43.11 -35.85
N ALA F 413 20.54 -42.93 -36.93
CA ALA F 413 20.05 -44.05 -37.73
C ALA F 413 21.21 -44.82 -38.37
N ASP F 414 22.23 -44.09 -38.84
CA ASP F 414 23.34 -44.67 -39.56
C ASP F 414 24.30 -45.39 -38.60
N GLU F 415 24.20 -45.09 -37.30
CA GLU F 415 24.93 -45.83 -36.28
C GLU F 415 24.29 -47.19 -36.02
N LEU F 416 22.99 -47.36 -36.36
CA LEU F 416 22.22 -48.54 -35.96
C LEU F 416 21.99 -49.48 -37.15
N MET G 85 20.09 21.75 52.23
CA MET G 85 19.36 22.65 53.16
C MET G 85 19.54 22.13 54.57
N THR G 86 19.42 23.04 55.54
CA THR G 86 19.41 22.70 56.95
C THR G 86 18.14 21.95 57.28
N ALA G 87 18.18 21.12 58.32
CA ALA G 87 17.02 20.34 58.76
C ALA G 87 15.89 21.26 59.22
N ALA G 88 16.30 22.37 59.86
CA ALA G 88 15.41 23.42 60.32
C ALA G 88 14.60 23.96 59.13
N GLU G 89 15.28 24.22 58.02
CA GLU G 89 14.61 24.82 56.88
C GLU G 89 13.60 23.84 56.31
N HIS G 90 13.88 22.52 56.43
CA HIS G 90 12.99 21.50 55.93
C HIS G 90 11.80 21.29 56.86
N GLY G 91 12.04 21.45 58.17
CA GLY G 91 11.06 20.96 59.13
C GLY G 91 11.38 19.51 59.48
N LEU G 92 11.17 19.18 60.76
CA LEU G 92 11.36 17.82 61.22
C LEU G 92 10.32 16.94 60.55
N HIS G 93 10.70 15.74 60.13
CA HIS G 93 9.72 14.93 59.45
C HIS G 93 8.90 14.18 60.49
N PRO G 94 7.55 14.18 60.37
CA PRO G 94 6.68 13.52 61.33
C PRO G 94 6.86 12.00 61.32
N ALA G 95 6.59 11.41 62.48
CA ALA G 95 6.55 9.97 62.67
C ALA G 95 5.47 9.36 61.78
N GLU G 96 5.59 8.06 61.49
CA GLU G 96 4.48 7.35 60.85
C GLU G 96 3.60 6.73 61.93
N TYR G 97 2.45 7.35 62.18
CA TYR G 97 1.53 6.83 63.17
C TYR G 97 0.63 5.77 62.53
N PRO G 98 0.22 4.73 63.27
CA PRO G 98 -0.73 3.75 62.72
C PRO G 98 -2.21 4.16 62.68
N TRP G 99 -2.55 4.98 61.68
CA TRP G 99 -3.92 5.43 61.49
C TRP G 99 -4.83 4.25 61.16
N PRO G 100 -6.11 4.27 61.60
CA PRO G 100 -7.05 3.20 61.25
C PRO G 100 -7.20 3.01 59.73
N GLN G 101 -7.05 4.09 58.97
CA GLN G 101 -7.28 4.03 57.54
C GLN G 101 -6.01 3.57 56.81
N ASN G 102 -4.87 3.44 57.51
CA ASN G 102 -3.69 2.88 56.88
C ASN G 102 -3.93 1.40 56.70
N GLY G 103 -3.66 0.88 55.51
CA GLY G 103 -4.09 -0.49 55.35
C GLY G 103 -5.00 -0.58 54.15
N MET G 104 -4.58 -1.45 53.25
CA MET G 104 -5.18 -1.52 51.94
C MET G 104 -6.68 -1.75 52.10
N LEU G 105 -7.08 -2.46 53.16
CA LEU G 105 -8.47 -2.85 53.28
C LEU G 105 -9.20 -2.09 54.37
N SER G 106 -8.65 -0.95 54.82
CA SER G 106 -9.17 -0.31 56.01
C SER G 106 -9.94 0.95 55.65
N THR G 107 -11.12 1.13 56.24
CA THR G 107 -11.80 2.41 56.10
C THR G 107 -11.35 3.37 57.21
N PHE G 108 -11.84 4.61 57.16
CA PHE G 108 -11.79 5.53 58.28
C PHE G 108 -12.65 4.98 59.39
N ASP G 109 -12.30 5.33 60.64
CA ASP G 109 -13.19 5.08 61.75
C ASP G 109 -14.21 6.23 61.83
N HIS G 110 -15.48 5.96 61.58
CA HIS G 110 -16.44 7.03 61.41
C HIS G 110 -16.75 7.71 62.73
N ALA G 111 -16.55 7.01 63.84
CA ALA G 111 -16.74 7.57 65.16
C ALA G 111 -15.69 8.65 65.44
N SER G 112 -14.47 8.37 64.97
CA SER G 112 -13.38 9.32 65.05
C SER G 112 -13.68 10.52 64.16
N LEU G 113 -14.23 10.26 62.95
CA LEU G 113 -14.54 11.34 62.04
C LEU G 113 -15.50 12.32 62.70
N ARG G 114 -16.57 11.79 63.34
CA ARG G 114 -17.58 12.61 63.99
C ARG G 114 -16.97 13.46 65.12
N ARG G 115 -16.10 12.84 65.94
CA ARG G 115 -15.39 13.55 67.01
C ARG G 115 -14.52 14.66 66.43
N GLY G 116 -13.90 14.37 65.28
CA GLY G 116 -12.99 15.32 64.66
C GLY G 116 -13.75 16.52 64.11
N TYR G 117 -14.98 16.28 63.64
CA TYR G 117 -15.80 17.39 63.20
C TYR G 117 -16.06 18.32 64.39
N GLN G 118 -16.32 17.72 65.55
CA GLN G 118 -16.61 18.53 66.71
C GLN G 118 -15.41 19.39 67.12
N VAL G 119 -14.20 18.87 66.96
CA VAL G 119 -13.02 19.67 67.23
C VAL G 119 -12.89 20.81 66.21
N TYR G 120 -13.15 20.49 64.94
CA TYR G 120 -13.06 21.52 63.91
C TYR G 120 -14.01 22.67 64.27
N LYS G 121 -15.24 22.30 64.59
CA LYS G 121 -16.30 23.25 64.82
C LYS G 121 -16.02 24.14 66.04
N GLU G 122 -15.38 23.59 67.08
CA GLU G 122 -15.26 24.32 68.34
C GLU G 122 -13.90 24.96 68.54
N VAL G 123 -12.92 24.62 67.72
CA VAL G 123 -11.59 25.19 67.90
C VAL G 123 -11.13 25.80 66.59
N CYS G 124 -10.98 24.98 65.54
CA CYS G 124 -10.34 25.45 64.33
C CYS G 124 -11.19 26.45 63.57
N ALA G 125 -12.52 26.31 63.68
CA ALA G 125 -13.36 27.05 62.77
C ALA G 125 -13.32 28.53 63.11
N ALA G 126 -12.76 28.88 64.28
CA ALA G 126 -12.51 30.28 64.61
C ALA G 126 -11.63 30.96 63.56
N CYS G 127 -10.67 30.25 62.97
CA CYS G 127 -9.71 30.91 62.10
C CYS G 127 -9.67 30.29 60.73
N HIS G 128 -10.15 29.05 60.60
CA HIS G 128 -9.89 28.30 59.39
C HIS G 128 -11.21 27.96 58.74
N SER G 129 -11.24 28.10 57.43
CA SER G 129 -12.44 27.73 56.71
C SER G 129 -12.37 26.27 56.26
N LEU G 130 -13.54 25.75 55.84
CA LEU G 130 -13.65 24.43 55.25
C LEU G 130 -14.58 24.55 54.05
N ASP G 131 -14.14 25.30 53.04
CA ASP G 131 -15.03 25.86 52.02
C ASP G 131 -15.51 24.83 51.01
N ARG G 132 -14.81 23.69 50.93
CA ARG G 132 -15.12 22.75 49.86
C ARG G 132 -16.10 21.70 50.34
N ILE G 133 -16.52 21.81 51.61
CA ILE G 133 -17.38 20.80 52.19
C ILE G 133 -18.78 21.38 52.34
N ALA G 134 -19.80 20.66 51.88
CA ALA G 134 -21.16 21.13 52.05
C ALA G 134 -21.80 20.36 53.20
N TRP G 135 -22.90 20.87 53.76
CA TRP G 135 -23.56 20.15 54.84
C TRP G 135 -23.93 18.76 54.41
N ARG G 136 -24.34 18.61 53.14
CA ARG G 136 -24.80 17.31 52.67
C ARG G 136 -23.68 16.27 52.75
N ASN G 137 -22.42 16.72 52.74
CA ASN G 137 -21.28 15.82 52.72
C ASN G 137 -21.12 15.11 54.05
N LEU G 138 -21.60 15.70 55.15
CA LEU G 138 -21.55 15.07 56.47
C LEU G 138 -22.58 13.96 56.59
N VAL G 139 -23.63 14.02 55.77
CA VAL G 139 -24.74 13.11 55.99
C VAL G 139 -24.34 11.70 55.56
N GLY G 140 -24.56 10.73 56.46
CA GLY G 140 -24.22 9.35 56.15
C GLY G 140 -22.72 9.10 56.20
N VAL G 141 -21.98 10.04 56.80
CA VAL G 141 -20.57 9.86 57.09
C VAL G 141 -20.41 10.03 58.59
N THR G 142 -20.84 11.19 59.07
CA THR G 142 -20.62 11.58 60.47
C THR G 142 -21.95 11.89 61.14
N HIS G 143 -22.99 12.26 60.39
CA HIS G 143 -24.23 12.73 60.96
C HIS G 143 -25.43 12.18 60.19
N THR G 144 -26.60 12.18 60.82
CA THR G 144 -27.80 11.79 60.10
C THR G 144 -28.31 12.98 59.31
N THR G 145 -29.31 12.78 58.44
CA THR G 145 -29.81 13.88 57.64
C THR G 145 -30.33 15.00 58.54
N ASP G 146 -30.93 14.60 59.66
CA ASP G 146 -31.60 15.55 60.54
C ASP G 146 -30.60 16.42 61.27
N GLU G 147 -29.53 15.80 61.77
CA GLU G 147 -28.52 16.55 62.48
C GLU G 147 -27.86 17.56 61.55
N ALA G 148 -27.63 17.16 60.29
CA ALA G 148 -26.94 18.05 59.37
C ALA G 148 -27.86 19.18 58.92
N LYS G 149 -29.16 18.89 58.81
CA LYS G 149 -30.10 19.95 58.43
C LYS G 149 -30.19 20.96 59.56
N ALA G 150 -30.15 20.43 60.79
CA ALA G 150 -30.17 21.30 61.95
C ALA G 150 -28.97 22.26 61.91
N PHE G 151 -27.78 21.75 61.61
CA PHE G 151 -26.60 22.59 61.54
C PHE G 151 -26.75 23.65 60.46
N ALA G 152 -27.32 23.29 59.30
CA ALA G 152 -27.46 24.23 58.19
C ALA G 152 -28.45 25.34 58.55
N GLU G 153 -29.60 24.95 59.13
CA GLU G 153 -30.71 25.85 59.42
C GLU G 153 -30.35 26.87 60.51
N GLU G 154 -29.28 26.64 61.28
CA GLU G 154 -28.87 27.61 62.30
C GLU G 154 -28.15 28.80 61.69
N LEU G 155 -27.71 28.69 60.43
CA LEU G 155 -26.94 29.79 59.86
C LEU G 155 -27.80 30.57 58.87
N GLU G 156 -27.31 31.76 58.50
CA GLU G 156 -27.98 32.59 57.51
C GLU G 156 -27.12 32.73 56.27
N TYR G 157 -27.75 32.55 55.12
CA TYR G 157 -27.03 32.65 53.87
C TYR G 157 -27.70 33.70 53.01
N ASP G 158 -26.95 34.23 52.05
CA ASP G 158 -27.46 35.20 51.11
C ASP G 158 -28.54 34.57 50.23
N ASP G 159 -29.74 35.18 50.26
CA ASP G 159 -30.82 34.79 49.36
C ASP G 159 -30.72 35.61 48.08
N GLU G 160 -31.55 35.25 47.08
CA GLU G 160 -31.84 36.07 45.91
C GLU G 160 -32.54 37.35 46.37
N PRO G 161 -32.31 38.52 45.72
CA PRO G 161 -32.88 39.77 46.18
C PRO G 161 -34.41 39.69 46.19
N ASP G 162 -35.04 40.49 47.06
CA ASP G 162 -36.49 40.55 47.13
C ASP G 162 -37.04 41.31 45.93
N ASP G 163 -38.33 41.63 45.98
CA ASP G 163 -39.06 42.12 44.83
C ASP G 163 -38.70 43.58 44.51
N GLU G 164 -38.21 44.32 45.52
CA GLU G 164 -37.71 45.67 45.34
C GLU G 164 -36.22 45.64 45.03
N GLY G 165 -35.67 44.42 44.86
CA GLY G 165 -34.24 44.23 44.59
C GLY G 165 -33.33 44.50 45.79
N ASN G 166 -33.86 44.45 47.01
CA ASN G 166 -33.06 44.62 48.22
C ASN G 166 -32.46 43.28 48.64
N PRO G 167 -31.23 43.24 49.23
CA PRO G 167 -30.67 42.00 49.77
C PRO G 167 -31.50 41.37 50.89
N ARG G 168 -31.47 40.04 50.94
CA ARG G 168 -32.17 39.24 51.94
C ARG G 168 -31.32 38.07 52.38
N LYS G 169 -31.58 37.56 53.59
CA LYS G 169 -30.93 36.35 54.08
C LYS G 169 -31.95 35.22 54.15
N ARG G 170 -31.47 33.98 54.02
CA ARG G 170 -32.29 32.81 54.24
C ARG G 170 -31.59 31.88 55.23
N PRO G 171 -32.30 30.93 55.88
CA PRO G 171 -31.63 29.87 56.62
C PRO G 171 -30.95 28.88 55.65
N GLY G 172 -29.88 28.23 56.11
CA GLY G 172 -29.13 27.30 55.30
C GLY G 172 -29.89 26.02 54.98
N LYS G 173 -29.47 25.37 53.89
CA LYS G 173 -30.01 24.11 53.40
C LYS G 173 -28.86 23.13 53.29
N LEU G 174 -29.15 21.85 53.06
CA LEU G 174 -28.08 20.86 52.97
C LEU G 174 -27.10 21.12 51.82
N ALA G 175 -27.57 21.82 50.79
CA ALA G 175 -26.76 22.10 49.62
C ALA G 175 -25.70 23.15 49.91
N ASP G 176 -25.82 23.85 51.03
CA ASP G 176 -24.97 25.00 51.30
C ASP G 176 -23.59 24.53 51.69
N TYR G 177 -22.57 25.35 51.42
CA TYR G 177 -21.22 25.06 51.85
C TYR G 177 -21.00 25.57 53.27
N ILE G 178 -20.13 24.89 54.02
CA ILE G 178 -19.85 25.32 55.37
C ILE G 178 -19.18 26.69 55.30
N PRO G 179 -19.76 27.72 55.95
CA PRO G 179 -19.23 29.08 55.81
C PRO G 179 -17.98 29.32 56.66
N GLY G 180 -17.08 30.16 56.15
CA GLY G 180 -15.79 30.44 56.78
C GLY G 180 -15.89 31.56 57.81
N PRO G 181 -14.88 31.72 58.70
CA PRO G 181 -14.90 32.79 59.68
C PRO G 181 -14.67 34.22 59.21
N TYR G 182 -14.08 34.40 58.01
CA TYR G 182 -13.73 35.75 57.55
C TYR G 182 -14.33 36.05 56.17
N PRO G 183 -14.71 37.32 55.88
CA PRO G 183 -15.21 37.72 54.56
C PRO G 183 -14.20 37.76 53.42
N ASN G 184 -12.91 37.97 53.73
CA ASN G 184 -11.86 37.99 52.73
C ASN G 184 -10.49 37.74 53.38
N GLU G 185 -9.44 37.66 52.54
CA GLU G 185 -8.08 37.43 52.97
C GLU G 185 -7.61 38.52 53.94
N GLN G 186 -8.04 39.75 53.66
CA GLN G 186 -7.47 40.90 54.34
C GLN G 186 -7.98 40.88 55.78
N ALA G 187 -9.26 40.56 55.92
CA ALA G 187 -9.87 40.38 57.23
C ALA G 187 -9.21 39.23 58.00
N ALA G 188 -8.85 38.17 57.27
CA ALA G 188 -8.29 37.01 57.93
C ALA G 188 -6.90 37.37 58.46
N ARG G 189 -6.10 38.03 57.62
CA ARG G 189 -4.74 38.37 57.97
C ARG G 189 -4.73 39.38 59.12
N ALA G 190 -5.74 40.26 59.15
CA ALA G 190 -5.72 41.31 60.15
C ALA G 190 -5.97 40.71 61.53
N ALA G 191 -6.70 39.59 61.55
CA ALA G 191 -7.08 38.94 62.80
C ALA G 191 -5.98 37.99 63.27
N ASN G 192 -4.97 37.80 62.44
CA ASN G 192 -3.95 36.80 62.74
C ASN G 192 -2.57 37.39 62.55
N GLN G 193 -2.41 38.66 62.95
CA GLN G 193 -1.12 39.33 62.97
C GLN G 193 -0.38 39.09 61.65
N GLY G 194 -1.13 39.21 60.55
CA GLY G 194 -0.55 39.20 59.21
C GLY G 194 -0.57 37.83 58.54
N ALA G 195 -0.65 36.76 59.33
CA ALA G 195 -0.62 35.41 58.81
C ALA G 195 -1.98 35.01 58.25
N LEU G 196 -1.99 34.21 57.19
CA LEU G 196 -3.28 33.86 56.64
C LEU G 196 -3.54 32.39 56.94
N PRO G 197 -4.53 32.05 57.80
CA PRO G 197 -4.80 30.64 58.09
C PRO G 197 -5.35 30.00 56.84
N PRO G 198 -4.74 28.91 56.31
CA PRO G 198 -5.22 28.29 55.06
C PRO G 198 -6.57 27.61 55.26
N ASP G 199 -7.27 27.42 54.16
CA ASP G 199 -8.46 26.62 54.16
C ASP G 199 -8.06 25.17 54.44
N LEU G 200 -8.88 24.42 55.19
CA LEU G 200 -8.40 23.10 55.59
C LEU G 200 -8.97 21.97 54.73
N SER G 201 -9.76 22.30 53.69
CA SER G 201 -10.41 21.28 52.89
C SER G 201 -9.43 20.35 52.19
N LEU G 202 -8.25 20.85 51.79
CA LEU G 202 -7.32 20.01 51.07
C LEU G 202 -5.98 19.86 51.78
N ILE G 203 -5.91 20.36 53.02
CA ILE G 203 -4.64 20.50 53.70
C ILE G 203 -3.98 19.15 53.90
N ALA G 204 -4.79 18.09 54.02
CA ALA G 204 -4.20 16.77 54.22
C ALA G 204 -3.51 16.26 52.95
N LYS G 205 -3.88 16.82 51.80
CA LYS G 205 -3.22 16.41 50.56
C LYS G 205 -2.09 17.36 50.22
N ALA G 206 -2.15 18.56 50.80
CA ALA G 206 -1.35 19.66 50.34
C ALA G 206 -0.05 19.77 51.13
N ARG G 207 0.18 18.83 52.05
CA ARG G 207 1.41 18.87 52.79
C ARG G 207 1.98 17.45 52.79
N HIS G 208 3.31 17.31 52.62
CA HIS G 208 3.97 16.02 52.82
C HIS G 208 3.63 15.52 54.21
N GLY G 209 3.15 14.29 54.31
CA GLY G 209 2.90 13.80 55.64
C GLY G 209 1.42 13.53 55.82
N GLY G 210 0.57 14.39 55.26
CA GLY G 210 -0.86 14.13 55.39
C GLY G 210 -1.32 14.17 56.85
N ALA G 211 -2.14 13.19 57.26
CA ALA G 211 -2.57 13.10 58.65
C ALA G 211 -1.39 13.18 59.62
N ASP G 212 -0.25 12.54 59.30
CA ASP G 212 0.84 12.52 60.25
C ASP G 212 1.37 13.92 60.47
N TYR G 213 1.37 14.74 59.42
CA TYR G 213 1.90 16.08 59.55
C TYR G 213 0.94 16.89 60.42
N ILE G 214 -0.36 16.69 60.21
CA ILE G 214 -1.31 17.52 60.94
C ILE G 214 -1.23 17.12 62.40
N PHE G 215 -1.15 15.82 62.66
CA PHE G 215 -1.09 15.37 64.03
C PHE G 215 0.20 15.85 64.68
N ALA G 216 1.32 15.71 63.97
CA ALA G 216 2.60 16.12 64.52
C ALA G 216 2.63 17.60 64.85
N LEU G 217 2.08 18.42 63.95
CA LEU G 217 2.18 19.86 64.10
C LEU G 217 1.33 20.30 65.29
N LEU G 218 0.14 19.69 65.44
CA LEU G 218 -0.79 20.18 66.44
C LEU G 218 -0.29 19.85 67.83
N THR G 219 0.45 18.75 67.92
CA THR G 219 0.88 18.20 69.19
C THR G 219 2.35 18.49 69.43
N GLY G 220 2.98 19.26 68.53
CA GLY G 220 4.42 19.34 68.66
C GLY G 220 4.91 20.73 69.01
N TYR G 221 4.11 21.48 69.77
CA TYR G 221 4.59 22.74 70.30
C TYR G 221 5.35 22.44 71.58
N PRO G 222 6.68 22.65 71.60
CA PRO G 222 7.46 22.46 72.83
C PRO G 222 7.11 23.61 73.76
N ASP G 223 7.30 23.38 75.06
CA ASP G 223 7.04 24.38 76.08
C ASP G 223 7.96 25.58 75.84
N GLU G 224 9.22 25.29 75.48
CA GLU G 224 10.20 26.33 75.25
C GLU G 224 10.89 26.04 73.93
N PRO G 225 11.10 27.06 73.07
CA PRO G 225 11.94 26.90 71.89
C PRO G 225 13.36 26.49 72.27
N PRO G 226 13.96 25.56 71.50
CA PRO G 226 15.37 25.20 71.68
C PRO G 226 16.22 26.45 71.83
N ALA G 227 17.15 26.39 72.79
CA ALA G 227 18.12 27.44 73.03
C ALA G 227 18.75 27.92 71.72
N GLY G 228 18.57 29.22 71.43
CA GLY G 228 19.29 29.88 70.36
C GLY G 228 18.39 30.28 69.19
N VAL G 229 17.16 29.76 69.21
CA VAL G 229 16.15 30.06 68.20
C VAL G 229 15.65 31.48 68.43
N VAL G 230 15.69 32.30 67.38
CA VAL G 230 15.12 33.63 67.46
C VAL G 230 13.78 33.61 66.71
N LEU G 231 12.70 33.74 67.46
CA LEU G 231 11.41 33.78 66.80
C LEU G 231 11.10 35.22 66.40
N ALA G 232 10.66 35.41 65.15
CA ALA G 232 10.05 36.64 64.69
C ALA G 232 8.80 36.97 65.53
N PRO G 233 8.39 38.24 65.72
CA PRO G 233 7.30 38.53 66.65
C PRO G 233 5.96 37.97 66.15
N GLY G 234 5.23 37.30 67.06
CA GLY G 234 3.94 36.69 66.75
C GLY G 234 4.07 35.31 66.10
N MET G 235 5.30 34.77 66.11
CA MET G 235 5.60 33.40 65.72
C MET G 235 5.81 32.55 66.97
N ASN G 236 5.56 31.26 66.79
CA ASN G 236 5.62 30.28 67.85
C ASN G 236 6.54 29.19 67.33
N TYR G 237 7.27 28.54 68.23
CA TYR G 237 8.21 27.56 67.73
C TYR G 237 7.48 26.25 67.50
N ASN G 238 7.64 25.65 66.33
CA ASN G 238 7.11 24.32 66.10
C ASN G 238 8.07 23.62 65.14
N PRO G 239 8.75 22.53 65.54
CA PRO G 239 9.79 21.95 64.68
C PRO G 239 9.27 21.35 63.38
N TYR G 240 7.99 21.00 63.35
CA TYR G 240 7.46 20.32 62.19
C TYR G 240 7.20 21.32 61.07
N PHE G 241 7.05 22.57 61.45
CA PHE G 241 6.76 23.59 60.47
C PHE G 241 8.07 24.07 59.85
N PRO G 242 8.21 24.10 58.51
CA PRO G 242 9.51 24.43 57.90
C PRO G 242 9.98 25.83 58.30
N GLY G 243 11.21 25.90 58.81
CA GLY G 243 11.70 27.16 59.33
C GLY G 243 11.52 27.30 60.85
N GLY G 244 10.49 26.68 61.40
CA GLY G 244 10.38 26.58 62.85
C GLY G 244 9.40 27.58 63.46
N GLY G 245 9.17 28.70 62.77
CA GLY G 245 8.33 29.75 63.32
C GLY G 245 6.98 29.75 62.65
N ILE G 246 5.95 29.35 63.40
CA ILE G 246 4.63 29.30 62.78
C ILE G 246 3.76 30.38 63.40
N GLY G 247 2.88 30.96 62.59
CA GLY G 247 2.06 32.04 63.07
C GLY G 247 0.84 31.53 63.86
N MET G 248 0.67 30.20 63.94
CA MET G 248 -0.46 29.65 64.65
C MET G 248 0.06 29.26 66.02
N ALA G 249 -0.59 29.69 67.09
CA ALA G 249 -0.18 29.28 68.43
C ALA G 249 -0.73 27.88 68.74
N ARG G 250 -0.24 27.26 69.82
CA ARG G 250 -0.87 26.04 70.29
C ARG G 250 -2.32 26.32 70.70
N THR G 251 -3.24 25.44 70.29
CA THR G 251 -4.66 25.65 70.48
C THR G 251 -5.34 24.46 71.16
N LEU G 252 -4.70 23.28 71.09
CA LEU G 252 -5.33 22.12 71.69
C LEU G 252 -4.75 21.90 73.07
N PHE G 253 -5.62 21.97 74.08
CA PHE G 253 -5.25 21.71 75.46
C PHE G 253 -6.29 20.77 76.02
N ASP G 254 -5.88 19.94 76.98
CA ASP G 254 -6.77 18.94 77.55
C ASP G 254 -8.06 19.62 78.00
N GLY G 255 -9.16 19.19 77.36
CA GLY G 255 -10.51 19.55 77.73
C GLY G 255 -10.99 20.87 77.13
N VAL G 256 -10.54 21.22 75.92
CA VAL G 256 -11.05 22.42 75.26
C VAL G 256 -12.38 22.08 74.60
N VAL G 257 -12.57 20.80 74.36
CA VAL G 257 -13.78 20.26 73.78
C VAL G 257 -14.35 19.28 74.79
N GLU G 258 -15.67 19.14 74.81
CA GLU G 258 -16.28 18.08 75.60
C GLU G 258 -16.97 17.11 74.66
N TYR G 259 -16.37 15.94 74.43
CA TYR G 259 -16.88 15.10 73.37
C TYR G 259 -18.25 14.57 73.77
N GLU G 260 -19.15 14.42 72.79
CA GLU G 260 -20.52 14.07 73.08
C GLU G 260 -20.68 12.56 73.30
N ASP G 261 -19.58 11.80 73.09
CA ASP G 261 -19.58 10.35 73.15
C ASP G 261 -18.83 9.86 74.39
N GLY G 262 -18.35 10.80 75.22
CA GLY G 262 -17.77 10.50 76.51
C GLY G 262 -16.27 10.18 76.49
N THR G 263 -15.67 10.16 75.30
CA THR G 263 -14.23 10.01 75.09
C THR G 263 -13.49 11.13 75.84
N PRO G 264 -12.43 10.81 76.63
CA PRO G 264 -11.61 11.85 77.29
C PRO G 264 -10.88 12.73 76.28
N ALA G 265 -11.11 14.04 76.37
CA ALA G 265 -10.64 14.93 75.32
C ALA G 265 -9.24 15.42 75.66
N THR G 266 -8.25 14.55 75.49
CA THR G 266 -6.87 14.93 75.70
C THR G 266 -6.32 15.57 74.43
N THR G 267 -5.26 16.38 74.57
CA THR G 267 -4.57 16.97 73.44
C THR G 267 -4.36 15.93 72.34
N SER G 268 -3.82 14.76 72.72
CA SER G 268 -3.53 13.72 71.75
C SER G 268 -4.79 13.20 71.08
N GLN G 269 -5.85 12.99 71.87
CA GLN G 269 -7.08 12.44 71.32
C GLN G 269 -7.70 13.41 70.33
N MET G 270 -7.69 14.70 70.70
CA MET G 270 -8.33 15.69 69.85
C MET G 270 -7.56 15.86 68.55
N ALA G 271 -6.24 15.80 68.66
CA ALA G 271 -5.43 15.98 67.47
C ALA G 271 -5.62 14.79 66.54
N LYS G 272 -5.74 13.60 67.10
CA LYS G 272 -5.92 12.42 66.28
C LYS G 272 -7.27 12.50 65.58
N ASP G 273 -8.31 12.91 66.29
CA ASP G 273 -9.63 12.94 65.69
C ASP G 273 -9.72 14.01 64.62
N VAL G 274 -9.21 15.21 64.90
CA VAL G 274 -9.31 16.27 63.92
C VAL G 274 -8.45 15.95 62.71
N ALA G 275 -7.27 15.35 62.92
CA ALA G 275 -6.46 14.93 61.78
C ALA G 275 -7.21 13.91 60.93
N ALA G 276 -7.93 13.00 61.57
CA ALA G 276 -8.69 12.02 60.81
C ALA G 276 -9.78 12.73 60.02
N PHE G 277 -10.50 13.64 60.67
CA PHE G 277 -11.57 14.35 60.01
C PHE G 277 -11.05 15.11 58.79
N LEU G 278 -9.93 15.81 58.94
CA LEU G 278 -9.38 16.58 57.83
C LEU G 278 -8.91 15.69 56.68
N THR G 279 -8.42 14.50 57.01
CA THR G 279 -8.03 13.55 55.98
C THR G 279 -9.28 13.14 55.20
N TRP G 280 -10.36 12.84 55.93
CA TRP G 280 -11.60 12.54 55.24
C TRP G 280 -12.03 13.74 54.36
N ALA G 281 -11.91 14.96 54.89
CA ALA G 281 -12.35 16.12 54.11
C ALA G 281 -11.56 16.23 52.80
N ALA G 282 -10.29 15.82 52.85
CA ALA G 282 -9.47 15.97 51.65
C ALA G 282 -9.80 14.89 50.63
N GLU G 283 -10.16 13.71 51.11
CA GLU G 283 -10.36 12.63 50.17
C GLU G 283 -11.59 11.84 50.58
N PRO G 284 -12.81 12.37 50.38
CA PRO G 284 -14.01 11.70 50.87
C PRO G 284 -14.42 10.42 50.16
N GLU G 285 -13.80 10.16 49.01
CA GLU G 285 -14.06 8.94 48.27
C GLU G 285 -13.26 7.77 48.83
N HIS G 286 -12.36 8.03 49.77
CA HIS G 286 -11.40 7.08 50.31
C HIS G 286 -11.98 5.68 50.56
N ASP G 287 -13.07 5.60 51.31
CA ASP G 287 -13.63 4.31 51.67
C ASP G 287 -14.14 3.57 50.44
N GLU G 288 -14.92 4.24 49.58
CA GLU G 288 -15.43 3.62 48.37
C GLU G 288 -14.31 3.21 47.40
N ARG G 289 -13.32 4.09 47.26
CA ARG G 289 -12.20 3.85 46.37
C ARG G 289 -11.48 2.56 46.75
N LYS G 290 -11.27 2.34 48.06
CA LYS G 290 -10.45 1.20 48.41
C LYS G 290 -11.26 -0.07 48.25
N LYS G 291 -12.57 0.02 48.41
CA LYS G 291 -13.35 -1.18 48.21
C LYS G 291 -13.42 -1.55 46.74
N LEU G 292 -13.56 -0.56 45.85
CA LEU G 292 -13.57 -0.87 44.43
C LEU G 292 -12.22 -1.44 44.02
N GLY G 293 -11.14 -0.94 44.63
CA GLY G 293 -9.79 -1.41 44.36
C GLY G 293 -9.62 -2.87 44.74
N LEU G 294 -10.27 -3.30 45.83
CA LEU G 294 -10.23 -4.70 46.20
C LEU G 294 -10.87 -5.56 45.12
N LYS G 295 -12.04 -5.15 44.65
CA LYS G 295 -12.68 -5.88 43.55
C LYS G 295 -11.78 -5.93 42.32
N ALA G 296 -11.17 -4.79 42.00
CA ALA G 296 -10.35 -4.71 40.81
C ALA G 296 -9.14 -5.63 40.95
N ILE G 297 -8.51 -5.61 42.14
CA ILE G 297 -7.30 -6.39 42.33
C ILE G 297 -7.61 -7.85 42.07
N ILE G 298 -8.74 -8.32 42.61
CA ILE G 298 -9.12 -9.71 42.52
C ILE G 298 -9.37 -10.09 41.06
N VAL G 299 -10.21 -9.32 40.38
CA VAL G 299 -10.56 -9.69 39.02
C VAL G 299 -9.34 -9.62 38.12
N ILE G 300 -8.54 -8.56 38.26
CA ILE G 300 -7.40 -8.35 37.38
C ILE G 300 -6.37 -9.46 37.62
N SER G 301 -6.12 -9.82 38.87
CA SER G 301 -5.23 -10.93 39.18
C SER G 301 -5.68 -12.23 38.52
N ALA G 302 -6.95 -12.60 38.71
CA ALA G 302 -7.46 -13.82 38.12
C ALA G 302 -7.32 -13.79 36.60
N MET G 303 -7.65 -12.65 35.98
CA MET G 303 -7.51 -12.53 34.53
C MET G 303 -6.05 -12.65 34.12
N LEU G 304 -5.12 -12.22 35.00
CA LEU G 304 -3.71 -12.32 34.65
C LEU G 304 -3.29 -13.79 34.66
N GLY G 305 -3.72 -14.53 35.69
CA GLY G 305 -3.46 -15.95 35.74
C GLY G 305 -4.01 -16.66 34.50
N LEU G 306 -5.25 -16.35 34.15
CA LEU G 306 -5.84 -17.05 33.02
C LEU G 306 -5.17 -16.65 31.72
N SER G 307 -4.78 -15.38 31.60
CA SER G 307 -4.13 -14.94 30.38
C SER G 307 -2.81 -15.69 30.22
N VAL G 308 -2.18 -16.08 31.32
CA VAL G 308 -0.93 -16.82 31.20
C VAL G 308 -1.18 -18.24 30.72
N TYR G 309 -2.19 -18.89 31.29
CA TYR G 309 -2.58 -20.19 30.78
C TYR G 309 -2.88 -20.11 29.28
N ILE G 310 -3.71 -19.16 28.87
CA ILE G 310 -4.13 -19.13 27.49
C ILE G 310 -2.94 -18.84 26.57
N LYS G 311 -2.06 -17.92 26.96
CA LYS G 311 -0.89 -17.66 26.16
C LYS G 311 -0.09 -18.94 25.96
N LYS G 312 0.19 -19.64 27.07
CA LYS G 312 1.03 -20.82 26.94
C LYS G 312 0.37 -21.87 26.07
N PHE G 313 -0.94 -21.99 26.21
CA PHE G 313 -1.65 -22.99 25.47
C PHE G 313 -1.55 -22.65 23.99
N LYS G 314 -1.83 -21.40 23.62
CA LYS G 314 -1.77 -21.01 22.22
C LYS G 314 -0.35 -21.12 21.69
N TRP G 315 0.67 -20.82 22.50
CA TRP G 315 2.04 -20.80 21.99
C TRP G 315 2.69 -22.18 21.92
N SER G 316 2.05 -23.22 22.46
CA SER G 316 2.82 -24.46 22.61
C SER G 316 3.25 -25.03 21.27
N PRO G 317 2.47 -24.93 20.16
CA PRO G 317 2.96 -25.40 18.87
C PRO G 317 4.23 -24.70 18.40
N ILE G 318 4.39 -23.42 18.73
CA ILE G 318 5.61 -22.74 18.35
C ILE G 318 6.74 -23.16 19.28
N LYS G 319 6.49 -23.24 20.59
CA LYS G 319 7.59 -23.57 21.47
C LYS G 319 8.05 -25.00 21.20
N ASN G 320 7.11 -25.89 20.87
CA ASN G 320 7.43 -27.31 20.83
C ASN G 320 8.00 -27.74 19.48
N ARG G 321 8.09 -26.80 18.53
CA ARG G 321 8.55 -27.07 17.17
C ARG G 321 9.93 -27.71 17.16
N LYS G 322 10.14 -28.68 16.27
CA LYS G 322 11.40 -29.38 16.15
C LYS G 322 11.71 -29.46 14.66
N PHE G 323 13.01 -29.51 14.30
CA PHE G 323 13.42 -29.52 12.91
C PHE G 323 14.29 -30.72 12.62
N ILE G 324 14.26 -31.15 11.37
CA ILE G 324 15.26 -32.09 10.90
C ILE G 324 15.84 -31.44 9.64
N TYR G 325 17.16 -31.26 9.62
CA TYR G 325 17.75 -30.64 8.45
C TYR G 325 18.54 -31.68 7.68
N ASN G 326 18.28 -31.82 6.38
CA ASN G 326 19.10 -32.66 5.54
C ASN G 326 19.75 -31.80 4.49
N PRO G 327 21.05 -31.45 4.59
CA PRO G 327 21.65 -30.51 3.64
C PRO G 327 21.53 -31.09 2.24
N PRO G 328 20.97 -30.31 1.28
CA PRO G 328 20.68 -30.77 -0.09
C PRO G 328 21.85 -31.29 -0.95
N TYR H 7 12.42 -4.43 1.69
CA TYR H 7 13.17 -5.57 2.50
C TYR H 7 12.31 -6.65 3.18
N MET H 8 11.00 -6.48 3.25
CA MET H 8 10.17 -7.60 3.67
C MET H 8 9.05 -7.72 2.66
N GLY H 9 8.65 -8.96 2.34
CA GLY H 9 7.59 -9.09 1.37
C GLY H 9 6.26 -9.33 2.07
N TRP H 10 5.61 -10.42 1.66
CA TRP H 10 4.38 -10.85 2.31
C TRP H 10 4.32 -12.36 2.20
N TRP H 11 3.31 -12.99 2.79
CA TRP H 11 3.26 -14.44 2.78
C TRP H 11 3.29 -14.95 1.34
N GLY H 12 4.17 -15.91 1.06
CA GLY H 12 4.32 -16.38 -0.30
C GLY H 12 5.58 -15.83 -0.95
N HIS H 13 5.96 -14.62 -0.56
CA HIS H 13 7.11 -13.97 -1.16
C HIS H 13 7.77 -13.11 -0.09
N MET H 14 8.09 -13.72 1.06
CA MET H 14 8.54 -12.96 2.21
C MET H 14 9.93 -12.38 1.97
N GLY H 15 10.73 -13.01 1.11
CA GLY H 15 12.05 -12.48 0.79
C GLY H 15 13.17 -13.28 1.46
N SER H 16 12.82 -14.47 1.95
CA SER H 16 13.77 -15.46 2.41
C SER H 16 14.64 -15.92 1.25
N PRO H 17 15.93 -16.24 1.47
CA PRO H 17 16.69 -17.04 0.53
C PRO H 17 15.90 -18.33 0.30
N PRO H 18 16.07 -19.05 -0.82
CA PRO H 18 15.37 -20.30 -1.02
C PRO H 18 15.65 -21.28 0.11
N GLN H 19 14.59 -21.90 0.62
CA GLN H 19 14.72 -22.86 1.69
C GLN H 19 14.56 -24.25 1.08
N LYS H 20 15.44 -25.15 1.49
CA LYS H 20 15.33 -26.53 1.08
C LYS H 20 15.95 -27.38 2.16
N GLY H 21 15.31 -28.52 2.47
CA GLY H 21 15.96 -29.55 3.23
C GLY H 21 15.68 -29.49 4.74
N ILE H 22 14.83 -28.56 5.17
CA ILE H 22 14.44 -28.56 6.57
C ILE H 22 13.04 -29.12 6.70
N ALA H 23 12.86 -30.16 7.54
CA ALA H 23 11.52 -30.57 7.93
C ALA H 23 11.18 -29.97 9.29
N GLY H 24 10.01 -29.34 9.42
CA GLY H 24 9.51 -28.87 10.70
C GLY H 24 8.36 -29.75 11.20
N TYR H 25 8.31 -29.92 12.50
CA TYR H 25 7.35 -30.82 13.12
C TYR H 25 6.79 -30.13 14.33
N THR H 26 5.49 -30.27 14.54
CA THR H 26 4.92 -29.78 15.77
C THR H 26 3.63 -30.50 16.07
N ILE H 27 3.14 -30.32 17.31
CA ILE H 27 1.92 -30.98 17.72
C ILE H 27 0.87 -29.94 18.07
N SER H 28 -0.38 -30.39 18.09
CA SER H 28 -1.53 -29.53 18.33
C SER H 28 -1.47 -28.93 19.74
N PRO H 29 -1.97 -27.70 19.96
CA PRO H 29 -2.00 -27.15 21.31
C PRO H 29 -2.87 -28.00 22.22
N PHE H 30 -3.89 -28.65 21.66
CA PHE H 30 -4.73 -29.54 22.46
C PHE H 30 -4.03 -30.85 22.81
N ALA H 31 -2.99 -31.21 22.05
CA ALA H 31 -2.32 -32.46 22.34
C ALA H 31 -1.20 -32.29 23.35
N ALA H 32 -0.79 -31.04 23.60
CA ALA H 32 0.41 -30.80 24.39
C ALA H 32 0.04 -30.34 25.79
N ARG H 33 0.94 -30.57 26.74
CA ARG H 33 0.77 -29.96 28.05
C ARG H 33 1.41 -28.57 28.02
N PRO H 34 0.62 -27.48 28.16
CA PRO H 34 1.16 -26.13 28.04
C PRO H 34 2.25 -25.86 29.06
N PHE H 35 2.09 -26.43 30.25
CA PHE H 35 3.02 -26.15 31.33
C PHE H 35 3.99 -27.29 31.54
N ALA H 36 4.25 -28.11 30.53
CA ALA H 36 5.21 -29.20 30.70
C ALA H 36 6.57 -28.62 31.10
N GLY H 37 7.16 -29.20 32.16
CA GLY H 37 8.51 -28.89 32.63
C GLY H 37 8.66 -27.46 33.16
N VAL H 38 7.54 -26.91 33.63
CA VAL H 38 7.47 -25.53 34.08
C VAL H 38 8.36 -25.35 35.32
N VAL H 39 8.37 -26.36 36.19
CA VAL H 39 9.06 -26.27 37.48
C VAL H 39 10.55 -26.22 37.23
N HIS H 40 11.03 -27.14 36.39
CA HIS H 40 12.42 -27.14 35.97
C HIS H 40 12.81 -25.81 35.34
N ALA H 41 11.97 -25.29 34.44
CA ALA H 41 12.30 -24.04 33.75
C ALA H 41 12.33 -22.88 34.74
N ALA H 42 11.31 -22.83 35.60
CA ALA H 42 11.13 -21.71 36.51
C ALA H 42 12.34 -21.61 37.43
N ILE H 43 12.96 -22.76 37.73
CA ILE H 43 14.06 -22.78 38.69
C ILE H 43 15.39 -22.73 37.95
N PHE H 44 15.67 -23.77 37.16
CA PHE H 44 16.99 -23.95 36.60
C PHE H 44 17.20 -23.05 35.39
N ASN H 45 16.20 -22.98 34.49
CA ASN H 45 16.34 -22.14 33.33
C ASN H 45 16.48 -20.67 33.75
N THR H 46 15.61 -20.19 34.64
CA THR H 46 15.68 -18.80 35.05
C THR H 46 17.01 -18.51 35.74
N PHE H 47 17.51 -19.45 36.53
CA PHE H 47 18.74 -19.20 37.23
C PHE H 47 19.90 -19.07 36.24
N ARG H 48 19.97 -19.99 35.28
CA ARG H 48 20.97 -19.89 34.21
C ARG H 48 20.87 -18.54 33.51
N ARG H 49 19.68 -18.17 33.06
CA ARG H 49 19.60 -16.94 32.30
C ARG H 49 19.99 -15.72 33.13
N THR H 50 19.67 -15.73 34.44
CA THR H 50 19.93 -14.57 35.28
C THR H 50 21.41 -14.48 35.61
N LYS H 51 22.00 -15.62 35.98
CA LYS H 51 23.42 -15.66 36.25
C LYS H 51 24.22 -15.08 35.10
N ASN H 52 23.85 -15.42 33.85
CA ASN H 52 24.62 -15.00 32.69
C ASN H 52 24.50 -13.50 32.39
N GLN H 53 23.49 -12.84 32.92
CA GLN H 53 23.31 -11.42 32.66
C GLN H 53 23.63 -10.56 33.88
N ALA H 54 23.97 -11.18 35.03
CA ALA H 54 23.90 -10.46 36.29
C ALA H 54 24.92 -9.33 36.35
N LEU H 55 26.15 -9.57 35.86
CA LEU H 55 27.20 -8.55 35.94
C LEU H 55 26.82 -7.25 35.24
N PHE H 56 26.08 -7.33 34.12
CA PHE H 56 25.80 -6.18 33.29
C PHE H 56 24.79 -5.28 33.98
N VAL H 57 24.14 -5.82 35.01
CA VAL H 57 23.21 -5.01 35.77
C VAL H 57 23.91 -4.58 37.05
N ILE H 58 24.58 -5.51 37.71
CA ILE H 58 25.11 -5.25 39.04
C ILE H 58 26.19 -4.17 38.96
N LEU H 59 27.13 -4.28 38.01
CA LEU H 59 28.21 -3.32 38.00
C LEU H 59 27.71 -1.89 37.88
N PRO H 60 26.91 -1.49 36.85
CA PRO H 60 26.49 -0.10 36.76
C PRO H 60 25.56 0.33 37.88
N VAL H 61 24.65 -0.54 38.31
CA VAL H 61 23.77 -0.17 39.41
C VAL H 61 24.59 0.13 40.65
N SER H 62 25.51 -0.77 41.01
CA SER H 62 26.24 -0.62 42.26
C SER H 62 27.15 0.60 42.19
N PHE H 63 27.67 0.91 41.01
CA PHE H 63 28.57 2.04 40.95
C PHE H 63 27.78 3.34 41.14
N PHE H 64 26.67 3.46 40.42
CA PHE H 64 25.89 4.69 40.46
C PHE H 64 25.23 4.85 41.83
N TYR H 65 24.94 3.74 42.50
CA TYR H 65 24.35 3.84 43.81
C TYR H 65 25.41 4.33 44.79
N TYR H 66 26.64 3.88 44.61
CA TYR H 66 27.70 4.27 45.51
C TYR H 66 27.99 5.76 45.36
N VAL H 67 28.09 6.22 44.12
CA VAL H 67 28.30 7.63 43.84
C VAL H 67 27.21 8.48 44.47
N TRP H 68 25.95 8.07 44.31
CA TRP H 68 24.85 8.85 44.82
C TRP H 68 24.90 8.93 46.35
N THR H 69 25.13 7.77 46.98
CA THR H 69 25.26 7.65 48.41
C THR H 69 26.35 8.59 48.95
N GLN H 70 27.50 8.64 48.28
CA GLN H 70 28.60 9.49 48.74
C GLN H 70 28.19 10.95 48.63
N ALA H 71 27.56 11.31 47.52
CA ALA H 71 27.19 12.69 47.23
C ALA H 71 26.11 13.14 48.20
N SER H 72 25.10 12.30 48.43
CA SER H 72 24.00 12.68 49.30
C SER H 72 24.47 12.75 50.74
N GLU H 73 25.41 11.91 51.13
CA GLU H 73 25.90 11.96 52.51
C GLU H 73 26.74 13.21 52.73
N LYS H 74 27.51 13.59 51.72
CA LYS H 74 28.34 14.78 51.85
C LYS H 74 27.44 16.01 51.93
N ASN H 75 26.40 16.01 51.09
CA ASN H 75 25.54 17.18 51.04
C ASN H 75 24.89 17.34 52.40
N GLU H 76 24.49 16.21 52.99
CA GLU H 76 23.80 16.26 54.26
C GLU H 76 24.74 16.82 55.33
N TRP H 77 26.01 16.44 55.24
CA TRP H 77 26.99 16.79 56.24
C TRP H 77 27.37 18.27 56.13
N LEU H 78 27.35 18.78 54.90
CA LEU H 78 27.73 20.17 54.69
C LEU H 78 26.71 21.13 55.32
N TYR H 79 25.48 20.68 55.50
CA TYR H 79 24.42 21.54 55.99
C TYR H 79 24.12 21.23 57.46
N THR H 80 25.10 20.62 58.13
CA THR H 80 25.07 20.53 59.58
C THR H 80 25.95 21.64 60.14
N LYS H 81 25.98 21.76 61.48
CA LYS H 81 26.84 22.67 62.23
C LYS H 81 28.30 22.33 61.99
N ALA H 82 28.59 21.03 62.07
CA ALA H 82 29.92 20.46 61.86
C ALA H 82 30.48 20.82 60.49
N GLY H 83 29.59 21.01 59.50
CA GLY H 83 30.01 21.15 58.11
C GLY H 83 30.04 22.61 57.66
N ARG H 84 29.95 23.53 58.63
CA ARG H 84 29.84 24.96 58.40
C ARG H 84 30.99 25.47 57.55
N HIS H 85 32.19 25.04 57.92
CA HIS H 85 33.41 25.60 57.38
C HIS H 85 33.62 25.10 55.96
N GLU H 86 33.38 23.80 55.78
CA GLU H 86 33.54 23.15 54.49
C GLU H 86 32.46 23.67 53.56
N LEU H 87 31.30 24.08 54.12
CA LEU H 87 30.24 24.61 53.26
C LEU H 87 30.64 26.00 52.76
N ALA H 88 31.32 26.74 53.64
CA ALA H 88 31.68 28.12 53.35
C ALA H 88 32.70 28.15 52.20
N LYS H 89 33.60 27.15 52.20
CA LYS H 89 34.65 27.02 51.21
C LYS H 89 34.06 26.54 49.89
N ALA H 90 33.09 25.62 49.97
CA ALA H 90 32.43 25.05 48.81
C ALA H 90 31.67 26.13 48.04
N LEU H 91 31.08 27.09 48.76
CA LEU H 91 30.52 28.28 48.12
C LEU H 91 31.58 29.40 48.12
N ALA I 4 -19.79 -35.54 30.12
CA ALA I 4 -18.69 -34.50 29.66
C ALA I 4 -18.76 -34.10 28.17
N THR I 5 -18.92 -35.12 27.32
CA THR I 5 -19.40 -34.95 25.96
C THR I 5 -20.69 -34.11 25.95
N THR I 6 -21.63 -34.48 26.81
CA THR I 6 -22.90 -33.78 26.89
C THR I 6 -22.68 -32.31 27.19
N PHE I 7 -21.89 -32.02 28.22
CA PHE I 7 -21.65 -30.64 28.58
C PHE I 7 -20.99 -29.88 27.43
N TYR I 8 -20.00 -30.51 26.79
CA TYR I 8 -19.36 -29.88 25.64
C TYR I 8 -20.40 -29.55 24.56
N ASN I 9 -21.25 -30.54 24.24
CA ASN I 9 -22.21 -30.45 23.14
C ASN I 9 -23.21 -29.34 23.34
N VAL I 10 -23.61 -29.17 24.60
CA VAL I 10 -24.65 -28.20 24.90
C VAL I 10 -24.08 -26.80 25.03
N PHE I 11 -22.99 -26.64 25.79
CA PHE I 11 -22.62 -25.29 26.15
C PHE I 11 -21.41 -24.74 25.41
N VAL I 12 -20.66 -25.63 24.73
CA VAL I 12 -19.39 -25.18 24.18
C VAL I 12 -19.36 -25.28 22.67
N LYS I 13 -19.88 -26.38 22.11
CA LYS I 13 -19.75 -26.65 20.68
C LYS I 13 -20.24 -25.50 19.81
N ARG I 14 -21.47 -25.03 20.00
CA ARG I 14 -21.96 -23.90 19.24
C ARG I 14 -21.42 -22.61 19.87
N ASN I 15 -20.85 -21.70 19.07
CA ASN I 15 -20.30 -20.49 19.65
C ASN I 15 -21.42 -19.62 20.19
N SER I 16 -22.56 -19.64 19.50
CA SER I 16 -23.70 -18.90 19.98
C SER I 16 -24.02 -19.32 21.41
N ALA I 17 -23.95 -20.63 21.70
CA ALA I 17 -24.25 -21.15 23.02
C ALA I 17 -23.13 -20.81 24.01
N PHE I 18 -21.89 -20.87 23.54
CA PHE I 18 -20.72 -20.57 24.35
C PHE I 18 -20.74 -19.11 24.78
N VAL I 19 -21.05 -18.20 23.86
CA VAL I 19 -21.04 -16.79 24.19
C VAL I 19 -22.21 -16.52 25.14
N ALA I 20 -23.37 -17.13 24.87
CA ALA I 20 -24.51 -16.97 25.75
C ALA I 20 -24.20 -17.46 27.18
N THR I 21 -23.49 -18.59 27.30
CA THR I 21 -23.12 -19.15 28.60
C THR I 21 -22.14 -18.24 29.32
N ILE I 22 -21.18 -17.66 28.58
CA ILE I 22 -20.18 -16.81 29.19
C ILE I 22 -20.87 -15.55 29.72
N LEU I 23 -21.78 -14.95 28.94
CA LEU I 23 -22.45 -13.73 29.37
C LEU I 23 -23.36 -13.99 30.54
N ALA I 24 -24.07 -15.14 30.55
CA ALA I 24 -24.93 -15.47 31.68
C ALA I 24 -24.09 -15.71 32.94
N SER I 25 -22.93 -16.36 32.78
CA SER I 25 -21.99 -16.54 33.88
C SER I 25 -21.47 -15.21 34.39
N ALA I 26 -21.21 -14.27 33.47
CA ALA I 26 -20.70 -12.96 33.86
C ALA I 26 -21.76 -12.22 34.67
N PHE I 27 -23.04 -12.37 34.28
CA PHE I 27 -24.15 -11.79 35.02
C PHE I 27 -24.19 -12.36 36.44
N VAL I 28 -24.11 -13.69 36.57
CA VAL I 28 -24.18 -14.32 37.87
C VAL I 28 -22.99 -13.92 38.71
N PHE I 29 -21.79 -14.01 38.12
CA PHE I 29 -20.57 -13.67 38.83
C PHE I 29 -20.69 -12.25 39.36
N ASP I 30 -21.03 -11.32 38.48
CA ASP I 30 -21.14 -9.92 38.83
C ASP I 30 -22.03 -9.69 40.05
N MET I 31 -23.19 -10.35 40.11
CA MET I 31 -24.16 -10.13 41.18
C MET I 31 -23.69 -10.75 42.49
N THR I 32 -23.14 -11.95 42.41
CA THR I 32 -22.72 -12.66 43.59
C THR I 32 -21.44 -12.05 44.16
N PHE I 33 -20.50 -11.68 43.28
CA PHE I 33 -19.22 -11.11 43.69
C PHE I 33 -19.43 -9.81 44.45
N GLU I 34 -20.34 -8.98 43.94
CA GLU I 34 -20.71 -7.72 44.56
C GLU I 34 -21.15 -7.97 46.01
N THR I 35 -22.09 -8.88 46.18
CA THR I 35 -22.64 -9.18 47.49
C THR I 35 -21.57 -9.73 48.42
N ALA I 36 -20.71 -10.60 47.89
CA ALA I 36 -19.70 -11.26 48.71
C ALA I 36 -18.63 -10.27 49.18
N ILE I 37 -18.23 -9.35 48.30
CA ILE I 37 -17.22 -8.38 48.69
C ILE I 37 -17.81 -7.41 49.72
N ASP I 38 -19.06 -6.99 49.49
CA ASP I 38 -19.76 -6.13 50.43
C ASP I 38 -19.71 -6.74 51.84
N ASN I 39 -20.06 -8.02 51.98
CA ASN I 39 -20.03 -8.66 53.30
C ASN I 39 -18.61 -8.74 53.86
N PHE I 40 -17.65 -9.04 52.99
CA PHE I 40 -16.30 -9.19 53.48
C PHE I 40 -15.75 -7.86 53.99
N TRP I 41 -16.06 -6.80 53.25
CA TRP I 41 -15.58 -5.47 53.57
C TRP I 41 -16.14 -5.00 54.91
N ASP I 42 -17.41 -5.36 55.17
CA ASP I 42 -18.11 -4.99 56.39
C ASP I 42 -17.56 -5.71 57.60
N ARG I 43 -17.06 -6.95 57.42
CA ARG I 43 -16.49 -7.71 58.52
C ARG I 43 -15.08 -7.23 58.86
N ILE I 44 -14.27 -6.92 57.84
CA ILE I 44 -12.91 -6.50 58.18
C ILE I 44 -12.87 -5.09 58.74
N ASN I 45 -13.93 -4.31 58.50
CA ASN I 45 -14.00 -2.93 58.96
C ASN I 45 -15.18 -2.83 59.89
N ALA I 46 -15.20 -3.71 60.91
CA ALA I 46 -16.37 -3.84 61.76
C ALA I 46 -16.32 -2.80 62.86
N GLY I 47 -17.45 -2.14 63.10
CA GLY I 47 -17.53 -1.08 64.10
C GLY I 47 -16.97 0.25 63.61
N LYS I 48 -16.46 0.31 62.38
CA LYS I 48 -15.83 1.54 61.92
C LYS I 48 -16.75 2.34 61.03
N GLN I 49 -17.68 1.66 60.35
CA GLN I 49 -18.37 2.31 59.25
C GLN I 49 -19.59 3.06 59.78
N TRP I 50 -20.17 3.98 58.98
CA TRP I 50 -21.33 4.73 59.42
C TRP I 50 -22.47 3.81 59.82
N LYS I 51 -22.73 2.78 59.00
CA LYS I 51 -23.76 1.77 59.28
C LYS I 51 -23.60 1.14 60.66
N ASP I 52 -22.38 1.15 61.23
CA ASP I 52 -22.12 0.56 62.53
C ASP I 52 -22.39 1.53 63.69
N ILE I 53 -22.45 2.84 63.42
CA ILE I 53 -22.62 3.81 64.49
C ILE I 53 -23.95 4.52 64.34
N ARG I 54 -24.61 4.31 63.20
CA ARG I 54 -25.81 5.02 62.81
C ARG I 54 -26.89 4.90 63.90
N HIS I 55 -26.91 3.77 64.62
CA HIS I 55 -28.00 3.45 65.53
C HIS I 55 -28.03 4.38 66.74
N LYS I 56 -26.88 5.00 67.06
CA LYS I 56 -26.77 5.99 68.13
C LYS I 56 -27.56 7.28 67.85
N TYR I 57 -27.97 7.53 66.58
CA TYR I 57 -28.48 8.83 66.19
C TYR I 57 -29.90 8.79 65.52
N TYR J 8 -36.57 -48.48 -17.62
CA TYR J 8 -35.67 -47.38 -18.20
C TYR J 8 -36.09 -45.98 -17.75
N VAL J 9 -35.10 -45.13 -17.41
CA VAL J 9 -35.33 -43.77 -16.96
C VAL J 9 -34.95 -42.83 -18.10
N LYS J 10 -35.87 -41.92 -18.47
CA LYS J 10 -35.70 -41.05 -19.62
C LYS J 10 -34.99 -39.75 -19.24
N LYS J 11 -35.27 -39.23 -18.04
CA LYS J 11 -34.83 -37.92 -17.59
C LYS J 11 -34.54 -37.97 -16.10
N PRO J 12 -33.56 -37.22 -15.57
CA PRO J 12 -33.34 -37.15 -14.12
C PRO J 12 -34.52 -36.41 -13.47
N SER J 13 -34.82 -36.75 -12.21
CA SER J 13 -36.02 -36.20 -11.61
C SER J 13 -35.63 -35.24 -10.50
N TYR J 14 -35.86 -33.93 -10.74
CA TYR J 14 -35.49 -32.91 -9.78
C TYR J 14 -36.35 -31.67 -9.94
N LYS J 15 -36.34 -30.82 -8.91
CA LYS J 15 -36.90 -29.49 -9.02
C LYS J 15 -35.91 -28.47 -8.50
N ILE J 16 -36.15 -27.21 -8.88
CA ILE J 16 -35.43 -26.08 -8.32
C ILE J 16 -36.25 -25.52 -7.16
N VAL J 17 -35.62 -25.49 -5.97
CA VAL J 17 -36.28 -24.91 -4.82
C VAL J 17 -36.20 -23.39 -4.93
N PRO J 18 -37.21 -22.65 -4.40
CA PRO J 18 -37.12 -21.19 -4.39
C PRO J 18 -35.89 -20.71 -3.64
N HIS J 19 -35.25 -19.68 -4.18
CA HIS J 19 -34.02 -19.18 -3.59
C HIS J 19 -33.97 -17.68 -3.78
N PHE J 20 -33.19 -17.03 -2.91
CA PHE J 20 -33.09 -15.58 -2.93
C PHE J 20 -31.76 -15.21 -2.32
N LEU J 21 -30.94 -14.49 -3.10
CA LEU J 21 -29.63 -14.03 -2.67
C LEU J 21 -28.77 -15.21 -2.21
N GLY J 22 -29.03 -16.38 -2.81
CA GLY J 22 -28.28 -17.59 -2.53
C GLY J 22 -28.66 -18.26 -1.21
N PHE J 23 -29.83 -17.91 -0.68
CA PHE J 23 -30.38 -18.66 0.43
C PHE J 23 -31.60 -19.43 -0.07
N ASN J 24 -31.84 -20.57 0.55
CA ASN J 24 -33.05 -21.31 0.30
C ASN J 24 -33.63 -21.70 1.66
N ILE J 25 -34.86 -22.18 1.66
CA ILE J 25 -35.52 -22.50 2.92
C ILE J 25 -34.86 -23.67 3.64
N PRO J 26 -34.50 -24.80 3.00
CA PRO J 26 -33.78 -25.86 3.68
C PRO J 26 -32.56 -25.39 4.48
N THR J 27 -31.74 -24.52 3.89
CA THR J 27 -30.55 -24.03 4.58
C THR J 27 -30.91 -23.15 5.76
N VAL J 28 -31.77 -22.16 5.53
CA VAL J 28 -32.14 -21.20 6.53
C VAL J 28 -32.76 -21.91 7.74
N SER J 29 -33.56 -22.93 7.47
CA SER J 29 -34.22 -23.64 8.55
C SER J 29 -33.22 -24.26 9.53
N LYS J 30 -32.03 -24.64 9.03
CA LYS J 30 -31.01 -25.23 9.88
C LYS J 30 -30.42 -24.16 10.80
N TRP J 31 -30.53 -22.89 10.40
CA TRP J 31 -29.88 -21.81 11.15
C TRP J 31 -30.83 -21.14 12.13
N ILE J 32 -32.12 -21.46 12.04
CA ILE J 32 -33.14 -20.82 12.84
C ILE J 32 -32.80 -20.96 14.32
N PRO J 33 -32.49 -22.18 14.83
CA PRO J 33 -32.02 -22.35 16.22
C PRO J 33 -30.84 -21.48 16.61
N ILE J 34 -29.88 -21.32 15.70
CA ILE J 34 -28.70 -20.53 15.98
C ILE J 34 -29.07 -19.07 16.15
N PHE J 35 -29.98 -18.54 15.33
CA PHE J 35 -30.46 -17.19 15.54
C PHE J 35 -31.09 -17.05 16.91
N GLY J 36 -31.86 -18.07 17.31
CA GLY J 36 -32.42 -18.13 18.66
C GLY J 36 -31.37 -17.93 19.75
N ILE J 37 -30.30 -18.71 19.71
CA ILE J 37 -29.26 -18.65 20.73
C ILE J 37 -28.52 -17.31 20.66
N TRP J 38 -28.24 -16.83 19.45
CA TRP J 38 -27.62 -15.51 19.34
C TRP J 38 -28.51 -14.44 19.95
N GLY J 39 -29.84 -14.65 19.87
CA GLY J 39 -30.81 -13.68 20.35
C GLY J 39 -30.82 -13.66 21.87
N ALA J 40 -30.72 -14.86 22.46
CA ALA J 40 -30.53 -15.03 23.89
C ALA J 40 -29.24 -14.35 24.34
N ALA J 41 -28.14 -14.57 23.62
CA ALA J 41 -26.87 -13.95 23.95
C ALA J 41 -26.99 -12.42 23.88
N ALA J 42 -27.74 -11.92 22.88
CA ALA J 42 -27.91 -10.48 22.73
C ALA J 42 -28.80 -9.96 23.85
N GLY J 43 -29.84 -10.72 24.22
CA GLY J 43 -30.73 -10.38 25.31
C GLY J 43 -30.01 -10.30 26.65
N ILE J 44 -29.30 -11.38 27.00
CA ILE J 44 -28.53 -11.42 28.23
C ILE J 44 -27.52 -10.28 28.24
N GLY J 45 -26.82 -10.07 27.11
CA GLY J 45 -25.81 -9.04 27.00
C GLY J 45 -26.38 -7.65 27.23
N ALA J 46 -27.53 -7.38 26.58
CA ALA J 46 -28.14 -6.06 26.63
C ALA J 46 -28.56 -5.78 28.06
N LEU J 47 -29.25 -6.76 28.64
CA LEU J 47 -29.82 -6.63 29.96
C LEU J 47 -28.71 -6.40 30.98
N PHE J 48 -27.62 -7.14 30.80
CA PHE J 48 -26.44 -7.05 31.64
C PHE J 48 -25.85 -5.64 31.58
N LEU J 49 -25.81 -5.04 30.38
CA LEU J 49 -25.23 -3.71 30.20
C LEU J 49 -26.04 -2.64 30.92
N ILE J 50 -27.36 -2.86 31.03
CA ILE J 50 -28.20 -1.80 31.56
C ILE J 50 -28.73 -2.18 32.94
N GLU J 51 -28.09 -3.17 33.56
CA GLU J 51 -28.50 -3.65 34.86
C GLU J 51 -28.40 -2.50 35.86
N GLY J 52 -27.46 -1.59 35.65
CA GLY J 52 -27.26 -0.49 36.58
C GLY J 52 -28.33 0.59 36.47
N VAL J 53 -28.90 0.75 35.26
CA VAL J 53 -29.94 1.74 35.04
C VAL J 53 -31.10 1.46 35.99
N PRO J 54 -31.50 2.46 36.81
CA PRO J 54 -32.54 2.27 37.84
C PRO J 54 -33.88 1.76 37.32
N ARG J 55 -34.25 2.19 36.12
CA ARG J 55 -35.50 1.78 35.49
C ARG J 55 -35.47 0.29 35.16
N THR J 56 -34.32 -0.22 34.71
CA THR J 56 -34.17 -1.63 34.43
C THR J 56 -34.43 -2.45 35.69
N ARG J 57 -33.99 -1.94 36.84
CA ARG J 57 -34.16 -2.69 38.07
C ARG J 57 -35.62 -2.63 38.48
N GLN J 58 -36.16 -1.40 38.50
CA GLN J 58 -37.53 -1.09 38.88
C GLN J 58 -38.55 -1.89 38.05
N ASP J 59 -38.37 -1.94 36.72
CA ASP J 59 -39.37 -2.51 35.82
C ASP J 59 -39.07 -3.95 35.42
N ILE J 60 -37.81 -4.40 35.42
CA ILE J 60 -37.52 -5.74 34.92
C ILE J 60 -36.99 -6.60 36.07
N LEU J 61 -35.81 -6.24 36.58
CA LEU J 61 -35.02 -7.16 37.38
C LEU J 61 -35.66 -7.46 38.74
N SER J 62 -36.35 -6.49 39.33
CA SER J 62 -36.89 -6.65 40.66
C SER J 62 -38.15 -7.51 40.65
N LYS J 63 -38.69 -7.74 39.44
CA LYS J 63 -39.95 -8.46 39.24
C LYS J 63 -39.70 -9.97 39.11
N ILE J 64 -38.46 -10.37 38.81
CA ILE J 64 -38.09 -11.76 38.69
C ILE J 64 -38.32 -12.46 40.04
N PRO J 65 -39.03 -13.62 40.06
CA PRO J 65 -39.29 -14.35 41.31
C PRO J 65 -38.02 -14.88 41.99
N ILE J 66 -37.97 -14.78 43.33
CA ILE J 66 -36.90 -15.26 44.18
C ILE J 66 -35.69 -14.31 44.10
N ILE J 67 -35.09 -14.25 42.91
CA ILE J 67 -33.87 -13.55 42.56
C ILE J 67 -34.07 -12.03 42.67
N GLY J 68 -35.32 -11.59 42.44
CA GLY J 68 -35.69 -10.20 42.22
C GLY J 68 -35.44 -9.30 43.41
N GLU J 69 -35.25 -9.92 44.59
CA GLU J 69 -35.09 -9.12 45.78
C GLU J 69 -33.69 -8.55 45.86
N HIS J 70 -32.81 -9.05 44.99
CA HIS J 70 -31.44 -8.56 44.95
C HIS J 70 -31.43 -7.09 44.55
N TRP J 71 -32.47 -6.64 43.83
CA TRP J 71 -32.50 -5.30 43.26
C TRP J 71 -33.45 -4.37 44.01
N ILE J 72 -34.06 -4.88 45.08
CA ILE J 72 -34.89 -4.05 45.94
C ILE J 72 -34.05 -3.68 47.15
N ARG J 73 -33.37 -2.53 47.07
CA ARG J 73 -32.52 -2.04 48.14
C ARG J 73 -32.82 -0.56 48.39
N GLU J 74 -33.11 -0.21 49.65
CA GLU J 74 -33.45 1.15 50.03
C GLU J 74 -32.34 1.76 50.91
N ILE J 75 -31.99 3.00 50.57
CA ILE J 75 -31.19 3.86 51.43
C ILE J 75 -32.10 4.32 52.57
N PRO J 76 -31.70 4.15 53.86
CA PRO J 76 -32.46 4.69 54.98
C PRO J 76 -32.56 6.21 54.85
N ALA J 77 -33.73 6.75 55.20
CA ALA J 77 -34.04 8.18 55.05
C ALA J 77 -33.08 9.04 55.86
N SER J 78 -32.48 8.41 56.89
CA SER J 78 -31.55 9.07 57.80
C SER J 78 -30.20 9.31 57.15
N ASP J 79 -29.91 8.61 56.05
CA ASP J 79 -28.57 8.59 55.46
C ASP J 79 -28.61 9.19 54.05
N ASN J 80 -29.73 9.83 53.72
CA ASN J 80 -29.92 10.32 52.37
C ASN J 80 -30.01 11.84 52.38
N PRO J 81 -29.00 12.57 51.86
CA PRO J 81 -29.04 14.03 51.87
C PRO J 81 -30.09 14.57 50.90
N PHE J 82 -30.36 13.81 49.85
CA PHE J 82 -31.32 14.23 48.83
C PHE J 82 -32.69 13.61 49.13
N MET K 1 14.25 4.13 -9.49
CA MET K 1 12.84 4.59 -9.15
C MET K 1 12.80 5.89 -8.34
N ALA K 2 11.83 6.73 -8.69
CA ALA K 2 11.63 8.03 -8.10
C ALA K 2 11.27 7.89 -6.62
N LEU K 3 11.86 8.74 -5.81
CA LEU K 3 11.59 8.79 -4.39
C LEU K 3 10.10 8.80 -4.05
N ARG K 4 9.27 9.57 -4.78
CA ARG K 4 7.86 9.68 -4.41
C ARG K 4 7.16 8.33 -4.52
N LYS K 5 7.77 7.39 -5.26
CA LYS K 5 7.14 6.10 -5.44
C LYS K 5 7.79 5.06 -4.54
N LYS K 6 9.07 5.28 -4.21
CA LYS K 6 9.91 4.33 -3.51
C LYS K 6 9.60 4.35 -2.01
N ASN K 7 9.57 5.56 -1.44
CA ASN K 7 9.38 5.74 -0.02
C ASN K 7 7.91 5.52 0.36
N SER K 8 7.64 4.67 1.35
CA SER K 8 6.27 4.25 1.61
C SER K 8 5.38 5.42 2.07
N LEU K 9 5.92 6.31 2.90
CA LEU K 9 5.06 7.42 3.32
C LEU K 9 4.75 8.34 2.15
N LEU K 10 5.79 8.80 1.43
CA LEU K 10 5.60 9.67 0.28
C LEU K 10 4.66 9.00 -0.71
N ASN K 11 4.80 7.68 -0.84
CA ASN K 11 3.98 6.99 -1.81
C ASN K 11 2.49 7.06 -1.49
N MET K 12 2.14 7.08 -0.21
CA MET K 12 0.73 7.21 0.14
C MET K 12 0.20 8.57 -0.27
N ALA K 13 0.96 9.64 0.01
CA ALA K 13 0.58 10.97 -0.47
C ALA K 13 0.47 10.97 -1.99
N ASN K 14 1.50 10.44 -2.65
CA ASN K 14 1.59 10.39 -4.10
C ASN K 14 0.33 9.75 -4.70
N SER K 15 -0.08 8.63 -4.11
CA SER K 15 -1.19 7.87 -4.65
C SER K 15 -2.51 8.63 -4.50
N TYR K 16 -2.57 9.67 -3.65
CA TYR K 16 -3.83 10.38 -3.47
C TYR K 16 -3.81 11.75 -4.12
N VAL K 17 -2.64 12.38 -4.21
CA VAL K 17 -2.71 13.78 -4.60
C VAL K 17 -1.88 14.08 -5.84
N LEU K 18 -1.07 13.13 -6.26
CA LEU K 18 -0.21 13.51 -7.37
C LEU K 18 -0.38 12.55 -8.55
N ASP K 19 0.04 11.31 -8.38
CA ASP K 19 -0.08 10.35 -9.46
C ASP K 19 -1.49 9.78 -9.55
N SER K 20 -2.38 10.11 -8.61
CA SER K 20 -3.71 9.51 -8.60
C SER K 20 -4.34 9.59 -9.99
N PRO K 21 -4.68 8.49 -10.69
CA PRO K 21 -5.24 8.59 -12.05
C PRO K 21 -6.72 8.94 -12.07
N GLN K 22 -7.04 10.10 -12.67
CA GLN K 22 -8.39 10.63 -12.65
C GLN K 22 -8.98 10.57 -14.05
N PRO K 23 -10.32 10.54 -14.18
CA PRO K 23 -10.94 10.63 -15.51
C PRO K 23 -10.57 11.98 -16.10
N SER K 24 -10.45 12.09 -17.42
CA SER K 24 -9.97 13.34 -17.95
C SER K 24 -11.13 14.32 -18.14
N ASN K 25 -12.38 13.90 -17.85
CA ASN K 25 -13.51 14.75 -18.17
C ASN K 25 -14.33 15.17 -16.95
N LEU K 26 -13.75 15.30 -15.75
CA LEU K 26 -14.57 15.71 -14.60
C LEU K 26 -14.96 17.16 -14.79
N ASN K 27 -16.22 17.51 -14.52
CA ASN K 27 -16.70 18.90 -14.61
C ASN K 27 -16.59 19.60 -13.26
N TYR K 28 -17.12 20.83 -13.12
CA TYR K 28 -16.85 21.59 -11.91
C TYR K 28 -17.59 21.02 -10.70
N PHE K 29 -18.59 20.18 -10.91
CA PHE K 29 -19.23 19.58 -9.75
C PHE K 29 -18.35 18.53 -9.09
N TRP K 30 -17.23 18.15 -9.70
CA TRP K 30 -16.27 17.32 -8.99
C TRP K 30 -15.38 18.16 -8.08
N ASN K 31 -15.63 19.47 -7.98
CA ASN K 31 -14.75 20.28 -7.16
C ASN K 31 -15.27 20.43 -5.72
N PHE K 32 -16.45 19.91 -5.41
CA PHE K 32 -16.99 20.07 -4.07
C PHE K 32 -16.23 19.27 -3.02
N GLY K 33 -15.69 18.12 -3.45
CA GLY K 33 -14.88 17.32 -2.54
C GLY K 33 -13.72 18.15 -1.98
N SER K 34 -12.97 18.83 -2.86
CA SER K 34 -11.88 19.65 -2.33
C SER K 34 -12.41 20.85 -1.56
N LEU K 35 -13.53 21.47 -1.98
CA LEU K 35 -14.06 22.53 -1.13
C LEU K 35 -14.44 22.02 0.25
N LEU K 36 -15.05 20.83 0.34
CA LEU K 36 -15.37 20.32 1.65
C LEU K 36 -14.12 20.14 2.49
N ALA K 37 -13.02 19.71 1.88
CA ALA K 37 -11.78 19.56 2.61
C ALA K 37 -11.26 20.92 3.05
N LEU K 38 -11.41 21.94 2.21
CA LEU K 38 -11.09 23.31 2.60
C LEU K 38 -11.94 23.84 3.77
N CYS K 39 -13.27 23.65 3.74
CA CYS K 39 -14.09 24.04 4.86
C CYS K 39 -13.62 23.31 6.10
N LEU K 40 -13.28 22.03 5.96
CA LEU K 40 -12.92 21.28 7.14
C LEU K 40 -11.63 21.83 7.74
N VAL K 41 -10.69 22.20 6.88
CA VAL K 41 -9.49 22.84 7.37
C VAL K 41 -9.78 24.21 8.00
N ILE K 42 -10.59 25.05 7.38
CA ILE K 42 -10.89 26.33 7.99
C ILE K 42 -11.57 26.15 9.35
N GLN K 43 -12.55 25.23 9.44
CA GLN K 43 -13.25 24.96 10.68
C GLN K 43 -12.25 24.49 11.74
N LEU K 44 -11.28 23.65 11.35
CA LEU K 44 -10.34 23.24 12.37
C LEU K 44 -9.53 24.42 12.86
N ALA K 45 -9.00 25.24 11.95
CA ALA K 45 -8.12 26.31 12.39
C ALA K 45 -8.92 27.36 13.18
N THR K 46 -10.09 27.74 12.68
CA THR K 46 -10.81 28.75 13.42
C THR K 46 -11.32 28.16 14.72
N GLY K 47 -11.77 26.90 14.69
CA GLY K 47 -12.39 26.29 15.85
C GLY K 47 -11.40 26.14 17.00
N ILE K 48 -10.21 25.66 16.67
CA ILE K 48 -9.18 25.49 17.70
C ILE K 48 -8.82 26.84 18.28
N THR K 49 -8.72 27.86 17.42
CA THR K 49 -8.47 29.19 17.94
C THR K 49 -9.61 29.73 18.78
N LEU K 50 -10.88 29.54 18.39
CA LEU K 50 -11.92 30.03 19.28
C LEU K 50 -11.82 29.32 20.62
N ALA K 51 -11.48 28.02 20.60
CA ALA K 51 -11.35 27.28 21.84
C ALA K 51 -10.30 27.92 22.73
N MET K 52 -9.35 28.67 22.20
CA MET K 52 -8.35 29.27 23.06
C MET K 52 -8.90 30.45 23.83
N HIS K 53 -10.11 30.90 23.51
CA HIS K 53 -10.62 32.12 24.09
C HIS K 53 -12.01 31.91 24.68
N TYR K 54 -12.58 30.72 24.45
CA TYR K 54 -13.96 30.52 24.82
C TYR K 54 -14.01 29.86 26.20
N THR K 55 -15.03 30.14 26.99
CA THR K 55 -15.12 29.44 28.27
C THR K 55 -16.41 28.66 28.26
N SER K 56 -16.36 27.37 28.61
CA SER K 56 -17.52 26.51 28.39
C SER K 56 -18.52 26.60 29.53
N HIS K 57 -18.14 27.23 30.65
CA HIS K 57 -19.05 27.34 31.80
C HIS K 57 -20.24 28.24 31.45
N ALA K 58 -21.46 27.83 31.77
CA ALA K 58 -22.67 28.56 31.41
C ALA K 58 -22.71 29.98 31.98
N SER K 59 -21.99 30.25 33.07
CA SER K 59 -21.97 31.61 33.60
C SER K 59 -21.11 32.53 32.76
N LEU K 60 -20.22 31.96 31.94
CA LEU K 60 -19.22 32.77 31.26
C LEU K 60 -19.24 32.60 29.74
N ALA K 61 -20.00 31.61 29.22
CA ALA K 61 -19.94 31.23 27.81
C ALA K 61 -20.31 32.39 26.91
N PHE K 62 -21.53 32.92 27.09
CA PHE K 62 -22.02 33.96 26.22
C PHE K 62 -21.09 35.15 26.30
N ASP K 63 -20.63 35.47 27.51
CA ASP K 63 -19.74 36.61 27.63
C ASP K 63 -18.39 36.32 26.98
N SER K 64 -17.95 35.05 26.97
CA SER K 64 -16.64 34.78 26.43
C SER K 64 -16.73 34.98 24.91
N VAL K 65 -17.92 34.73 24.36
CA VAL K 65 -18.04 34.95 22.93
C VAL K 65 -18.08 36.45 22.64
N GLU K 66 -18.68 37.25 23.51
CA GLU K 66 -18.61 38.69 23.31
C GLU K 66 -17.19 39.21 23.48
N HIS K 67 -16.44 38.64 24.40
CA HIS K 67 -15.04 38.98 24.58
C HIS K 67 -14.24 38.71 23.31
N ILE K 68 -14.53 37.57 22.66
CA ILE K 68 -13.90 37.23 21.39
C ILE K 68 -14.25 38.29 20.36
N MET K 69 -15.52 38.65 20.20
CA MET K 69 -15.92 39.68 19.26
C MET K 69 -15.26 41.02 19.56
N ARG K 70 -15.13 41.39 20.84
CA ARG K 70 -14.78 42.76 21.16
C ARG K 70 -13.30 42.99 21.51
N ASP K 71 -12.65 42.03 22.19
CA ASP K 71 -11.33 42.26 22.77
C ASP K 71 -10.19 41.51 22.09
N VAL K 72 -10.43 40.27 21.67
CA VAL K 72 -9.39 39.48 21.05
C VAL K 72 -9.06 40.06 19.67
N ASN K 73 -7.78 40.22 19.36
CA ASN K 73 -7.39 40.79 18.07
C ASN K 73 -7.88 39.91 16.94
N PHE K 74 -8.62 40.48 16.00
CA PHE K 74 -9.23 39.69 14.94
C PHE K 74 -10.23 38.67 15.44
N GLY K 75 -10.67 38.82 16.69
CA GLY K 75 -11.62 37.84 17.17
C GLY K 75 -12.90 37.84 16.35
N TRP K 76 -13.33 39.02 15.90
CA TRP K 76 -14.54 39.12 15.12
C TRP K 76 -14.39 38.29 13.87
N PHE K 77 -13.19 38.30 13.29
CA PHE K 77 -13.02 37.60 12.02
C PHE K 77 -13.05 36.10 12.26
N ILE K 78 -12.32 35.67 13.29
CA ILE K 78 -12.26 34.26 13.59
C ILE K 78 -13.65 33.76 13.90
N ARG K 79 -14.41 34.52 14.68
CA ARG K 79 -15.75 34.08 15.02
C ARG K 79 -16.63 34.03 13.78
N TYR K 80 -16.66 35.10 12.98
CA TYR K 80 -17.56 35.08 11.85
C TYR K 80 -17.10 34.07 10.79
N ALA K 81 -15.79 33.92 10.60
CA ALA K 81 -15.32 32.88 9.69
C ALA K 81 -15.86 31.52 10.14
N HIS K 82 -15.77 31.23 11.45
CA HIS K 82 -16.20 29.94 11.94
C HIS K 82 -17.69 29.75 11.73
N ALA K 83 -18.48 30.79 12.01
CA ALA K 83 -19.93 30.69 11.92
C ALA K 83 -20.38 30.58 10.46
N ASN K 84 -19.74 31.32 9.55
CA ASN K 84 -20.21 31.35 8.18
C ASN K 84 -19.74 30.10 7.43
N THR K 85 -18.53 29.66 7.75
CA THR K 85 -18.03 28.45 7.14
C THR K 85 -18.93 27.27 7.52
N ALA K 86 -19.54 27.32 8.70
CA ALA K 86 -20.48 26.23 8.99
C ALA K 86 -21.60 26.21 7.95
N SER K 87 -22.06 27.37 7.48
CA SER K 87 -23.10 27.39 6.46
C SER K 87 -22.54 26.93 5.12
N PHE K 88 -21.35 27.40 4.77
CA PHE K 88 -20.77 27.00 3.51
C PHE K 88 -20.51 25.49 3.48
N PHE K 89 -20.11 24.92 4.62
CA PHE K 89 -19.90 23.49 4.75
C PHE K 89 -21.16 22.76 4.30
N PHE K 90 -22.33 23.26 4.72
CA PHE K 90 -23.55 22.57 4.31
C PHE K 90 -23.96 22.84 2.87
N ILE K 91 -23.68 24.04 2.36
CA ILE K 91 -23.90 24.24 0.94
C ILE K 91 -23.03 23.26 0.15
N CYS K 92 -21.74 23.19 0.46
CA CYS K 92 -20.87 22.30 -0.30
C CYS K 92 -21.25 20.83 -0.10
N ILE K 93 -21.77 20.44 1.07
CA ILE K 93 -22.05 19.04 1.29
C ILE K 93 -23.32 18.62 0.56
N TYR K 94 -24.29 19.53 0.50
CA TYR K 94 -25.49 19.21 -0.26
C TYR K 94 -25.15 19.14 -1.74
N ALA K 95 -24.23 20.00 -2.21
CA ALA K 95 -23.82 20.01 -3.61
C ALA K 95 -23.14 18.69 -3.94
N HIS K 96 -22.26 18.28 -3.05
CA HIS K 96 -21.51 17.06 -3.23
C HIS K 96 -22.50 15.90 -3.28
N MET K 97 -23.44 15.84 -2.34
CA MET K 97 -24.42 14.75 -2.33
C MET K 97 -25.34 14.81 -3.56
N GLY K 98 -25.71 16.03 -3.96
CA GLY K 98 -26.46 16.23 -5.20
C GLY K 98 -25.73 15.66 -6.41
N ARG K 99 -24.43 15.99 -6.55
CA ARG K 99 -23.61 15.48 -7.64
C ARG K 99 -23.62 13.95 -7.59
N ASN K 100 -23.44 13.39 -6.40
CA ASN K 100 -23.39 11.95 -6.28
C ASN K 100 -24.71 11.30 -6.68
N ILE K 101 -25.84 11.94 -6.36
CA ILE K 101 -27.11 11.33 -6.72
C ILE K 101 -27.39 11.46 -8.20
N TYR K 102 -27.09 12.62 -8.78
CA TYR K 102 -27.37 12.82 -10.20
C TYR K 102 -26.50 11.92 -11.08
N TYR K 103 -25.24 11.75 -10.70
CA TYR K 103 -24.38 11.00 -11.59
C TYR K 103 -24.25 9.55 -11.17
N GLY K 104 -25.08 9.10 -10.23
CA GLY K 104 -25.07 7.67 -9.94
C GLY K 104 -23.79 7.23 -9.24
N SER K 105 -23.17 8.12 -8.47
CA SER K 105 -21.96 7.78 -7.73
C SER K 105 -22.25 6.75 -6.66
N TYR K 106 -23.52 6.55 -6.32
CA TYR K 106 -23.84 5.59 -5.29
C TYR K 106 -23.87 4.16 -5.85
N LYS K 107 -23.90 3.98 -7.18
CA LYS K 107 -24.03 2.61 -7.69
C LYS K 107 -22.73 1.84 -7.56
N THR K 108 -22.85 0.51 -7.62
CA THR K 108 -21.69 -0.35 -7.70
C THR K 108 -20.74 0.17 -8.80
N PRO K 109 -19.42 0.18 -8.60
CA PRO K 109 -18.78 -0.36 -7.41
C PRO K 109 -18.47 0.70 -6.35
N ARG K 110 -19.36 1.67 -6.16
CA ARG K 110 -19.00 2.71 -5.21
C ARG K 110 -20.00 2.74 -4.07
N VAL K 111 -20.64 1.62 -3.74
CA VAL K 111 -21.55 1.59 -2.61
C VAL K 111 -20.85 1.86 -1.29
N LEU K 112 -19.61 1.38 -1.11
CA LEU K 112 -18.98 1.60 0.19
C LEU K 112 -18.64 3.08 0.42
N PRO K 113 -17.96 3.83 -0.49
CA PRO K 113 -17.70 5.24 -0.24
C PRO K 113 -19.01 6.00 -0.03
N TRP K 114 -20.09 5.57 -0.70
CA TRP K 114 -21.34 6.27 -0.55
C TRP K 114 -21.93 6.05 0.83
N SER K 115 -21.86 4.81 1.29
CA SER K 115 -22.43 4.49 2.59
C SER K 115 -21.66 5.16 3.72
N ILE K 116 -20.34 5.20 3.61
CA ILE K 116 -19.55 5.91 4.61
C ILE K 116 -19.92 7.38 4.54
N GLY K 117 -20.18 7.85 3.32
CA GLY K 117 -20.55 9.25 3.11
C GLY K 117 -21.80 9.61 3.91
N VAL K 118 -22.80 8.74 3.91
CA VAL K 118 -24.01 9.02 4.66
C VAL K 118 -23.69 9.20 6.15
N ILE K 119 -22.73 8.44 6.67
CA ILE K 119 -22.35 8.62 8.06
C ILE K 119 -21.60 9.92 8.26
N ILE K 120 -20.75 10.31 7.30
CA ILE K 120 -20.10 11.61 7.41
C ILE K 120 -21.17 12.70 7.58
N PHE K 121 -22.27 12.57 6.83
CA PHE K 121 -23.30 13.59 6.82
C PHE K 121 -23.98 13.64 8.19
N LEU K 122 -24.20 12.48 8.82
CA LEU K 122 -24.75 12.45 10.17
C LEU K 122 -23.80 13.07 11.18
N LEU K 123 -22.52 12.78 11.05
CA LEU K 123 -21.59 13.41 11.97
C LEU K 123 -21.58 14.91 11.80
N LEU K 124 -21.71 15.41 10.57
CA LEU K 124 -21.65 16.84 10.36
C LEU K 124 -22.85 17.48 11.06
N ILE K 125 -24.02 16.83 10.98
CA ILE K 125 -25.22 17.38 11.58
C ILE K 125 -25.02 17.51 13.09
N ILE K 126 -24.53 16.44 13.71
CA ILE K 126 -24.35 16.46 15.14
C ILE K 126 -23.29 17.52 15.51
N THR K 127 -22.18 17.57 14.76
CA THR K 127 -21.12 18.52 15.06
C THR K 127 -21.70 19.91 15.03
N ALA K 128 -22.45 20.24 13.99
CA ALA K 128 -22.89 21.61 13.85
C ALA K 128 -23.98 21.94 14.87
N PHE K 129 -24.79 20.95 15.23
CA PHE K 129 -25.82 21.17 16.23
C PHE K 129 -25.18 21.55 17.56
N MET K 130 -24.19 20.77 17.98
CA MET K 130 -23.55 21.03 19.26
C MET K 130 -22.79 22.34 19.22
N GLY K 131 -22.20 22.69 18.09
CA GLY K 131 -21.43 23.92 18.07
C GLY K 131 -22.37 25.11 18.26
N TYR K 132 -23.58 24.99 17.71
CA TYR K 132 -24.52 26.08 17.83
C TYR K 132 -24.92 26.33 19.28
N VAL K 133 -25.00 25.27 20.08
CA VAL K 133 -25.38 25.41 21.47
C VAL K 133 -24.32 26.17 22.25
N LEU K 134 -23.06 26.14 21.82
CA LEU K 134 -22.02 26.68 22.66
C LEU K 134 -22.11 28.19 22.86
N VAL K 135 -22.85 28.89 21.99
CA VAL K 135 -22.97 30.33 22.14
C VAL K 135 -23.75 30.65 23.40
N PHE K 136 -24.74 29.80 23.68
CA PHE K 136 -25.58 29.96 24.84
C PHE K 136 -26.35 31.27 24.78
N GLY K 137 -26.76 31.64 23.56
CA GLY K 137 -27.84 32.61 23.38
C GLY K 137 -29.21 31.94 23.48
N GLN K 138 -30.28 32.69 23.20
CA GLN K 138 -31.62 32.15 23.29
C GLN K 138 -31.83 31.01 22.30
N MET K 139 -31.36 31.15 21.05
CA MET K 139 -31.57 30.07 20.11
C MET K 139 -30.79 28.82 20.51
N SER K 140 -29.54 29.02 20.96
CA SER K 140 -28.73 27.94 21.48
C SER K 140 -29.51 27.12 22.50
N LEU K 141 -30.07 27.78 23.52
CA LEU K 141 -30.68 27.05 24.61
C LEU K 141 -31.97 26.35 24.14
N TRP K 142 -32.83 27.11 23.48
CA TRP K 142 -34.15 26.63 23.14
C TRP K 142 -34.05 25.57 22.05
N GLY K 143 -33.09 25.73 21.14
CA GLY K 143 -32.85 24.68 20.17
C GLY K 143 -32.38 23.40 20.84
N ALA K 144 -31.45 23.51 21.81
CA ALA K 144 -30.99 22.32 22.49
C ALA K 144 -32.16 21.67 23.21
N THR K 145 -33.04 22.47 23.82
CA THR K 145 -34.15 21.91 24.58
C THR K 145 -35.06 21.06 23.70
N VAL K 146 -35.45 21.60 22.55
CA VAL K 146 -36.45 20.91 21.77
C VAL K 146 -35.85 19.74 21.00
N ILE K 147 -34.60 19.87 20.57
CA ILE K 147 -34.01 18.77 19.83
C ILE K 147 -33.69 17.63 20.77
N CYS K 148 -33.21 17.94 21.99
CA CYS K 148 -32.85 16.92 22.94
C CYS K 148 -34.12 16.23 23.49
N ASN K 149 -35.25 16.93 23.47
CA ASN K 149 -36.49 16.32 23.91
C ASN K 149 -37.03 15.27 22.95
N LEU K 150 -36.52 15.23 21.72
CA LEU K 150 -37.00 14.25 20.76
C LEU K 150 -36.59 12.85 21.19
N VAL K 151 -35.51 12.77 21.96
CA VAL K 151 -35.00 11.53 22.50
C VAL K 151 -35.98 10.96 23.53
N SER K 152 -36.78 11.82 24.16
CA SER K 152 -37.83 11.34 25.07
C SER K 152 -38.82 10.41 24.38
N ALA K 153 -38.76 10.32 23.05
CA ALA K 153 -39.75 9.54 22.30
C ALA K 153 -39.36 8.07 22.29
N ILE K 154 -38.05 7.81 22.39
CA ILE K 154 -37.56 6.45 22.52
C ILE K 154 -38.38 5.81 23.63
N PRO K 155 -39.03 4.64 23.40
CA PRO K 155 -39.96 4.10 24.38
C PRO K 155 -39.22 3.56 25.59
N TRP K 156 -39.89 3.65 26.75
CA TRP K 156 -39.43 3.09 28.01
C TRP K 156 -38.30 3.90 28.63
N LEU K 157 -37.17 4.05 27.91
CA LEU K 157 -35.97 4.62 28.51
C LEU K 157 -35.71 6.05 28.02
N GLY K 158 -36.62 6.58 27.19
CA GLY K 158 -36.45 7.87 26.55
C GLY K 158 -36.14 9.00 27.53
N GLU K 159 -36.92 9.10 28.61
CA GLU K 159 -36.78 10.18 29.59
C GLU K 159 -35.43 10.10 30.30
N ASP K 160 -35.05 8.88 30.70
CA ASP K 160 -33.78 8.61 31.34
C ASP K 160 -32.63 8.98 30.42
N ILE K 161 -32.79 8.75 29.12
CA ILE K 161 -31.70 9.06 28.22
C ILE K 161 -31.56 10.56 28.12
N VAL K 162 -32.68 11.27 28.14
CA VAL K 162 -32.60 12.73 28.01
C VAL K 162 -31.87 13.32 29.20
N HIS K 163 -32.24 12.88 30.40
CA HIS K 163 -31.59 13.35 31.61
C HIS K 163 -30.11 12.98 31.60
N PHE K 164 -29.79 11.85 31.00
CA PHE K 164 -28.40 11.46 30.93
C PHE K 164 -27.63 12.35 29.97
N LEU K 165 -28.20 12.66 28.79
CA LEU K 165 -27.56 13.60 27.86
C LEU K 165 -27.34 14.97 28.48
N TRP K 166 -28.37 15.50 29.14
CA TRP K 166 -28.35 16.83 29.71
C TRP K 166 -27.39 16.93 30.88
N GLY K 167 -27.23 15.81 31.58
CA GLY K 167 -26.50 15.73 32.83
C GLY K 167 -27.23 16.50 33.94
N GLY K 168 -28.55 16.45 33.91
CA GLY K 168 -29.34 17.25 34.81
C GLY K 168 -30.78 17.21 34.35
N PHE K 169 -31.57 18.19 34.81
CA PHE K 169 -33.01 18.10 34.59
C PHE K 169 -33.48 19.03 33.49
N SER K 170 -32.57 19.81 32.94
CA SER K 170 -32.87 20.74 31.88
C SER K 170 -31.54 21.07 31.23
N VAL K 171 -31.57 21.78 30.11
CA VAL K 171 -30.31 22.19 29.50
C VAL K 171 -29.70 23.28 30.36
N GLY K 172 -28.47 23.07 30.81
CA GLY K 172 -27.79 24.02 31.68
C GLY K 172 -26.28 23.86 31.56
N ASN K 173 -25.55 24.21 32.64
CA ASN K 173 -24.10 24.15 32.59
C ASN K 173 -23.58 22.76 32.21
N PRO K 174 -24.08 21.65 32.79
CA PRO K 174 -23.54 20.34 32.44
C PRO K 174 -23.66 20.03 30.95
N THR K 175 -24.75 20.54 30.37
CA THR K 175 -25.00 20.23 28.99
C THR K 175 -24.01 20.99 28.12
N LEU K 176 -23.82 22.25 28.50
CA LEU K 176 -22.96 23.13 27.75
C LEU K 176 -21.53 22.61 27.79
N GLN K 177 -21.06 22.20 28.96
CA GLN K 177 -19.69 21.75 29.04
C GLN K 177 -19.49 20.46 28.29
N ARG K 178 -20.48 19.59 28.26
CA ARG K 178 -20.24 18.34 27.56
C ARG K 178 -20.32 18.59 26.06
N PHE K 179 -21.18 19.52 25.64
CA PHE K 179 -21.24 19.78 24.21
C PHE K 179 -19.95 20.44 23.76
N PHE K 180 -19.30 21.22 24.63
CA PHE K 180 -18.04 21.77 24.22
C PHE K 180 -17.04 20.65 23.93
N ALA K 181 -16.92 19.69 24.85
CA ALA K 181 -15.93 18.63 24.70
C ALA K 181 -16.23 17.81 23.46
N LEU K 182 -17.51 17.50 23.24
CA LEU K 182 -17.89 16.71 22.09
C LEU K 182 -17.77 17.47 20.77
N HIS K 183 -18.11 18.76 20.78
CA HIS K 183 -17.98 19.56 19.59
C HIS K 183 -16.51 19.67 19.22
N TYR K 184 -15.61 19.67 20.20
CA TYR K 184 -14.19 19.70 19.89
C TYR K 184 -13.81 18.39 19.20
N LEU K 185 -14.33 17.28 19.70
CA LEU K 185 -13.88 15.98 19.24
C LEU K 185 -14.47 15.58 17.90
N MET K 186 -15.77 15.85 17.70
CA MET K 186 -16.51 15.35 16.54
C MET K 186 -15.83 15.68 15.20
N PRO K 187 -15.31 16.90 14.97
CA PRO K 187 -14.58 17.17 13.73
C PRO K 187 -13.39 16.27 13.47
N PHE K 188 -12.74 15.76 14.52
CA PHE K 188 -11.68 14.79 14.27
C PHE K 188 -12.26 13.47 13.79
N VAL K 189 -13.39 13.06 14.38
CA VAL K 189 -14.03 11.84 13.93
C VAL K 189 -14.46 11.99 12.49
N LEU K 190 -15.01 13.16 12.19
CA LEU K 190 -15.48 13.46 10.85
C LEU K 190 -14.33 13.38 9.86
N ALA K 191 -13.18 13.95 10.20
CA ALA K 191 -12.03 13.88 9.31
C ALA K 191 -11.59 12.44 9.06
N VAL K 192 -11.65 11.59 10.07
CA VAL K 192 -11.29 10.20 9.85
C VAL K 192 -12.25 9.53 8.87
N PHE K 193 -13.56 9.78 9.03
CA PHE K 193 -14.49 9.10 8.14
C PHE K 193 -14.34 9.65 6.72
N ALA K 194 -13.96 10.93 6.63
CA ALA K 194 -13.79 11.51 5.32
C ALA K 194 -12.63 10.82 4.65
N LEU K 195 -11.58 10.57 5.42
CA LEU K 195 -10.46 9.86 4.85
C LEU K 195 -10.84 8.42 4.48
N LEU K 196 -11.60 7.74 5.33
CA LEU K 196 -12.05 6.40 4.96
C LEU K 196 -12.87 6.40 3.66
N HIS K 197 -13.78 7.35 3.48
CA HIS K 197 -14.55 7.23 2.26
C HIS K 197 -13.65 7.39 1.04
N LEU K 198 -12.58 8.17 1.15
CA LEU K 198 -11.66 8.32 0.03
C LEU K 198 -10.88 7.05 -0.25
N ILE K 199 -10.37 6.41 0.82
CA ILE K 199 -9.65 5.16 0.72
C ILE K 199 -10.57 4.12 0.08
N ALA K 200 -11.84 4.09 0.48
CA ALA K 200 -12.75 3.15 -0.16
C ALA K 200 -12.91 3.47 -1.63
N LEU K 201 -12.96 4.76 -1.97
CA LEU K 201 -13.18 5.10 -3.37
C LEU K 201 -11.99 4.71 -4.23
N HIS K 202 -10.82 4.58 -3.61
CA HIS K 202 -9.62 4.50 -4.42
C HIS K 202 -9.55 3.18 -5.16
N THR K 203 -10.39 2.21 -4.75
CA THR K 203 -10.43 0.96 -5.47
C THR K 203 -11.05 1.09 -6.86
N ALA K 204 -12.05 1.98 -7.01
CA ALA K 204 -12.80 2.11 -8.25
C ALA K 204 -12.32 3.32 -9.03
N GLY K 205 -11.70 4.26 -8.31
CA GLY K 205 -11.50 5.60 -8.86
C GLY K 205 -12.78 6.43 -8.97
N SER K 206 -12.61 7.71 -9.32
CA SER K 206 -13.74 8.62 -9.40
C SER K 206 -14.66 8.18 -10.52
N SER K 207 -15.97 8.36 -10.32
CA SER K 207 -16.87 8.23 -11.44
C SER K 207 -16.69 9.48 -12.31
N ASN K 208 -17.43 9.59 -13.41
CA ASN K 208 -17.25 10.73 -14.29
C ASN K 208 -18.60 11.12 -14.86
N PRO K 209 -18.74 12.32 -15.43
CA PRO K 209 -20.07 12.73 -15.84
C PRO K 209 -20.66 11.95 -17.00
N LEU K 210 -19.91 11.10 -17.72
CA LEU K 210 -20.56 10.31 -18.76
C LEU K 210 -21.10 9.00 -18.19
N GLY K 211 -20.56 8.59 -17.05
CA GLY K 211 -20.97 7.37 -16.38
C GLY K 211 -20.34 6.11 -16.98
N ILE K 212 -19.42 6.29 -17.93
CA ILE K 212 -18.72 5.17 -18.55
C ILE K 212 -17.39 4.97 -17.82
N THR K 213 -16.64 3.92 -18.20
CA THR K 213 -15.32 3.70 -17.62
C THR K 213 -14.36 4.83 -18.02
N SER K 214 -13.44 5.15 -17.12
CA SER K 214 -12.40 6.11 -17.47
C SER K 214 -11.06 5.39 -17.61
N ASN K 215 -11.08 4.06 -17.43
CA ASN K 215 -9.85 3.30 -17.46
C ASN K 215 -9.11 3.50 -18.78
N VAL K 216 -9.86 3.94 -19.81
CA VAL K 216 -9.27 4.07 -21.13
C VAL K 216 -8.48 5.37 -21.28
N ASP K 217 -8.67 6.35 -20.39
CA ASP K 217 -8.13 7.70 -20.58
C ASP K 217 -7.97 8.46 -19.27
N LYS K 218 -6.82 8.29 -18.64
CA LYS K 218 -6.63 8.83 -17.32
C LYS K 218 -5.73 10.07 -17.37
N LEU K 219 -5.94 10.97 -16.42
CA LEU K 219 -5.09 12.14 -16.24
C LEU K 219 -4.54 12.10 -14.83
N SER K 220 -3.28 12.54 -14.62
CA SER K 220 -2.74 12.74 -13.27
C SER K 220 -3.56 13.78 -12.53
N MET K 221 -3.82 13.54 -11.24
CA MET K 221 -4.53 14.46 -10.38
C MET K 221 -3.81 15.80 -10.39
N HIS K 222 -2.47 15.76 -10.37
CA HIS K 222 -1.70 17.00 -10.47
C HIS K 222 -0.91 16.91 -11.76
N PRO K 223 -0.77 17.98 -12.57
CA PRO K 223 -1.30 19.31 -12.25
C PRO K 223 -2.73 19.64 -12.65
N TYR K 224 -3.43 18.75 -13.32
CA TYR K 224 -4.66 19.21 -13.94
C TYR K 224 -5.77 19.52 -12.93
N TYR K 225 -6.00 18.62 -11.99
CA TYR K 225 -7.07 18.89 -11.06
C TYR K 225 -6.63 19.83 -9.95
N SER K 226 -5.33 19.86 -9.61
CA SER K 226 -4.80 20.85 -8.68
C SER K 226 -5.11 22.27 -9.13
N PHE K 227 -4.85 22.58 -10.41
CA PHE K 227 -5.05 23.92 -10.92
C PHE K 227 -6.53 24.19 -11.15
N LYS K 228 -7.30 23.15 -11.45
CA LYS K 228 -8.73 23.35 -11.62
C LYS K 228 -9.40 23.59 -10.27
N ASP K 229 -8.89 22.96 -9.20
CA ASP K 229 -9.41 23.15 -7.84
C ASP K 229 -9.15 24.58 -7.37
N LEU K 230 -8.04 25.21 -7.81
CA LEU K 230 -7.75 26.60 -7.44
C LEU K 230 -8.86 27.53 -7.88
N ILE K 231 -9.46 27.30 -9.05
CA ILE K 231 -10.50 28.20 -9.48
C ILE K 231 -11.66 28.19 -8.49
N THR K 232 -12.08 27.01 -8.04
CA THR K 232 -13.22 27.03 -7.15
C THR K 232 -12.81 27.46 -5.76
N VAL K 233 -11.55 27.22 -5.38
CA VAL K 233 -11.09 27.78 -4.12
C VAL K 233 -11.24 29.30 -4.13
N PHE K 234 -10.81 29.97 -5.20
CA PHE K 234 -10.92 31.42 -5.26
C PHE K 234 -12.37 31.87 -5.39
N ALA K 235 -13.21 31.10 -6.08
CA ALA K 235 -14.62 31.44 -6.12
C ALA K 235 -15.27 31.33 -4.75
N PHE K 236 -14.92 30.27 -4.02
CA PHE K 236 -15.40 30.06 -2.68
C PHE K 236 -14.97 31.22 -1.80
N LEU K 237 -13.68 31.60 -1.87
CA LEU K 237 -13.12 32.63 -0.99
C LEU K 237 -13.76 33.99 -1.26
N LEU K 238 -14.19 34.22 -2.49
CA LEU K 238 -14.91 35.44 -2.79
C LEU K 238 -16.26 35.44 -2.10
N MET K 239 -16.98 34.30 -2.16
CA MET K 239 -18.28 34.21 -1.50
C MET K 239 -18.09 34.32 0.02
N PHE K 240 -17.04 33.65 0.52
CA PHE K 240 -16.70 33.68 1.94
C PHE K 240 -16.52 35.13 2.37
N THR K 241 -15.70 35.86 1.61
CA THR K 241 -15.36 37.26 1.88
C THR K 241 -16.61 38.13 1.93
N LEU K 242 -17.50 37.96 0.95
CA LEU K 242 -18.69 38.78 0.96
C LEU K 242 -19.55 38.56 2.21
N PHE K 243 -19.59 37.34 2.75
CA PHE K 243 -20.39 37.14 3.94
C PHE K 243 -19.63 37.57 5.18
N VAL K 244 -18.41 37.08 5.30
CA VAL K 244 -17.64 37.34 6.50
C VAL K 244 -17.36 38.83 6.69
N PHE K 245 -17.00 39.56 5.63
CA PHE K 245 -16.62 40.95 5.82
C PHE K 245 -17.77 41.93 5.65
N PHE K 246 -18.77 41.60 4.83
CA PHE K 246 -19.75 42.61 4.45
C PHE K 246 -21.16 42.29 4.95
N SER K 247 -21.43 41.04 5.27
CA SER K 247 -22.77 40.75 5.77
C SER K 247 -22.68 39.65 6.82
N PRO K 248 -21.87 39.80 7.90
CA PRO K 248 -21.54 38.64 8.71
C PRO K 248 -22.72 38.00 9.42
N ASP K 249 -23.85 38.71 9.47
CA ASP K 249 -24.98 38.25 10.26
C ASP K 249 -26.18 37.77 9.42
N LYS K 250 -26.02 37.72 8.09
CA LYS K 250 -27.13 37.43 7.19
C LYS K 250 -27.68 36.03 7.42
N LEU K 251 -26.81 35.08 7.73
CA LEU K 251 -27.27 33.70 7.79
C LEU K 251 -27.71 33.31 9.20
N GLY K 252 -27.67 34.26 10.14
CA GLY K 252 -27.90 33.98 11.54
C GLY K 252 -29.27 34.44 12.03
N HIS K 253 -29.57 34.07 13.27
CA HIS K 253 -30.79 34.44 13.95
C HIS K 253 -30.48 35.47 15.03
N PRO K 254 -31.10 36.66 14.99
CA PRO K 254 -30.84 37.70 15.97
C PRO K 254 -31.03 37.27 17.42
N ASP K 255 -31.92 36.30 17.64
CA ASP K 255 -32.19 35.84 18.99
C ASP K 255 -30.96 35.23 19.64
N ASN K 256 -29.97 34.84 18.85
CA ASN K 256 -28.80 34.25 19.48
C ASN K 256 -27.88 35.34 20.03
N TYR K 257 -28.27 36.62 19.91
CA TYR K 257 -27.51 37.67 20.56
C TYR K 257 -28.21 38.11 21.84
N ILE K 258 -29.21 37.32 22.22
CA ILE K 258 -29.83 37.53 23.51
C ILE K 258 -29.32 36.42 24.43
N PRO K 259 -28.76 36.67 25.63
CA PRO K 259 -28.32 35.57 26.49
C PRO K 259 -29.43 34.59 26.83
N ALA K 260 -29.12 33.29 26.84
CA ALA K 260 -30.06 32.23 27.18
C ALA K 260 -30.83 32.61 28.45
N ASN K 261 -32.16 32.41 28.39
CA ASN K 261 -33.04 32.69 29.51
C ASN K 261 -34.05 31.56 29.55
N PRO K 262 -33.92 30.62 30.49
CA PRO K 262 -34.85 29.49 30.52
C PRO K 262 -36.32 29.85 30.73
N MET K 263 -36.59 31.06 31.22
CA MET K 263 -37.95 31.49 31.48
C MET K 263 -38.62 31.96 30.19
N VAL K 264 -38.11 33.01 29.57
CA VAL K 264 -38.66 33.51 28.32
C VAL K 264 -38.42 32.53 27.16
N THR K 265 -39.51 32.18 26.48
CA THR K 265 -39.43 31.36 25.29
C THR K 265 -39.47 32.27 24.08
N PRO K 266 -38.54 32.12 23.12
CA PRO K 266 -38.53 32.97 21.94
C PRO K 266 -39.78 32.71 21.11
N ALA K 267 -40.12 33.72 20.29
CA ALA K 267 -41.24 33.68 19.35
C ALA K 267 -41.26 32.38 18.56
N SER K 268 -40.14 32.07 17.88
CA SER K 268 -40.05 30.90 17.02
C SER K 268 -38.74 30.17 17.19
N ILE K 269 -38.85 28.89 17.57
CA ILE K 269 -37.67 28.08 17.75
C ILE K 269 -37.51 27.24 16.50
N VAL K 270 -36.52 27.59 15.68
CA VAL K 270 -36.21 26.87 14.46
C VAL K 270 -34.75 26.47 14.51
N PRO K 271 -34.38 25.37 13.84
CA PRO K 271 -32.97 25.00 13.71
C PRO K 271 -32.24 25.94 12.73
N GLU K 272 -30.93 25.79 12.65
CA GLU K 272 -30.22 26.49 11.60
C GLU K 272 -30.72 26.04 10.23
N TRP K 273 -30.58 26.92 9.24
CA TRP K 273 -31.22 26.72 7.95
C TRP K 273 -30.93 25.33 7.40
N TYR K 274 -29.71 24.79 7.59
CA TYR K 274 -29.33 23.57 6.90
C TYR K 274 -30.04 22.35 7.46
N LEU K 275 -30.63 22.46 8.66
CA LEU K 275 -31.33 21.33 9.22
C LEU K 275 -32.83 21.46 8.95
N LEU K 276 -33.24 22.54 8.28
CA LEU K 276 -34.67 22.80 8.20
C LEU K 276 -35.43 21.73 7.46
N PRO K 277 -34.95 21.13 6.36
CA PRO K 277 -35.76 20.13 5.68
C PRO K 277 -36.10 18.95 6.58
N PHE K 278 -35.16 18.56 7.44
CA PHE K 278 -35.42 17.42 8.30
C PHE K 278 -36.43 17.80 9.37
N TYR K 279 -36.40 19.06 9.80
CA TYR K 279 -37.39 19.52 10.74
C TYR K 279 -38.78 19.55 10.10
N ALA K 280 -38.88 19.92 8.83
CA ALA K 280 -40.18 19.90 8.17
C ALA K 280 -40.73 18.47 8.09
N ILE K 281 -39.84 17.51 7.84
CA ILE K 281 -40.24 16.11 7.73
C ILE K 281 -40.76 15.64 9.08
N LEU K 282 -40.09 16.07 10.15
CA LEU K 282 -40.53 15.68 11.47
C LEU K 282 -41.92 16.25 11.79
N ARG K 283 -42.17 17.54 11.49
CA ARG K 283 -43.46 18.15 11.75
C ARG K 283 -44.58 17.46 10.97
N ALA K 284 -44.25 16.85 9.84
CA ALA K 284 -45.28 16.30 8.98
C ALA K 284 -45.99 15.13 9.65
N ILE K 285 -45.26 14.37 10.47
CA ILE K 285 -45.86 13.22 11.12
C ILE K 285 -46.44 13.71 12.44
N PRO K 286 -47.74 13.52 12.76
CA PRO K 286 -48.29 14.05 14.02
C PRO K 286 -47.73 13.42 15.31
N ASP K 287 -47.49 12.10 15.27
CA ASP K 287 -46.94 11.34 16.38
C ASP K 287 -45.48 11.77 16.64
N LYS K 288 -45.12 11.88 17.93
CA LYS K 288 -43.78 12.22 18.36
C LYS K 288 -42.75 11.19 17.87
N LEU K 289 -43.00 9.92 18.19
CA LEU K 289 -42.05 8.88 17.83
C LEU K 289 -42.04 8.69 16.32
N GLY K 290 -43.23 8.72 15.72
CA GLY K 290 -43.38 8.68 14.27
C GLY K 290 -42.49 9.72 13.59
N GLY K 291 -42.60 10.96 14.09
CA GLY K 291 -41.87 12.08 13.53
C GLY K 291 -40.36 11.89 13.62
N VAL K 292 -39.91 11.30 14.72
CA VAL K 292 -38.48 11.13 14.90
C VAL K 292 -37.99 10.05 13.96
N ILE K 293 -38.77 8.99 13.83
CA ILE K 293 -38.41 7.87 12.95
C ILE K 293 -38.30 8.39 11.51
N ALA K 294 -39.32 9.13 11.08
CA ALA K 294 -39.36 9.70 9.74
C ALA K 294 -38.15 10.59 9.49
N MET K 295 -37.78 11.38 10.51
CA MET K 295 -36.72 12.35 10.34
C MET K 295 -35.41 11.61 10.13
N VAL K 296 -35.22 10.52 10.87
CA VAL K 296 -33.97 9.77 10.77
C VAL K 296 -33.96 9.00 9.46
N ALA K 297 -35.10 8.38 9.12
CA ALA K 297 -35.28 7.66 7.88
C ALA K 297 -34.96 8.56 6.69
N ALA K 298 -35.24 9.86 6.79
CA ALA K 298 -35.00 10.77 5.68
C ALA K 298 -33.50 10.83 5.36
N ILE K 299 -32.67 10.53 6.34
CA ILE K 299 -31.23 10.49 6.08
C ILE K 299 -30.82 9.06 5.76
N LEU K 300 -31.34 8.10 6.52
CA LEU K 300 -30.87 6.75 6.34
C LEU K 300 -31.40 6.14 5.03
N ILE K 301 -32.50 6.68 4.48
CA ILE K 301 -33.03 6.15 3.23
C ILE K 301 -32.05 6.30 2.07
N LEU K 302 -31.10 7.24 2.18
CA LEU K 302 -30.03 7.36 1.20
C LEU K 302 -29.27 6.05 1.02
N LEU K 303 -29.25 5.21 2.07
CA LEU K 303 -28.52 3.96 2.00
C LEU K 303 -29.18 2.95 1.06
N ILE K 304 -30.42 3.17 0.63
CA ILE K 304 -31.04 2.16 -0.22
C ILE K 304 -30.98 2.58 -1.68
N LEU K 305 -30.42 3.75 -1.98
CA LEU K 305 -30.34 4.11 -3.38
C LEU K 305 -29.69 3.02 -4.22
N PRO K 306 -28.57 2.39 -3.78
CA PRO K 306 -27.92 1.37 -4.58
C PRO K 306 -28.87 0.24 -4.98
N ILE K 307 -29.94 0.02 -4.21
CA ILE K 307 -30.87 -1.09 -4.43
C ILE K 307 -32.02 -0.65 -5.33
N VAL K 308 -32.59 0.52 -5.05
CA VAL K 308 -33.85 0.91 -5.67
C VAL K 308 -33.61 1.47 -7.07
N ASP K 309 -32.38 1.90 -7.35
CA ASP K 309 -32.05 2.35 -8.71
C ASP K 309 -31.82 1.13 -9.58
N ARG K 310 -32.75 0.84 -10.52
CA ARG K 310 -32.67 -0.40 -11.25
C ARG K 310 -32.05 -0.21 -12.63
N SER K 311 -31.41 0.94 -12.86
CA SER K 311 -30.97 1.26 -14.21
C SER K 311 -29.77 0.41 -14.62
N ILE K 312 -29.65 0.15 -15.92
CA ILE K 312 -28.48 -0.53 -16.44
C ILE K 312 -27.43 0.51 -16.82
N ILE K 313 -27.75 1.79 -16.63
CA ILE K 313 -26.87 2.87 -17.02
C ILE K 313 -26.55 3.72 -15.80
N ARG K 314 -25.28 4.12 -15.63
CA ARG K 314 -24.91 4.84 -14.41
C ARG K 314 -25.11 6.32 -14.66
N GLY K 315 -25.93 6.98 -13.83
CA GLY K 315 -26.07 8.43 -13.83
C GLY K 315 -27.13 8.97 -14.82
N ASN K 316 -27.40 10.27 -14.76
CA ASN K 316 -28.56 10.84 -15.44
C ASN K 316 -28.23 11.58 -16.71
N ALA K 317 -26.96 11.68 -17.10
CA ALA K 317 -26.62 12.57 -18.20
C ALA K 317 -27.42 12.23 -19.46
N PHE K 318 -27.77 10.95 -19.61
CA PHE K 318 -28.45 10.51 -20.81
C PHE K 318 -29.85 10.02 -20.51
N LYS K 319 -30.45 10.45 -19.40
CA LYS K 319 -31.72 9.87 -19.03
C LYS K 319 -32.74 10.99 -18.82
N PRO K 320 -33.44 11.41 -19.88
CA PRO K 320 -34.33 12.57 -19.79
C PRO K 320 -35.39 12.49 -18.69
N ILE K 321 -36.00 11.31 -18.52
CA ILE K 321 -37.05 11.23 -17.51
C ILE K 321 -36.44 11.30 -16.10
N SER K 322 -35.37 10.54 -15.86
CA SER K 322 -34.68 10.61 -14.58
C SER K 322 -34.23 12.04 -14.28
N LYS K 323 -33.81 12.81 -15.30
CA LYS K 323 -33.38 14.17 -15.03
C LYS K 323 -34.53 15.04 -14.56
N LEU K 324 -35.73 14.79 -15.09
CA LEU K 324 -36.88 15.60 -14.70
C LEU K 324 -37.26 15.26 -13.27
N LEU K 325 -37.29 13.96 -12.98
CA LEU K 325 -37.61 13.49 -11.65
C LEU K 325 -36.60 14.04 -10.64
N PHE K 326 -35.33 14.10 -11.04
CA PHE K 326 -34.29 14.62 -10.14
C PHE K 326 -34.54 16.10 -9.85
N GLY K 327 -34.96 16.85 -10.88
CA GLY K 327 -35.25 18.26 -10.74
C GLY K 327 -36.36 18.50 -9.71
N PHE K 328 -37.42 17.69 -9.79
CA PHE K 328 -38.55 17.78 -8.90
C PHE K 328 -38.15 17.40 -7.49
N PHE K 329 -37.34 16.34 -7.37
CA PHE K 329 -36.87 15.91 -6.07
C PHE K 329 -36.07 17.02 -5.39
N ILE K 330 -35.17 17.69 -6.12
CA ILE K 330 -34.32 18.70 -5.51
C ILE K 330 -35.15 19.90 -5.06
N CYS K 331 -36.09 20.32 -5.91
CA CYS K 331 -36.90 21.47 -5.57
C CYS K 331 -37.82 21.17 -4.40
N ASN K 332 -38.29 19.93 -4.30
CA ASN K 332 -39.09 19.51 -3.17
C ASN K 332 -38.25 19.53 -1.89
N PHE K 333 -36.97 19.18 -1.99
CA PHE K 333 -36.14 19.25 -0.80
C PHE K 333 -35.93 20.70 -0.35
N LEU K 334 -35.87 21.63 -1.31
CA LEU K 334 -35.83 23.04 -0.96
C LEU K 334 -37.15 23.54 -0.39
N LEU K 335 -38.28 23.07 -0.93
CA LEU K 335 -39.55 23.46 -0.35
C LEU K 335 -39.66 22.96 1.10
N LEU K 336 -39.25 21.71 1.34
CA LEU K 336 -39.22 21.21 2.70
C LEU K 336 -38.43 22.17 3.61
N GLY K 337 -37.27 22.62 3.11
CA GLY K 337 -36.47 23.56 3.89
C GLY K 337 -37.27 24.80 4.27
N VAL K 338 -37.94 25.41 3.29
CA VAL K 338 -38.76 26.58 3.54
C VAL K 338 -39.85 26.27 4.54
N LEU K 339 -40.53 25.13 4.41
CA LEU K 339 -41.64 24.82 5.28
C LEU K 339 -41.17 24.55 6.72
N GLY K 340 -39.87 24.31 6.86
CA GLY K 340 -39.30 24.09 8.18
C GLY K 340 -39.29 25.37 9.00
N GLN K 341 -39.42 26.54 8.35
CA GLN K 341 -39.29 27.78 9.11
C GLN K 341 -40.55 28.64 9.09
N VAL K 342 -41.61 28.15 8.45
CA VAL K 342 -42.91 28.82 8.57
C VAL K 342 -43.55 28.47 9.91
N HIS K 343 -44.60 29.19 10.28
CA HIS K 343 -45.35 28.83 11.47
C HIS K 343 -46.25 27.65 11.18
N ILE K 344 -46.55 26.86 12.22
CA ILE K 344 -47.43 25.73 12.06
C ILE K 344 -48.86 26.23 11.93
N GLU K 345 -49.22 26.60 10.69
CA GLU K 345 -50.50 27.22 10.39
C GLU K 345 -50.99 26.72 9.04
N PRO K 346 -52.31 26.78 8.76
CA PRO K 346 -52.80 26.53 7.41
C PRO K 346 -52.28 27.60 6.45
N PRO K 347 -52.02 27.26 5.17
CA PRO K 347 -52.19 25.89 4.66
C PRO K 347 -50.89 25.10 4.64
N PHE K 348 -49.92 25.53 5.44
CA PHE K 348 -48.59 24.96 5.33
C PHE K 348 -48.55 23.60 5.97
N ILE K 349 -49.59 23.28 6.76
CA ILE K 349 -49.57 22.00 7.44
C ILE K 349 -49.71 20.86 6.43
N VAL K 350 -50.72 20.97 5.58
CA VAL K 350 -51.00 19.97 4.57
C VAL K 350 -49.91 19.93 3.51
N LEU K 351 -49.42 21.11 3.12
CA LEU K 351 -48.36 21.19 2.13
C LEU K 351 -47.11 20.45 2.61
N GLY K 352 -46.81 20.56 3.91
CA GLY K 352 -45.66 19.90 4.52
C GLY K 352 -45.75 18.39 4.41
N GLN K 353 -46.99 17.92 4.49
CA GLN K 353 -47.27 16.50 4.47
C GLN K 353 -47.14 15.96 3.06
N ILE K 354 -47.68 16.71 2.10
CA ILE K 354 -47.53 16.33 0.72
C ILE K 354 -46.05 16.31 0.33
N CYS K 355 -45.29 17.35 0.66
CA CYS K 355 -43.87 17.33 0.30
C CYS K 355 -43.12 16.20 0.97
N THR K 356 -43.54 15.84 2.19
CA THR K 356 -42.87 14.73 2.85
C THR K 356 -43.15 13.42 2.12
N ILE K 357 -44.39 13.23 1.67
CA ILE K 357 -44.76 12.05 0.89
C ILE K 357 -43.92 12.00 -0.39
N PHE K 358 -43.80 13.14 -1.06
CA PHE K 358 -43.03 13.15 -2.27
C PHE K 358 -41.57 12.80 -2.00
N TYR K 359 -41.01 13.30 -0.91
CA TYR K 359 -39.61 13.01 -0.57
C TYR K 359 -39.40 11.50 -0.50
N PHE K 360 -40.27 10.79 0.21
CA PHE K 360 -40.05 9.38 0.45
C PHE K 360 -40.36 8.56 -0.80
N SER K 361 -41.34 9.02 -1.59
CA SER K 361 -41.82 8.25 -2.71
C SER K 361 -40.82 8.29 -3.86
N TYR K 362 -39.94 9.29 -3.86
CA TYR K 362 -38.83 9.30 -4.80
C TYR K 362 -38.01 8.03 -4.63
N PHE K 363 -37.58 7.74 -3.41
CA PHE K 363 -36.79 6.54 -3.16
C PHE K 363 -37.58 5.26 -3.38
N LEU K 364 -38.86 5.26 -3.01
CA LEU K 364 -39.54 3.99 -2.79
C LEU K 364 -40.34 3.56 -4.00
N ILE K 365 -40.75 4.53 -4.82
CA ILE K 365 -41.70 4.24 -5.89
C ILE K 365 -41.15 4.75 -7.21
N LEU K 366 -40.91 6.07 -7.28
CA LEU K 366 -40.66 6.73 -8.55
C LEU K 366 -39.32 6.30 -9.12
N LEU K 367 -38.25 6.32 -8.33
CA LEU K 367 -36.97 5.97 -8.89
C LEU K 367 -36.99 4.52 -9.38
N PRO K 368 -37.46 3.53 -8.59
CA PRO K 368 -37.60 2.17 -9.12
C PRO K 368 -38.46 2.04 -10.37
N MET K 369 -39.58 2.79 -10.48
CA MET K 369 -40.43 2.75 -11.68
C MET K 369 -39.68 3.35 -12.87
N VAL K 370 -39.19 4.57 -12.69
CA VAL K 370 -38.64 5.33 -13.79
C VAL K 370 -37.39 4.63 -14.31
N SER K 371 -36.59 4.10 -13.40
CA SER K 371 -35.35 3.47 -13.83
C SER K 371 -35.63 2.19 -14.61
N THR K 372 -36.67 1.44 -14.22
CA THR K 372 -37.09 0.25 -14.94
C THR K 372 -37.58 0.59 -16.35
N ILE K 373 -38.45 1.59 -16.46
CA ILE K 373 -38.97 2.01 -17.75
C ILE K 373 -37.86 2.54 -18.66
N GLU K 374 -36.94 3.31 -18.11
CA GLU K 374 -35.94 3.84 -19.02
C GLU K 374 -35.09 2.71 -19.59
N ASN K 375 -34.86 1.65 -18.80
CA ASN K 375 -34.11 0.49 -19.26
C ASN K 375 -34.78 -0.03 -20.53
N ILE K 376 -36.11 -0.15 -20.49
CA ILE K 376 -36.86 -0.69 -21.61
C ILE K 376 -36.81 0.26 -22.80
N PHE K 377 -36.92 1.56 -22.54
CA PHE K 377 -36.85 2.50 -23.63
C PHE K 377 -35.47 2.52 -24.29
N PHE K 378 -34.39 2.30 -23.53
CA PHE K 378 -33.10 2.32 -24.19
C PHE K 378 -32.97 1.15 -25.14
N TYR K 379 -33.51 0.02 -24.70
CA TYR K 379 -33.34 -1.18 -25.48
C TYR K 379 -34.21 -1.11 -26.74
N ILE K 380 -35.49 -0.82 -26.56
CA ILE K 380 -36.38 -0.82 -27.71
C ILE K 380 -36.05 0.36 -28.62
N GLY K 381 -35.69 1.49 -28.02
CA GLY K 381 -35.45 2.71 -28.76
C GLY K 381 -34.21 2.64 -29.63
N SER K 382 -33.30 1.71 -29.33
CA SER K 382 -32.10 1.65 -30.14
C SER K 382 -32.12 0.47 -31.12
N LEU K 383 -33.13 -0.40 -31.06
CA LEU K 383 -33.26 -1.55 -31.96
C LEU K 383 -33.43 -1.05 -33.41
N GLY L 39 17.94 -37.40 12.48
CA GLY L 39 19.27 -37.00 11.89
C GLY L 39 19.25 -37.00 10.36
N LYS L 40 18.39 -37.85 9.76
CA LYS L 40 18.31 -38.08 8.32
C LYS L 40 16.90 -38.45 7.81
N SER L 41 16.29 -39.51 8.33
CA SER L 41 14.96 -39.86 7.81
C SER L 41 13.91 -38.86 8.29
N THR L 42 13.10 -38.33 7.38
CA THR L 42 12.12 -37.33 7.79
C THR L 42 10.79 -37.98 8.13
N TYR L 43 10.73 -39.32 8.08
CA TYR L 43 9.52 -40.01 8.49
C TYR L 43 9.63 -40.40 9.95
N LYS L 44 10.80 -40.23 10.54
CA LYS L 44 10.90 -40.58 11.95
C LYS L 44 10.61 -39.33 12.75
N ILE L 45 9.35 -39.17 13.20
CA ILE L 45 8.95 -37.96 13.91
C ILE L 45 9.82 -37.80 15.14
N PRO L 46 10.37 -36.59 15.38
CA PRO L 46 11.11 -36.32 16.62
C PRO L 46 10.28 -36.59 17.87
N ASP L 47 10.99 -36.69 19.00
CA ASP L 47 10.36 -37.15 20.22
C ASP L 47 9.50 -36.03 20.82
N PHE L 48 8.21 -36.30 20.96
CA PHE L 48 7.28 -35.36 21.58
C PHE L 48 6.67 -35.94 22.85
N THR L 49 7.19 -37.08 23.35
CA THR L 49 6.62 -37.74 24.51
C THR L 49 6.63 -36.85 25.75
N PRO L 50 7.69 -36.03 26.02
CA PRO L 50 7.64 -35.05 27.11
C PRO L 50 6.44 -34.12 27.15
N TYR L 51 5.72 -34.00 26.03
CA TYR L 51 4.66 -33.00 25.95
C TYR L 51 3.30 -33.60 25.61
N LEU L 52 3.27 -34.75 24.94
CA LEU L 52 2.01 -35.29 24.47
C LEU L 52 1.14 -35.77 25.62
N LYS L 53 -0.14 -35.39 25.60
CA LYS L 53 -1.11 -35.89 26.57
C LYS L 53 -1.66 -37.22 26.08
N LYS L 54 -1.82 -38.19 26.98
CA LYS L 54 -2.38 -39.46 26.57
C LYS L 54 -3.86 -39.30 26.19
N ASP L 55 -4.63 -38.56 27.00
CA ASP L 55 -6.04 -38.33 26.68
C ASP L 55 -6.13 -37.00 25.94
N ARG L 56 -5.88 -37.04 24.63
CA ARG L 56 -5.80 -35.80 23.89
C ARG L 56 -7.04 -35.67 23.00
N ASN L 57 -7.66 -36.81 22.68
CA ASN L 57 -8.75 -36.79 21.73
C ASN L 57 -10.11 -36.80 22.41
N THR L 58 -10.11 -36.88 23.74
CA THR L 58 -11.31 -36.92 24.57
C THR L 58 -11.99 -35.54 24.63
N ASP L 59 -13.31 -35.59 24.83
CA ASP L 59 -14.09 -34.38 25.04
C ASP L 59 -13.68 -33.68 26.33
N ALA L 60 -13.34 -34.45 27.36
CA ALA L 60 -12.91 -33.87 28.62
C ALA L 60 -11.70 -32.99 28.39
N ASN L 61 -10.79 -33.45 27.53
CA ASN L 61 -9.57 -32.69 27.29
C ASN L 61 -9.86 -31.34 26.65
N ARG L 62 -10.72 -31.31 25.62
CA ARG L 62 -11.07 -30.05 24.96
C ARG L 62 -11.79 -29.15 25.94
N LEU L 63 -12.74 -29.75 26.68
CA LEU L 63 -13.65 -29.05 27.55
C LEU L 63 -12.85 -28.27 28.58
N PHE L 64 -11.76 -28.86 29.06
CA PHE L 64 -10.98 -28.18 30.07
C PHE L 64 -10.41 -26.87 29.53
N SER L 65 -9.82 -26.95 28.35
CA SER L 65 -9.20 -25.75 27.82
C SER L 65 -10.27 -24.70 27.48
N TYR L 66 -11.47 -25.12 27.11
CA TYR L 66 -12.52 -24.16 26.82
C TYR L 66 -13.08 -23.57 28.11
N PHE L 67 -12.95 -24.30 29.21
CA PHE L 67 -13.33 -23.76 30.50
C PHE L 67 -12.41 -22.60 30.86
N MET L 68 -11.11 -22.75 30.60
CA MET L 68 -10.15 -21.69 30.86
C MET L 68 -10.41 -20.48 29.96
N ILE L 69 -10.61 -20.73 28.66
CA ILE L 69 -10.90 -19.65 27.73
C ILE L 69 -12.20 -18.95 28.13
N GLY L 70 -13.21 -19.74 28.47
CA GLY L 70 -14.50 -19.23 28.87
C GLY L 70 -14.43 -18.41 30.16
N SER L 71 -13.66 -18.88 31.16
CA SER L 71 -13.51 -18.14 32.41
C SER L 71 -12.90 -16.76 32.16
N PHE L 72 -11.93 -16.76 31.25
CA PHE L 72 -11.23 -15.55 30.94
C PHE L 72 -12.19 -14.58 30.23
N GLY L 73 -13.03 -15.16 29.36
CA GLY L 73 -14.02 -14.35 28.66
C GLY L 73 -15.06 -13.84 29.65
N MET L 74 -15.33 -14.66 30.67
CA MET L 74 -16.37 -14.31 31.63
C MET L 74 -15.90 -13.12 32.45
N LEU L 75 -14.69 -13.21 32.97
CA LEU L 75 -14.19 -12.11 33.78
C LEU L 75 -13.98 -10.85 32.95
N SER L 76 -13.57 -11.02 31.69
CA SER L 76 -13.39 -9.86 30.83
C SER L 76 -14.75 -9.18 30.59
N ALA L 77 -15.82 -9.97 30.41
CA ALA L 77 -17.16 -9.44 30.24
C ALA L 77 -17.62 -8.74 31.52
N ALA L 78 -17.38 -9.36 32.67
CA ALA L 78 -17.85 -8.76 33.92
C ALA L 78 -17.05 -7.50 34.24
N GLY L 79 -15.73 -7.53 33.99
CA GLY L 79 -14.86 -6.38 34.18
C GLY L 79 -15.22 -5.24 33.22
N ALA L 80 -15.54 -5.55 31.96
CA ALA L 80 -15.94 -4.55 30.98
C ALA L 80 -17.24 -3.89 31.42
N LYS L 81 -18.18 -4.72 31.88
CA LYS L 81 -19.46 -4.19 32.30
C LYS L 81 -19.27 -3.21 33.46
N ALA L 82 -18.50 -3.61 34.47
CA ALA L 82 -18.22 -2.77 35.62
C ALA L 82 -17.52 -1.48 35.20
N THR L 83 -16.53 -1.61 34.31
CA THR L 83 -15.76 -0.47 33.86
C THR L 83 -16.69 0.52 33.15
N VAL L 84 -17.44 0.03 32.18
CA VAL L 84 -18.34 0.88 31.40
C VAL L 84 -19.39 1.53 32.28
N GLN L 85 -20.02 0.76 33.17
CA GLN L 85 -21.07 1.31 34.02
C GLN L 85 -20.50 2.40 34.93
N ASP L 86 -19.35 2.13 35.56
CA ASP L 86 -18.86 3.10 36.53
C ASP L 86 -18.40 4.33 35.78
N PHE L 87 -17.68 4.11 34.69
CA PHE L 87 -17.11 5.20 33.93
C PHE L 87 -18.21 6.08 33.35
N LEU L 88 -19.22 5.50 32.69
CA LEU L 88 -20.22 6.35 32.05
C LEU L 88 -21.11 7.08 33.04
N SER L 89 -21.15 6.60 34.28
CA SER L 89 -22.01 7.22 35.26
C SER L 89 -21.52 8.64 35.54
N ASN L 90 -20.28 8.97 35.16
CA ASN L 90 -19.79 10.34 35.30
C ASN L 90 -20.74 11.31 34.61
N MET L 91 -21.46 10.82 33.59
CA MET L 91 -22.26 11.71 32.77
C MET L 91 -23.63 11.98 33.35
N SER L 92 -24.05 11.13 34.30
CA SER L 92 -25.28 11.33 35.04
C SER L 92 -25.13 12.53 35.97
N ALA L 93 -26.26 13.10 36.43
CA ALA L 93 -26.25 14.29 37.28
C ALA L 93 -25.33 14.11 38.48
N SER L 94 -24.44 15.09 38.64
CA SER L 94 -23.46 15.14 39.70
C SER L 94 -24.11 15.45 41.04
N ALA L 95 -23.30 15.30 42.09
CA ALA L 95 -23.73 15.44 43.48
C ALA L 95 -24.22 16.84 43.78
N ASP L 96 -23.63 17.86 43.15
CA ASP L 96 -24.11 19.22 43.35
C ASP L 96 -25.49 19.45 42.72
N VAL L 97 -25.78 18.77 41.60
CA VAL L 97 -27.15 18.74 41.08
C VAL L 97 -27.98 17.70 41.89
N ALA M 2 -30.28 -3.79 -12.23
CA ALA M 2 -31.10 -4.84 -13.01
C ALA M 2 -30.29 -5.59 -14.07
N SER M 3 -30.77 -6.78 -14.44
CA SER M 3 -29.99 -7.62 -15.32
C SER M 3 -30.38 -7.33 -16.77
N ILE M 4 -29.43 -7.49 -17.68
CA ILE M 4 -29.73 -7.28 -19.09
C ILE M 4 -30.80 -8.30 -19.49
N THR M 5 -30.72 -9.50 -18.91
CA THR M 5 -31.71 -10.53 -19.17
C THR M 5 -33.13 -10.02 -18.95
N SER M 6 -33.35 -9.39 -17.78
CA SER M 6 -34.64 -8.85 -17.38
C SER M 6 -35.17 -7.89 -18.43
N VAL M 7 -34.28 -6.99 -18.85
CA VAL M 7 -34.61 -5.87 -19.70
C VAL M 7 -35.02 -6.43 -21.05
N VAL M 8 -34.26 -7.42 -21.49
CA VAL M 8 -34.46 -7.98 -22.81
C VAL M 8 -35.77 -8.78 -22.83
N LYS M 9 -36.05 -9.55 -21.77
CA LYS M 9 -37.29 -10.33 -21.73
C LYS M 9 -38.53 -9.44 -21.73
N THR M 10 -38.53 -8.41 -20.89
CA THR M 10 -39.64 -7.47 -20.79
C THR M 10 -39.86 -6.75 -22.11
N SER M 11 -38.78 -6.32 -22.74
CA SER M 11 -38.87 -5.70 -24.05
C SER M 11 -39.50 -6.64 -25.07
N GLU M 12 -39.19 -7.93 -24.98
CA GLU M 12 -39.73 -8.85 -25.96
C GLU M 12 -41.23 -9.05 -25.73
N LEU M 13 -41.68 -9.05 -24.46
CA LEU M 13 -43.10 -9.13 -24.19
C LEU M 13 -43.87 -7.96 -24.84
N ILE M 14 -43.26 -6.77 -24.82
CA ILE M 14 -43.89 -5.57 -25.32
C ILE M 14 -43.92 -5.63 -26.84
N LEU M 15 -42.81 -6.05 -27.43
CA LEU M 15 -42.74 -6.06 -28.88
C LEU M 15 -43.71 -7.10 -29.47
N LYS M 16 -44.04 -8.13 -28.70
CA LYS M 16 -45.00 -9.13 -29.15
C LYS M 16 -46.41 -8.55 -29.20
N SER M 17 -46.89 -7.95 -28.09
CA SER M 17 -48.23 -7.38 -28.00
C SER M 17 -48.41 -6.25 -29.01
N PRO M 18 -49.36 -6.34 -29.98
CA PRO M 18 -49.53 -5.33 -31.02
C PRO M 18 -49.85 -3.95 -30.43
N LEU M 19 -50.84 -3.92 -29.52
CA LEU M 19 -51.26 -2.72 -28.83
C LEU M 19 -50.06 -2.04 -28.13
N LEU M 20 -49.37 -2.84 -27.31
CA LEU M 20 -48.24 -2.37 -26.54
C LEU M 20 -47.16 -1.79 -27.45
N SER M 21 -46.77 -2.53 -28.50
CA SER M 21 -45.75 -2.05 -29.41
C SER M 21 -46.17 -0.74 -30.09
N LYS M 22 -47.45 -0.65 -30.46
CA LYS M 22 -47.98 0.52 -31.15
C LYS M 22 -47.77 1.79 -30.32
N ILE M 23 -47.80 1.67 -28.99
CA ILE M 23 -47.72 2.84 -28.13
C ILE M 23 -46.32 3.03 -27.55
N VAL M 24 -45.55 1.93 -27.44
CA VAL M 24 -44.25 1.99 -26.75
C VAL M 24 -43.15 2.28 -27.75
N VAL M 25 -43.20 1.67 -28.92
CA VAL M 25 -42.08 1.80 -29.83
C VAL M 25 -41.87 3.26 -30.26
N PRO M 26 -42.90 4.05 -30.59
CA PRO M 26 -42.67 5.46 -30.94
C PRO M 26 -42.17 6.27 -29.76
N LEU M 27 -42.65 5.96 -28.55
CA LEU M 27 -42.11 6.62 -27.38
C LEU M 27 -40.63 6.32 -27.22
N ALA M 28 -40.24 5.05 -27.42
CA ALA M 28 -38.86 4.65 -27.17
C ALA M 28 -37.95 5.35 -28.16
N LYS M 29 -38.43 5.53 -29.38
CA LYS M 29 -37.64 6.20 -30.40
C LYS M 29 -37.42 7.67 -30.05
N THR M 30 -38.45 8.32 -29.49
CA THR M 30 -38.33 9.71 -29.07
C THR M 30 -37.44 9.80 -27.84
N TYR M 31 -37.60 8.86 -26.93
CA TYR M 31 -36.78 8.84 -25.75
C TYR M 31 -35.32 8.82 -26.17
N VAL M 32 -35.00 7.95 -27.11
CA VAL M 32 -33.61 7.83 -27.51
C VAL M 32 -33.13 9.10 -28.19
N LYS M 33 -34.02 9.79 -28.92
CA LYS M 33 -33.65 11.04 -29.57
C LYS M 33 -33.34 12.11 -28.52
N PHE M 34 -34.18 12.21 -27.49
CA PHE M 34 -33.92 13.15 -26.44
C PHE M 34 -32.75 12.76 -25.54
N SER M 35 -32.46 11.46 -25.43
CA SER M 35 -31.36 10.99 -24.61
C SER M 35 -30.07 11.67 -25.06
N GLY M 36 -29.84 11.64 -26.37
CA GLY M 36 -28.76 12.39 -26.99
C GLY M 36 -27.39 11.72 -26.87
N TYR M 37 -27.34 10.42 -26.54
CA TYR M 37 -26.05 9.77 -26.50
C TYR M 37 -25.44 9.63 -27.89
N ARG M 38 -26.27 9.64 -28.95
CA ARG M 38 -25.72 9.55 -30.29
C ARG M 38 -24.94 10.80 -30.67
N GLN M 39 -25.23 11.92 -29.99
CA GLN M 39 -24.58 13.19 -30.28
C GLN M 39 -23.16 13.21 -29.71
N LEU M 40 -22.80 12.16 -28.96
CA LEU M 40 -21.43 12.02 -28.46
C LEU M 40 -20.76 10.85 -29.15
N GLY M 41 -21.43 10.32 -30.18
CA GLY M 41 -20.90 9.25 -30.99
C GLY M 41 -20.88 7.91 -30.25
N PHE M 42 -21.78 7.75 -29.28
CA PHE M 42 -21.86 6.48 -28.59
C PHE M 42 -22.86 5.58 -29.29
N LYS M 43 -22.66 4.27 -29.16
CA LYS M 43 -23.75 3.35 -29.39
C LYS M 43 -24.38 3.02 -28.04
N MET M 44 -25.66 2.61 -28.05
CA MET M 44 -26.37 2.42 -26.81
C MET M 44 -25.56 1.54 -25.87
N ASN M 45 -25.02 0.44 -26.39
CA ASN M 45 -24.42 -0.56 -25.51
C ASN M 45 -23.16 -0.04 -24.83
N ASP M 46 -22.53 1.02 -25.36
CA ASP M 46 -21.38 1.64 -24.71
C ASP M 46 -21.73 2.17 -23.32
N LEU M 47 -23.01 2.43 -23.04
CA LEU M 47 -23.40 3.07 -21.80
C LEU M 47 -23.67 2.07 -20.68
N ILE M 48 -23.77 0.78 -20.98
CA ILE M 48 -24.07 -0.18 -19.93
C ILE M 48 -22.94 -0.29 -18.91
N ILE M 49 -23.29 -0.34 -17.61
CA ILE M 49 -22.35 -0.37 -16.50
C ILE M 49 -21.46 -1.59 -16.64
N GLU M 50 -20.13 -1.41 -16.60
CA GLU M 50 -19.27 -2.53 -16.87
C GLU M 50 -18.53 -3.03 -15.63
N GLU M 51 -18.63 -2.32 -14.50
CA GLU M 51 -17.85 -2.69 -13.33
C GLU M 51 -18.62 -3.77 -12.56
N THR M 52 -18.71 -4.95 -13.17
CA THR M 52 -19.44 -6.08 -12.64
C THR M 52 -18.66 -7.29 -13.14
N PRO M 53 -18.50 -8.39 -12.38
CA PRO M 53 -17.81 -9.57 -12.90
C PRO M 53 -18.39 -10.06 -14.24
N ASN M 54 -19.72 -10.10 -14.33
CA ASN M 54 -20.39 -10.60 -15.51
C ASN M 54 -20.07 -9.75 -16.72
N MET M 55 -20.09 -8.43 -16.54
CA MET M 55 -19.88 -7.53 -17.65
C MET M 55 -18.43 -7.54 -18.07
N GLN M 56 -17.52 -7.69 -17.11
CA GLN M 56 -16.12 -7.82 -17.44
C GLN M 56 -15.89 -9.06 -18.31
N LEU M 57 -16.59 -10.15 -17.99
CA LEU M 57 -16.46 -11.38 -18.75
C LEU M 57 -17.02 -11.19 -20.16
N ALA M 58 -18.18 -10.54 -20.29
CA ALA M 58 -18.75 -10.34 -21.61
C ALA M 58 -17.84 -9.43 -22.44
N LEU M 59 -17.18 -8.46 -21.81
CA LEU M 59 -16.35 -7.55 -22.58
C LEU M 59 -15.12 -8.28 -23.14
N ARG M 60 -14.60 -9.24 -22.35
CA ARG M 60 -13.45 -10.03 -22.73
C ARG M 60 -13.77 -10.92 -23.93
N ARG M 61 -15.06 -11.20 -24.13
CA ARG M 61 -15.52 -12.13 -25.15
C ARG M 61 -15.86 -11.41 -26.46
N LEU M 62 -15.82 -10.07 -26.45
CA LEU M 62 -16.01 -9.36 -27.70
C LEU M 62 -14.93 -9.75 -28.72
N PRO M 63 -15.27 -9.87 -30.00
CA PRO M 63 -14.27 -9.98 -31.07
C PRO M 63 -13.32 -8.79 -31.07
N PRO M 64 -12.01 -8.98 -31.33
CA PRO M 64 -11.02 -7.92 -31.15
C PRO M 64 -11.37 -6.61 -31.85
N THR M 65 -11.96 -6.71 -33.04
CA THR M 65 -12.35 -5.57 -33.84
C THR M 65 -13.35 -4.69 -33.06
N GLU M 66 -14.41 -5.34 -32.58
CA GLU M 66 -15.47 -4.69 -31.83
C GLU M 66 -14.86 -4.04 -30.59
N SER M 67 -13.94 -4.78 -29.97
CA SER M 67 -13.31 -4.29 -28.77
C SER M 67 -12.50 -3.03 -29.05
N TYR M 68 -11.70 -3.03 -30.13
CA TYR M 68 -10.86 -1.88 -30.42
C TYR M 68 -11.72 -0.68 -30.76
N ASP M 69 -12.85 -0.91 -31.45
CA ASP M 69 -13.68 0.20 -31.83
C ASP M 69 -14.39 0.79 -30.62
N ARG M 70 -14.74 -0.06 -29.65
CA ARG M 70 -15.39 0.44 -28.46
C ARG M 70 -14.42 1.37 -27.74
N VAL M 71 -13.15 0.97 -27.65
CA VAL M 71 -12.20 1.80 -26.95
C VAL M 71 -12.12 3.15 -27.64
N TYR M 72 -12.12 3.15 -28.96
CA TYR M 72 -12.07 4.44 -29.64
C TYR M 72 -13.30 5.30 -29.37
N ARG M 73 -14.50 4.70 -29.41
CA ARG M 73 -15.68 5.49 -29.14
C ARG M 73 -15.64 6.09 -27.75
N LEU M 74 -15.15 5.33 -26.76
CA LEU M 74 -15.17 5.85 -25.41
C LEU M 74 -14.20 7.00 -25.30
N ILE M 75 -13.04 6.86 -25.94
CA ILE M 75 -12.03 7.90 -25.82
C ILE M 75 -12.53 9.15 -26.54
N ARG M 76 -13.06 8.98 -27.73
CA ARG M 76 -13.55 10.13 -28.46
C ARG M 76 -14.67 10.82 -27.67
N ALA M 77 -15.60 10.07 -27.06
CA ALA M 77 -16.69 10.68 -26.32
C ALA M 77 -16.16 11.40 -25.10
N THR M 78 -15.14 10.84 -24.44
CA THR M 78 -14.54 11.48 -23.28
C THR M 78 -13.93 12.82 -23.69
N GLN M 79 -13.36 12.88 -24.90
CA GLN M 79 -12.77 14.11 -25.37
C GLN M 79 -13.84 15.14 -25.71
N PHE M 80 -14.98 14.72 -26.26
CA PHE M 80 -16.06 15.68 -26.49
C PHE M 80 -16.57 16.22 -25.17
N SER M 81 -16.71 15.32 -24.19
CA SER M 81 -17.24 15.71 -22.90
C SER M 81 -16.34 16.77 -22.27
N LEU M 82 -15.02 16.54 -22.29
CA LEU M 82 -14.17 17.46 -21.57
C LEU M 82 -14.04 18.79 -22.31
N SER M 83 -14.28 18.78 -23.61
CA SER M 83 -14.21 19.99 -24.42
C SER M 83 -15.53 20.74 -24.43
N HIS M 84 -16.61 20.11 -23.93
CA HIS M 84 -17.96 20.64 -24.02
C HIS M 84 -18.39 20.86 -25.47
N LYS M 85 -17.98 19.97 -26.37
CA LYS M 85 -18.43 19.98 -27.75
C LYS M 85 -19.33 18.78 -27.99
N LEU M 86 -20.07 18.79 -29.10
CA LEU M 86 -20.80 17.61 -29.54
C LEU M 86 -20.14 17.05 -30.79
N ALA M 87 -20.46 15.78 -31.10
CA ALA M 87 -20.02 15.17 -32.35
C ALA M 87 -20.64 15.93 -33.52
N THR M 88 -19.92 15.97 -34.63
CA THR M 88 -20.51 16.51 -35.85
C THR M 88 -20.19 15.54 -36.96
N GLY M 89 -20.99 15.60 -38.03
CA GLY M 89 -20.73 14.86 -39.25
C GLY M 89 -20.73 13.35 -39.01
N ASN M 90 -19.59 12.72 -39.31
CA ASN M 90 -19.48 11.27 -39.28
C ASN M 90 -19.33 10.75 -37.85
N ASP M 91 -19.09 11.64 -36.90
CA ASP M 91 -18.92 11.19 -35.54
C ASP M 91 -20.29 10.97 -34.90
N ILE M 92 -21.34 11.58 -35.45
CA ILE M 92 -22.67 11.35 -34.92
C ILE M 92 -23.08 9.93 -35.26
N THR M 93 -23.61 9.20 -34.27
CA THR M 93 -24.02 7.84 -34.51
C THR M 93 -25.36 7.87 -35.24
N LYS M 94 -25.38 7.30 -36.43
CA LYS M 94 -26.63 7.24 -37.19
C LYS M 94 -27.45 6.08 -36.66
N PRO M 95 -28.80 6.14 -36.68
CA PRO M 95 -29.63 5.07 -36.09
C PRO M 95 -29.31 3.65 -36.60
N GLU M 96 -28.81 3.55 -37.83
CA GLU M 96 -28.48 2.28 -38.48
C GLU M 96 -27.15 1.72 -37.97
N GLU M 97 -26.32 2.58 -37.38
CA GLU M 97 -25.05 2.17 -36.82
C GLU M 97 -25.20 1.81 -35.33
N ASP M 98 -26.37 2.08 -34.74
CA ASP M 98 -26.51 1.86 -33.30
C ASP M 98 -26.82 0.39 -33.05
N ASP M 99 -25.83 -0.50 -33.27
CA ASP M 99 -26.08 -1.93 -33.18
C ASP M 99 -25.77 -2.46 -31.78
N HIS M 100 -26.54 -3.46 -31.35
CA HIS M 100 -26.39 -4.05 -30.03
C HIS M 100 -25.28 -5.08 -30.03
N TYR M 101 -24.04 -4.61 -30.16
CA TYR M 101 -22.91 -5.50 -30.36
C TYR M 101 -22.66 -6.33 -29.10
N LEU M 102 -23.04 -5.84 -27.93
CA LEU M 102 -22.61 -6.49 -26.70
C LEU M 102 -23.72 -7.37 -26.14
N ILE M 103 -24.97 -7.07 -26.48
CA ILE M 103 -26.10 -7.73 -25.85
C ILE M 103 -26.00 -9.25 -25.93
N PRO M 104 -25.69 -9.87 -27.09
CA PRO M 104 -25.56 -11.33 -27.18
C PRO M 104 -24.53 -11.93 -26.24
N TYR M 105 -23.40 -11.22 -26.04
CA TYR M 105 -22.37 -11.68 -25.14
C TYR M 105 -22.83 -11.66 -23.69
N ILE M 106 -23.49 -10.58 -23.26
CA ILE M 106 -23.84 -10.47 -21.87
C ILE M 106 -25.01 -11.41 -21.59
N LEU M 107 -25.88 -11.58 -22.58
CA LEU M 107 -26.98 -12.50 -22.35
C LEU M 107 -26.47 -13.92 -22.15
N ASP M 108 -25.37 -14.30 -22.83
CA ASP M 108 -24.84 -15.64 -22.64
C ASP M 108 -24.14 -15.80 -21.30
N VAL M 109 -23.39 -14.78 -20.88
CA VAL M 109 -22.71 -14.80 -19.61
C VAL M 109 -23.75 -14.95 -18.51
N GLU M 110 -24.83 -14.16 -18.61
CA GLU M 110 -25.84 -14.15 -17.56
C GLU M 110 -26.63 -15.46 -17.58
N ALA M 111 -26.86 -16.01 -18.79
CA ALA M 111 -27.61 -17.27 -18.91
C ALA M 111 -26.93 -18.32 -18.05
N GLU M 112 -25.61 -18.42 -18.17
CA GLU M 112 -24.86 -19.41 -17.42
C GLU M 112 -24.89 -19.08 -15.94
N ALA M 113 -24.69 -17.80 -15.59
CA ALA M 113 -24.71 -17.41 -14.18
C ALA M 113 -26.05 -17.73 -13.52
N PHE M 114 -27.15 -17.54 -14.26
CA PHE M 114 -28.45 -17.78 -13.66
C PHE M 114 -28.78 -19.27 -13.64
N GLU M 115 -28.30 -20.04 -14.62
CA GLU M 115 -28.47 -21.48 -14.62
C GLU M 115 -27.72 -22.07 -13.44
N LYS M 116 -26.52 -21.53 -13.19
CA LYS M 116 -25.70 -22.02 -12.10
C LYS M 116 -26.44 -21.82 -10.78
N ASP M 117 -27.04 -20.64 -10.59
CA ASP M 117 -27.80 -20.36 -9.38
C ASP M 117 -28.99 -21.31 -9.25
N ALA M 118 -29.68 -21.58 -10.36
CA ALA M 118 -30.81 -22.49 -10.27
C ALA M 118 -30.34 -23.89 -9.87
N LEU M 119 -29.26 -24.35 -10.49
CA LEU M 119 -28.86 -25.74 -10.32
C LEU M 119 -28.22 -25.96 -8.96
N ASP M 120 -27.73 -24.88 -8.34
CA ASP M 120 -27.22 -24.91 -6.98
C ASP M 120 -28.36 -25.14 -5.98
N ASN M 121 -29.60 -25.04 -6.44
CA ASN M 121 -30.76 -25.22 -5.58
C ASN M 121 -31.60 -26.37 -6.11
N LEU M 122 -31.00 -27.33 -6.82
CA LEU M 122 -31.83 -28.44 -7.28
C LEU M 122 -32.03 -29.46 -6.16
N GLU M 123 -33.22 -30.06 -6.16
CA GLU M 123 -33.66 -31.01 -5.16
C GLU M 123 -34.02 -32.32 -5.85
N VAL M 124 -33.25 -33.37 -5.58
CA VAL M 124 -33.58 -34.71 -6.06
C VAL M 124 -34.95 -35.12 -5.53
N VAL M 125 -35.80 -35.59 -6.45
CA VAL M 125 -37.18 -35.88 -6.13
C VAL M 125 -37.39 -37.39 -5.86
N PRO N 66 -38.53 72.71 14.22
CA PRO N 66 -39.47 71.58 14.43
C PRO N 66 -39.27 70.37 13.52
N ASP N 67 -39.81 69.24 13.97
CA ASP N 67 -39.38 67.92 13.50
C ASP N 67 -39.75 67.76 12.03
N PRO N 68 -38.76 67.55 11.14
CA PRO N 68 -39.02 67.41 9.70
C PRO N 68 -39.99 66.27 9.42
N ALA N 69 -40.05 65.28 10.32
CA ALA N 69 -40.83 64.08 10.06
C ALA N 69 -42.33 64.37 10.07
N ILE N 70 -42.73 65.31 10.92
CA ILE N 70 -44.13 65.66 11.15
C ILE N 70 -44.76 66.09 9.82
N ALA N 71 -44.07 66.99 9.13
CA ALA N 71 -44.51 67.56 7.87
C ALA N 71 -44.47 66.51 6.75
N LEU N 72 -43.40 65.71 6.70
CA LEU N 72 -43.24 64.77 5.59
C LEU N 72 -44.30 63.69 5.66
N HIS N 73 -44.64 63.26 6.88
CA HIS N 73 -45.65 62.24 7.14
C HIS N 73 -47.03 62.73 6.73
N GLU N 74 -47.28 64.00 7.00
CA GLU N 74 -48.59 64.57 6.76
C GLU N 74 -48.81 64.70 5.25
N ALA N 75 -47.76 65.15 4.56
CA ALA N 75 -47.72 65.38 3.12
C ALA N 75 -47.90 64.06 2.37
N ALA N 76 -47.27 63.00 2.88
CA ALA N 76 -47.36 61.70 2.23
C ALA N 76 -48.73 61.07 2.47
N ALA N 77 -49.39 61.44 3.57
CA ALA N 77 -50.70 60.86 3.87
C ALA N 77 -51.75 61.50 2.96
N GLU N 78 -51.61 62.80 2.70
CA GLU N 78 -52.58 63.55 1.91
C GLU N 78 -52.38 63.29 0.43
N GLY N 79 -51.15 62.90 0.07
CA GLY N 79 -50.73 62.73 -1.31
C GLY N 79 -50.75 61.27 -1.78
N PRO N 80 -49.57 60.60 -1.86
CA PRO N 80 -49.47 59.25 -2.41
C PRO N 80 -50.17 58.14 -1.62
N CYS N 81 -50.51 58.43 -0.36
CA CYS N 81 -51.08 57.42 0.51
C CYS N 81 -52.49 57.85 0.91
N HIS N 82 -53.23 58.44 -0.03
CA HIS N 82 -54.52 59.01 0.28
C HIS N 82 -55.60 57.93 0.40
N ASP N 83 -55.46 56.88 -0.44
CA ASP N 83 -56.41 55.77 -0.46
C ASP N 83 -56.34 55.02 0.88
N PHE N 84 -55.12 54.89 1.41
CA PHE N 84 -54.84 54.18 2.64
C PHE N 84 -55.34 55.00 3.82
N LYS N 85 -55.19 56.33 3.68
CA LYS N 85 -55.63 57.28 4.69
C LYS N 85 -57.14 57.17 4.85
N HIS N 86 -57.86 57.13 3.71
CA HIS N 86 -59.30 57.01 3.71
C HIS N 86 -59.79 55.73 4.38
N HIS N 87 -59.10 54.63 4.10
CA HIS N 87 -59.52 53.34 4.64
C HIS N 87 -59.37 53.35 6.17
N PHE N 88 -58.25 53.89 6.66
CA PHE N 88 -58.01 53.99 8.09
C PHE N 88 -59.08 54.86 8.74
N ASP N 89 -59.36 56.00 8.11
CA ASP N 89 -60.37 56.92 8.59
C ASP N 89 -61.72 56.23 8.70
N GLU N 90 -62.15 55.59 7.60
CA GLU N 90 -63.43 54.89 7.59
C GLU N 90 -63.47 53.85 8.71
N CYS N 91 -62.40 53.07 8.85
CA CYS N 91 -62.31 52.05 9.88
C CYS N 91 -62.51 52.69 11.26
N VAL N 92 -61.78 53.78 11.57
CA VAL N 92 -61.87 54.35 12.91
C VAL N 92 -63.31 54.79 13.18
N GLU N 93 -63.96 55.44 12.19
CA GLU N 93 -65.35 55.85 12.29
C GLU N 93 -66.23 54.69 12.71
N ARG N 94 -66.09 53.53 12.02
CA ARG N 94 -66.90 52.36 12.28
C ARG N 94 -66.65 51.82 13.69
N VAL N 95 -65.37 51.78 14.11
CA VAL N 95 -65.04 51.11 15.35
C VAL N 95 -65.52 51.96 16.53
N THR N 96 -65.31 53.28 16.43
CA THR N 96 -65.72 54.21 17.48
C THR N 96 -67.24 54.16 17.65
N LYS N 97 -67.96 54.12 16.52
CA LYS N 97 -69.41 54.02 16.49
C LYS N 97 -69.88 52.72 17.13
N ALA N 98 -69.10 51.65 16.91
CA ALA N 98 -69.47 50.34 17.40
C ALA N 98 -69.22 50.26 18.90
N GLN N 99 -68.23 51.02 19.38
CA GLN N 99 -67.87 51.05 20.79
C GLN N 99 -68.90 51.90 21.55
N GLU N 100 -69.48 52.90 20.84
CA GLU N 100 -70.49 53.79 21.36
C GLU N 100 -71.77 53.02 21.68
N ALA N 101 -72.10 52.05 20.81
CA ALA N 101 -73.26 51.19 20.97
C ALA N 101 -73.10 50.29 22.19
N GLU N 102 -74.21 50.04 22.89
CA GLU N 102 -74.22 49.27 24.12
C GLU N 102 -74.18 47.78 23.78
N ASP N 103 -73.76 46.97 24.76
CA ASP N 103 -73.56 45.53 24.63
C ASP N 103 -72.47 45.26 23.60
N TYR N 104 -71.50 46.18 23.53
CA TYR N 104 -70.30 46.01 22.73
C TYR N 104 -69.31 45.15 23.51
N ASP N 105 -69.30 45.32 24.84
CA ASP N 105 -68.39 44.61 25.74
C ASP N 105 -68.72 43.11 25.75
N HIS N 106 -70.00 42.78 25.50
CA HIS N 106 -70.48 41.41 25.43
C HIS N 106 -70.71 41.01 23.98
N ALA N 107 -69.75 41.38 23.11
CA ALA N 107 -69.74 40.91 21.73
C ALA N 107 -68.63 39.88 21.58
N GLU N 108 -68.75 39.04 20.55
CA GLU N 108 -67.77 38.01 20.31
C GLU N 108 -66.55 38.65 19.65
N TYR N 109 -66.82 39.38 18.55
CA TYR N 109 -65.79 39.98 17.73
C TYR N 109 -65.76 41.50 17.90
N LYS N 110 -64.64 42.00 18.44
CA LYS N 110 -64.37 43.42 18.48
C LYS N 110 -63.33 43.77 17.41
N GLU N 111 -63.76 44.57 16.44
CA GLU N 111 -62.92 45.03 15.34
C GLU N 111 -61.93 46.08 15.85
N ASP N 112 -60.68 46.01 15.36
CA ASP N 112 -59.70 47.08 15.53
C ASP N 112 -59.38 47.69 14.16
N CYS N 113 -58.43 48.62 14.13
CA CYS N 113 -58.01 49.25 12.89
C CYS N 113 -56.52 49.10 12.67
N VAL N 114 -55.95 48.06 13.28
CA VAL N 114 -54.52 47.86 13.21
C VAL N 114 -54.11 47.59 11.77
N GLU N 115 -54.90 46.75 11.08
CA GLU N 115 -54.56 46.35 9.72
C GLU N 115 -54.41 47.58 8.83
N GLU N 116 -55.42 48.46 8.91
CA GLU N 116 -55.52 49.63 8.05
C GLU N 116 -54.42 50.61 8.42
N PHE N 117 -54.13 50.67 9.72
CA PHE N 117 -53.08 51.54 10.23
C PHE N 117 -51.74 51.08 9.66
N PHE N 118 -51.51 49.76 9.69
CA PHE N 118 -50.25 49.25 9.17
C PHE N 118 -50.16 49.55 7.68
N HIS N 119 -51.28 49.44 6.94
CA HIS N 119 -51.19 49.68 5.51
C HIS N 119 -50.84 51.13 5.24
N LEU N 120 -51.36 52.03 6.07
CA LEU N 120 -51.10 53.45 5.93
C LEU N 120 -49.64 53.74 6.28
N GLN N 121 -49.18 53.21 7.42
CA GLN N 121 -47.84 53.55 7.90
C GLN N 121 -46.80 52.97 6.94
N HIS N 122 -47.08 51.76 6.47
CA HIS N 122 -46.18 51.09 5.55
C HIS N 122 -45.98 51.96 4.31
N CYS N 123 -47.10 52.55 3.88
CA CYS N 123 -47.11 53.38 2.69
C CYS N 123 -46.37 54.68 2.97
N ILE N 124 -46.68 55.34 4.07
CA ILE N 124 -46.01 56.59 4.40
C ILE N 124 -44.50 56.37 4.46
N ASN N 125 -44.07 55.25 5.05
CA ASN N 125 -42.65 55.03 5.27
C ASN N 125 -41.92 54.88 3.95
N ASP N 126 -42.57 54.20 2.99
CA ASP N 126 -42.04 53.99 1.66
C ASP N 126 -41.82 55.32 0.93
N ASN N 127 -42.61 56.35 1.26
CA ASN N 127 -42.56 57.60 0.54
C ASN N 127 -41.77 58.68 1.28
N THR N 128 -41.11 58.33 2.38
CA THR N 128 -40.67 59.35 3.33
C THR N 128 -39.24 59.07 3.77
N ALA N 129 -38.96 57.78 3.97
CA ALA N 129 -37.67 57.31 4.46
C ALA N 129 -36.51 58.13 3.91
N ASP N 130 -36.39 58.17 2.57
CA ASP N 130 -35.28 58.82 1.90
C ASP N 130 -35.27 60.31 2.18
N LYS N 131 -36.47 60.91 2.15
CA LYS N 131 -36.59 62.35 2.27
C LYS N 131 -36.19 62.81 3.66
N LEU N 132 -36.59 62.01 4.66
CA LEU N 132 -36.31 62.39 6.02
C LEU N 132 -34.81 62.35 6.31
N PHE N 133 -34.16 61.24 5.93
CA PHE N 133 -32.75 61.12 6.26
C PHE N 133 -31.90 62.13 5.49
N ARG N 134 -32.47 62.70 4.42
CA ARG N 134 -31.76 63.68 3.62
C ARG N 134 -31.63 65.00 4.37
N VAL N 135 -32.56 65.29 5.30
CA VAL N 135 -32.52 66.53 6.05
C VAL N 135 -32.10 66.34 7.52
N LEU N 136 -31.33 65.28 7.82
CA LEU N 136 -30.71 65.15 9.14
C LEU N 136 -29.17 65.07 9.00
N VAL O 26 48.19 9.74 -39.22
CA VAL O 26 47.65 10.87 -40.07
C VAL O 26 47.23 10.36 -41.45
N SER O 27 45.93 10.52 -41.75
CA SER O 27 45.28 10.10 -42.98
C SER O 27 45.77 10.92 -44.18
N PRO O 28 45.80 10.35 -45.41
CA PRO O 28 46.13 11.13 -46.61
C PRO O 28 45.15 12.27 -46.84
N LYS O 29 45.66 13.32 -47.47
CA LYS O 29 44.96 14.55 -47.78
C LYS O 29 43.78 14.30 -48.74
N THR O 30 42.64 14.97 -48.47
CA THR O 30 41.52 14.97 -49.39
C THR O 30 41.77 15.95 -50.53
N ARG O 31 41.92 15.44 -51.74
CA ARG O 31 42.09 16.33 -52.89
C ARG O 31 40.73 16.73 -53.41
N THR O 32 40.64 17.98 -53.88
CA THR O 32 39.39 18.57 -54.35
C THR O 32 39.65 19.35 -55.64
N SER O 33 38.84 19.07 -56.67
CA SER O 33 38.85 19.86 -57.89
C SER O 33 37.43 20.20 -58.27
N ASN O 34 37.30 21.24 -59.10
CA ASN O 34 36.05 21.59 -59.76
C ASN O 34 36.14 21.31 -61.26
N LEU O 35 34.97 21.16 -61.90
CA LEU O 35 34.83 21.33 -63.34
C LEU O 35 34.27 22.72 -63.62
N LYS O 36 34.04 22.99 -64.92
CA LYS O 36 33.57 24.27 -65.43
C LYS O 36 32.12 24.50 -65.04
N ASN O 37 31.29 23.45 -65.12
CA ASN O 37 29.88 23.55 -64.81
C ASN O 37 29.68 23.83 -63.33
N GLY O 38 30.61 23.39 -62.48
CA GLY O 38 30.54 23.65 -61.05
C GLY O 38 30.45 22.37 -60.25
N LEU O 39 30.68 21.25 -60.94
CA LEU O 39 30.71 19.95 -60.29
C LEU O 39 32.02 19.83 -59.50
N THR O 40 31.91 19.48 -58.22
CA THR O 40 33.06 19.24 -57.36
C THR O 40 33.49 17.78 -57.45
N ILE O 41 34.79 17.54 -57.57
CA ILE O 41 35.37 16.20 -57.50
C ILE O 41 36.25 16.11 -56.26
N ALA O 42 36.02 15.11 -55.41
CA ALA O 42 36.75 15.03 -54.16
C ALA O 42 37.16 13.59 -53.92
N SER O 43 38.41 13.39 -53.51
CA SER O 43 38.90 12.04 -53.45
C SER O 43 39.81 11.85 -52.24
N GLU O 44 39.82 10.63 -51.69
CA GLU O 44 40.81 10.28 -50.68
C GLU O 44 41.33 8.88 -50.92
N SER O 45 42.56 8.81 -51.44
CA SER O 45 43.19 7.56 -51.87
C SER O 45 43.82 6.83 -50.67
N ASN O 46 43.76 5.49 -50.74
CA ASN O 46 44.31 4.60 -49.74
C ASN O 46 44.97 3.43 -50.45
N PRO O 47 46.31 3.47 -50.69
CA PRO O 47 46.99 2.42 -51.45
C PRO O 47 47.13 1.05 -50.77
N LEU O 48 46.49 0.91 -49.59
CA LEU O 48 46.48 -0.30 -48.79
C LEU O 48 45.26 -1.17 -49.10
N VAL O 49 44.20 -0.58 -49.70
CA VAL O 49 43.02 -1.34 -50.09
C VAL O 49 43.03 -1.57 -51.60
N GLN O 50 42.11 -2.44 -52.04
CA GLN O 50 42.07 -2.91 -53.42
C GLN O 50 40.72 -2.60 -54.05
N THR O 51 39.82 -2.02 -53.26
CA THR O 51 38.47 -1.74 -53.67
C THR O 51 38.25 -0.24 -53.59
N ALA O 52 37.33 0.28 -54.40
CA ALA O 52 37.08 1.72 -54.44
C ALA O 52 35.58 2.00 -54.34
N THR O 53 35.21 3.09 -53.68
CA THR O 53 33.82 3.55 -53.71
C THR O 53 33.80 4.90 -54.43
N VAL O 54 33.26 4.95 -55.66
CA VAL O 54 32.91 6.22 -56.29
C VAL O 54 31.41 6.42 -56.21
N GLY O 55 31.01 7.68 -56.10
CA GLY O 55 29.60 8.00 -56.19
C GLY O 55 29.35 9.49 -56.28
N VAL O 56 28.06 9.82 -56.38
CA VAL O 56 27.62 11.19 -56.52
C VAL O 56 26.79 11.53 -55.29
N TRP O 57 27.26 12.53 -54.54
CA TRP O 57 26.48 13.07 -53.45
C TRP O 57 25.75 14.30 -53.96
N ILE O 58 24.43 14.36 -53.73
CA ILE O 58 23.67 15.52 -54.17
C ILE O 58 23.07 16.26 -52.99
N ASP O 59 23.22 17.58 -53.00
CA ASP O 59 22.60 18.45 -52.02
C ASP O 59 21.14 18.70 -52.42
N ALA O 60 20.28 17.69 -52.30
CA ALA O 60 18.88 17.73 -52.69
C ALA O 60 18.20 16.50 -52.08
N GLY O 61 16.94 16.60 -51.70
CA GLY O 61 16.27 15.43 -51.17
C GLY O 61 14.77 15.71 -51.09
N SER O 62 14.08 15.05 -50.17
CA SER O 62 12.64 15.24 -50.04
C SER O 62 12.26 16.69 -49.75
N ARG O 63 13.18 17.42 -49.12
CA ARG O 63 12.85 18.75 -48.64
C ARG O 63 12.63 19.69 -49.82
N ASN O 64 13.04 19.24 -50.99
CA ASN O 64 13.00 20.08 -52.18
C ASN O 64 11.67 19.95 -52.88
N GLU O 65 10.87 18.98 -52.46
CA GLU O 65 9.50 18.85 -52.96
C GLU O 65 8.57 19.82 -52.24
N ASN O 66 7.42 20.11 -52.86
CA ASN O 66 6.28 20.73 -52.18
C ASN O 66 5.30 19.64 -51.77
N ALA O 67 4.08 20.03 -51.45
CA ALA O 67 3.16 19.06 -50.88
C ALA O 67 2.54 18.17 -51.96
N TYR O 68 2.52 18.68 -53.20
CA TYR O 68 1.88 18.00 -54.32
C TYR O 68 2.78 16.92 -54.90
N ASN O 69 4.09 17.18 -54.92
CA ASN O 69 5.00 16.21 -55.48
C ASN O 69 5.84 15.55 -54.39
N ASN O 70 5.33 15.50 -53.15
CA ASN O 70 6.07 14.88 -52.07
C ASN O 70 6.12 13.38 -52.32
N GLY O 71 7.34 12.83 -52.37
CA GLY O 71 7.53 11.43 -52.70
C GLY O 71 8.24 11.22 -54.03
N THR O 72 8.41 12.32 -54.77
CA THR O 72 9.04 12.26 -56.08
C THR O 72 10.49 11.77 -55.99
N ALA O 73 11.24 12.33 -55.04
CA ALA O 73 12.66 12.02 -54.90
C ALA O 73 12.84 10.54 -54.63
N HIS O 74 11.93 9.97 -53.84
CA HIS O 74 12.06 8.57 -53.51
C HIS O 74 11.64 7.71 -54.70
N PHE O 75 10.65 8.23 -55.44
CA PHE O 75 10.14 7.55 -56.60
C PHE O 75 11.25 7.44 -57.63
N PHE O 76 11.98 8.54 -57.84
CA PHE O 76 13.07 8.57 -58.80
C PHE O 76 14.15 7.54 -58.49
N GLU O 77 14.52 7.43 -57.22
CA GLU O 77 15.51 6.46 -56.77
C GLU O 77 15.13 5.05 -57.25
N HIS O 78 13.83 4.72 -57.30
CA HIS O 78 13.40 3.41 -57.76
C HIS O 78 13.40 3.27 -59.27
N LEU O 79 13.40 4.40 -59.99
CA LEU O 79 13.29 4.38 -61.44
C LEU O 79 14.63 4.59 -62.11
N ALA O 80 15.59 5.14 -61.34
CA ALA O 80 16.96 5.30 -61.80
C ALA O 80 17.54 3.95 -62.20
N PHE O 81 17.01 2.87 -61.60
CA PHE O 81 17.57 1.56 -61.86
C PHE O 81 16.72 0.75 -62.82
N LYS O 82 15.74 1.41 -63.44
CA LYS O 82 14.78 0.70 -64.27
C LYS O 82 15.07 0.92 -65.76
N GLY O 83 16.27 1.42 -66.09
CA GLY O 83 16.72 1.45 -67.48
C GLY O 83 16.91 2.86 -68.02
N THR O 84 17.89 2.97 -68.91
CA THR O 84 18.29 4.23 -69.50
C THR O 84 18.05 4.17 -71.00
N ASP O 85 18.43 5.24 -71.69
CA ASP O 85 18.31 5.37 -73.13
C ASP O 85 19.12 4.28 -73.85
N LYS O 86 20.24 3.83 -73.27
CA LYS O 86 21.15 2.88 -73.91
C LYS O 86 20.88 1.47 -73.39
N ARG O 87 21.03 1.28 -72.08
CA ARG O 87 20.87 -0.02 -71.46
C ARG O 87 19.43 -0.15 -70.95
N SER O 88 18.82 -1.29 -71.25
CA SER O 88 17.51 -1.64 -70.70
C SER O 88 17.69 -2.06 -69.25
N GLN O 89 16.58 -2.36 -68.56
CA GLN O 89 16.67 -2.77 -67.16
C GLN O 89 17.57 -3.99 -67.03
N HIS O 90 17.46 -4.89 -68.01
CA HIS O 90 18.15 -6.16 -67.98
C HIS O 90 19.64 -5.98 -68.26
N GLN O 91 19.93 -5.17 -69.27
CA GLN O 91 21.30 -4.81 -69.61
C GLN O 91 21.99 -4.15 -68.42
N LEU O 92 21.28 -3.22 -67.75
CA LEU O 92 21.80 -2.53 -66.57
C LEU O 92 22.22 -3.56 -65.53
N GLU O 93 21.29 -4.49 -65.18
CA GLU O 93 21.55 -5.56 -64.23
C GLU O 93 22.83 -6.30 -64.59
N LEU O 94 22.92 -6.73 -65.85
CA LEU O 94 24.05 -7.50 -66.32
C LEU O 94 25.36 -6.71 -66.22
N ASP O 95 25.33 -5.42 -66.62
CA ASP O 95 26.53 -4.61 -66.64
C ASP O 95 27.14 -4.52 -65.24
N ILE O 96 26.27 -4.35 -64.23
CA ILE O 96 26.73 -4.24 -62.85
C ILE O 96 27.21 -5.59 -62.34
N GLU O 97 26.47 -6.65 -62.67
CA GLU O 97 26.87 -7.99 -62.32
C GLU O 97 28.27 -8.30 -62.87
N ASN O 98 28.56 -7.81 -64.08
CA ASN O 98 29.80 -8.08 -64.76
C ASN O 98 30.95 -7.23 -64.20
N MET O 99 30.62 -6.09 -63.60
CA MET O 99 31.61 -5.27 -62.91
C MET O 99 32.23 -6.10 -61.80
N GLY O 100 31.36 -6.73 -61.01
CA GLY O 100 31.82 -7.46 -59.84
C GLY O 100 31.29 -6.86 -58.54
N GLY O 101 31.16 -5.52 -58.51
CA GLY O 101 30.76 -4.81 -57.32
C GLY O 101 29.25 -4.61 -57.26
N HIS O 102 28.84 -3.57 -56.52
CA HIS O 102 27.41 -3.30 -56.43
C HIS O 102 27.18 -1.80 -56.50
N LEU O 103 25.92 -1.44 -56.75
CA LEU O 103 25.48 -0.06 -56.70
C LEU O 103 24.54 0.09 -55.52
N ASN O 104 24.48 1.32 -54.99
CA ASN O 104 23.57 1.57 -53.89
C ASN O 104 23.11 3.02 -53.94
N ALA O 105 21.93 3.30 -53.38
CA ALA O 105 21.37 4.62 -53.39
C ALA O 105 20.59 4.86 -52.10
N TYR O 106 20.53 6.10 -51.63
CA TYR O 106 19.53 6.48 -50.65
C TYR O 106 19.17 7.95 -50.77
N THR O 107 17.93 8.25 -50.42
CA THR O 107 17.40 9.60 -50.42
C THR O 107 17.03 9.92 -48.98
N SER O 108 17.53 11.04 -48.47
CA SER O 108 17.07 11.55 -47.18
C SER O 108 16.31 12.85 -47.37
N ARG O 109 16.12 13.59 -46.29
CA ARG O 109 15.35 14.82 -46.38
C ARG O 109 16.15 15.87 -47.15
N GLU O 110 17.47 15.88 -46.97
CA GLU O 110 18.26 16.96 -47.52
C GLU O 110 19.36 16.46 -48.46
N SER O 111 19.49 15.14 -48.61
CA SER O 111 20.63 14.60 -49.30
C SER O 111 20.21 13.38 -50.13
N THR O 112 20.76 13.24 -51.34
CA THR O 112 20.61 12.02 -52.11
C THR O 112 22.00 11.49 -52.43
N VAL O 113 22.19 10.17 -52.32
CA VAL O 113 23.45 9.58 -52.71
C VAL O 113 23.24 8.46 -53.72
N TYR O 114 24.13 8.34 -54.70
CA TYR O 114 24.20 7.17 -55.56
C TYR O 114 25.65 6.75 -55.64
N TYR O 115 26.00 5.56 -55.19
CA TYR O 115 27.39 5.20 -55.26
C TYR O 115 27.57 3.79 -55.79
N ALA O 116 28.83 3.46 -56.12
CA ALA O 116 29.19 2.18 -56.67
C ALA O 116 30.49 1.73 -56.02
N LYS O 117 30.42 0.58 -55.33
CA LYS O 117 31.63 -0.04 -54.83
C LYS O 117 32.11 -1.05 -55.87
N SER O 118 33.41 -1.00 -56.17
CA SER O 118 33.94 -1.91 -57.18
C SER O 118 35.35 -2.32 -56.82
N PHE O 119 36.00 -2.96 -57.79
CA PHE O 119 37.43 -3.22 -57.78
C PHE O 119 38.18 -1.96 -58.24
N LYS O 120 39.49 -1.91 -57.99
CA LYS O 120 40.33 -0.77 -58.32
C LYS O 120 40.18 -0.37 -59.80
N ASP O 121 40.12 -1.36 -60.68
CA ASP O 121 40.30 -1.08 -62.11
C ASP O 121 38.95 -1.10 -62.82
N ASP O 122 37.89 -1.24 -62.02
CA ASP O 122 36.52 -1.23 -62.49
C ASP O 122 35.86 0.13 -62.21
N VAL O 123 36.70 1.12 -61.91
CA VAL O 123 36.21 2.43 -61.51
C VAL O 123 35.65 3.16 -62.73
N PRO O 124 36.33 3.15 -63.89
CA PRO O 124 35.77 3.80 -65.08
C PRO O 124 34.42 3.27 -65.54
N LYS O 125 34.13 1.99 -65.25
CA LYS O 125 32.85 1.40 -65.66
C LYS O 125 31.75 1.98 -64.77
N SER O 126 32.06 2.00 -63.48
CA SER O 126 31.11 2.41 -62.46
C SER O 126 30.77 3.89 -62.60
N VAL O 127 31.78 4.73 -62.90
CA VAL O 127 31.50 6.15 -63.08
C VAL O 127 30.57 6.36 -64.29
N GLU O 128 30.80 5.54 -65.32
CA GLU O 128 30.03 5.63 -66.55
C GLU O 128 28.58 5.21 -66.29
N ILE O 129 28.39 4.16 -65.48
CA ILE O 129 27.04 3.70 -65.22
C ILE O 129 26.29 4.73 -64.37
N LEU O 130 26.99 5.33 -63.38
CA LEU O 130 26.34 6.30 -62.52
C LEU O 130 25.90 7.52 -63.33
N ALA O 131 26.78 7.96 -64.23
CA ALA O 131 26.51 9.14 -65.03
C ALA O 131 25.30 8.90 -65.94
N ASP O 132 25.14 7.64 -66.36
CA ASP O 132 24.08 7.23 -67.27
C ASP O 132 22.72 7.25 -66.57
N ILE O 133 22.66 6.69 -65.35
CA ILE O 133 21.37 6.50 -64.70
C ILE O 133 20.86 7.86 -64.19
N LEU O 134 21.77 8.81 -63.98
CA LEU O 134 21.41 10.11 -63.44
C LEU O 134 20.98 11.06 -64.56
N GLN O 135 21.64 10.97 -65.71
CA GLN O 135 21.41 11.96 -66.76
C GLN O 135 20.41 11.44 -67.78
N HIS O 136 20.39 10.12 -68.00
CA HIS O 136 19.78 9.58 -69.21
C HIS O 136 18.81 8.47 -68.86
N SER O 137 18.00 8.65 -67.81
CA SER O 137 17.06 7.60 -67.41
C SER O 137 15.80 7.65 -68.27
N LYS O 138 15.18 6.49 -68.55
CA LYS O 138 14.05 6.50 -69.45
C LYS O 138 12.80 7.11 -68.82
N LEU O 139 12.44 6.65 -67.60
CA LEU O 139 11.21 6.99 -66.90
C LEU O 139 10.02 6.73 -67.83
N ALA O 140 9.89 5.46 -68.23
CA ALA O 140 8.85 4.96 -69.13
C ALA O 140 7.56 4.72 -68.34
N GLU O 141 6.43 5.19 -68.89
CA GLU O 141 5.12 5.09 -68.25
C GLU O 141 4.84 3.68 -67.72
N SER O 142 5.31 2.66 -68.45
CA SER O 142 5.13 1.27 -68.03
C SER O 142 5.83 0.97 -66.70
N ALA O 143 7.00 1.60 -66.48
CA ALA O 143 7.80 1.33 -65.31
C ALA O 143 7.33 2.19 -64.14
N ILE O 144 6.86 3.41 -64.43
CA ILE O 144 6.21 4.26 -63.44
C ILE O 144 5.04 3.50 -62.85
N ASP O 145 4.28 2.82 -63.70
CA ASP O 145 3.04 2.17 -63.30
C ASP O 145 3.35 0.94 -62.46
N ARG O 146 4.42 0.22 -62.83
CA ARG O 146 4.89 -0.94 -62.11
C ARG O 146 5.40 -0.58 -60.70
N GLU O 147 6.15 0.53 -60.55
CA GLU O 147 6.77 0.86 -59.27
C GLU O 147 5.73 1.43 -58.32
N ARG O 148 4.67 1.97 -58.92
CA ARG O 148 3.60 2.62 -58.19
C ARG O 148 2.93 1.62 -57.24
N GLU O 149 3.06 0.32 -57.52
CA GLU O 149 2.52 -0.72 -56.66
C GLU O 149 3.53 -1.12 -55.59
N VAL O 150 4.80 -1.18 -56.01
CA VAL O 150 5.92 -1.56 -55.16
C VAL O 150 6.05 -0.57 -54.01
N ILE O 151 5.93 0.72 -54.35
CA ILE O 151 6.08 1.79 -53.40
C ILE O 151 4.82 1.84 -52.53
N THR O 152 3.67 1.49 -53.11
CA THR O 152 2.44 1.45 -52.33
C THR O 152 2.55 0.39 -51.23
N ARG O 153 3.17 -0.75 -51.54
CA ARG O 153 3.39 -1.82 -50.58
C ARG O 153 4.43 -1.45 -49.52
N GLU O 154 5.29 -0.47 -49.82
CA GLU O 154 6.34 -0.07 -48.88
C GLU O 154 5.71 0.75 -47.74
N LEU O 155 4.60 1.44 -48.05
CA LEU O 155 3.81 2.14 -47.05
C LEU O 155 3.30 1.21 -45.95
N GLU O 156 3.05 -0.07 -46.25
CA GLU O 156 2.49 -0.96 -45.24
C GLU O 156 3.52 -1.95 -44.67
N GLU O 157 4.82 -1.61 -44.69
CA GLU O 157 5.86 -2.54 -44.26
C GLU O 157 6.98 -1.82 -43.51
N VAL O 158 7.01 -0.47 -43.60
CA VAL O 158 7.81 0.40 -42.73
C VAL O 158 7.29 0.25 -41.31
N ASN O 159 5.99 -0.03 -41.20
CA ASN O 159 5.18 -0.21 -40.00
C ASN O 159 5.89 -1.10 -38.99
N LYS O 160 6.79 -1.95 -39.50
CA LYS O 160 7.51 -2.95 -38.72
C LYS O 160 8.80 -2.36 -38.14
N GLN O 161 9.41 -1.43 -38.86
CA GLN O 161 10.68 -0.83 -38.47
C GLN O 161 10.44 0.27 -37.43
N TYR O 162 10.42 -0.12 -36.16
CA TYR O 162 9.86 0.76 -35.16
C TYR O 162 10.67 2.02 -35.00
N GLU O 163 12.00 1.90 -35.02
CA GLU O 163 12.82 3.09 -34.89
C GLU O 163 12.45 4.08 -35.97
N GLU O 164 12.24 3.60 -37.20
CA GLU O 164 11.95 4.51 -38.28
C GLU O 164 10.58 5.13 -38.12
N VAL O 165 9.60 4.33 -37.69
CA VAL O 165 8.27 4.86 -37.44
C VAL O 165 8.33 5.99 -36.41
N VAL O 166 9.08 5.74 -35.34
CA VAL O 166 9.24 6.75 -34.29
C VAL O 166 9.89 8.01 -34.86
N PHE O 167 11.02 7.88 -35.56
CA PHE O 167 11.64 9.10 -36.03
C PHE O 167 10.84 9.81 -37.13
N ASP O 168 10.07 9.08 -37.91
CA ASP O 168 9.29 9.78 -38.92
C ASP O 168 8.15 10.56 -38.27
N HIS O 169 7.54 10.01 -37.23
CA HIS O 169 6.55 10.81 -36.56
C HIS O 169 7.19 11.98 -35.83
N LEU O 170 8.42 11.76 -35.35
CA LEU O 170 9.11 12.83 -34.65
C LEU O 170 9.35 14.02 -35.58
N HIS O 171 9.74 13.77 -36.82
CA HIS O 171 9.94 14.92 -37.69
C HIS O 171 8.60 15.57 -38.03
N ALA O 172 7.57 14.74 -38.20
CA ALA O 172 6.27 15.24 -38.61
C ALA O 172 5.75 16.23 -37.58
N THR O 173 5.98 15.94 -36.30
CA THR O 173 5.39 16.75 -35.26
C THR O 173 6.29 17.93 -34.93
N ALA O 174 7.60 17.70 -34.83
CA ALA O 174 8.52 18.79 -34.51
C ALA O 174 8.42 19.89 -35.55
N PHE O 175 8.33 19.50 -36.83
CA PHE O 175 8.29 20.49 -37.88
C PHE O 175 6.93 20.48 -38.54
N MET O 176 5.91 20.69 -37.72
CA MET O 176 4.52 20.54 -38.09
C MET O 176 4.22 21.41 -39.32
N ASN O 177 3.66 20.80 -40.37
CA ASN O 177 3.30 21.41 -41.65
C ASN O 177 4.44 22.20 -42.28
N GLN O 178 5.66 21.73 -42.12
CA GLN O 178 6.76 22.39 -42.79
C GLN O 178 7.47 21.34 -43.66
N PRO O 179 8.28 21.73 -44.66
CA PRO O 179 8.99 20.75 -45.49
C PRO O 179 9.80 19.68 -44.77
N LEU O 180 10.49 20.04 -43.68
CA LEU O 180 11.22 19.02 -42.92
C LEU O 180 10.27 18.01 -42.27
N GLY O 181 9.00 18.35 -42.14
CA GLY O 181 8.09 17.47 -41.44
C GLY O 181 7.51 16.38 -42.34
N ARG O 182 7.73 16.49 -43.65
CA ARG O 182 7.16 15.54 -44.60
C ARG O 182 7.97 14.25 -44.56
N THR O 183 7.31 13.15 -44.89
CA THR O 183 7.94 11.85 -45.00
C THR O 183 8.71 11.81 -46.31
N ILE O 184 9.61 10.84 -46.44
CA ILE O 184 10.37 10.67 -47.66
C ILE O 184 9.53 9.96 -48.72
N LEU O 185 8.78 8.93 -48.30
CA LEU O 185 7.94 8.17 -49.21
C LEU O 185 6.82 9.03 -49.79
N GLY O 186 6.31 9.95 -48.98
CA GLY O 186 5.22 10.81 -49.41
C GLY O 186 3.88 10.12 -49.15
N PRO O 187 2.76 10.84 -49.28
CA PRO O 187 1.44 10.25 -49.06
C PRO O 187 1.07 9.29 -50.18
N ARG O 188 0.21 8.31 -49.87
CA ARG O 188 -0.35 7.34 -50.80
C ARG O 188 -0.92 8.02 -52.03
N GLU O 189 -1.56 9.17 -51.83
CA GLU O 189 -2.27 9.89 -52.86
C GLU O 189 -1.30 10.36 -53.95
N ASN O 190 -0.08 10.74 -53.56
CA ASN O 190 0.93 11.27 -54.46
C ASN O 190 1.52 10.12 -55.27
N ILE O 191 1.72 9.00 -54.60
CA ILE O 191 2.30 7.83 -55.24
C ILE O 191 1.43 7.43 -56.41
N GLN O 192 0.11 7.60 -56.29
CA GLN O 192 -0.83 7.25 -57.36
C GLN O 192 -0.84 8.28 -58.49
N THR O 193 -0.27 9.48 -58.27
CA THR O 193 -0.42 10.56 -59.23
C THR O 193 0.91 11.13 -59.71
N ILE O 194 2.03 10.46 -59.37
CA ILE O 194 3.31 10.93 -59.86
C ILE O 194 3.45 10.53 -61.33
N THR O 195 3.71 11.51 -62.20
CA THR O 195 3.88 11.26 -63.63
C THR O 195 5.37 11.39 -64.00
N ASN O 196 5.72 10.87 -65.18
CA ASN O 196 7.08 10.99 -65.69
C ASN O 196 7.48 12.47 -65.86
N THR O 197 6.49 13.35 -66.07
CA THR O 197 6.72 14.77 -66.26
C THR O 197 7.24 15.39 -64.97
N GLU O 198 6.57 15.07 -63.86
CA GLU O 198 6.93 15.59 -62.56
C GLU O 198 8.28 15.03 -62.13
N LEU O 199 8.52 13.76 -62.47
CA LEU O 199 9.80 13.13 -62.17
C LEU O 199 10.94 13.86 -62.88
N ARG O 200 10.71 14.17 -64.17
CA ARG O 200 11.68 14.81 -65.04
C ARG O 200 11.95 16.21 -64.49
N LYS O 201 10.88 16.88 -64.08
CA LYS O 201 10.98 18.25 -63.64
C LYS O 201 11.81 18.30 -62.36
N PHE O 202 11.64 17.28 -61.52
CA PHE O 202 12.29 17.30 -60.22
C PHE O 202 13.80 17.18 -60.45
N ILE O 203 14.20 16.21 -61.27
CA ILE O 203 15.62 15.92 -61.44
C ILE O 203 16.30 16.95 -62.33
N THR O 204 15.50 17.78 -63.02
CA THR O 204 16.07 18.80 -63.87
C THR O 204 16.33 20.06 -63.06
N GLU O 205 15.45 20.31 -62.10
CA GLU O 205 15.57 21.46 -61.22
C GLU O 205 16.63 21.22 -60.15
N ASN O 206 16.81 19.96 -59.72
CA ASN O 206 17.53 19.71 -58.48
C ASN O 206 18.91 19.11 -58.71
N TYR O 207 19.00 18.19 -59.68
CA TYR O 207 20.24 17.47 -59.94
C TYR O 207 21.12 18.31 -60.85
N THR O 208 21.59 19.45 -60.33
CA THR O 208 22.43 20.37 -61.07
C THR O 208 23.87 20.27 -60.58
N ALA O 209 24.77 20.71 -61.43
CA ALA O 209 26.18 20.42 -61.26
C ALA O 209 26.70 21.11 -59.99
N ASP O 210 26.12 22.27 -59.67
CA ASP O 210 26.63 23.03 -58.54
C ASP O 210 26.09 22.43 -57.24
N ARG O 211 25.22 21.42 -57.36
CA ARG O 211 24.68 20.77 -56.17
C ARG O 211 25.24 19.36 -55.98
N MET O 212 26.18 18.97 -56.84
CA MET O 212 26.60 17.59 -56.93
C MET O 212 28.09 17.49 -56.63
N VAL O 213 28.47 16.38 -56.00
CA VAL O 213 29.87 16.13 -55.71
C VAL O 213 30.18 14.71 -56.14
N LEU O 214 31.18 14.58 -56.99
CA LEU O 214 31.66 13.26 -57.36
C LEU O 214 32.79 12.86 -56.40
N VAL O 215 32.59 11.74 -55.69
CA VAL O 215 33.48 11.39 -54.60
C VAL O 215 34.15 10.07 -54.94
N GLY O 216 35.45 9.95 -54.65
CA GLY O 216 36.10 8.65 -54.73
C GLY O 216 36.92 8.37 -53.48
N ALA O 217 36.76 7.16 -52.92
CA ALA O 217 37.58 6.77 -51.79
C ALA O 217 38.10 5.36 -52.02
N GLY O 218 39.31 5.11 -51.52
CA GLY O 218 39.94 3.82 -51.63
C GLY O 218 41.00 3.84 -52.73
N ALA O 219 40.95 2.83 -53.61
CA ALA O 219 41.97 2.74 -54.62
C ALA O 219 41.58 3.56 -55.86
N VAL O 220 41.60 4.89 -55.73
CA VAL O 220 41.24 5.80 -56.81
C VAL O 220 42.39 6.77 -57.00
N ASP O 221 42.68 7.13 -58.25
CA ASP O 221 43.56 8.26 -58.47
C ASP O 221 42.69 9.49 -58.69
N HIS O 222 43.03 10.61 -58.02
CA HIS O 222 42.27 11.83 -58.15
C HIS O 222 42.23 12.31 -59.59
N ASP O 223 43.39 12.27 -60.26
CA ASP O 223 43.53 12.85 -61.59
C ASP O 223 42.76 12.00 -62.60
N ALA O 224 42.65 10.69 -62.31
CA ALA O 224 41.92 9.76 -63.15
C ALA O 224 40.42 10.01 -63.03
N LEU O 225 40.00 10.34 -61.82
CA LEU O 225 38.60 10.56 -61.49
C LEU O 225 38.13 11.88 -62.09
N VAL O 226 39.04 12.87 -62.15
CA VAL O 226 38.75 14.19 -62.71
C VAL O 226 38.54 14.06 -64.22
N GLU O 227 39.29 13.14 -64.84
CA GLU O 227 39.18 12.90 -66.27
C GLU O 227 37.85 12.23 -66.58
N LEU O 228 37.46 11.27 -65.73
CA LEU O 228 36.21 10.54 -65.89
C LEU O 228 35.02 11.48 -65.70
N ALA O 229 35.21 12.53 -64.90
CA ALA O 229 34.16 13.51 -64.62
C ALA O 229 33.97 14.44 -65.82
N GLU O 230 35.10 14.72 -66.49
CA GLU O 230 35.14 15.58 -67.66
C GLU O 230 34.55 14.83 -68.85
N LYS O 231 34.53 13.49 -68.76
CA LYS O 231 34.06 12.64 -69.84
C LYS O 231 32.55 12.40 -69.73
N TYR O 232 32.03 12.37 -68.50
CA TYR O 232 30.68 11.87 -68.33
C TYR O 232 29.75 12.92 -67.74
N PHE O 233 30.30 13.80 -66.90
CA PHE O 233 29.43 14.73 -66.20
C PHE O 233 29.67 16.14 -66.71
N SER O 234 30.17 16.29 -67.93
CA SER O 234 30.49 17.65 -68.36
C SER O 234 29.25 18.37 -68.89
N HIS O 235 28.35 17.62 -69.54
CA HIS O 235 27.11 18.18 -70.03
C HIS O 235 26.03 18.11 -68.94
N LEU O 236 26.36 18.54 -67.70
CA LEU O 236 25.33 18.66 -66.65
C LEU O 236 24.85 20.12 -66.66
N PRO O 237 23.53 20.36 -66.49
CA PRO O 237 23.04 21.74 -66.38
C PRO O 237 23.57 22.39 -65.09
N SER O 238 23.86 23.68 -65.17
CA SER O 238 24.11 24.48 -63.99
C SER O 238 22.83 25.21 -63.59
N SER O 239 22.60 25.39 -62.27
CA SER O 239 21.48 26.16 -61.77
C SER O 239 21.66 27.64 -62.11
N GLN O 240 20.54 28.37 -62.20
CA GLN O 240 20.51 29.78 -62.59
C GLN O 240 21.25 30.64 -61.57
N SER O 241 20.97 30.36 -60.28
CA SER O 241 21.54 31.08 -59.15
C SER O 241 22.38 30.12 -58.29
N PRO O 242 23.68 29.94 -58.61
CA PRO O 242 24.58 29.05 -57.87
C PRO O 242 24.91 29.60 -56.47
N VAL O 243 24.21 29.04 -55.48
CA VAL O 243 24.54 29.23 -54.08
C VAL O 243 25.66 28.25 -53.69
N PRO O 244 26.41 28.48 -52.58
CA PRO O 244 27.42 27.51 -52.13
C PRO O 244 26.79 26.21 -51.67
N LEU O 245 27.60 25.14 -51.62
CA LEU O 245 27.13 23.87 -51.11
C LEU O 245 26.74 23.97 -49.63
N GLY O 246 25.62 23.33 -49.29
CA GLY O 246 25.12 23.23 -47.92
C GLY O 246 24.32 24.46 -47.51
N THR O 247 23.76 25.17 -48.49
CA THR O 247 22.95 26.35 -48.25
C THR O 247 21.49 25.92 -48.05
N PRO O 248 20.79 26.44 -47.01
CA PRO O 248 19.38 26.13 -46.76
C PRO O 248 18.41 26.21 -47.97
N ILE O 260 11.24 28.58 -43.17
CA ILE O 260 12.30 28.71 -42.11
C ILE O 260 11.84 27.95 -40.87
N PRO O 261 12.56 26.89 -40.41
CA PRO O 261 11.97 25.91 -39.49
C PRO O 261 11.57 26.48 -38.14
N ASN O 262 10.36 26.16 -37.72
CA ASN O 262 9.80 26.73 -36.52
C ASN O 262 9.29 25.54 -35.76
N PHE O 263 10.09 25.04 -34.83
CA PHE O 263 9.83 23.84 -34.05
C PHE O 263 8.51 23.97 -33.29
N VAL O 264 7.71 22.89 -33.22
CA VAL O 264 6.49 22.89 -32.42
C VAL O 264 6.64 21.86 -31.32
N GLY O 265 6.66 22.31 -30.05
CA GLY O 265 6.62 21.36 -28.94
C GLY O 265 5.28 20.62 -28.96
N SER O 266 5.32 19.30 -28.96
CA SER O 266 4.12 18.55 -29.29
C SER O 266 4.34 17.08 -28.95
N GLU O 267 3.29 16.28 -29.02
CA GLU O 267 3.53 14.85 -28.87
C GLU O 267 2.65 14.07 -29.84
N VAL O 268 3.15 12.90 -30.24
CA VAL O 268 2.34 11.91 -30.94
C VAL O 268 2.37 10.66 -30.08
N ARG O 269 1.21 10.10 -29.76
CA ARG O 269 1.21 8.85 -29.01
C ARG O 269 0.54 7.79 -29.86
N LEU O 270 1.26 6.69 -30.10
CA LEU O 270 0.74 5.62 -30.92
C LEU O 270 0.70 4.40 -30.03
N ARG O 271 -0.29 4.38 -29.16
CA ARG O 271 -0.35 3.32 -28.19
C ARG O 271 -0.75 2.02 -28.88
N ASP O 272 -0.05 0.94 -28.55
CA ASP O 272 -0.37 -0.38 -29.05
C ASP O 272 -0.07 -1.38 -27.95
N ASP O 273 -1.12 -1.82 -27.27
CA ASP O 273 -0.94 -2.64 -26.09
C ASP O 273 -0.42 -4.03 -26.47
N THR O 274 -0.51 -4.40 -27.75
CA THR O 274 -0.10 -5.74 -28.16
C THR O 274 1.42 -5.81 -28.36
N MET O 275 2.07 -4.66 -28.54
CA MET O 275 3.52 -4.62 -28.65
C MET O 275 4.13 -4.85 -27.27
N PRO O 276 5.23 -5.63 -27.19
CA PRO O 276 5.94 -5.84 -25.91
C PRO O 276 6.92 -4.75 -25.46
N VAL O 277 7.50 -4.04 -26.42
CA VAL O 277 8.51 -3.02 -26.16
C VAL O 277 7.94 -1.67 -26.54
N ALA O 278 8.09 -0.69 -25.65
CA ALA O 278 7.76 0.68 -25.96
C ALA O 278 8.97 1.34 -26.60
N HIS O 279 8.72 2.17 -27.61
CA HIS O 279 9.75 3.01 -28.19
C HIS O 279 9.36 4.45 -27.95
N ILE O 280 10.28 5.22 -27.39
CA ILE O 280 10.01 6.61 -27.07
C ILE O 280 11.15 7.48 -27.61
N ALA O 281 10.81 8.57 -28.28
CA ALA O 281 11.83 9.55 -28.62
C ALA O 281 11.44 10.86 -27.96
N ILE O 282 12.42 11.62 -27.48
CA ILE O 282 12.21 12.97 -26.97
C ILE O 282 13.27 13.83 -27.62
N ALA O 283 12.89 14.97 -28.17
CA ALA O 283 13.88 15.82 -28.81
C ALA O 283 13.53 17.26 -28.54
N VAL O 284 14.56 18.10 -28.56
CA VAL O 284 14.36 19.53 -28.63
C VAL O 284 14.93 19.98 -29.96
N GLU O 285 14.64 21.22 -30.34
CA GLU O 285 15.31 21.78 -31.49
C GLU O 285 16.82 21.82 -31.24
N GLY O 286 17.59 21.22 -32.14
CA GLY O 286 19.04 21.07 -32.03
C GLY O 286 19.77 22.10 -32.88
N VAL O 287 20.91 21.72 -33.45
CA VAL O 287 21.78 22.68 -34.11
C VAL O 287 21.97 22.28 -35.57
N SER O 288 22.20 23.27 -36.44
CA SER O 288 22.48 23.00 -37.83
C SER O 288 23.94 22.62 -38.02
N TRP O 289 24.33 22.16 -39.23
CA TRP O 289 25.69 21.73 -39.51
C TRP O 289 26.68 22.86 -39.24
N THR O 290 26.26 24.09 -39.49
CA THR O 290 27.22 25.18 -39.45
C THR O 290 27.03 26.03 -38.21
N SER O 291 26.19 25.55 -37.26
CA SER O 291 26.06 26.27 -36.00
C SER O 291 27.42 26.43 -35.31
N GLU O 292 27.54 27.51 -34.54
CA GLU O 292 28.69 27.75 -33.68
C GLU O 292 28.69 26.73 -32.54
N ASP O 293 27.55 26.11 -32.29
CA ASP O 293 27.38 25.24 -31.15
C ASP O 293 27.43 23.77 -31.57
N TYR O 294 27.82 23.53 -32.81
CA TYR O 294 27.75 22.17 -33.34
C TYR O 294 28.57 21.22 -32.49
N TYR O 295 29.80 21.61 -32.14
CA TYR O 295 30.63 20.71 -31.35
C TYR O 295 30.19 20.67 -29.89
N THR O 296 29.66 21.79 -29.40
CA THR O 296 29.16 21.85 -28.05
C THR O 296 28.00 20.86 -27.89
N ALA O 297 27.12 20.82 -28.89
CA ALA O 297 26.00 19.89 -28.85
C ALA O 297 26.48 18.44 -28.92
N LEU O 298 27.60 18.15 -29.61
CA LEU O 298 28.10 16.78 -29.71
C LEU O 298 28.66 16.34 -28.38
N VAL O 299 29.40 17.24 -27.72
CA VAL O 299 29.92 16.92 -26.41
C VAL O 299 28.75 16.69 -25.45
N ALA O 300 27.69 17.51 -25.51
CA ALA O 300 26.57 17.33 -24.60
C ALA O 300 25.96 15.95 -24.82
N GLN O 301 25.79 15.61 -26.09
CA GLN O 301 25.21 14.33 -26.42
C GLN O 301 26.06 13.19 -25.86
N ALA O 302 27.39 13.33 -25.89
CA ALA O 302 28.30 12.30 -25.43
C ALA O 302 28.30 12.15 -23.90
N ILE O 303 27.94 13.21 -23.19
CA ILE O 303 27.80 13.09 -21.75
C ILE O 303 26.63 12.15 -21.40
N ILE O 304 25.55 12.16 -22.17
CA ILE O 304 24.48 11.22 -21.84
C ILE O 304 24.82 9.87 -22.45
N GLY O 305 25.15 9.88 -23.74
CA GLY O 305 25.67 8.72 -24.43
C GLY O 305 24.62 7.66 -24.71
N ASN O 306 25.10 6.44 -24.96
CA ASN O 306 24.25 5.35 -25.40
C ASN O 306 24.30 4.24 -24.36
N TYR O 307 23.33 3.32 -24.44
CA TYR O 307 23.34 2.17 -23.56
C TYR O 307 22.60 1.04 -24.25
N ASP O 308 23.07 -0.21 -24.12
CA ASP O 308 22.32 -1.34 -24.66
C ASP O 308 22.54 -2.56 -23.79
N ARG O 309 21.47 -3.13 -23.22
CA ARG O 309 21.64 -4.20 -22.23
C ARG O 309 22.30 -5.42 -22.86
N ALA O 310 22.22 -5.53 -24.19
CA ALA O 310 22.76 -6.70 -24.83
C ALA O 310 24.27 -6.63 -25.00
N VAL O 311 24.83 -5.43 -24.88
CA VAL O 311 26.27 -5.32 -25.00
C VAL O 311 26.88 -5.50 -23.62
N GLY O 312 27.96 -6.28 -23.53
CA GLY O 312 28.58 -6.63 -22.26
C GLY O 312 29.09 -5.43 -21.46
N THR O 313 29.72 -4.49 -22.16
CA THR O 313 30.43 -3.40 -21.54
C THR O 313 29.48 -2.34 -20.98
N SER O 314 28.20 -2.38 -21.36
CA SER O 314 27.34 -1.23 -21.13
C SER O 314 27.05 -1.06 -19.65
N ARG O 315 27.12 -2.13 -18.88
CA ARG O 315 26.80 -1.95 -17.48
C ARG O 315 27.91 -1.18 -16.77
N HIS O 316 29.05 -1.01 -17.43
CA HIS O 316 30.18 -0.42 -16.75
C HIS O 316 30.42 1.03 -17.17
N GLN O 317 29.66 1.52 -18.14
CA GLN O 317 29.88 2.84 -18.72
C GLN O 317 29.75 3.93 -17.66
N GLY O 318 30.45 5.04 -17.89
CA GLY O 318 30.56 6.13 -16.94
C GLY O 318 29.32 7.03 -16.84
N SER O 319 28.54 7.11 -17.92
CA SER O 319 27.35 7.95 -18.03
C SER O 319 26.42 7.71 -16.85
N ARG O 320 25.96 8.81 -16.24
CA ARG O 320 25.10 8.70 -15.06
C ARG O 320 23.79 8.01 -15.43
N LEU O 321 23.22 8.40 -16.57
CA LEU O 321 21.94 7.84 -16.95
C LEU O 321 22.10 6.35 -17.21
N SER O 322 23.22 5.96 -17.83
CA SER O 322 23.55 4.56 -18.05
C SER O 322 23.46 3.81 -16.74
N ASN O 323 24.08 4.37 -15.69
CA ASN O 323 24.12 3.69 -14.40
C ASN O 323 22.72 3.53 -13.82
N ILE O 324 21.92 4.61 -13.87
CA ILE O 324 20.57 4.57 -13.30
C ILE O 324 19.72 3.52 -14.03
N VAL O 325 19.79 3.55 -15.35
CA VAL O 325 19.00 2.68 -16.20
C VAL O 325 19.42 1.22 -16.01
N SER O 326 20.73 0.96 -15.97
CA SER O 326 21.17 -0.43 -15.89
C SER O 326 20.87 -1.03 -14.52
N GLU O 327 21.12 -0.27 -13.43
CA GLU O 327 20.91 -0.78 -12.08
C GLU O 327 19.43 -1.11 -11.83
N ASN O 328 18.55 -0.34 -12.47
CA ASN O 328 17.15 -0.43 -12.17
C ASN O 328 16.38 -1.20 -13.23
N ASN O 329 17.06 -1.72 -14.26
CA ASN O 329 16.43 -2.33 -15.43
C ASN O 329 15.32 -1.44 -15.99
N LEU O 330 15.61 -0.17 -16.20
CA LEU O 330 14.54 0.67 -16.70
C LEU O 330 14.42 0.56 -18.21
N ALA O 331 15.46 0.11 -18.92
CA ALA O 331 15.33 0.13 -20.37
C ALA O 331 16.16 -0.99 -20.98
N ASN O 332 15.85 -1.31 -22.24
CA ASN O 332 16.68 -2.21 -23.00
C ASN O 332 17.81 -1.41 -23.60
N SER O 333 17.50 -0.17 -23.99
CA SER O 333 18.49 0.61 -24.69
C SER O 333 18.09 2.07 -24.67
N PHE O 334 19.11 2.90 -24.84
CA PHE O 334 18.86 4.27 -25.22
C PHE O 334 20.02 4.73 -26.07
N GLN O 335 19.71 5.69 -26.95
CA GLN O 335 20.62 6.21 -27.94
C GLN O 335 20.41 7.71 -27.97
N SER O 336 21.42 8.48 -27.56
CA SER O 336 21.35 9.91 -27.70
C SER O 336 21.62 10.26 -29.16
N PHE O 337 20.95 11.28 -29.70
CA PHE O 337 21.24 11.64 -31.07
C PHE O 337 21.29 13.16 -31.16
N SER O 338 22.06 13.62 -32.13
CA SER O 338 22.01 15.03 -32.49
C SER O 338 22.05 15.13 -34.01
N THR O 339 20.85 15.07 -34.60
CA THR O 339 20.61 15.17 -36.04
C THR O 339 20.63 16.62 -36.51
N SER O 340 21.40 16.89 -37.58
CA SER O 340 21.56 18.26 -38.06
C SER O 340 20.99 18.36 -39.46
N TYR O 341 20.45 19.53 -39.76
CA TYR O 341 20.08 19.88 -41.12
C TYR O 341 20.73 21.21 -41.47
N SER O 342 20.39 21.76 -42.62
CA SER O 342 21.08 22.96 -43.08
C SER O 342 20.72 24.15 -42.21
N ASP O 343 19.50 24.17 -41.67
CA ASP O 343 19.06 25.36 -40.96
C ASP O 343 18.46 25.04 -39.59
N THR O 344 18.47 23.77 -39.17
CA THR O 344 17.92 23.38 -37.88
C THR O 344 18.49 22.02 -37.50
N GLY O 345 17.99 21.43 -36.41
CA GLY O 345 18.38 20.08 -36.03
C GLY O 345 17.41 19.53 -34.99
N LEU O 346 17.58 18.25 -34.62
CA LEU O 346 16.87 17.71 -33.49
C LEU O 346 17.89 17.07 -32.56
N TRP O 347 17.84 17.34 -31.27
CA TRP O 347 18.80 16.82 -30.31
C TRP O 347 17.98 16.09 -29.27
N GLY O 348 18.31 14.85 -28.94
CA GLY O 348 17.39 14.16 -28.08
C GLY O 348 17.81 12.74 -27.79
N ILE O 349 16.85 11.89 -27.44
CA ILE O 349 17.24 10.57 -27.02
C ILE O 349 16.14 9.61 -27.47
N TYR O 350 16.55 8.40 -27.82
CA TYR O 350 15.59 7.40 -28.24
C TYR O 350 15.71 6.23 -27.28
N LEU O 351 14.60 5.83 -26.65
CA LEU O 351 14.59 4.89 -25.53
C LEU O 351 13.78 3.67 -25.90
N THR O 352 14.25 2.49 -25.52
CA THR O 352 13.36 1.35 -25.68
C THR O 352 13.29 0.61 -24.38
N SER O 353 12.09 0.16 -24.05
CA SER O 353 11.90 -0.46 -22.75
C SER O 353 10.78 -1.49 -22.80
N GLU O 354 11.00 -2.59 -22.07
CA GLU O 354 9.97 -3.57 -21.80
C GLU O 354 9.36 -3.35 -20.42
N ASN O 355 9.95 -2.45 -19.65
CA ASN O 355 9.51 -2.26 -18.28
C ASN O 355 8.30 -1.33 -18.30
N THR O 356 7.11 -1.87 -18.49
CA THR O 356 6.04 -0.97 -18.88
C THR O 356 5.41 -0.26 -17.70
N THR O 357 5.70 -0.71 -16.49
CA THR O 357 5.21 0.00 -15.32
C THR O 357 6.22 1.02 -14.81
N GLN O 358 7.40 1.10 -15.42
CA GLN O 358 8.35 2.08 -14.92
C GLN O 358 8.81 3.03 -16.01
N ILE O 359 7.97 3.19 -17.04
CA ILE O 359 8.30 4.15 -18.06
C ILE O 359 8.41 5.55 -17.47
N ASP O 360 7.54 5.84 -16.50
CA ASP O 360 7.57 7.13 -15.82
C ASP O 360 8.95 7.37 -15.21
N ASP O 361 9.53 6.35 -14.55
CA ASP O 361 10.87 6.48 -13.96
C ASP O 361 11.92 6.69 -15.03
N LEU O 362 11.85 5.87 -16.08
CA LEU O 362 12.79 6.00 -17.19
C LEU O 362 12.79 7.43 -17.73
N VAL O 363 11.61 7.97 -18.03
CA VAL O 363 11.56 9.31 -18.59
C VAL O 363 12.00 10.34 -17.53
N HIS O 364 11.50 10.16 -16.30
CA HIS O 364 11.90 11.07 -15.23
C HIS O 364 13.41 11.16 -15.15
N PHE O 365 14.08 10.02 -15.02
CA PHE O 365 15.53 10.00 -14.82
C PHE O 365 16.29 10.58 -16.01
N THR O 366 15.81 10.28 -17.21
CA THR O 366 16.44 10.81 -18.40
C THR O 366 16.36 12.32 -18.41
N LEU O 367 15.18 12.88 -18.16
CA LEU O 367 15.14 14.33 -18.26
C LEU O 367 15.93 15.04 -17.14
N LYS O 368 16.06 14.35 -16.01
CA LYS O 368 16.76 14.99 -14.92
C LYS O 368 18.26 14.97 -15.22
N GLU O 369 18.72 13.98 -15.99
CA GLU O 369 20.12 13.97 -16.42
C GLU O 369 20.38 15.11 -17.41
N TRP O 370 19.44 15.38 -18.31
CA TRP O 370 19.56 16.56 -19.14
C TRP O 370 19.60 17.83 -18.30
N ASN O 371 18.77 17.92 -17.25
CA ASN O 371 18.76 19.15 -16.45
C ASN O 371 20.18 19.44 -15.98
N ARG O 372 20.93 18.38 -15.62
CA ARG O 372 22.25 18.57 -15.02
C ARG O 372 23.26 19.09 -16.03
N LEU O 373 22.96 19.05 -17.33
CA LEU O 373 23.85 19.67 -18.29
C LEU O 373 23.79 21.18 -18.11
N SER O 374 22.68 21.69 -17.57
CA SER O 374 22.51 23.11 -17.31
C SER O 374 23.01 23.46 -15.92
N THR O 375 22.87 22.55 -14.95
CA THR O 375 23.03 22.99 -13.58
C THR O 375 24.35 22.52 -12.99
N SER O 376 24.87 21.37 -13.42
CA SER O 376 25.87 20.67 -12.62
C SER O 376 27.15 20.29 -13.37
N VAL O 377 27.14 20.32 -14.71
CA VAL O 377 28.28 19.69 -15.38
C VAL O 377 29.52 20.52 -15.17
N SER O 378 30.61 19.80 -15.04
CA SER O 378 31.89 20.35 -14.65
C SER O 378 32.92 19.86 -15.66
N ASN O 379 34.19 20.17 -15.40
CA ASN O 379 35.22 19.71 -16.31
C ASN O 379 35.32 18.19 -16.27
N LEU O 380 34.88 17.57 -15.18
CA LEU O 380 34.93 16.12 -15.08
C LEU O 380 34.20 15.44 -16.24
N GLN O 381 32.94 15.81 -16.44
CA GLN O 381 32.13 15.14 -17.45
C GLN O 381 32.57 15.65 -18.82
N VAL O 382 32.83 16.95 -18.93
CA VAL O 382 33.15 17.54 -20.22
C VAL O 382 34.46 16.97 -20.75
N GLU O 383 35.48 16.83 -19.90
CA GLU O 383 36.75 16.33 -20.39
C GLU O 383 36.65 14.85 -20.71
N ARG O 384 35.80 14.12 -19.99
CA ARG O 384 35.64 12.71 -20.29
C ARG O 384 35.02 12.55 -21.68
N ALA O 385 34.01 13.37 -21.99
CA ALA O 385 33.24 13.28 -23.21
C ALA O 385 34.07 13.74 -24.39
N LYS O 386 34.93 14.75 -24.18
CA LYS O 386 35.76 15.23 -25.26
C LYS O 386 36.74 14.13 -25.67
N SER O 387 37.31 13.45 -24.67
CA SER O 387 38.26 12.39 -24.94
C SER O 387 37.63 11.28 -25.78
N GLN O 388 36.41 10.90 -25.42
CA GLN O 388 35.65 9.87 -26.11
C GLN O 388 35.31 10.28 -27.55
N LEU O 389 35.19 11.58 -27.82
CA LEU O 389 34.74 12.07 -29.13
C LEU O 389 35.93 12.26 -30.07
N LYS O 390 37.05 12.69 -29.51
CA LYS O 390 38.26 12.91 -30.28
C LYS O 390 38.60 11.62 -31.03
N ALA O 391 38.36 10.47 -30.42
CA ALA O 391 38.55 9.18 -31.07
C ALA O 391 37.33 8.83 -31.91
N GLY O 392 36.12 9.06 -31.38
CA GLY O 392 34.88 8.63 -32.01
C GLY O 392 34.70 9.18 -33.43
N LEU O 393 35.11 10.43 -33.64
CA LEU O 393 34.99 11.12 -34.92
C LEU O 393 35.94 10.56 -35.98
N LEU O 394 36.98 9.86 -35.51
CA LEU O 394 37.95 9.25 -36.39
C LEU O 394 37.61 7.78 -36.62
N LEU O 395 37.08 7.10 -35.58
CA LEU O 395 36.89 5.66 -35.55
C LEU O 395 35.77 5.25 -36.50
N SER O 396 34.77 6.13 -36.64
CA SER O 396 33.65 5.93 -37.56
C SER O 396 34.13 5.62 -38.98
N LEU O 397 35.24 6.24 -39.39
CA LEU O 397 35.74 6.12 -40.76
C LEU O 397 36.65 4.89 -40.89
N ASP O 398 36.02 3.73 -41.12
CA ASP O 398 36.68 2.44 -41.22
C ASP O 398 37.03 2.12 -42.69
N GLY O 399 36.02 1.68 -43.45
CA GLY O 399 36.19 1.22 -44.82
C GLY O 399 35.92 2.34 -45.84
N THR O 400 36.06 2.02 -47.12
CA THR O 400 36.01 3.03 -48.17
C THR O 400 34.62 3.67 -48.27
N THR O 401 33.57 2.90 -47.94
CA THR O 401 32.23 3.46 -48.05
C THR O 401 32.02 4.50 -46.96
N TYR O 402 32.59 4.27 -45.77
CA TYR O 402 32.46 5.22 -44.70
C TYR O 402 33.24 6.49 -45.00
N VAL O 403 34.42 6.32 -45.60
CA VAL O 403 35.25 7.45 -45.99
C VAL O 403 34.52 8.25 -47.06
N ALA O 404 33.94 7.56 -48.04
CA ALA O 404 33.26 8.26 -49.12
C ALA O 404 32.06 9.00 -48.57
N GLU O 405 31.38 8.37 -47.61
CA GLU O 405 30.19 8.98 -47.04
C GLU O 405 30.60 10.20 -46.25
N ASP O 406 31.81 10.16 -45.65
CA ASP O 406 32.28 11.29 -44.88
C ASP O 406 32.67 12.45 -45.80
N ILE O 407 33.33 12.14 -46.90
CA ILE O 407 33.73 13.19 -47.80
C ILE O 407 32.48 13.82 -48.39
N GLY O 408 31.56 12.96 -48.83
CA GLY O 408 30.34 13.41 -49.50
C GLY O 408 29.47 14.28 -48.58
N ARG O 409 29.32 13.84 -47.33
CA ARG O 409 28.46 14.52 -46.37
C ARG O 409 29.08 15.89 -46.09
N GLN O 410 30.36 15.92 -45.73
CA GLN O 410 30.99 17.18 -45.38
C GLN O 410 30.99 18.16 -46.55
N LEU O 411 31.14 17.68 -47.79
CA LEU O 411 31.27 18.59 -48.91
C LEU O 411 29.89 19.18 -49.23
N THR O 412 28.83 18.40 -48.97
CA THR O 412 27.49 18.86 -49.30
C THR O 412 26.81 19.63 -48.16
N THR O 413 27.45 19.69 -46.97
CA THR O 413 26.86 20.36 -45.81
C THR O 413 27.71 21.55 -45.38
N LEU O 414 29.03 21.46 -45.54
CA LEU O 414 29.93 22.52 -45.09
C LEU O 414 30.66 23.18 -46.25
N GLY O 415 30.64 22.54 -47.42
CA GLY O 415 31.33 23.06 -48.59
C GLY O 415 32.81 22.71 -48.64
N ARG O 416 33.31 22.02 -47.60
CA ARG O 416 34.70 21.59 -47.54
C ARG O 416 34.81 20.37 -46.64
N ARG O 417 35.92 19.65 -46.78
CA ARG O 417 36.25 18.57 -45.86
C ARG O 417 37.01 19.19 -44.72
N VAL O 418 36.55 18.94 -43.49
CA VAL O 418 37.26 19.45 -42.34
C VAL O 418 38.30 18.42 -41.93
N THR O 419 39.57 18.86 -41.88
CA THR O 419 40.72 18.01 -41.54
C THR O 419 40.62 17.56 -40.09
N PRO O 420 41.18 16.39 -39.71
CA PRO O 420 41.16 15.94 -38.31
C PRO O 420 41.80 16.91 -37.31
N ALA O 421 42.78 17.69 -37.78
CA ALA O 421 43.46 18.67 -36.96
C ALA O 421 42.52 19.81 -36.59
N GLU O 422 41.66 20.23 -37.54
CA GLU O 422 40.72 21.31 -37.30
C GLU O 422 39.64 20.79 -36.35
N VAL O 423 39.22 19.56 -36.55
CA VAL O 423 38.18 18.98 -35.70
C VAL O 423 38.71 18.81 -34.29
N GLU O 424 40.01 18.51 -34.17
CA GLU O 424 40.60 18.31 -32.86
C GLU O 424 40.64 19.64 -32.11
N ALA O 425 40.87 20.74 -32.86
CA ALA O 425 40.93 22.08 -32.30
C ALA O 425 39.55 22.58 -31.88
N LYS O 426 38.52 22.28 -32.69
CA LYS O 426 37.15 22.68 -32.41
C LYS O 426 36.66 21.97 -31.14
N LEU O 427 36.98 20.68 -31.00
CA LEU O 427 36.61 19.92 -29.81
C LEU O 427 37.33 20.45 -28.57
N GLU O 428 38.61 20.78 -28.73
CA GLU O 428 39.40 21.26 -27.60
C GLU O 428 38.88 22.60 -27.09
N ALA O 429 38.25 23.36 -27.98
CA ALA O 429 37.74 24.67 -27.59
C ALA O 429 36.45 24.56 -26.77
N VAL O 430 35.83 23.38 -26.72
CA VAL O 430 34.57 23.24 -25.97
C VAL O 430 34.89 23.13 -24.47
N THR O 431 34.41 24.06 -23.66
CA THR O 431 34.65 24.01 -22.22
C THR O 431 33.38 23.59 -21.50
N GLU O 432 33.49 23.37 -20.19
CA GLU O 432 32.33 23.12 -19.35
C GLU O 432 31.39 24.33 -19.40
N HIS O 433 31.98 25.52 -19.48
CA HIS O 433 31.17 26.71 -19.44
C HIS O 433 30.29 26.75 -20.70
N ASP O 434 30.88 26.36 -21.84
CA ASP O 434 30.20 26.36 -23.12
C ASP O 434 29.04 25.37 -23.08
N VAL O 435 29.25 24.18 -22.53
CA VAL O 435 28.20 23.20 -22.46
C VAL O 435 27.07 23.72 -21.58
N ARG O 436 27.40 24.26 -20.39
CA ARG O 436 26.34 24.79 -19.54
C ARG O 436 25.58 25.90 -20.26
N ALA O 437 26.31 26.79 -20.92
CA ALA O 437 25.64 27.91 -21.56
C ALA O 437 24.69 27.42 -22.64
N TRP O 438 25.15 26.41 -23.40
CA TRP O 438 24.37 25.87 -24.50
C TRP O 438 23.13 25.19 -23.94
N ALA O 439 23.30 24.40 -22.89
CA ALA O 439 22.17 23.64 -22.37
C ALA O 439 21.10 24.57 -21.81
N GLN O 440 21.54 25.69 -21.22
CA GLN O 440 20.63 26.62 -20.59
C GLN O 440 19.79 27.37 -21.63
N LYS O 441 20.30 27.46 -22.86
CA LYS O 441 19.61 28.13 -23.93
C LYS O 441 18.80 27.14 -24.77
N THR O 442 19.17 25.86 -24.77
CA THR O 442 18.64 24.90 -25.74
C THR O 442 17.74 23.87 -25.07
N LEU O 443 18.08 23.50 -23.84
CA LEU O 443 17.38 22.41 -23.19
C LEU O 443 16.53 22.92 -22.05
N TYR O 444 17.10 23.84 -21.26
CA TYR O 444 16.50 24.10 -19.97
C TYR O 444 15.13 24.73 -20.15
N ASP O 445 14.09 24.11 -19.60
CA ASP O 445 12.76 24.70 -19.64
C ASP O 445 12.28 24.92 -21.08
N LYS O 446 12.58 24.00 -22.00
CA LYS O 446 12.21 24.23 -23.38
C LYS O 446 11.15 23.23 -23.79
N ASP O 447 10.43 23.50 -24.88
CA ASP O 447 9.40 22.58 -25.34
C ASP O 447 10.06 21.37 -25.99
N ILE O 448 9.43 20.22 -25.87
CA ILE O 448 10.01 19.02 -26.42
C ILE O 448 9.06 18.48 -27.46
N ALA O 449 9.58 17.66 -28.37
CA ALA O 449 8.70 16.89 -29.22
C ALA O 449 8.86 15.46 -28.72
N LEU O 450 7.73 14.78 -28.58
CA LEU O 450 7.75 13.52 -27.86
C LEU O 450 6.94 12.52 -28.66
N VAL O 451 7.50 11.36 -28.95
CA VAL O 451 6.76 10.37 -29.68
C VAL O 451 6.85 9.08 -28.89
N GLY O 452 5.69 8.44 -28.69
CA GLY O 452 5.70 7.18 -28.01
C GLY O 452 4.96 6.14 -28.84
N LEU O 453 5.49 4.93 -28.88
CA LEU O 453 4.87 3.91 -29.68
C LEU O 453 4.92 2.61 -28.89
N GLY O 454 3.76 1.92 -28.82
CA GLY O 454 3.68 0.64 -28.16
C GLY O 454 2.95 0.72 -26.83
N PRO O 455 3.32 -0.09 -25.82
CA PRO O 455 2.60 -0.08 -24.55
C PRO O 455 3.02 1.10 -23.68
N ILE O 456 2.47 2.28 -23.98
CA ILE O 456 2.96 3.52 -23.41
C ILE O 456 1.93 4.13 -22.46
N GLU O 457 1.04 3.28 -21.94
CA GLU O 457 0.01 3.75 -21.02
C GLU O 457 0.64 4.55 -19.88
N GLY O 458 1.81 4.11 -19.40
CA GLY O 458 2.44 4.71 -18.25
C GLY O 458 3.31 5.90 -18.62
N LEU O 459 3.34 6.30 -19.89
CA LEU O 459 4.02 7.54 -20.18
C LEU O 459 3.04 8.65 -19.82
N TYR O 460 3.40 9.57 -18.91
CA TYR O 460 2.43 10.57 -18.49
C TYR O 460 2.14 11.55 -19.64
N ASP O 461 1.13 12.39 -19.43
CA ASP O 461 0.71 13.44 -20.36
C ASP O 461 1.83 14.46 -20.59
N TYR O 462 1.64 15.30 -21.63
CA TYR O 462 2.67 16.22 -22.08
C TYR O 462 3.16 17.09 -20.93
N ASN O 463 2.26 17.67 -20.13
CA ASN O 463 2.69 18.57 -19.07
C ASN O 463 3.69 17.94 -18.10
N ARG O 464 3.36 16.77 -17.58
CA ARG O 464 4.28 16.17 -16.62
C ARG O 464 5.62 15.87 -17.25
N ILE O 465 5.67 15.53 -18.56
CA ILE O 465 6.95 15.26 -19.19
C ILE O 465 7.68 16.59 -19.32
N ARG O 466 6.99 17.59 -19.85
CA ARG O 466 7.63 18.86 -20.06
C ARG O 466 8.07 19.51 -18.76
N ASN O 467 7.37 19.24 -17.65
CA ASN O 467 7.82 19.82 -16.40
C ASN O 467 9.17 19.27 -15.94
N ASP O 468 9.57 18.09 -16.42
CA ASP O 468 10.88 17.59 -16.07
C ASP O 468 12.02 18.29 -16.82
N MET O 469 11.70 19.24 -17.69
CA MET O 469 12.74 19.99 -18.38
C MET O 469 13.33 21.09 -17.51
N SER O 470 12.91 21.20 -16.26
CA SER O 470 13.54 22.14 -15.35
C SER O 470 13.58 21.54 -13.97
N MET O 471 14.34 22.15 -13.05
CA MET O 471 14.44 21.64 -11.69
C MET O 471 14.00 22.76 -10.77
N MET O 472 13.03 22.50 -9.90
CA MET O 472 12.60 23.55 -8.98
C MET O 472 13.66 23.86 -7.94
N ARG O 473 14.59 22.92 -7.71
CA ARG O 473 15.62 23.08 -6.70
C ARG O 473 16.74 23.99 -7.18
N TRP O 474 16.76 24.33 -8.46
CA TRP O 474 17.78 25.20 -9.02
C TRP O 474 17.17 26.56 -9.36
N PHE P 15 50.68 -7.90 -44.48
CA PHE P 15 50.89 -8.32 -43.05
C PHE P 15 52.18 -9.13 -42.92
N SER P 16 53.18 -8.48 -42.31
CA SER P 16 54.46 -9.09 -42.00
C SER P 16 54.30 -10.01 -40.78
N THR P 17 54.29 -11.31 -41.07
CA THR P 17 54.31 -12.38 -40.09
C THR P 17 55.69 -12.40 -39.40
N ALA P 18 55.70 -12.33 -38.06
CA ALA P 18 56.86 -12.67 -37.25
C ALA P 18 56.45 -13.40 -35.98
N GLU P 19 57.46 -13.60 -35.13
CA GLU P 19 57.30 -14.33 -33.88
C GLU P 19 57.92 -13.54 -32.74
N ALA P 20 57.15 -13.39 -31.67
CA ALA P 20 57.62 -12.64 -30.51
C ALA P 20 57.28 -13.45 -29.27
N ALA P 21 58.33 -13.94 -28.61
CA ALA P 21 58.23 -14.75 -27.39
C ALA P 21 57.24 -15.90 -27.58
N GLY P 22 57.32 -16.55 -28.74
CA GLY P 22 56.58 -17.79 -29.01
C GLY P 22 55.17 -17.53 -29.50
N VAL P 23 54.80 -16.26 -29.63
CA VAL P 23 53.50 -15.85 -30.11
C VAL P 23 53.70 -15.32 -31.53
N LYS P 24 52.87 -15.80 -32.45
CA LYS P 24 52.85 -15.32 -33.82
C LYS P 24 52.15 -13.97 -33.94
N VAL P 25 52.87 -12.99 -34.49
CA VAL P 25 52.41 -11.61 -34.59
C VAL P 25 52.46 -11.16 -36.04
N ALA P 26 51.33 -10.67 -36.56
CA ALA P 26 51.26 -10.16 -37.93
C ALA P 26 50.70 -8.75 -37.92
N ALA P 27 51.43 -7.82 -38.55
CA ALA P 27 51.03 -6.43 -38.57
C ALA P 27 51.30 -5.82 -39.93
N GLN P 28 50.50 -4.82 -40.25
CA GLN P 28 50.58 -4.08 -41.50
C GLN P 28 50.44 -2.62 -41.10
N ASP P 29 51.51 -1.85 -41.31
CA ASP P 29 51.45 -0.42 -41.07
C ASP P 29 50.66 0.27 -42.18
N GLY P 30 49.97 1.37 -41.82
CA GLY P 30 49.11 2.08 -42.75
C GLY P 30 49.15 3.58 -42.49
N GLN P 31 48.26 4.30 -43.14
CA GLN P 31 48.22 5.75 -43.00
C GLN P 31 46.85 6.18 -42.51
N SER P 32 46.63 5.99 -41.20
CA SER P 32 45.38 6.37 -40.57
C SER P 32 45.64 6.59 -39.09
N PRO P 33 44.81 7.37 -38.36
CA PRO P 33 44.97 7.48 -36.92
C PRO P 33 44.35 6.34 -36.09
N ILE P 34 43.63 5.40 -36.74
CA ILE P 34 43.01 4.31 -35.99
C ILE P 34 43.66 2.96 -36.27
N SER P 35 43.97 2.24 -35.19
CA SER P 35 44.57 0.92 -35.25
C SER P 35 43.56 -0.12 -34.78
N ASP P 36 43.67 -1.33 -35.32
CA ASP P 36 42.86 -2.45 -34.86
C ASP P 36 43.75 -3.59 -34.41
N LEU P 37 43.79 -3.86 -33.10
CA LEU P 37 44.56 -4.99 -32.62
C LEU P 37 43.61 -6.13 -32.29
N SER P 38 43.89 -7.31 -32.87
CA SER P 38 43.00 -8.45 -32.69
C SER P 38 43.78 -9.67 -32.24
N VAL P 39 43.37 -10.23 -31.10
CA VAL P 39 43.89 -11.53 -30.71
C VAL P 39 43.01 -12.62 -31.31
N VAL P 40 43.60 -13.52 -32.09
CA VAL P 40 42.84 -14.63 -32.62
C VAL P 40 43.23 -15.88 -31.85
N LEU P 41 42.22 -16.58 -31.31
CA LEU P 41 42.48 -17.76 -30.51
C LEU P 41 41.97 -18.98 -31.25
N ARG P 42 42.76 -20.06 -31.22
CA ARG P 42 42.30 -21.34 -31.72
C ARG P 42 41.37 -21.94 -30.67
N GLY P 43 40.15 -21.44 -30.64
CA GLY P 43 39.27 -21.85 -29.56
C GLY P 43 37.83 -21.82 -30.02
N GLY P 44 37.61 -21.86 -31.34
CA GLY P 44 36.26 -21.85 -31.86
C GLY P 44 35.48 -23.09 -31.48
N SER P 45 34.25 -23.19 -31.98
CA SER P 45 33.34 -24.21 -31.49
C SER P 45 33.76 -25.63 -31.89
N ARG P 46 34.61 -25.77 -32.91
CA ARG P 46 34.93 -27.13 -33.33
C ARG P 46 35.88 -27.74 -32.31
N TYR P 47 36.50 -26.88 -31.50
CA TYR P 47 37.48 -27.35 -30.53
C TYR P 47 36.83 -27.49 -29.16
N ALA P 48 35.56 -27.11 -29.09
CA ALA P 48 34.86 -27.03 -27.81
C ALA P 48 34.74 -28.43 -27.24
N THR P 49 34.72 -28.48 -25.90
CA THR P 49 34.80 -29.69 -25.11
C THR P 49 33.38 -29.98 -24.63
N VAL P 50 32.69 -28.88 -24.33
CA VAL P 50 31.31 -28.87 -23.89
C VAL P 50 30.58 -27.92 -24.84
N PRO P 51 29.34 -28.23 -25.26
CA PRO P 51 28.58 -27.35 -26.15
C PRO P 51 28.40 -25.94 -25.60
N GLY P 52 28.96 -24.97 -26.35
CA GLY P 52 28.74 -23.56 -26.12
C GLY P 52 29.91 -22.95 -25.33
N VAL P 53 30.93 -23.74 -24.99
CA VAL P 53 31.96 -23.15 -24.14
C VAL P 53 32.78 -22.09 -24.86
N SER P 54 32.88 -22.18 -26.18
CA SER P 54 33.71 -21.24 -26.88
C SER P 54 32.98 -19.88 -26.94
N HIS P 55 31.64 -19.90 -27.02
CA HIS P 55 30.83 -18.68 -26.95
C HIS P 55 30.96 -18.03 -25.59
N ILE P 56 30.91 -18.84 -24.54
CA ILE P 56 31.03 -18.37 -23.16
C ILE P 56 32.43 -17.80 -22.92
N LEU P 57 33.47 -18.46 -23.40
CA LEU P 57 34.82 -17.97 -23.18
C LEU P 57 35.00 -16.62 -23.88
N GLU P 58 34.39 -16.46 -25.05
CA GLU P 58 34.47 -15.22 -25.79
C GLU P 58 33.83 -14.12 -24.96
N LYS P 59 32.64 -14.40 -24.40
CA LYS P 59 31.90 -13.43 -23.61
C LYS P 59 32.56 -13.19 -22.25
N PHE P 60 33.49 -14.06 -21.83
CA PHE P 60 34.19 -13.87 -20.56
C PHE P 60 35.44 -13.02 -20.76
N ALA P 61 35.70 -12.53 -21.99
CA ALA P 61 36.90 -11.73 -22.19
C ALA P 61 36.64 -10.34 -21.65
N PHE P 62 37.65 -9.77 -20.99
CA PHE P 62 37.59 -8.44 -20.38
C PHE P 62 36.54 -8.41 -19.26
N GLN P 63 36.37 -9.55 -18.58
CA GLN P 63 35.77 -9.56 -17.25
C GLN P 63 36.88 -9.23 -16.24
N ASN P 64 36.66 -9.53 -14.95
CA ASN P 64 37.62 -9.12 -13.94
C ASN P 64 38.91 -9.90 -14.13
N THR P 65 40.01 -9.18 -14.25
CA THR P 65 41.30 -9.84 -14.16
C THR P 65 41.86 -9.52 -12.79
N VAL P 66 42.98 -10.15 -12.45
CA VAL P 66 43.63 -9.91 -11.17
C VAL P 66 44.22 -8.50 -11.12
N PRO P 67 44.94 -8.01 -12.16
CA PRO P 67 45.41 -6.62 -12.16
C PRO P 67 44.37 -5.52 -12.32
N LYS P 68 43.25 -5.80 -13.00
CA LYS P 68 42.33 -4.73 -13.38
C LYS P 68 40.91 -5.29 -13.49
N SER P 69 39.96 -4.63 -12.82
CA SER P 69 38.56 -5.03 -12.85
C SER P 69 37.92 -4.73 -14.21
N ALA P 70 36.85 -5.46 -14.53
CA ALA P 70 36.08 -5.19 -15.74
C ALA P 70 35.65 -3.73 -15.79
N LEU P 71 35.20 -3.21 -14.64
CA LEU P 71 34.72 -1.86 -14.55
C LEU P 71 35.87 -0.90 -14.81
N ARG P 72 37.02 -1.14 -14.19
CA ARG P 72 38.09 -0.19 -14.41
C ARG P 72 38.54 -0.19 -15.86
N PHE P 73 38.55 -1.35 -16.49
CA PHE P 73 38.95 -1.43 -17.88
C PHE P 73 38.00 -0.60 -18.74
N VAL P 74 36.71 -0.80 -18.57
CA VAL P 74 35.75 -0.10 -19.41
C VAL P 74 35.88 1.41 -19.21
N ARG P 75 36.08 1.88 -17.98
CA ARG P 75 36.14 3.32 -17.75
C ARG P 75 37.41 3.91 -18.37
N GLU P 76 38.47 3.11 -18.43
CA GLU P 76 39.70 3.64 -18.99
C GLU P 76 39.65 3.56 -20.52
N LEU P 77 38.99 2.53 -21.05
CA LEU P 77 38.86 2.38 -22.49
C LEU P 77 38.03 3.53 -23.04
N GLU P 78 37.10 4.08 -22.25
CA GLU P 78 36.29 5.21 -22.66
C GLU P 78 37.13 6.49 -22.66
N LEU P 79 38.17 6.56 -21.82
CA LEU P 79 39.06 7.72 -21.84
C LEU P 79 39.98 7.72 -23.05
N PHE P 80 40.21 6.55 -23.65
CA PHE P 80 40.99 6.44 -24.85
C PHE P 80 40.07 6.48 -26.07
N GLY P 81 38.77 6.41 -25.80
CA GLY P 81 37.74 6.25 -26.83
C GLY P 81 37.92 5.00 -27.69
N GLY P 82 38.61 3.99 -27.14
CA GLY P 82 38.66 2.68 -27.79
C GLY P 82 37.32 1.97 -27.83
N LYS P 83 37.20 0.98 -28.73
CA LYS P 83 36.02 0.15 -28.82
C LYS P 83 36.47 -1.31 -28.77
N LEU P 84 35.57 -2.17 -28.32
CA LEU P 84 35.91 -3.55 -28.10
C LEU P 84 34.92 -4.42 -28.87
N TYR P 85 35.41 -5.38 -29.65
CA TYR P 85 34.51 -6.21 -30.42
C TYR P 85 34.98 -7.65 -30.27
N THR P 86 34.04 -8.57 -30.02
CA THR P 86 34.44 -9.95 -29.85
C THR P 86 33.49 -10.83 -30.66
N HIS P 87 33.99 -11.93 -31.24
CA HIS P 87 33.06 -12.89 -31.80
C HIS P 87 33.66 -14.29 -31.78
N THR P 88 32.80 -15.30 -31.88
CA THR P 88 33.17 -16.70 -31.92
C THR P 88 32.77 -17.22 -33.30
N THR P 89 33.66 -17.99 -33.91
CA THR P 89 33.31 -18.73 -35.11
C THR P 89 33.44 -20.23 -34.82
N ARG P 90 33.41 -21.03 -35.87
CA ARG P 90 33.59 -22.46 -35.69
C ARG P 90 35.07 -22.76 -35.46
N GLU P 91 35.91 -21.82 -35.88
CA GLU P 91 37.34 -22.03 -35.90
C GLU P 91 38.03 -21.19 -34.82
N HIS P 92 37.56 -19.95 -34.62
CA HIS P 92 38.31 -19.06 -33.76
C HIS P 92 37.42 -18.34 -32.77
N ILE P 93 38.06 -17.79 -31.75
CA ILE P 93 37.50 -16.69 -30.99
C ILE P 93 38.34 -15.50 -31.39
N VAL P 94 37.69 -14.39 -31.71
CA VAL P 94 38.39 -13.18 -32.09
C VAL P 94 38.02 -12.08 -31.11
N LEU P 95 39.03 -11.39 -30.59
CA LEU P 95 38.85 -10.29 -29.67
C LEU P 95 39.55 -9.13 -30.32
N ARG P 96 38.80 -8.11 -30.70
CA ARG P 96 39.39 -7.00 -31.44
C ARG P 96 39.23 -5.71 -30.64
N THR P 97 40.25 -4.87 -30.68
CA THR P 97 40.10 -3.55 -30.11
C THR P 97 40.44 -2.52 -31.15
N GLN P 98 39.73 -1.41 -31.13
CA GLN P 98 39.97 -0.36 -32.09
C GLN P 98 40.32 0.89 -31.28
N PHE P 99 41.44 1.53 -31.59
CA PHE P 99 41.86 2.67 -30.78
C PHE P 99 42.70 3.61 -31.62
N LEU P 100 43.15 4.71 -31.01
CA LEU P 100 44.06 5.62 -31.71
C LEU P 100 45.47 5.04 -31.68
N LYS P 101 46.25 5.30 -32.73
CA LYS P 101 47.53 4.64 -32.97
C LYS P 101 48.39 4.67 -31.71
N GLN P 102 48.48 5.85 -31.09
CA GLN P 102 49.40 6.08 -29.99
C GLN P 102 49.06 5.25 -28.75
N ASP P 103 47.82 4.76 -28.61
CA ASP P 103 47.43 4.05 -27.39
C ASP P 103 47.78 2.56 -27.40
N LEU P 104 48.64 2.14 -28.35
CA LEU P 104 48.89 0.73 -28.57
C LEU P 104 49.35 -0.01 -27.30
N PRO P 105 50.32 0.53 -26.50
CA PRO P 105 50.83 -0.22 -25.34
C PRO P 105 49.79 -0.60 -24.30
N TYR P 106 48.80 0.25 -24.12
CA TYR P 106 47.69 -0.04 -23.22
C TYR P 106 46.92 -1.29 -23.68
N PHE P 107 46.60 -1.35 -24.96
CA PHE P 107 45.78 -2.43 -25.48
C PHE P 107 46.53 -3.76 -25.49
N VAL P 108 47.84 -3.71 -25.75
CA VAL P 108 48.62 -4.92 -25.74
C VAL P 108 48.59 -5.49 -24.32
N ASP P 109 48.80 -4.61 -23.33
CA ASP P 109 48.87 -5.04 -21.95
C ASP P 109 47.53 -5.56 -21.46
N ALA P 110 46.44 -5.01 -22.00
CA ALA P 110 45.11 -5.44 -21.58
C ALA P 110 44.83 -6.87 -22.06
N PHE P 111 45.22 -7.16 -23.30
CA PHE P 111 45.10 -8.51 -23.84
C PHE P 111 45.97 -9.47 -23.04
N ALA P 112 47.18 -9.03 -22.67
CA ALA P 112 48.02 -9.85 -21.82
C ALA P 112 47.32 -10.20 -20.50
N ASN P 113 46.64 -9.23 -19.86
CA ASN P 113 45.98 -9.49 -18.59
C ASN P 113 44.83 -10.48 -18.76
N VAL P 114 44.17 -10.43 -19.91
CA VAL P 114 43.01 -11.28 -20.14
C VAL P 114 43.46 -12.72 -20.27
N LEU P 115 44.61 -12.93 -20.92
CA LEU P 115 45.02 -14.28 -21.28
C LEU P 115 45.74 -14.93 -20.11
N LYS P 116 46.40 -14.10 -19.28
CA LYS P 116 47.18 -14.58 -18.15
C LYS P 116 46.36 -14.67 -16.84
N GLU P 117 45.43 -13.72 -16.60
CA GLU P 117 45.00 -13.44 -15.24
C GLU P 117 43.49 -13.24 -15.09
N THR P 118 42.68 -13.82 -15.98
CA THR P 118 41.24 -13.69 -15.82
C THR P 118 40.80 -14.50 -14.60
N LYS P 119 40.15 -13.84 -13.64
CA LYS P 119 39.54 -14.51 -12.50
C LYS P 119 38.16 -15.01 -12.97
N PHE P 120 38.00 -16.32 -13.18
CA PHE P 120 36.72 -16.72 -13.71
C PHE P 120 35.82 -16.96 -12.51
N GLN P 121 35.00 -15.96 -12.17
CA GLN P 121 34.26 -16.00 -10.93
C GLN P 121 32.84 -16.44 -11.23
N GLN P 122 32.27 -17.24 -10.34
CA GLN P 122 31.00 -17.85 -10.67
C GLN P 122 29.90 -16.78 -10.80
N PHE P 123 30.00 -15.70 -10.02
CA PHE P 123 28.97 -14.68 -10.12
C PHE P 123 29.01 -14.01 -11.50
N GLU P 124 30.20 -13.84 -12.10
CA GLU P 124 30.31 -13.23 -13.43
C GLU P 124 29.61 -14.13 -14.44
N LEU P 125 29.76 -15.45 -14.27
CA LEU P 125 29.09 -16.34 -15.20
C LEU P 125 27.58 -16.22 -15.04
N THR P 126 27.07 -16.24 -13.81
CA THR P 126 25.62 -16.25 -13.61
C THR P 126 24.98 -14.91 -13.98
N GLU P 127 25.64 -13.82 -13.60
CA GLU P 127 24.96 -12.53 -13.66
C GLU P 127 25.35 -11.75 -14.92
N ARG P 128 26.56 -11.97 -15.43
CA ARG P 128 27.08 -11.09 -16.48
C ARG P 128 27.19 -11.83 -17.81
N VAL P 129 27.99 -12.90 -17.80
CA VAL P 129 28.40 -13.57 -19.02
C VAL P 129 27.24 -14.38 -19.61
N ALA P 130 26.66 -15.30 -18.84
CA ALA P 130 25.62 -16.16 -19.40
C ALA P 130 24.42 -15.38 -19.93
N PRO P 131 23.85 -14.37 -19.20
CA PRO P 131 22.72 -13.60 -19.72
C PRO P 131 22.98 -12.87 -21.03
N VAL P 132 24.21 -12.37 -21.18
CA VAL P 132 24.61 -11.67 -22.39
C VAL P 132 24.75 -12.66 -23.53
N ALA P 133 25.35 -13.83 -23.26
CA ALA P 133 25.45 -14.84 -24.29
C ALA P 133 24.06 -15.29 -24.74
N GLU P 134 23.08 -15.25 -23.85
CA GLU P 134 21.73 -15.69 -24.22
C GLU P 134 21.02 -14.65 -25.08
N LEU P 135 21.25 -13.36 -24.79
CA LEU P 135 20.70 -12.28 -25.60
C LEU P 135 21.33 -12.24 -26.99
N ASP P 136 22.63 -12.56 -27.06
CA ASP P 136 23.38 -12.62 -28.31
C ASP P 136 22.69 -13.63 -29.23
N LEU P 137 22.39 -14.80 -28.68
CA LEU P 137 21.83 -15.86 -29.48
C LEU P 137 20.42 -15.50 -29.95
N LEU P 138 19.60 -14.97 -29.04
CA LEU P 138 18.22 -14.65 -29.38
C LEU P 138 18.16 -13.59 -30.47
N LYS P 139 19.14 -12.69 -30.49
CA LYS P 139 19.17 -11.67 -31.52
C LYS P 139 19.49 -12.28 -32.87
N ARG P 140 20.38 -13.27 -32.90
CA ARG P 140 20.79 -13.86 -34.18
C ARG P 140 19.68 -14.72 -34.77
N GLU P 141 18.96 -15.38 -33.87
CA GLU P 141 17.92 -16.33 -34.24
C GLU P 141 16.69 -15.59 -34.70
N SER P 142 16.63 -14.27 -34.50
CA SER P 142 15.52 -13.49 -35.02
C SER P 142 15.42 -13.67 -36.54
N ASP P 143 16.58 -13.86 -37.19
CA ASP P 143 16.68 -14.20 -38.60
C ASP P 143 16.54 -15.71 -38.78
N PRO P 144 15.46 -16.22 -39.40
CA PRO P 144 15.29 -17.68 -39.58
C PRO P 144 16.35 -18.31 -40.48
N ALA P 145 16.99 -17.50 -41.32
CA ALA P 145 18.00 -18.03 -42.22
C ALA P 145 19.26 -18.41 -41.45
N PHE P 146 19.54 -17.69 -40.34
CA PHE P 146 20.67 -17.97 -39.49
C PHE P 146 20.48 -19.34 -38.86
N THR P 147 19.31 -19.53 -38.26
CA THR P 147 18.91 -20.80 -37.66
C THR P 147 19.02 -21.94 -38.66
N ALA P 148 18.54 -21.74 -39.90
CA ALA P 148 18.57 -22.77 -40.92
C ALA P 148 20.02 -23.15 -41.27
N LEU P 149 20.91 -22.16 -41.37
CA LEU P 149 22.24 -22.54 -41.77
C LEU P 149 23.03 -23.17 -40.60
N GLU P 150 22.69 -22.79 -39.37
CA GLU P 150 23.27 -23.43 -38.19
C GLU P 150 22.79 -24.88 -38.11
N ALA P 151 21.48 -25.10 -38.30
CA ALA P 151 20.91 -26.44 -38.27
C ALA P 151 21.55 -27.31 -39.34
N ALA P 152 21.88 -26.72 -40.49
CA ALA P 152 22.41 -27.51 -41.59
C ALA P 152 23.81 -28.00 -41.24
N HIS P 153 24.59 -27.18 -40.54
CA HIS P 153 25.92 -27.65 -40.13
C HIS P 153 25.80 -28.78 -39.12
N GLU P 154 24.73 -28.78 -38.35
CA GLU P 154 24.60 -29.74 -37.26
C GLU P 154 24.32 -31.11 -37.84
N VAL P 155 23.48 -31.14 -38.88
CA VAL P 155 23.12 -32.35 -39.62
C VAL P 155 24.33 -32.87 -40.39
N ALA P 156 25.08 -31.94 -40.97
CA ALA P 156 26.10 -32.34 -41.92
C ALA P 156 27.31 -32.92 -41.20
N PHE P 157 27.62 -32.40 -40.01
CA PHE P 157 28.88 -32.79 -39.40
C PHE P 157 28.70 -33.51 -38.06
N ARG P 158 27.54 -33.36 -37.42
CA ARG P 158 27.21 -33.93 -36.12
C ARG P 158 28.01 -33.34 -34.96
N THR P 159 29.32 -33.59 -34.92
CA THR P 159 30.19 -33.03 -33.90
C THR P 159 31.24 -32.17 -34.60
N GLY P 160 32.16 -31.58 -33.81
CA GLY P 160 33.23 -30.77 -34.37
C GLY P 160 32.65 -29.52 -35.03
N LEU P 161 32.63 -29.53 -36.36
CA LEU P 161 31.99 -28.48 -37.12
C LEU P 161 30.49 -28.49 -36.89
N GLY P 162 30.00 -29.62 -36.37
CA GLY P 162 28.57 -29.79 -36.16
C GLY P 162 28.13 -29.24 -34.80
N ASN P 163 29.10 -28.94 -33.92
CA ASN P 163 28.76 -28.34 -32.63
C ASN P 163 28.10 -26.99 -32.87
N SER P 164 27.16 -26.60 -31.99
CA SER P 164 26.62 -25.25 -32.06
C SER P 164 27.72 -24.24 -31.72
N VAL P 165 27.67 -23.08 -32.38
CA VAL P 165 28.66 -22.05 -32.13
C VAL P 165 28.31 -21.36 -30.82
N TYR P 166 27.02 -21.29 -30.53
CA TYR P 166 26.52 -20.42 -29.49
C TYR P 166 26.01 -21.28 -28.37
N ALA P 167 26.09 -20.70 -27.17
CA ALA P 167 25.61 -21.37 -25.98
C ALA P 167 24.08 -21.39 -25.99
N GLN P 168 23.49 -22.55 -25.68
CA GLN P 168 22.04 -22.62 -25.52
C GLN P 168 21.72 -22.99 -24.08
N GLY P 169 20.48 -22.67 -23.64
CA GLY P 169 20.02 -22.88 -22.28
C GLY P 169 19.90 -24.36 -21.92
N TYR P 170 19.61 -25.17 -22.93
CA TYR P 170 19.36 -26.59 -22.75
C TYR P 170 20.64 -27.33 -22.40
N SER P 171 21.81 -26.80 -22.81
CA SER P 171 23.10 -27.39 -22.47
C SER P 171 23.93 -26.42 -21.64
N PRO P 172 23.82 -26.46 -20.30
CA PRO P 172 24.42 -25.46 -19.44
C PRO P 172 25.93 -25.63 -19.34
N VAL P 173 26.61 -24.52 -19.60
CA VAL P 173 28.05 -24.46 -19.40
C VAL P 173 28.28 -24.08 -17.95
N THR P 174 29.18 -24.82 -17.27
CA THR P 174 29.53 -24.53 -15.88
C THR P 174 30.84 -23.76 -15.81
N LEU P 175 31.14 -23.25 -14.62
CA LEU P 175 32.33 -22.43 -14.50
C LEU P 175 33.56 -23.34 -14.58
N GLU P 176 33.38 -24.62 -14.26
CA GLU P 176 34.50 -25.53 -14.38
C GLU P 176 34.82 -25.82 -15.84
N ASP P 177 33.77 -26.00 -16.64
CA ASP P 177 33.87 -26.15 -18.07
C ASP P 177 34.63 -24.98 -18.69
N VAL P 178 34.21 -23.75 -18.37
CA VAL P 178 34.85 -22.59 -18.98
C VAL P 178 36.30 -22.47 -18.50
N LYS P 179 36.57 -22.76 -17.24
CA LYS P 179 37.92 -22.61 -16.72
C LYS P 179 38.88 -23.64 -17.33
N GLU P 180 38.36 -24.85 -17.59
CA GLU P 180 39.16 -25.91 -18.19
C GLU P 180 39.52 -25.56 -19.63
N PHE P 181 38.51 -25.14 -20.38
CA PHE P 181 38.72 -24.78 -21.76
C PHE P 181 39.72 -23.65 -21.86
N ALA P 182 39.59 -22.66 -20.96
CA ALA P 182 40.50 -21.53 -20.99
C ALA P 182 41.94 -21.94 -20.68
N ARG P 183 42.11 -23.02 -19.90
CA ARG P 183 43.44 -23.52 -19.53
C ARG P 183 44.14 -24.07 -20.77
N GLN P 184 43.37 -24.70 -21.68
CA GLN P 184 43.86 -25.16 -22.97
C GLN P 184 44.07 -23.99 -23.95
N VAL P 185 43.07 -23.11 -24.07
CA VAL P 185 43.06 -22.15 -25.14
C VAL P 185 44.03 -21.01 -24.84
N TYR P 186 44.04 -20.51 -23.60
CA TYR P 186 44.81 -19.30 -23.39
C TYR P 186 46.27 -19.68 -23.17
N ALA P 187 46.96 -20.04 -24.26
CA ALA P 187 48.30 -20.62 -24.24
C ALA P 187 49.03 -20.19 -25.50
N LYS P 188 50.35 -20.05 -25.45
CA LYS P 188 51.12 -19.49 -26.57
C LYS P 188 50.84 -20.23 -27.88
N GLN P 189 50.43 -21.48 -27.79
CA GLN P 189 50.31 -22.31 -28.98
C GLN P 189 49.00 -22.00 -29.70
N ASN P 190 48.09 -21.29 -29.06
CA ASN P 190 46.77 -21.15 -29.62
C ASN P 190 46.43 -19.67 -29.83
N VAL P 191 47.45 -18.82 -29.77
CA VAL P 191 47.24 -17.38 -29.72
C VAL P 191 47.99 -16.75 -30.88
N ALA P 192 47.29 -15.91 -31.64
CA ALA P 192 47.91 -15.10 -32.69
C ALA P 192 47.47 -13.65 -32.53
N VAL P 193 48.41 -12.74 -32.71
CA VAL P 193 48.11 -11.33 -32.64
C VAL P 193 48.16 -10.75 -34.06
N VAL P 194 47.11 -10.01 -34.44
CA VAL P 194 47.02 -9.37 -35.75
C VAL P 194 46.76 -7.88 -35.56
N GLY P 195 47.67 -7.05 -36.09
CA GLY P 195 47.57 -5.60 -35.98
C GLY P 195 47.40 -4.89 -37.32
N ASN P 196 46.19 -4.35 -37.54
CA ASN P 196 45.91 -3.50 -38.69
C ASN P 196 46.21 -2.03 -38.38
N ASN P 197 47.10 -1.43 -39.19
CA ASN P 197 47.57 -0.05 -39.06
C ASN P 197 48.37 0.09 -37.77
N VAL P 198 49.24 -0.90 -37.55
CA VAL P 198 50.09 -0.95 -36.39
C VAL P 198 51.50 -1.10 -36.96
N VAL P 199 52.47 -0.32 -36.46
CA VAL P 199 53.84 -0.46 -36.92
C VAL P 199 54.37 -1.83 -36.51
N PRO P 200 54.76 -2.72 -37.46
CA PRO P 200 55.10 -4.11 -37.13
C PRO P 200 56.26 -4.31 -36.15
N ALA P 201 57.23 -3.39 -36.16
CA ALA P 201 58.39 -3.56 -35.30
C ALA P 201 58.03 -3.24 -33.86
N ASP P 202 57.10 -2.29 -33.69
CA ASP P 202 56.68 -1.80 -32.39
C ASP P 202 55.81 -2.84 -31.71
N LEU P 203 54.99 -3.52 -32.52
CA LEU P 203 54.09 -4.52 -31.99
C LEU P 203 54.88 -5.72 -31.47
N GLN P 204 55.90 -6.14 -32.23
CA GLN P 204 56.71 -7.29 -31.86
C GLN P 204 57.39 -7.04 -30.52
N GLN P 205 57.85 -5.81 -30.30
CA GLN P 205 58.52 -5.43 -29.08
C GLN P 205 57.54 -5.50 -27.90
N LEU P 206 56.29 -5.11 -28.12
CA LEU P 206 55.34 -5.01 -27.02
C LEU P 206 54.77 -6.39 -26.69
N VAL P 207 54.48 -7.18 -27.73
CA VAL P 207 53.96 -8.51 -27.52
C VAL P 207 55.03 -9.37 -26.85
N GLY P 208 56.29 -9.05 -27.15
CA GLY P 208 57.44 -9.81 -26.66
C GLY P 208 57.65 -9.61 -25.17
N THR P 209 57.15 -8.49 -24.64
CA THR P 209 57.33 -8.21 -23.22
C THR P 209 56.10 -8.61 -22.44
N ALA P 210 54.94 -8.54 -23.09
CA ALA P 210 53.68 -8.67 -22.40
C ALA P 210 53.23 -10.13 -22.36
N PHE P 211 53.52 -10.87 -23.44
CA PHE P 211 53.02 -12.23 -23.54
C PHE P 211 54.12 -13.24 -23.30
N ALA P 212 55.16 -12.83 -22.55
CA ALA P 212 56.30 -13.68 -22.28
C ALA P 212 55.97 -14.75 -21.23
N ASP P 213 55.03 -14.42 -20.32
CA ASP P 213 54.77 -15.22 -19.13
C ASP P 213 53.55 -16.12 -19.32
N LEU P 214 52.98 -16.08 -20.53
CA LEU P 214 51.83 -16.89 -20.88
C LEU P 214 52.29 -18.35 -20.97
N GLN P 215 51.45 -19.31 -20.54
CA GLN P 215 51.86 -20.70 -20.66
C GLN P 215 52.16 -21.00 -22.12
N GLU P 216 52.97 -22.04 -22.34
CA GLU P 216 53.12 -22.55 -23.69
C GLU P 216 51.94 -23.41 -24.09
N GLY P 217 51.56 -24.37 -23.24
CA GLY P 217 50.43 -25.26 -23.49
C GLY P 217 50.68 -26.17 -24.70
N SER P 218 49.59 -26.70 -25.29
CA SER P 218 49.68 -27.45 -26.54
C SER P 218 48.60 -26.99 -27.50
N LYS P 219 48.78 -27.34 -28.79
CA LYS P 219 47.76 -27.11 -29.81
C LYS P 219 46.47 -27.84 -29.45
N VAL P 220 45.40 -27.06 -29.35
CA VAL P 220 44.05 -27.55 -29.18
C VAL P 220 43.65 -28.30 -30.45
N THR P 221 43.01 -29.46 -30.28
CA THR P 221 42.62 -30.26 -31.43
C THR P 221 41.15 -30.62 -31.35
N GLN P 222 40.58 -30.94 -32.52
CA GLN P 222 39.22 -31.45 -32.62
C GLN P 222 39.27 -32.88 -32.09
N ALA P 223 38.48 -33.15 -31.06
CA ALA P 223 38.23 -34.53 -30.64
C ALA P 223 37.48 -35.25 -31.75
N GLY P 224 38.22 -36.09 -32.50
CA GLY P 224 37.65 -36.94 -33.53
C GLY P 224 37.75 -36.33 -34.92
N THR P 225 37.73 -37.17 -35.96
CA THR P 225 37.84 -36.69 -37.33
C THR P 225 36.49 -36.21 -37.83
N THR P 226 36.54 -35.28 -38.78
CA THR P 226 35.35 -34.73 -39.41
C THR P 226 34.73 -35.80 -40.32
N THR P 227 33.49 -36.15 -39.98
CA THR P 227 32.70 -37.10 -40.76
C THR P 227 31.51 -36.37 -41.35
N LEU P 228 31.18 -36.68 -42.61
CA LEU P 228 30.09 -36.04 -43.33
C LEU P 228 28.87 -36.96 -43.33
N HIS P 229 27.68 -36.37 -43.19
CA HIS P 229 26.42 -37.08 -43.12
C HIS P 229 25.39 -36.23 -43.86
N GLY P 230 24.37 -36.87 -44.40
CA GLY P 230 23.25 -36.18 -45.03
C GLY P 230 22.04 -36.24 -44.12
N GLY P 231 20.92 -35.62 -44.51
CA GLY P 231 19.77 -35.71 -43.65
C GLY P 231 18.86 -34.49 -43.69
N GLU P 232 18.06 -34.31 -42.62
CA GLU P 232 17.09 -33.24 -42.49
C GLU P 232 17.03 -32.76 -41.04
N ALA P 233 16.79 -31.46 -40.91
CA ALA P 233 16.57 -30.80 -39.65
C ALA P 233 15.32 -29.94 -39.83
N ARG P 234 14.44 -29.99 -38.83
CA ARG P 234 13.13 -29.40 -38.95
C ARG P 234 12.85 -28.67 -37.65
N VAL P 235 13.15 -27.38 -37.66
CA VAL P 235 13.07 -26.53 -36.50
C VAL P 235 11.77 -25.74 -36.59
N ARG P 236 10.78 -26.09 -35.76
CA ARG P 236 9.54 -25.34 -35.67
C ARG P 236 9.75 -24.04 -34.91
N THR P 237 9.66 -22.92 -35.63
CA THR P 237 9.54 -21.60 -35.03
C THR P 237 8.20 -21.02 -35.47
N SER P 238 7.76 -19.96 -34.77
CA SER P 238 6.61 -19.18 -35.19
C SER P 238 7.06 -17.81 -35.73
N THR P 239 8.37 -17.69 -35.97
CA THR P 239 8.98 -16.39 -36.24
C THR P 239 9.65 -16.38 -37.61
N GLY P 240 8.88 -16.68 -38.67
CA GLY P 240 9.38 -16.63 -40.04
C GLY P 240 9.96 -17.96 -40.52
N ASN P 241 10.24 -18.03 -41.82
CA ASN P 241 10.43 -19.28 -42.54
C ASN P 241 11.73 -19.23 -43.32
N ALA P 242 12.47 -20.33 -43.31
CA ALA P 242 13.65 -20.39 -44.14
C ALA P 242 13.97 -21.84 -44.45
N LEU P 243 14.84 -22.04 -45.45
CA LEU P 243 15.24 -23.36 -45.89
C LEU P 243 16.67 -23.29 -46.40
N THR P 244 17.52 -24.13 -45.80
CA THR P 244 18.86 -24.31 -46.32
C THR P 244 18.96 -25.64 -47.05
N ILE P 245 19.57 -25.62 -48.23
CA ILE P 245 19.92 -26.84 -48.94
C ILE P 245 21.44 -26.93 -48.94
N ALA P 246 21.99 -27.77 -48.10
CA ALA P 246 23.43 -27.75 -48.04
C ALA P 246 23.97 -29.00 -48.71
N LEU P 247 25.20 -28.94 -49.20
CA LEU P 247 25.90 -30.12 -49.66
C LEU P 247 27.26 -30.16 -48.99
N PRO P 248 27.51 -31.13 -48.09
CA PRO P 248 28.83 -31.30 -47.48
C PRO P 248 29.88 -31.61 -48.54
N ILE P 249 31.07 -31.03 -48.40
CA ILE P 249 32.14 -31.20 -49.37
C ILE P 249 33.28 -31.87 -48.64
N ALA P 250 33.74 -32.99 -49.17
CA ALA P 250 34.79 -33.80 -48.53
C ALA P 250 36.18 -33.25 -48.83
N GLU P 251 36.36 -32.75 -50.07
CA GLU P 251 37.59 -32.08 -50.48
C GLU P 251 37.26 -30.63 -50.81
N PRO P 252 37.51 -29.71 -49.86
CA PRO P 252 37.32 -28.30 -50.11
C PRO P 252 38.28 -27.85 -51.22
N LYS P 253 37.71 -27.20 -52.24
CA LYS P 253 38.44 -26.70 -53.39
C LYS P 253 38.05 -25.25 -53.63
N PRO P 254 38.96 -24.38 -54.13
CA PRO P 254 38.68 -22.96 -54.36
C PRO P 254 37.63 -22.64 -55.42
N VAL P 255 37.33 -23.63 -56.25
CA VAL P 255 36.29 -23.48 -57.27
C VAL P 255 34.93 -23.22 -56.64
N TYR P 256 34.69 -23.65 -55.39
CA TYR P 256 33.34 -23.51 -54.84
C TYR P 256 33.03 -22.06 -54.50
N HIS P 257 34.08 -21.26 -54.27
CA HIS P 257 33.94 -19.82 -54.14
C HIS P 257 33.34 -19.25 -55.42
N ALA P 258 33.96 -19.61 -56.55
CA ALA P 258 33.50 -19.12 -57.83
C ALA P 258 32.07 -19.60 -58.09
N LEU P 259 31.78 -20.86 -57.75
CA LEU P 259 30.43 -21.35 -57.96
C LEU P 259 29.40 -20.62 -57.08
N ALA P 260 29.78 -20.31 -55.83
CA ALA P 260 28.87 -19.61 -54.93
C ALA P 260 28.54 -18.23 -55.48
N SER P 261 29.57 -17.55 -56.00
CA SER P 261 29.41 -16.17 -56.47
C SER P 261 28.63 -16.18 -57.78
N PHE P 262 28.91 -17.16 -58.66
CA PHE P 262 28.14 -17.35 -59.87
C PHE P 262 26.65 -17.52 -59.57
N LEU P 263 26.29 -18.57 -58.82
CA LEU P 263 24.88 -18.82 -58.50
C LEU P 263 24.26 -17.61 -57.81
N GLY P 264 25.07 -16.93 -56.99
CA GLY P 264 24.76 -15.63 -56.42
C GLY P 264 23.52 -15.69 -55.52
N GLY P 265 22.57 -14.81 -55.80
CA GLY P 265 21.32 -14.75 -55.08
C GLY P 265 20.94 -13.33 -54.66
N PRO P 266 21.84 -12.57 -53.97
CA PRO P 266 21.60 -11.18 -53.62
C PRO P 266 21.74 -10.27 -54.84
N ALA P 267 21.00 -9.15 -54.82
CA ALA P 267 20.94 -8.22 -55.94
C ALA P 267 22.09 -7.22 -55.82
N SER P 268 22.60 -6.79 -56.97
CA SER P 268 23.78 -5.94 -56.97
C SER P 268 23.38 -4.49 -57.26
N MET P 269 22.07 -4.24 -57.30
CA MET P 269 21.57 -2.87 -57.32
C MET P 269 20.21 -2.80 -56.64
N PRO P 270 19.79 -1.60 -56.18
CA PRO P 270 18.57 -1.47 -55.39
C PRO P 270 17.32 -1.70 -56.24
N TRP P 271 16.29 -2.22 -55.59
CA TRP P 271 14.97 -2.40 -56.18
C TRP P 271 15.05 -3.29 -57.41
N SER P 272 16.03 -4.19 -57.44
CA SER P 272 16.17 -5.10 -58.55
C SER P 272 16.16 -6.54 -58.02
N VAL P 273 16.05 -7.50 -58.94
CA VAL P 273 16.09 -8.90 -58.56
C VAL P 273 17.52 -9.42 -58.70
N GLY P 274 18.16 -9.12 -59.84
CA GLY P 274 19.52 -9.57 -60.08
C GLY P 274 19.60 -10.55 -61.24
N ALA P 275 20.81 -10.72 -61.77
CA ALA P 275 21.04 -11.43 -63.01
C ALA P 275 21.60 -12.83 -62.75
N SER P 276 21.77 -13.15 -61.46
CA SER P 276 22.31 -14.43 -61.04
C SER P 276 21.22 -15.50 -61.16
N PRO P 277 21.56 -16.76 -61.54
CA PRO P 277 20.57 -17.84 -61.63
C PRO P 277 19.67 -18.06 -60.40
N LEU P 278 20.21 -17.88 -59.19
CA LEU P 278 19.40 -18.06 -57.99
C LEU P 278 18.50 -16.86 -57.75
N ALA P 279 18.94 -15.69 -58.18
CA ALA P 279 18.18 -14.46 -57.99
C ALA P 279 16.92 -14.52 -58.85
N GLN P 280 17.08 -15.07 -60.07
CA GLN P 280 16.06 -15.18 -61.10
C GLN P 280 15.01 -16.23 -60.72
N ALA P 281 15.34 -17.01 -59.69
CA ALA P 281 14.47 -18.07 -59.20
C ALA P 281 13.43 -17.50 -58.25
N THR P 282 13.60 -16.23 -57.86
CA THR P 282 12.73 -15.63 -56.86
C THR P 282 11.66 -14.75 -57.50
N VAL P 283 11.64 -14.65 -58.84
CA VAL P 283 10.81 -13.63 -59.48
C VAL P 283 9.33 -13.94 -59.28
N GLY P 284 8.60 -12.96 -58.74
CA GLY P 284 7.19 -13.09 -58.44
C GLY P 284 6.93 -13.52 -57.00
N THR P 285 8.00 -13.61 -56.22
CA THR P 285 7.94 -13.99 -54.82
C THR P 285 8.68 -12.96 -53.97
N HIS P 286 8.22 -12.78 -52.73
CA HIS P 286 8.93 -11.98 -51.74
C HIS P 286 9.87 -12.91 -50.95
N THR P 287 10.83 -13.49 -51.67
CA THR P 287 11.81 -14.39 -51.06
C THR P 287 13.20 -13.89 -51.46
N SER P 288 14.17 -14.17 -50.59
CA SER P 288 15.57 -13.95 -50.95
C SER P 288 16.33 -15.26 -50.82
N VAL P 289 17.50 -15.29 -51.46
CA VAL P 289 18.31 -16.48 -51.66
C VAL P 289 19.78 -16.07 -51.62
N LYS P 290 20.64 -17.02 -51.27
CA LYS P 290 22.04 -16.70 -51.09
C LYS P 290 22.82 -18.01 -51.11
N ALA P 291 23.75 -18.12 -52.06
CA ALA P 291 24.63 -19.28 -52.06
C ALA P 291 25.89 -18.91 -51.29
N THR P 292 26.36 -19.85 -50.48
CA THR P 292 27.56 -19.58 -49.71
C THR P 292 28.42 -20.82 -49.67
N TYR P 293 29.72 -20.60 -49.61
CA TYR P 293 30.61 -21.73 -49.45
C TYR P 293 31.47 -21.49 -48.24
N HIS P 294 31.58 -22.51 -47.38
CA HIS P 294 32.36 -22.42 -46.17
C HIS P 294 33.46 -23.46 -46.23
N ASN P 295 34.68 -22.98 -46.29
CA ASN P 295 35.82 -23.85 -46.21
C ASN P 295 36.19 -23.99 -44.72
N TYR P 296 36.40 -25.22 -44.24
CA TYR P 296 36.84 -25.40 -42.86
C TYR P 296 38.14 -26.19 -42.80
N GLY P 297 38.82 -26.25 -43.94
CA GLY P 297 40.13 -26.85 -44.04
C GLY P 297 40.04 -28.28 -44.52
N ASP P 298 39.29 -29.09 -43.76
CA ASP P 298 39.30 -30.52 -43.94
C ASP P 298 37.93 -30.98 -44.47
N ALA P 299 36.97 -30.07 -44.44
CA ALA P 299 35.69 -30.29 -45.08
C ALA P 299 35.07 -28.94 -45.39
N GLY P 300 34.03 -28.93 -46.19
CA GLY P 300 33.38 -27.68 -46.50
C GLY P 300 31.88 -27.82 -46.52
N LEU P 301 31.19 -26.70 -46.64
CA LEU P 301 29.77 -26.79 -46.84
C LEU P 301 29.34 -25.81 -47.91
N PHE P 302 28.63 -26.33 -48.90
CA PHE P 302 28.08 -25.43 -49.88
C PHE P 302 26.60 -25.29 -49.58
N ALA P 303 26.14 -24.08 -49.35
CA ALA P 303 24.76 -23.95 -48.91
C ALA P 303 24.01 -22.97 -49.79
N ILE P 304 22.71 -23.21 -49.92
CA ILE P 304 21.81 -22.28 -50.58
C ILE P 304 20.65 -22.06 -49.61
N THR P 305 20.51 -20.83 -49.15
CA THR P 305 19.52 -20.55 -48.13
C THR P 305 18.47 -19.63 -48.74
N ILE P 306 17.22 -19.91 -48.43
CA ILE P 306 16.09 -19.18 -48.96
C ILE P 306 15.23 -18.77 -47.77
N LYS P 307 15.03 -17.47 -47.59
CA LYS P 307 14.05 -17.09 -46.59
C LYS P 307 12.87 -16.43 -47.28
N GLY P 308 11.76 -16.34 -46.58
CA GLY P 308 10.53 -15.76 -47.10
C GLY P 308 9.44 -15.82 -46.05
N ASP P 309 8.30 -15.19 -46.34
CA ASP P 309 7.18 -15.21 -45.41
C ASP P 309 6.22 -16.33 -45.75
N SER P 310 6.24 -16.75 -47.03
CA SER P 310 5.31 -17.76 -47.50
C SER P 310 6.04 -19.08 -47.62
N PRO P 311 5.58 -20.14 -46.93
CA PRO P 311 6.20 -21.46 -47.09
C PRO P 311 5.94 -22.02 -48.48
N ALA P 312 4.82 -21.63 -49.10
CA ALA P 312 4.50 -22.07 -50.46
C ALA P 312 5.51 -21.51 -51.46
N GLU P 313 5.88 -20.24 -51.27
CA GLU P 313 6.81 -19.57 -52.17
C GLU P 313 8.22 -20.12 -51.96
N ILE P 314 8.56 -20.42 -50.70
CA ILE P 314 9.87 -20.96 -50.38
C ILE P 314 10.05 -22.30 -51.11
N SER P 315 9.00 -23.11 -51.07
CA SER P 315 8.98 -24.44 -51.67
C SER P 315 9.20 -24.34 -53.18
N GLN P 316 8.47 -23.38 -53.76
CA GLN P 316 8.53 -23.07 -55.18
C GLN P 316 9.94 -22.66 -55.59
N VAL P 317 10.58 -21.80 -54.79
CA VAL P 317 11.92 -21.33 -55.12
C VAL P 317 12.92 -22.46 -54.96
N ALA P 318 12.69 -23.34 -53.97
CA ALA P 318 13.66 -24.36 -53.61
C ALA P 318 13.83 -25.34 -54.76
N HIS P 319 12.69 -25.63 -55.44
CA HIS P 319 12.71 -26.45 -56.64
C HIS P 319 13.53 -25.79 -57.74
N LYS P 320 13.28 -24.51 -57.98
CA LYS P 320 13.99 -23.76 -59.01
C LYS P 320 15.49 -23.67 -58.68
N ALA P 321 15.79 -23.56 -57.39
CA ALA P 321 17.17 -23.41 -56.94
C ALA P 321 17.97 -24.69 -57.23
N VAL P 322 17.34 -25.85 -57.03
CA VAL P 322 18.05 -27.11 -57.24
C VAL P 322 18.24 -27.28 -58.74
N GLN P 323 17.22 -26.86 -59.50
CA GLN P 323 17.27 -26.93 -60.95
C GLN P 323 18.42 -26.07 -61.47
N ALA P 324 18.54 -24.84 -60.96
CA ALA P 324 19.62 -23.92 -61.31
C ALA P 324 21.00 -24.57 -61.15
N LEU P 325 21.19 -25.29 -60.04
CA LEU P 325 22.45 -25.98 -59.78
C LEU P 325 22.70 -27.09 -60.80
N LYS P 326 21.63 -27.82 -61.20
CA LYS P 326 21.71 -28.90 -62.18
C LYS P 326 22.02 -28.33 -63.56
N ASP P 327 21.32 -27.24 -63.91
CA ASP P 327 21.54 -26.48 -65.14
C ASP P 327 22.97 -25.98 -65.24
N THR P 328 23.55 -25.59 -64.11
CA THR P 328 24.93 -25.14 -64.09
C THR P 328 25.86 -26.31 -64.40
N GLY P 329 25.50 -27.49 -63.89
CA GLY P 329 26.27 -28.71 -64.10
C GLY P 329 26.33 -29.10 -65.58
N ALA P 330 25.32 -28.64 -66.33
CA ALA P 330 25.20 -28.86 -67.77
C ALA P 330 26.16 -27.95 -68.53
N GLU P 331 25.89 -26.63 -68.49
CA GLU P 331 26.65 -25.65 -69.25
C GLU P 331 26.70 -24.30 -68.53
N VAL P 332 27.89 -23.70 -68.51
CA VAL P 332 28.04 -22.27 -68.28
C VAL P 332 28.77 -21.64 -69.45
N THR P 333 28.32 -20.44 -69.81
CA THR P 333 28.87 -19.68 -70.92
C THR P 333 30.13 -18.97 -70.46
N GLU P 334 30.92 -18.48 -71.42
CA GLU P 334 32.19 -17.83 -71.15
C GLU P 334 31.97 -16.52 -70.36
N GLU P 335 30.93 -15.80 -70.75
CA GLU P 335 30.52 -14.57 -70.11
C GLU P 335 30.24 -14.84 -68.63
N GLN P 336 29.54 -15.95 -68.35
CA GLN P 336 29.06 -16.26 -67.02
C GLN P 336 30.25 -16.66 -66.15
N ALA P 337 31.23 -17.31 -66.77
CA ALA P 337 32.40 -17.71 -66.03
C ALA P 337 33.25 -16.50 -65.67
N ALA P 338 33.23 -15.46 -66.51
CA ALA P 338 34.01 -14.26 -66.25
C ALA P 338 33.32 -13.43 -65.18
N ARG P 339 31.99 -13.38 -65.26
CA ARG P 339 31.16 -12.74 -64.25
C ARG P 339 31.43 -13.38 -62.88
N ALA P 340 31.77 -14.67 -62.88
CA ALA P 340 31.96 -15.36 -61.61
C ALA P 340 33.33 -15.00 -61.04
N TYR P 341 34.31 -14.86 -61.92
CA TYR P 341 35.64 -14.45 -61.51
C TYR P 341 35.60 -13.04 -60.92
N ALA P 342 34.81 -12.17 -61.55
CA ALA P 342 34.71 -10.79 -61.13
C ALA P 342 34.05 -10.71 -59.76
N LYS P 343 32.90 -11.36 -59.61
CA LYS P 343 32.17 -11.33 -58.36
C LYS P 343 33.00 -11.97 -57.26
N SER P 344 33.83 -12.96 -57.60
CA SER P 344 34.58 -13.67 -56.58
C SER P 344 35.79 -12.87 -56.12
N LYS P 345 36.51 -12.22 -57.07
CA LYS P 345 37.65 -11.38 -56.73
C LYS P 345 37.20 -10.28 -55.78
N PHE P 346 36.07 -9.67 -56.12
CA PHE P 346 35.52 -8.59 -55.32
C PHE P 346 35.16 -9.08 -53.93
N ALA P 347 34.49 -10.24 -53.84
CA ALA P 347 34.10 -10.77 -52.54
C ALA P 347 35.33 -11.00 -51.66
N ALA P 348 36.40 -11.51 -52.27
CA ALA P 348 37.61 -11.80 -51.51
C ALA P 348 38.24 -10.49 -51.03
N ALA P 349 38.16 -9.44 -51.86
CA ALA P 349 38.78 -8.19 -51.51
C ALA P 349 38.11 -7.57 -50.30
N GLU P 350 36.78 -7.50 -50.32
CA GLU P 350 36.04 -6.84 -49.25
C GLU P 350 36.13 -7.63 -47.94
N ALA P 351 36.38 -8.94 -48.04
CA ALA P 351 36.54 -9.76 -46.86
C ALA P 351 37.88 -9.45 -46.18
N PHE P 352 38.92 -9.18 -46.98
CA PHE P 352 40.23 -8.86 -46.44
C PHE P 352 40.25 -7.43 -45.91
N GLU P 353 39.23 -6.63 -46.26
CA GLU P 353 39.17 -5.24 -45.84
C GLU P 353 38.43 -5.13 -44.51
N ASN P 354 37.23 -5.75 -44.41
CA ASN P 354 36.44 -5.75 -43.19
C ASN P 354 37.28 -6.28 -42.03
N PRO P 355 37.51 -5.49 -40.94
CA PRO P 355 38.38 -5.91 -39.84
C PRO P 355 37.96 -7.21 -39.17
N ASP P 356 36.64 -7.44 -39.08
CA ASP P 356 36.10 -8.66 -38.51
C ASP P 356 36.68 -9.89 -39.19
N SER P 357 36.51 -9.97 -40.52
CA SER P 357 36.93 -11.14 -41.29
C SER P 357 38.43 -11.12 -41.55
N SER P 358 39.00 -9.91 -41.73
CA SER P 358 40.43 -9.75 -41.96
C SER P 358 41.24 -10.52 -40.92
N ALA P 359 40.93 -10.25 -39.64
CA ALA P 359 41.62 -10.81 -38.49
C ALA P 359 41.64 -12.33 -38.55
N SER P 360 40.49 -12.93 -38.86
CA SER P 360 40.40 -14.39 -38.87
C SER P 360 41.12 -15.01 -40.06
N VAL P 361 41.23 -14.25 -41.17
CA VAL P 361 41.94 -14.73 -42.35
C VAL P 361 43.43 -14.92 -42.04
N ILE P 362 44.06 -13.88 -41.49
CA ILE P 362 45.47 -13.98 -41.12
C ILE P 362 45.64 -14.85 -39.88
N GLY P 363 44.60 -14.85 -39.04
CA GLY P 363 44.59 -15.77 -37.91
C GLY P 363 44.70 -17.22 -38.36
N MET P 364 44.07 -17.56 -39.49
CA MET P 364 44.12 -18.90 -40.03
C MET P 364 45.51 -19.21 -40.63
N GLU P 365 46.15 -18.18 -41.14
CA GLU P 365 47.47 -18.31 -41.74
C GLU P 365 48.50 -18.50 -40.62
N LEU P 366 48.31 -17.77 -39.53
CA LEU P 366 49.25 -17.80 -38.41
C LEU P 366 49.08 -19.09 -37.61
N LEU P 367 47.84 -19.44 -37.25
CA LEU P 367 47.64 -20.55 -36.34
C LEU P 367 47.76 -21.86 -37.10
N SER P 368 46.97 -21.99 -38.17
CA SER P 368 46.88 -23.23 -38.91
C SER P 368 48.06 -23.38 -39.87
N GLY P 369 48.25 -22.38 -40.75
CA GLY P 369 49.36 -22.44 -41.68
C GLY P 369 48.90 -22.33 -43.13
N VAL P 370 47.59 -22.15 -43.30
CA VAL P 370 46.94 -21.98 -44.60
C VAL P 370 47.30 -20.59 -45.11
N SER P 371 48.31 -20.51 -46.01
CA SER P 371 48.74 -19.23 -46.57
C SER P 371 47.56 -18.55 -47.27
N ARG P 372 47.39 -17.24 -46.99
CA ARG P 372 46.22 -16.53 -47.48
C ARG P 372 46.29 -16.35 -48.99
N ILE P 373 45.12 -16.33 -49.64
CA ILE P 373 45.01 -16.01 -51.06
C ILE P 373 44.65 -14.54 -51.20
N ALA P 374 45.63 -13.76 -51.69
CA ALA P 374 45.48 -12.35 -52.00
C ALA P 374 44.38 -12.16 -53.04
N PRO P 375 43.52 -11.13 -52.91
CA PRO P 375 42.44 -10.90 -53.88
C PRO P 375 42.91 -10.77 -55.32
N GLU P 376 44.15 -10.33 -55.52
CA GLU P 376 44.75 -10.19 -56.84
C GLU P 376 45.24 -11.54 -57.39
N ASN P 377 45.09 -12.63 -56.62
CA ASN P 377 45.59 -13.94 -57.01
C ASN P 377 44.47 -14.97 -57.04
N VAL P 378 43.24 -14.48 -56.92
CA VAL P 378 42.06 -15.31 -56.99
C VAL P 378 42.02 -15.94 -58.38
N GLN P 379 41.90 -17.28 -58.42
CA GLN P 379 42.03 -18.04 -59.66
C GLN P 379 40.83 -17.82 -60.58
N LYS P 380 41.08 -17.73 -61.90
CA LYS P 380 40.01 -17.68 -62.87
C LYS P 380 39.65 -19.10 -63.31
N PHE P 381 38.39 -19.50 -63.06
CA PHE P 381 37.88 -20.81 -63.45
C PHE P 381 37.18 -20.74 -64.80
N THR P 382 37.55 -21.66 -65.70
CA THR P 382 36.96 -21.82 -67.02
C THR P 382 35.52 -22.34 -66.87
N PRO P 383 34.66 -22.24 -67.92
CA PRO P 383 33.32 -22.80 -67.86
C PRO P 383 33.30 -24.32 -67.62
N ALA P 384 34.35 -25.00 -68.06
CA ALA P 384 34.50 -26.44 -67.86
C ALA P 384 34.61 -26.78 -66.38
N GLU P 385 35.46 -26.02 -65.66
CA GLU P 385 35.78 -26.29 -64.26
C GLU P 385 34.59 -25.95 -63.38
N LEU P 386 33.78 -24.97 -63.80
CA LEU P 386 32.66 -24.53 -62.99
C LEU P 386 31.52 -25.54 -63.09
N SER P 387 31.28 -26.01 -64.32
CA SER P 387 30.20 -26.92 -64.62
C SER P 387 30.48 -28.27 -63.96
N GLU P 388 31.77 -28.62 -63.87
CA GLU P 388 32.24 -29.86 -63.27
C GLU P 388 31.99 -29.84 -61.76
N ALA P 389 32.23 -28.67 -61.15
CA ALA P 389 32.03 -28.49 -59.73
C ALA P 389 30.54 -28.53 -59.39
N ALA P 390 29.69 -27.99 -60.29
CA ALA P 390 28.27 -27.96 -60.00
C ALA P 390 27.66 -29.35 -60.20
N ALA P 391 28.32 -30.14 -61.06
CA ALA P 391 27.86 -31.46 -61.42
C ALA P 391 28.11 -32.42 -60.24
N GLN P 392 29.22 -32.18 -59.56
CA GLN P 392 29.67 -32.90 -58.39
C GLN P 392 28.80 -32.59 -57.17
N LEU P 393 28.01 -31.51 -57.23
CA LEU P 393 27.17 -31.09 -56.10
C LEU P 393 25.74 -31.58 -56.29
N SER P 394 25.24 -31.51 -57.53
CA SER P 394 23.91 -32.01 -57.86
C SER P 394 23.82 -33.52 -57.65
N ALA P 395 24.98 -34.18 -57.73
CA ALA P 395 25.09 -35.62 -57.64
C ALA P 395 25.81 -35.99 -56.35
N SER P 396 25.44 -35.34 -55.24
CA SER P 396 26.02 -35.66 -53.97
C SER P 396 25.16 -36.70 -53.27
N ALA P 397 25.84 -37.60 -52.54
CA ALA P 397 25.21 -38.73 -51.89
C ALA P 397 24.64 -38.32 -50.53
N LYS P 398 24.97 -37.10 -50.08
CA LYS P 398 24.66 -36.70 -48.72
C LYS P 398 24.04 -35.30 -48.68
N PRO P 399 22.89 -35.04 -49.35
CA PRO P 399 22.27 -33.72 -49.28
C PRO P 399 21.60 -33.45 -47.94
N VAL P 400 21.84 -32.25 -47.44
CA VAL P 400 21.29 -31.79 -46.19
C VAL P 400 20.19 -30.79 -46.49
N VAL P 401 19.09 -30.88 -45.73
CA VAL P 401 18.04 -29.88 -45.76
C VAL P 401 17.67 -29.46 -44.35
N ALA P 402 17.78 -28.15 -44.06
CA ALA P 402 17.24 -27.64 -42.81
C ALA P 402 16.06 -26.72 -43.11
N ALA P 403 14.90 -27.07 -42.56
CA ALA P 403 13.71 -26.24 -42.68
C ALA P 403 13.44 -25.57 -41.34
N VAL P 404 13.06 -24.30 -41.37
CA VAL P 404 12.80 -23.53 -40.17
C VAL P 404 11.47 -22.81 -40.37
N GLY P 405 10.60 -22.87 -39.36
CA GLY P 405 9.32 -22.18 -39.44
C GLY P 405 8.15 -23.15 -39.54
N GLN P 406 7.26 -22.94 -40.51
CA GLN P 406 6.14 -23.86 -40.69
C GLN P 406 6.67 -25.08 -41.44
N VAL P 407 7.23 -26.02 -40.68
CA VAL P 407 8.04 -27.08 -41.25
C VAL P 407 7.16 -28.09 -41.99
N HIS P 408 5.87 -28.14 -41.62
CA HIS P 408 4.91 -29.02 -42.27
C HIS P 408 4.66 -28.60 -43.71
N ALA P 409 4.99 -27.36 -44.04
CA ALA P 409 4.70 -26.80 -45.35
C ALA P 409 5.97 -26.59 -46.17
N LEU P 410 7.12 -26.97 -45.61
CA LEU P 410 8.36 -26.73 -46.34
C LEU P 410 8.79 -28.03 -47.01
N PRO P 411 9.70 -27.99 -48.04
CA PRO P 411 10.13 -29.21 -48.74
C PRO P 411 10.98 -30.14 -47.88
N PHE P 412 11.11 -31.38 -48.35
CA PHE P 412 11.95 -32.38 -47.73
C PHE P 412 13.08 -32.72 -48.70
N ALA P 413 14.10 -33.42 -48.20
CA ALA P 413 15.29 -33.72 -48.99
C ALA P 413 14.96 -34.58 -50.20
N ASP P 414 14.07 -35.56 -50.01
CA ASP P 414 13.72 -36.53 -51.03
C ASP P 414 12.81 -35.90 -52.09
N GLU P 415 12.19 -34.76 -51.77
CA GLU P 415 11.42 -34.00 -52.73
C GLU P 415 12.35 -33.22 -53.68
N LEU P 416 13.59 -32.97 -53.25
CA LEU P 416 14.51 -32.07 -53.97
C LEU P 416 15.59 -32.87 -54.73
N MET Q 85 -49.56 33.95 11.52
CA MET Q 85 -49.77 34.94 12.61
C MET Q 85 -50.23 36.24 12.01
N THR Q 86 -50.94 37.04 12.81
CA THR Q 86 -51.40 38.35 12.36
C THR Q 86 -50.19 39.29 12.30
N ALA Q 87 -50.32 40.33 11.46
CA ALA Q 87 -49.29 41.34 11.29
C ALA Q 87 -48.99 42.06 12.61
N ALA Q 88 -50.04 42.26 13.41
CA ALA Q 88 -49.94 42.85 14.73
C ALA Q 88 -48.97 42.04 15.61
N GLU Q 89 -49.13 40.72 15.58
CA GLU Q 89 -48.31 39.87 16.42
C GLU Q 89 -46.86 39.94 15.96
N HIS Q 90 -46.64 40.17 14.66
CA HIS Q 90 -45.29 40.27 14.11
C HIS Q 90 -44.67 41.62 14.41
N GLY Q 91 -45.51 42.67 14.47
CA GLY Q 91 -44.96 44.02 14.45
C GLY Q 91 -44.81 44.50 13.00
N LEU Q 92 -45.07 45.78 12.79
CA LEU Q 92 -44.89 46.37 11.48
C LEU Q 92 -43.41 46.34 11.16
N HIS Q 93 -43.05 46.04 9.91
CA HIS Q 93 -41.63 45.98 9.62
C HIS Q 93 -41.14 47.38 9.29
N PRO Q 94 -40.00 47.81 9.88
CA PRO Q 94 -39.47 49.15 9.67
C PRO Q 94 -39.03 49.38 8.24
N ALA Q 95 -39.12 50.65 7.83
CA ALA Q 95 -38.62 51.14 6.55
C ALA Q 95 -37.10 50.90 6.45
N GLU Q 96 -36.58 50.86 5.23
CA GLU Q 96 -35.14 50.84 5.04
C GLU Q 96 -34.64 52.28 4.89
N TYR Q 97 -34.03 52.81 5.95
CA TYR Q 97 -33.50 54.16 5.89
C TYR Q 97 -32.09 54.12 5.30
N PRO Q 98 -31.67 55.14 4.56
CA PRO Q 98 -30.29 55.21 4.06
C PRO Q 98 -29.22 55.66 5.06
N TRP Q 99 -28.80 54.73 5.93
CA TRP Q 99 -27.79 55.00 6.93
C TRP Q 99 -26.46 55.29 6.25
N PRO Q 100 -25.61 56.19 6.82
CA PRO Q 100 -24.28 56.46 6.28
C PRO Q 100 -23.43 55.20 6.17
N GLN Q 101 -23.64 54.24 7.07
CA GLN Q 101 -22.81 53.05 7.09
C GLN Q 101 -23.34 51.99 6.13
N ASN Q 102 -24.51 52.20 5.51
CA ASN Q 102 -24.98 51.28 4.48
C ASN Q 102 -24.12 51.52 3.24
N GLY Q 103 -23.61 50.45 2.66
CA GLY Q 103 -22.67 50.73 1.59
C GLY Q 103 -21.38 50.03 1.90
N MET Q 104 -20.97 49.24 0.91
CA MET Q 104 -19.89 48.30 1.10
C MET Q 104 -18.65 49.07 1.57
N LEU Q 105 -18.53 50.33 1.14
CA LEU Q 105 -17.29 51.04 1.40
C LEU Q 105 -17.48 52.16 2.42
N SER Q 106 -18.57 52.12 3.20
CA SER Q 106 -18.93 53.28 4.00
C SER Q 106 -18.65 53.02 5.47
N THR Q 107 -18.03 53.97 6.15
CA THR Q 107 -17.90 53.85 7.61
C THR Q 107 -19.12 54.46 8.29
N PHE Q 108 -19.19 54.35 9.63
CA PHE Q 108 -20.10 55.16 10.43
C PHE Q 108 -19.66 56.60 10.33
N ASP Q 109 -20.62 57.52 10.50
CA ASP Q 109 -20.28 58.93 10.70
C ASP Q 109 -19.95 59.15 12.17
N HIS Q 110 -18.68 59.48 12.48
CA HIS Q 110 -18.26 59.47 13.87
C HIS Q 110 -18.84 60.66 14.62
N ALA Q 111 -19.20 61.72 13.91
CA ALA Q 111 -19.84 62.87 14.52
C ALA Q 111 -21.23 62.50 15.02
N SER Q 112 -21.91 61.67 14.24
CA SER Q 112 -23.19 61.13 14.64
C SER Q 112 -23.02 60.19 15.83
N LEU Q 113 -21.96 59.37 15.82
CA LEU Q 113 -21.73 58.45 16.92
C LEU Q 113 -21.60 59.23 18.23
N ARG Q 114 -20.79 60.30 18.22
CA ARG Q 114 -20.58 61.13 19.39
C ARG Q 114 -21.89 61.75 19.90
N ARG Q 115 -22.72 62.28 18.98
CA ARG Q 115 -24.03 62.82 19.32
C ARG Q 115 -24.93 61.76 19.94
N GLY Q 116 -24.82 60.54 19.40
CA GLY Q 116 -25.65 59.43 19.86
C GLY Q 116 -25.26 59.00 21.26
N TYR Q 117 -23.96 59.10 21.58
CA TYR Q 117 -23.54 58.80 22.93
C TYR Q 117 -24.19 59.80 23.89
N GLN Q 118 -24.25 61.05 23.47
CA GLN Q 118 -24.85 62.06 24.33
C GLN Q 118 -26.34 61.80 24.58
N VAL Q 119 -27.05 61.29 23.59
CA VAL Q 119 -28.44 60.92 23.81
C VAL Q 119 -28.53 59.73 24.76
N TYR Q 120 -27.65 58.74 24.57
CA TYR Q 120 -27.68 57.58 25.45
C TYR Q 120 -27.51 58.05 26.89
N LYS Q 121 -26.50 58.90 27.10
CA LYS Q 121 -26.09 59.33 28.43
C LYS Q 121 -27.21 60.13 29.12
N GLU Q 122 -27.97 60.93 28.36
CA GLU Q 122 -28.89 61.87 28.97
C GLU Q 122 -30.34 61.40 28.96
N VAL Q 123 -30.65 60.34 28.22
CA VAL Q 123 -32.02 59.88 28.15
C VAL Q 123 -32.07 58.40 28.47
N CYS Q 124 -31.40 57.56 27.67
CA CYS Q 124 -31.58 56.12 27.81
C CYS Q 124 -30.93 55.58 29.08
N ALA Q 125 -29.86 56.22 29.51
CA ALA Q 125 -29.05 55.60 30.55
C ALA Q 125 -29.80 55.60 31.87
N ALA Q 126 -30.90 56.37 31.94
CA ALA Q 126 -31.78 56.31 33.10
C ALA Q 126 -32.31 54.89 33.34
N CYS Q 127 -32.56 54.12 32.26
CA CYS Q 127 -33.22 52.84 32.46
C CYS Q 127 -32.42 51.71 31.85
N HIS Q 128 -31.50 52.02 30.94
CA HIS Q 128 -30.90 50.96 30.15
C HIS Q 128 -29.42 50.93 30.42
N SER Q 129 -28.88 49.73 30.55
CA SER Q 129 -27.44 49.61 30.71
C SER Q 129 -26.75 49.48 29.36
N LEU Q 130 -25.41 49.66 29.37
CA LEU Q 130 -24.58 49.43 28.21
C LEU Q 130 -23.34 48.66 28.65
N ASP Q 131 -23.55 47.45 29.18
CA ASP Q 131 -22.58 46.78 30.04
C ASP Q 131 -21.34 46.26 29.32
N ARG Q 132 -21.41 46.16 28.00
CA ARG Q 132 -20.33 45.53 27.26
C ARG Q 132 -19.34 46.58 26.76
N ILE Q 133 -19.61 47.85 27.08
CA ILE Q 133 -18.78 48.92 26.56
C ILE Q 133 -17.94 49.48 27.69
N ALA Q 134 -16.63 49.60 27.47
CA ALA Q 134 -15.78 50.16 28.51
C ALA Q 134 -15.45 51.59 28.11
N TRP Q 135 -15.01 52.41 29.07
CA TRP Q 135 -14.63 53.77 28.71
C TRP Q 135 -13.59 53.78 27.61
N ARG Q 136 -12.68 52.81 27.64
CA ARG Q 136 -11.59 52.80 26.68
C ARG Q 136 -12.11 52.67 25.25
N ASN Q 137 -13.32 52.10 25.10
CA ASN Q 137 -13.87 51.82 23.78
C ASN Q 137 -14.28 53.09 23.06
N LEU Q 138 -14.59 54.15 23.81
CA LEU Q 138 -14.98 55.43 23.24
C LEU Q 138 -13.77 56.16 22.69
N VAL Q 139 -12.58 55.84 23.19
CA VAL Q 139 -11.44 56.68 22.86
C VAL Q 139 -11.01 56.44 21.40
N GLY Q 140 -10.89 57.53 20.65
CA GLY Q 140 -10.50 57.42 19.25
C GLY Q 140 -11.64 56.89 18.37
N VAL Q 141 -12.87 56.92 18.91
CA VAL Q 141 -14.06 56.65 18.12
C VAL Q 141 -14.93 57.90 18.23
N THR Q 142 -15.25 58.26 19.48
CA THR Q 142 -16.17 59.34 19.75
C THR Q 142 -15.51 60.42 20.60
N HIS Q 143 -14.47 60.07 21.37
CA HIS Q 143 -13.91 60.99 22.36
C HIS Q 143 -12.38 60.89 22.38
N THR Q 144 -11.71 61.92 22.91
CA THR Q 144 -10.27 61.81 23.08
C THR Q 144 -9.99 61.06 24.37
N THR Q 145 -8.73 60.70 24.62
CA THR Q 145 -8.39 59.97 25.83
C THR Q 145 -8.79 60.76 27.07
N ASP Q 146 -8.65 62.08 26.98
CA ASP Q 146 -8.87 62.95 28.12
C ASP Q 146 -10.35 63.02 28.48
N GLU Q 147 -11.19 63.16 27.46
CA GLU Q 147 -12.62 63.24 27.71
C GLU Q 147 -13.11 61.94 28.32
N ALA Q 148 -12.58 60.80 27.86
CA ALA Q 148 -13.07 59.52 28.35
C ALA Q 148 -12.56 59.27 29.77
N LYS Q 149 -11.34 59.74 30.08
CA LYS Q 149 -10.84 59.56 31.43
C LYS Q 149 -11.66 60.43 32.38
N ALA Q 150 -12.02 61.62 31.89
CA ALA Q 150 -12.87 62.48 32.69
C ALA Q 150 -14.19 61.79 33.04
N PHE Q 151 -14.82 61.14 32.06
CA PHE Q 151 -16.06 60.44 32.31
C PHE Q 151 -15.87 59.32 33.34
N ALA Q 152 -14.76 58.58 33.25
CA ALA Q 152 -14.52 57.48 34.15
C ALA Q 152 -14.30 57.98 35.58
N GLU Q 153 -13.46 59.02 35.73
CA GLU Q 153 -13.04 59.55 37.01
C GLU Q 153 -14.18 60.18 37.80
N GLU Q 154 -15.31 60.49 37.14
CA GLU Q 154 -16.46 61.07 37.84
C GLU Q 154 -17.22 60.00 38.62
N LEU Q 155 -16.99 58.72 38.33
CA LEU Q 155 -17.79 57.69 38.97
C LEU Q 155 -16.97 56.99 40.04
N GLU Q 156 -17.66 56.23 40.90
CA GLU Q 156 -17.02 55.41 41.91
C GLU Q 156 -17.24 53.94 41.62
N TYR Q 157 -16.16 53.16 41.71
CA TYR Q 157 -16.25 51.74 41.47
C TYR Q 157 -15.77 51.01 42.71
N ASP Q 158 -16.19 49.75 42.85
CA ASP Q 158 -15.75 48.92 43.94
C ASP Q 158 -14.26 48.63 43.82
N ASP Q 159 -13.51 48.98 44.88
CA ASP Q 159 -12.11 48.65 44.97
C ASP Q 159 -11.96 47.29 45.64
N GLU Q 160 -10.73 46.75 45.64
CA GLU Q 160 -10.31 45.63 46.47
C GLU Q 160 -10.41 46.05 47.94
N PRO Q 161 -10.75 45.14 48.88
CA PRO Q 161 -10.90 45.53 50.29
C PRO Q 161 -9.60 46.13 50.83
N ASP Q 162 -9.73 47.01 51.83
CA ASP Q 162 -8.56 47.60 52.49
C ASP Q 162 -7.89 46.57 53.37
N ASP Q 163 -6.95 47.03 54.19
CA ASP Q 163 -6.05 46.14 54.93
C ASP Q 163 -6.76 45.46 56.10
N GLU Q 164 -7.84 46.08 56.59
CA GLU Q 164 -8.68 45.49 57.62
C GLU Q 164 -9.80 44.66 56.98
N GLY Q 165 -9.74 44.51 55.65
CA GLY Q 165 -10.74 43.78 54.89
C GLY Q 165 -12.10 44.48 54.77
N ASN Q 166 -12.14 45.80 54.97
CA ASN Q 166 -13.37 46.57 54.81
C ASN Q 166 -13.55 46.97 53.35
N PRO Q 167 -14.81 47.04 52.82
CA PRO Q 167 -15.04 47.56 51.46
C PRO Q 167 -14.60 49.01 51.26
N ARG Q 168 -14.15 49.31 50.03
CA ARG Q 168 -13.70 50.63 49.62
C ARG Q 168 -14.20 50.92 48.22
N LYS Q 169 -14.31 52.22 47.89
CA LYS Q 169 -14.59 52.66 46.54
C LYS Q 169 -13.35 53.34 45.94
N ARG Q 170 -13.22 53.28 44.61
CA ARG Q 170 -12.19 54.03 43.92
C ARG Q 170 -12.82 54.85 42.80
N PRO Q 171 -12.16 55.90 42.27
CA PRO Q 171 -12.62 56.53 41.04
C PRO Q 171 -12.35 55.61 39.83
N GLY Q 172 -13.17 55.77 38.78
CA GLY Q 172 -13.07 54.93 37.61
C GLY Q 172 -11.81 55.18 36.78
N LYS Q 173 -11.45 54.15 36.00
CA LYS Q 173 -10.31 54.14 35.09
C LYS Q 173 -10.83 53.80 33.70
N LEU Q 174 -9.99 53.95 32.68
CA LEU Q 174 -10.44 53.68 31.32
C LEU Q 174 -10.85 52.21 31.11
N ALA Q 175 -10.29 51.32 31.93
CA ALA Q 175 -10.54 49.90 31.79
C ALA Q 175 -11.94 49.53 32.31
N ASP Q 176 -12.58 50.47 33.02
CA ASP Q 176 -13.86 50.15 33.67
C ASP Q 176 -14.97 50.08 32.63
N TYR Q 177 -15.99 49.28 32.91
CA TYR Q 177 -17.17 49.22 32.07
C TYR Q 177 -18.13 50.33 32.46
N ILE Q 178 -18.92 50.80 31.48
CA ILE Q 178 -19.88 51.83 31.80
C ILE Q 178 -20.93 51.23 32.74
N PRO Q 179 -21.13 51.81 33.94
CA PRO Q 179 -22.04 51.21 34.92
C PRO Q 179 -23.52 51.48 34.60
N GLY Q 180 -24.37 50.49 34.92
CA GLY Q 180 -25.78 50.52 34.58
C GLY Q 180 -26.61 51.22 35.65
N PRO Q 181 -27.87 51.59 35.37
CA PRO Q 181 -28.69 52.28 36.36
C PRO Q 181 -29.23 51.48 37.55
N TYR Q 182 -29.28 50.15 37.44
CA TYR Q 182 -29.87 49.33 38.50
C TYR Q 182 -28.91 48.26 39.00
N PRO Q 183 -28.94 47.90 40.31
CA PRO Q 183 -28.11 46.83 40.86
C PRO Q 183 -28.44 45.39 40.45
N ASN Q 184 -29.71 45.13 40.09
CA ASN Q 184 -30.13 43.80 39.64
C ASN Q 184 -31.43 43.91 38.84
N GLU Q 185 -31.88 42.76 38.32
CA GLU Q 185 -33.10 42.66 37.52
C GLU Q 185 -34.32 43.13 38.32
N GLN Q 186 -34.33 42.80 39.61
CA GLN Q 186 -35.52 42.98 40.42
C GLN Q 186 -35.73 44.46 40.63
N ALA Q 187 -34.63 45.16 40.89
CA ALA Q 187 -34.64 46.61 41.00
C ALA Q 187 -35.06 47.26 39.69
N ALA Q 188 -34.62 46.68 38.57
CA ALA Q 188 -34.93 47.28 37.29
C ALA Q 188 -36.41 47.15 37.01
N ARG Q 189 -36.96 45.96 37.25
CA ARG Q 189 -38.35 45.69 36.97
C ARG Q 189 -39.24 46.51 37.88
N ALA Q 190 -38.79 46.74 39.12
CA ALA Q 190 -39.63 47.42 40.08
C ALA Q 190 -39.79 48.88 39.67
N ALA Q 191 -38.79 49.41 38.96
CA ALA Q 191 -38.76 50.80 38.56
C ALA Q 191 -39.52 51.01 37.25
N ASN Q 192 -39.89 49.90 36.61
CA ASN Q 192 -40.47 49.99 35.28
C ASN Q 192 -41.73 49.16 35.20
N GLN Q 193 -42.52 49.20 36.29
CA GLN Q 193 -43.84 48.57 36.35
C GLN Q 193 -43.77 47.16 35.79
N GLY Q 194 -42.73 46.43 36.20
CA GLY Q 194 -42.60 45.01 35.92
C GLY Q 194 -41.77 44.69 34.69
N ALA Q 195 -41.64 45.65 33.77
CA ALA Q 195 -40.91 45.44 32.52
C ALA Q 195 -39.40 45.54 32.76
N LEU Q 196 -38.63 44.75 32.02
CA LEU Q 196 -37.19 44.83 32.26
C LEU Q 196 -36.54 45.49 31.05
N PRO Q 197 -35.99 46.70 31.19
CA PRO Q 197 -35.35 47.35 30.05
C PRO Q 197 -34.10 46.56 29.68
N PRO Q 198 -33.96 46.07 28.44
CA PRO Q 198 -32.80 45.26 28.06
C PRO Q 198 -31.52 46.07 28.05
N ASP Q 199 -30.41 45.36 28.16
CA ASP Q 199 -29.11 45.99 27.96
C ASP Q 199 -29.01 46.36 26.48
N LEU Q 200 -28.38 47.50 26.17
CA LEU Q 200 -28.45 47.93 24.77
C LEU Q 200 -27.17 47.62 24.00
N SER Q 201 -26.21 46.91 24.62
CA SER Q 201 -24.93 46.66 23.99
C SER Q 201 -25.05 45.83 22.71
N LEU Q 202 -26.03 44.93 22.65
CA LEU Q 202 -26.15 44.08 21.48
C LEU Q 202 -27.49 44.24 20.76
N ILE Q 203 -28.28 45.22 21.20
CA ILE Q 203 -29.67 45.30 20.78
C ILE Q 203 -29.77 45.52 19.27
N ALA Q 204 -28.74 46.15 18.67
CA ALA Q 204 -28.79 46.37 17.24
C ALA Q 204 -28.61 45.07 16.46
N LYS Q 205 -28.02 44.06 17.10
CA LYS Q 205 -27.84 42.79 16.43
C LYS Q 205 -28.98 41.85 16.79
N ALA Q 206 -29.65 42.15 17.90
CA ALA Q 206 -30.54 41.20 18.54
C ALA Q 206 -31.98 41.38 18.08
N ARG Q 207 -32.20 42.31 17.16
CA ARG Q 207 -33.55 42.49 16.66
C ARG Q 207 -33.47 42.54 15.14
N HIS Q 208 -34.45 41.92 14.45
CA HIS Q 208 -34.58 42.11 13.01
C HIS Q 208 -34.69 43.59 12.73
N GLY Q 209 -33.88 44.09 11.82
CA GLY Q 209 -34.06 45.50 11.51
C GLY Q 209 -32.83 46.27 11.90
N GLY Q 210 -32.22 45.93 13.04
CA GLY Q 210 -31.02 46.65 13.42
C GLY Q 210 -31.29 48.14 13.67
N ALA Q 211 -30.41 49.01 13.14
CA ALA Q 211 -30.61 50.45 13.22
C ALA Q 211 -32.02 50.86 12.81
N ASP Q 212 -32.57 50.25 11.75
CA ASP Q 212 -33.87 50.71 11.28
C ASP Q 212 -34.93 50.42 12.32
N TYR Q 213 -34.79 49.32 13.06
CA TYR Q 213 -35.79 48.97 14.06
C TYR Q 213 -35.68 49.96 15.20
N ILE Q 214 -34.46 50.32 15.57
CA ILE Q 214 -34.32 51.19 16.73
C ILE Q 214 -34.88 52.55 16.35
N PHE Q 215 -34.54 53.00 15.15
CA PHE Q 215 -35.04 54.29 14.73
C PHE Q 215 -36.57 54.27 14.61
N ALA Q 216 -37.10 53.22 13.99
CA ALA Q 216 -38.55 53.11 13.80
C ALA Q 216 -39.29 53.10 15.13
N LEU Q 217 -38.77 52.35 16.10
CA LEU Q 217 -39.47 52.17 17.36
C LEU Q 217 -39.47 53.50 18.11
N LEU Q 218 -38.35 54.22 18.09
CA LEU Q 218 -38.24 55.39 18.95
C LEU Q 218 -39.12 56.50 18.44
N THR Q 219 -39.33 56.51 17.11
CA THR Q 219 -40.00 57.59 16.44
C THR Q 219 -41.40 57.16 16.03
N GLY Q 220 -41.83 55.96 16.43
CA GLY Q 220 -43.09 55.49 15.89
C GLY Q 220 -44.17 55.35 16.95
N TYR Q 221 -44.12 56.20 17.99
CA TYR Q 221 -45.23 56.24 18.92
C TYR Q 221 -46.29 57.16 18.34
N PRO Q 222 -47.48 56.64 17.95
CA PRO Q 222 -48.55 57.48 17.47
C PRO Q 222 -49.11 58.22 18.67
N ASP Q 223 -49.74 59.36 18.40
CA ASP Q 223 -50.37 60.17 19.44
C ASP Q 223 -51.48 59.36 20.11
N GLU Q 224 -52.23 58.62 19.30
CA GLU Q 224 -53.35 57.85 19.79
C GLU Q 224 -53.24 56.43 19.24
N PRO Q 225 -53.46 55.39 20.07
CA PRO Q 225 -53.56 54.03 19.55
C PRO Q 225 -54.73 53.90 18.56
N PRO Q 226 -54.52 53.15 17.46
CA PRO Q 226 -55.60 52.85 16.53
C PRO Q 226 -56.85 52.41 17.29
N ALA Q 227 -58.00 52.92 16.85
CA ALA Q 227 -59.30 52.55 17.40
C ALA Q 227 -59.41 51.03 17.51
N GLY Q 228 -59.65 50.55 18.74
CA GLY Q 228 -60.00 49.17 18.98
C GLY Q 228 -58.92 48.40 19.75
N VAL Q 229 -57.73 49.01 19.82
CA VAL Q 229 -56.59 48.44 20.53
C VAL Q 229 -56.83 48.57 22.03
N VAL Q 230 -56.70 47.45 22.73
CA VAL Q 230 -56.79 47.47 24.18
C VAL Q 230 -55.38 47.34 24.73
N LEU Q 231 -54.88 48.42 25.33
CA LEU Q 231 -53.57 48.34 25.94
C LEU Q 231 -53.73 47.80 27.36
N ALA Q 232 -52.90 46.80 27.71
CA ALA Q 232 -52.69 46.38 29.09
C ALA Q 232 -52.14 47.55 29.92
N PRO Q 233 -52.38 47.63 31.26
CA PRO Q 233 -51.96 48.82 32.01
C PRO Q 233 -50.44 48.96 32.06
N GLY Q 234 -49.96 50.18 31.79
CA GLY Q 234 -48.54 50.49 31.79
C GLY Q 234 -47.85 50.15 30.47
N MET Q 235 -48.66 49.80 29.46
CA MET Q 235 -48.22 49.62 28.08
C MET Q 235 -48.60 50.83 27.24
N ASN Q 236 -47.82 51.02 26.18
CA ASN Q 236 -47.93 52.15 25.29
C ASN Q 236 -48.03 51.56 23.89
N TYR Q 237 -48.77 52.23 23.00
CA TYR Q 237 -48.95 51.59 21.71
C TYR Q 237 -47.76 51.93 20.83
N ASN Q 238 -47.15 50.92 20.20
CA ASN Q 238 -46.11 51.19 19.22
C ASN Q 238 -46.21 50.09 18.16
N PRO Q 239 -46.52 50.39 16.89
CA PRO Q 239 -46.77 49.33 15.92
C PRO Q 239 -45.54 48.48 15.58
N TYR Q 240 -44.35 49.03 15.82
CA TYR Q 240 -43.15 48.32 15.44
C TYR Q 240 -42.82 47.24 16.45
N PHE Q 241 -43.36 47.40 17.64
CA PHE Q 241 -43.09 46.41 18.67
C PHE Q 241 -44.06 45.26 18.52
N PRO Q 242 -43.61 43.99 18.48
CA PRO Q 242 -44.51 42.86 18.24
C PRO Q 242 -45.61 42.77 19.29
N GLY Q 243 -46.86 42.74 18.83
CA GLY Q 243 -47.98 42.76 19.76
C GLY Q 243 -48.55 44.16 19.98
N GLY Q 244 -47.70 45.19 19.86
CA GLY Q 244 -48.22 46.55 19.82
C GLY Q 244 -48.09 47.29 21.15
N GLY Q 245 -48.05 46.55 22.26
CA GLY Q 245 -48.00 47.16 23.57
C GLY Q 245 -46.60 47.07 24.15
N ILE Q 246 -45.92 48.21 24.25
CA ILE Q 246 -44.56 48.15 24.77
C ILE Q 246 -44.52 48.83 26.13
N GLY Q 247 -43.68 48.31 27.01
CA GLY Q 247 -43.62 48.86 28.36
C GLY Q 247 -42.77 50.14 28.42
N MET Q 248 -42.15 50.54 27.31
CA MET Q 248 -41.34 51.74 27.31
C MET Q 248 -42.21 52.86 26.74
N ALA Q 249 -42.31 53.98 27.44
CA ALA Q 249 -43.08 55.11 26.91
C ALA Q 249 -42.24 55.88 25.88
N ARG Q 250 -42.87 56.79 25.13
CA ARG Q 250 -42.09 57.69 24.30
C ARG Q 250 -41.20 58.56 25.18
N THR Q 251 -39.93 58.72 24.77
CA THR Q 251 -38.94 59.41 25.59
C THR Q 251 -38.24 60.52 24.83
N LEU Q 252 -38.25 60.46 23.50
CA LEU Q 252 -37.56 61.48 22.75
C LEU Q 252 -38.55 62.54 22.30
N PHE Q 253 -38.32 63.76 22.76
CA PHE Q 253 -39.13 64.91 22.36
C PHE Q 253 -38.17 66.02 21.98
N ASP Q 254 -38.62 66.89 21.06
CA ASP Q 254 -37.77 67.94 20.55
C ASP Q 254 -37.16 68.71 21.73
N GLY Q 255 -35.83 68.65 21.79
CA GLY Q 255 -35.02 69.44 22.71
C GLY Q 255 -34.88 68.83 24.10
N VAL Q 256 -34.85 67.50 24.22
CA VAL Q 256 -34.63 66.87 25.52
C VAL Q 256 -33.12 66.86 25.80
N VAL Q 257 -32.36 66.96 24.71
CA VAL Q 257 -30.92 67.00 24.75
C VAL Q 257 -30.52 68.32 24.10
N GLU Q 258 -29.40 68.89 24.54
CA GLU Q 258 -28.85 70.05 23.85
C GLU Q 258 -27.50 69.63 23.28
N TYR Q 259 -27.43 69.43 21.97
CA TYR Q 259 -26.23 68.84 21.42
C TYR Q 259 -25.09 69.83 21.54
N GLU Q 260 -23.87 69.33 21.79
CA GLU Q 260 -22.74 70.18 22.08
C GLU Q 260 -22.12 70.75 20.80
N ASP Q 261 -22.62 70.28 19.63
CA ASP Q 261 -22.08 70.61 18.32
C ASP Q 261 -23.03 71.54 17.56
N GLY Q 262 -24.14 71.90 18.20
CA GLY Q 262 -25.07 72.90 17.69
C GLY Q 262 -26.15 72.36 16.73
N THR Q 263 -26.10 71.06 16.45
CA THR Q 263 -27.12 70.35 15.69
C THR Q 263 -28.49 70.51 16.36
N PRO Q 264 -29.56 70.89 15.62
CA PRO Q 264 -30.90 70.98 16.21
C PRO Q 264 -31.47 69.63 16.67
N ALA Q 265 -31.79 69.54 17.96
CA ALA Q 265 -32.09 68.25 18.55
C ALA Q 265 -33.57 67.93 18.40
N THR Q 266 -33.93 67.49 17.21
CA THR Q 266 -35.31 67.08 16.96
C THR Q 266 -35.45 65.62 17.31
N THR Q 267 -36.69 65.17 17.58
CA THR Q 267 -36.97 63.76 17.81
C THR Q 267 -36.26 62.90 16.77
N SER Q 268 -36.42 63.23 15.49
CA SER Q 268 -35.85 62.44 14.44
C SER Q 268 -34.33 62.45 14.47
N GLN Q 269 -33.74 63.63 14.74
CA GLN Q 269 -32.29 63.72 14.77
C GLN Q 269 -31.72 62.88 15.90
N MET Q 270 -32.37 62.96 17.06
CA MET Q 270 -31.85 62.27 18.22
C MET Q 270 -31.96 60.76 18.04
N ALA Q 271 -33.06 60.35 17.41
CA ALA Q 271 -33.27 58.93 17.22
C ALA Q 271 -32.26 58.40 16.22
N LYS Q 272 -31.95 59.20 15.20
CA LYS Q 272 -30.99 58.74 14.21
C LYS Q 272 -29.62 58.61 14.85
N ASP Q 273 -29.24 59.59 15.67
CA ASP Q 273 -27.92 59.55 16.27
C ASP Q 273 -27.79 58.40 17.27
N VAL Q 274 -28.80 58.22 18.13
CA VAL Q 274 -28.71 57.17 19.14
C VAL Q 274 -28.76 55.81 18.45
N ALA Q 275 -29.59 55.66 17.40
CA ALA Q 275 -29.59 54.40 16.67
C ALA Q 275 -28.21 54.11 16.06
N ALA Q 276 -27.55 55.16 15.56
CA ALA Q 276 -26.22 54.96 14.99
C ALA Q 276 -25.26 54.54 16.09
N PHE Q 277 -25.32 55.22 17.23
CA PHE Q 277 -24.43 54.90 18.34
C PHE Q 277 -24.61 53.44 18.77
N LEU Q 278 -25.86 53.01 18.93
CA LEU Q 278 -26.12 51.64 19.36
C LEU Q 278 -25.64 50.61 18.33
N THR Q 279 -25.72 50.96 17.05
CA THR Q 279 -25.23 50.08 16.01
C THR Q 279 -23.72 49.93 16.18
N TRP Q 280 -23.03 51.06 16.39
CA TRP Q 280 -21.61 50.96 16.65
C TRP Q 280 -21.34 50.11 17.90
N ALA Q 281 -22.13 50.29 18.95
CA ALA Q 281 -21.90 49.54 20.19
C ALA Q 281 -22.00 48.03 19.93
N ALA Q 282 -22.90 47.64 19.01
CA ALA Q 282 -23.09 46.23 18.79
C ALA Q 282 -21.97 45.65 17.93
N GLU Q 283 -21.44 46.47 17.03
CA GLU Q 283 -20.47 45.95 16.08
C GLU Q 283 -19.33 46.94 15.93
N PRO Q 284 -18.46 47.10 16.94
CA PRO Q 284 -17.42 48.14 16.88
C PRO Q 284 -16.29 47.92 15.89
N GLU Q 285 -16.19 46.70 15.38
CA GLU Q 285 -15.19 46.35 14.38
C GLU Q 285 -15.63 46.80 12.98
N HIS Q 286 -16.87 47.26 12.83
CA HIS Q 286 -17.51 47.55 11.56
C HIS Q 286 -16.60 48.29 10.56
N ASP Q 287 -16.01 49.41 10.99
CA ASP Q 287 -15.20 50.20 10.07
C ASP Q 287 -13.96 49.43 9.61
N GLU Q 288 -13.23 48.82 10.55
CA GLU Q 288 -12.05 48.05 10.21
C GLU Q 288 -12.37 46.83 9.35
N ARG Q 289 -13.46 46.15 9.69
CA ARG Q 289 -13.90 44.96 8.98
C ARG Q 289 -14.14 45.29 7.51
N LYS Q 290 -14.79 46.43 7.24
CA LYS Q 290 -15.17 46.67 5.86
C LYS Q 290 -13.95 47.08 5.07
N LYS Q 291 -12.98 47.72 5.72
CA LYS Q 291 -11.79 48.08 4.98
C LYS Q 291 -10.96 46.85 4.66
N LEU Q 292 -10.85 45.91 5.61
CA LEU Q 292 -10.11 44.70 5.31
C LEU Q 292 -10.80 43.93 4.20
N GLY Q 293 -12.14 43.94 4.19
CA GLY Q 293 -12.94 43.29 3.18
C GLY Q 293 -12.67 43.85 1.79
N LEU Q 294 -12.45 45.16 1.70
CA LEU Q 294 -12.11 45.77 0.42
C LEU Q 294 -10.78 45.23 -0.07
N LYS Q 295 -9.77 45.19 0.80
CA LYS Q 295 -8.49 44.62 0.41
C LYS Q 295 -8.66 43.17 -0.05
N ALA Q 296 -9.45 42.40 0.70
CA ALA Q 296 -9.61 40.99 0.41
C ALA Q 296 -10.30 40.84 -0.94
N ILE Q 297 -11.34 41.64 -1.19
CA ILE Q 297 -12.10 41.50 -2.41
C ILE Q 297 -11.16 41.69 -3.59
N ILE Q 298 -10.30 42.72 -3.51
CA ILE Q 298 -9.41 43.06 -4.60
C ILE Q 298 -8.43 41.92 -4.85
N VAL Q 299 -7.74 41.47 -3.80
CA VAL Q 299 -6.73 40.46 -3.99
C VAL Q 299 -7.35 39.16 -4.48
N ILE Q 300 -8.47 38.76 -3.86
CA ILE Q 300 -9.11 37.49 -4.19
C ILE Q 300 -9.61 37.53 -5.63
N SER Q 301 -10.22 38.64 -6.05
CA SER Q 301 -10.62 38.79 -7.44
C SER Q 301 -9.46 38.63 -8.41
N ALA Q 302 -8.36 39.35 -8.19
CA ALA Q 302 -7.20 39.24 -9.06
C ALA Q 302 -6.68 37.81 -9.10
N MET Q 303 -6.60 37.14 -7.94
CA MET Q 303 -6.15 35.76 -7.91
C MET Q 303 -7.12 34.86 -8.65
N LEU Q 304 -8.41 35.20 -8.66
CA LEU Q 304 -9.36 34.36 -9.37
C LEU Q 304 -9.14 34.50 -10.87
N GLY Q 305 -8.94 35.73 -11.34
CA GLY Q 305 -8.61 35.95 -12.73
C GLY Q 305 -7.36 35.18 -13.13
N LEU Q 306 -6.32 35.28 -12.33
CA LEU Q 306 -5.08 34.62 -12.71
C LEU Q 306 -5.21 33.11 -12.65
N SER Q 307 -5.99 32.62 -11.68
CA SER Q 307 -6.16 31.18 -11.57
C SER Q 307 -6.86 30.66 -12.83
N VAL Q 308 -7.71 31.50 -13.45
CA VAL Q 308 -8.39 31.05 -14.66
C VAL Q 308 -7.43 30.98 -15.83
N TYR Q 309 -6.61 32.02 -15.98
CA TYR Q 309 -5.57 31.98 -16.99
C TYR Q 309 -4.71 30.73 -16.82
N ILE Q 310 -4.21 30.50 -15.60
CA ILE Q 310 -3.27 29.42 -15.42
C ILE Q 310 -3.94 28.08 -15.67
N LYS Q 311 -5.18 27.90 -15.21
CA LYS Q 311 -5.88 26.66 -15.50
C LYS Q 311 -5.94 26.42 -17.01
N LYS Q 312 -6.37 27.45 -17.74
CA LYS Q 312 -6.55 27.26 -19.17
C LYS Q 312 -5.23 26.92 -19.83
N PHE Q 313 -4.18 27.59 -19.37
CA PHE Q 313 -2.88 27.40 -19.96
C PHE Q 313 -2.44 25.95 -19.73
N LYS Q 314 -2.55 25.47 -18.48
CA LYS Q 314 -2.13 24.12 -18.19
C LYS Q 314 -3.02 23.11 -18.89
N TRP Q 315 -4.33 23.37 -19.06
CA TRP Q 315 -5.23 22.38 -19.63
C TRP Q 315 -5.22 22.35 -21.15
N SER Q 316 -4.52 23.28 -21.81
CA SER Q 316 -4.72 23.36 -23.25
C SER Q 316 -4.27 22.08 -23.96
N PRO Q 317 -3.22 21.37 -23.54
CA PRO Q 317 -2.86 20.10 -24.17
C PRO Q 317 -3.96 19.06 -24.13
N ILE Q 318 -4.74 19.05 -23.04
CA ILE Q 318 -5.83 18.09 -22.98
C ILE Q 318 -6.98 18.57 -23.84
N LYS Q 319 -7.32 19.86 -23.80
CA LYS Q 319 -8.47 20.28 -24.58
C LYS Q 319 -8.16 20.16 -26.06
N ASN Q 320 -6.91 20.41 -26.45
CA ASN Q 320 -6.59 20.54 -27.87
C ASN Q 320 -6.28 19.21 -28.53
N ARG Q 321 -6.29 18.13 -27.74
CA ARG Q 321 -5.93 16.79 -28.20
C ARG Q 321 -6.77 16.37 -29.40
N LYS Q 322 -6.12 15.72 -30.38
CA LYS Q 322 -6.78 15.26 -31.58
C LYS Q 322 -6.44 13.79 -31.79
N PHE Q 323 -7.38 13.06 -32.41
CA PHE Q 323 -7.19 11.63 -32.63
C PHE Q 323 -7.28 11.29 -34.10
N ILE Q 324 -6.62 10.21 -34.47
CA ILE Q 324 -6.82 9.60 -35.76
C ILE Q 324 -7.06 8.13 -35.44
N TYR Q 325 -8.19 7.56 -35.86
CA TYR Q 325 -8.40 6.15 -35.59
C TYR Q 325 -8.27 5.34 -36.87
N ASN Q 326 -7.42 4.32 -36.88
CA ASN Q 326 -7.39 3.40 -38.00
C ASN Q 326 -7.76 2.02 -37.50
N PRO Q 327 -8.99 1.52 -37.73
CA PRO Q 327 -9.41 0.25 -37.13
C PRO Q 327 -8.47 -0.86 -37.61
N PRO Q 328 -7.88 -1.63 -36.67
CA PRO Q 328 -6.85 -2.64 -36.97
C PRO Q 328 -7.20 -3.77 -37.95
N TYR R 7 -11.12 -3.12 -9.61
CA TYR R 7 -11.66 -2.51 -10.95
C TYR R 7 -10.88 -1.35 -11.59
N MET R 8 -9.90 -0.78 -10.90
CA MET R 8 -9.00 0.14 -11.57
C MET R 8 -7.59 -0.26 -11.19
N GLY R 9 -6.66 -0.13 -12.11
CA GLY R 9 -5.31 -0.54 -11.79
C GLY R 9 -4.46 0.64 -11.39
N TRP R 10 -3.33 0.76 -12.09
CA TRP R 10 -2.46 1.90 -11.90
C TRP R 10 -1.75 2.13 -13.22
N TRP R 11 -0.94 3.19 -13.32
CA TRP R 11 -0.30 3.49 -14.58
C TRP R 11 0.50 2.28 -15.08
N GLY R 12 0.28 1.91 -16.34
CA GLY R 12 0.95 0.72 -16.86
C GLY R 12 0.00 -0.48 -16.92
N HIS R 13 -0.98 -0.51 -16.02
CA HIS R 13 -1.90 -1.63 -15.97
C HIS R 13 -3.24 -1.09 -15.48
N MET R 14 -3.76 -0.05 -16.16
CA MET R 14 -4.93 0.65 -15.66
C MET R 14 -6.18 -0.22 -15.76
N GLY R 15 -6.19 -1.18 -16.69
CA GLY R 15 -7.31 -2.11 -16.79
C GLY R 15 -8.22 -1.80 -17.99
N SER R 16 -7.68 -1.00 -18.92
CA SER R 16 -8.30 -0.76 -20.21
C SER R 16 -8.29 -2.07 -21.01
N PRO R 17 -9.31 -2.33 -21.85
CA PRO R 17 -9.19 -3.33 -22.91
C PRO R 17 -7.97 -2.95 -23.73
N PRO R 18 -7.33 -3.89 -24.46
CA PRO R 18 -6.18 -3.54 -25.30
C PRO R 18 -6.54 -2.43 -26.28
N GLN R 19 -5.66 -1.43 -26.36
CA GLN R 19 -5.87 -0.33 -27.27
C GLN R 19 -4.95 -0.55 -28.46
N LYS R 20 -5.49 -0.31 -29.64
CA LYS R 20 -4.70 -0.36 -30.85
C LYS R 20 -5.33 0.58 -31.85
N GLY R 21 -4.50 1.34 -32.57
CA GLY R 21 -4.97 1.98 -33.78
C GLY R 21 -5.43 3.43 -33.59
N ILE R 22 -5.29 3.97 -32.39
CA ILE R 22 -5.59 5.38 -32.20
C ILE R 22 -4.28 6.16 -32.11
N ALA R 23 -4.10 7.17 -32.96
CA ALA R 23 -3.01 8.11 -32.78
C ALA R 23 -3.53 9.37 -32.09
N GLY R 24 -2.87 9.82 -31.00
CA GLY R 24 -3.23 11.06 -30.35
C GLY R 24 -2.20 12.13 -30.61
N TYR R 25 -2.67 13.36 -30.78
CA TYR R 25 -1.79 14.44 -31.13
C TYR R 25 -2.16 15.64 -30.29
N THR R 26 -1.15 16.33 -29.77
CA THR R 26 -1.43 17.59 -29.11
C THR R 26 -0.19 18.45 -29.09
N ILE R 27 -0.38 19.71 -28.75
CA ILE R 27 0.73 20.65 -28.75
C ILE R 27 0.95 21.18 -27.35
N SER R 28 2.15 21.71 -27.14
CA SER R 28 2.61 22.24 -25.88
C SER R 28 1.72 23.41 -25.42
N PRO R 29 1.55 23.62 -24.09
CA PRO R 29 0.81 24.78 -23.61
C PRO R 29 1.49 26.08 -24.04
N PHE R 30 2.83 26.05 -24.18
CA PHE R 30 3.53 27.23 -24.66
C PHE R 30 3.32 27.49 -26.14
N ALA R 31 2.91 26.47 -26.90
CA ALA R 31 2.72 26.66 -28.33
C ALA R 31 1.30 27.13 -28.64
N ALA R 32 0.38 27.02 -27.67
CA ALA R 32 -1.03 27.21 -27.98
C ALA R 32 -1.53 28.53 -27.44
N ARG R 33 -2.57 29.07 -28.06
CA ARG R 33 -3.26 30.22 -27.47
C ARG R 33 -4.30 29.71 -26.47
N PRO R 34 -4.13 29.99 -25.15
CA PRO R 34 -5.01 29.39 -24.14
C PRO R 34 -6.45 29.80 -24.35
N PHE R 35 -6.65 31.05 -24.78
CA PHE R 35 -8.01 31.54 -24.91
C PHE R 35 -8.45 31.61 -26.36
N ALA R 36 -7.88 30.77 -27.23
CA ALA R 36 -8.36 30.70 -28.60
C ALA R 36 -9.85 30.40 -28.63
N GLY R 37 -10.61 31.22 -29.38
CA GLY R 37 -12.03 31.03 -29.65
C GLY R 37 -12.91 31.13 -28.40
N VAL R 38 -12.42 31.88 -27.40
CA VAL R 38 -13.08 32.02 -26.13
C VAL R 38 -14.39 32.78 -26.31
N VAL R 39 -14.38 33.77 -27.21
CA VAL R 39 -15.50 34.66 -27.43
C VAL R 39 -16.64 33.86 -28.06
N HIS R 40 -16.31 33.11 -29.11
CA HIS R 40 -17.27 32.21 -29.71
C HIS R 40 -17.85 31.23 -28.70
N ALA R 41 -16.99 30.63 -27.87
CA ALA R 41 -17.47 29.65 -26.89
C ALA R 41 -18.36 30.31 -25.86
N ALA R 42 -17.93 31.47 -25.35
CA ALA R 42 -18.62 32.14 -24.27
C ALA R 42 -20.02 32.51 -24.72
N ILE R 43 -20.19 32.76 -26.03
CA ILE R 43 -21.49 33.20 -26.53
C ILE R 43 -22.27 32.01 -27.08
N PHE R 44 -21.74 31.39 -28.13
CA PHE R 44 -22.51 30.41 -28.87
C PHE R 44 -22.52 29.07 -28.16
N ASN R 45 -21.36 28.63 -27.66
CA ASN R 45 -21.31 27.36 -26.96
C ASN R 45 -22.18 27.42 -25.71
N THR R 46 -22.05 28.48 -24.90
CA THR R 46 -22.84 28.55 -23.67
C THR R 46 -24.33 28.60 -24.00
N PHE R 47 -24.69 29.31 -25.08
CA PHE R 47 -26.10 29.41 -25.41
C PHE R 47 -26.65 28.04 -25.78
N ARG R 48 -25.93 27.32 -26.64
CA ARG R 48 -26.32 25.97 -27.01
C ARG R 48 -26.46 25.10 -25.76
N ARG R 49 -25.44 25.09 -24.89
CA ARG R 49 -25.53 24.17 -23.78
C ARG R 49 -26.68 24.53 -22.84
N THR R 50 -26.98 25.82 -22.70
CA THR R 50 -28.02 26.25 -21.77
C THR R 50 -29.39 25.96 -22.35
N LYS R 51 -29.59 26.30 -23.62
CA LYS R 51 -30.83 25.99 -24.29
C LYS R 51 -31.21 24.51 -24.11
N ASN R 52 -30.24 23.62 -24.27
CA ASN R 52 -30.52 22.18 -24.25
C ASN R 52 -30.87 21.66 -22.87
N GLN R 53 -30.52 22.39 -21.81
CA GLN R 53 -30.82 21.95 -20.46
C GLN R 53 -31.94 22.76 -19.81
N ALA R 54 -32.50 23.75 -20.51
CA ALA R 54 -33.28 24.77 -19.82
C ALA R 54 -34.56 24.21 -19.20
N LEU R 55 -35.27 23.34 -19.94
CA LEU R 55 -36.53 22.81 -19.45
C LEU R 55 -36.39 22.06 -18.12
N PHE R 56 -35.26 21.36 -17.93
CA PHE R 56 -35.08 20.51 -16.76
C PHE R 56 -34.89 21.34 -15.51
N VAL R 57 -34.61 22.63 -15.70
CA VAL R 57 -34.52 23.52 -14.57
C VAL R 57 -35.81 24.30 -14.45
N ILE R 58 -36.30 24.81 -15.58
CA ILE R 58 -37.41 25.75 -15.54
C ILE R 58 -38.66 25.04 -15.05
N LEU R 59 -38.97 23.84 -15.57
CA LEU R 59 -40.22 23.19 -15.17
C LEU R 59 -40.30 23.00 -13.66
N PRO R 60 -39.35 22.31 -12.97
CA PRO R 60 -39.50 22.12 -11.53
C PRO R 60 -39.42 23.41 -10.73
N VAL R 61 -38.53 24.32 -11.12
CA VAL R 61 -38.44 25.58 -10.39
C VAL R 61 -39.77 26.34 -10.47
N SER R 62 -40.33 26.47 -11.67
CA SER R 62 -41.53 27.27 -11.84
C SER R 62 -42.72 26.60 -11.15
N PHE R 63 -42.73 25.28 -11.10
CA PHE R 63 -43.87 24.64 -10.47
C PHE R 63 -43.82 24.87 -8.96
N PHE R 64 -42.64 24.63 -8.38
CA PHE R 64 -42.50 24.73 -6.94
C PHE R 64 -42.64 26.17 -6.48
N TYR R 65 -42.26 27.11 -7.35
CA TYR R 65 -42.40 28.51 -6.99
C TYR R 65 -43.88 28.88 -6.99
N TYR R 66 -44.62 28.32 -7.93
CA TYR R 66 -46.04 28.63 -8.01
C TYR R 66 -46.77 28.09 -6.78
N VAL R 67 -46.48 26.84 -6.43
CA VAL R 67 -47.06 26.22 -5.25
C VAL R 67 -46.78 27.05 -4.01
N TRP R 68 -45.53 27.49 -3.84
CA TRP R 68 -45.17 28.23 -2.64
C TRP R 68 -45.91 29.56 -2.58
N THR R 69 -45.93 30.25 -3.72
CA THR R 69 -46.61 31.53 -3.87
C THR R 69 -48.09 31.39 -3.49
N GLN R 70 -48.75 30.33 -3.94
CA GLN R 70 -50.16 30.15 -3.65
C GLN R 70 -50.36 29.93 -2.15
N ALA R 71 -49.49 29.12 -1.56
CA ALA R 71 -49.60 28.73 -0.16
C ALA R 71 -49.33 29.94 0.72
N SER R 72 -48.28 30.71 0.42
CA SER R 72 -47.91 31.84 1.24
C SER R 72 -48.96 32.94 1.13
N GLU R 73 -49.56 33.10 -0.06
CA GLU R 73 -50.56 34.14 -0.22
C GLU R 73 -51.83 33.78 0.55
N LYS R 74 -52.18 32.49 0.54
CA LYS R 74 -53.37 32.07 1.24
C LYS R 74 -53.16 32.23 2.74
N ASN R 75 -51.97 31.88 3.19
CA ASN R 75 -51.71 31.94 4.62
C ASN R 75 -51.84 33.38 5.06
N GLU R 76 -51.31 34.28 4.23
CA GLU R 76 -51.33 35.69 4.60
C GLU R 76 -52.77 36.18 4.70
N TRP R 77 -53.61 35.68 3.79
CA TRP R 77 -54.98 36.14 3.67
C TRP R 77 -55.82 35.59 4.83
N LEU R 78 -55.47 34.39 5.30
CA LEU R 78 -56.23 33.77 6.38
C LEU R 78 -56.06 34.54 7.70
N TYR R 79 -54.96 35.28 7.83
CA TYR R 79 -54.67 35.96 9.08
C TYR R 79 -54.97 37.45 8.95
N THR R 80 -55.82 37.80 7.97
CA THR R 80 -56.40 39.13 7.91
C THR R 80 -57.81 39.06 8.52
N LYS R 81 -58.47 40.22 8.62
CA LYS R 81 -59.84 40.37 9.07
C LYS R 81 -60.78 39.64 8.12
N ALA R 82 -60.55 39.85 6.83
CA ALA R 82 -61.30 39.26 5.74
C ALA R 82 -61.30 37.73 5.81
N GLY R 83 -60.21 37.16 6.36
CA GLY R 83 -59.99 35.72 6.29
C GLY R 83 -60.38 35.01 7.59
N ARG R 84 -61.10 35.74 8.46
CA ARG R 84 -61.45 35.30 9.80
C ARG R 84 -62.18 33.96 9.77
N HIS R 85 -63.16 33.88 8.86
CA HIS R 85 -64.11 32.81 8.86
C HIS R 85 -63.45 31.55 8.30
N GLU R 86 -62.68 31.75 7.22
CA GLU R 86 -61.98 30.67 6.56
C GLU R 86 -60.89 30.16 7.49
N LEU R 87 -60.36 31.05 8.36
CA LEU R 87 -59.33 30.61 9.30
C LEU R 87 -59.95 29.73 10.38
N ALA R 88 -61.18 30.08 10.76
CA ALA R 88 -61.87 29.41 11.84
C ALA R 88 -62.18 27.97 11.43
N LYS R 89 -62.51 27.79 10.14
CA LYS R 89 -62.85 26.50 9.57
C LYS R 89 -61.59 25.67 9.40
N ALA R 90 -60.49 26.33 8.99
CA ALA R 90 -59.21 25.67 8.75
C ALA R 90 -58.66 25.09 10.06
N LEU R 91 -58.89 25.79 11.18
CA LEU R 91 -58.60 25.21 12.49
C LEU R 91 -59.88 24.56 13.06
N ALA S 4 14.69 41.13 -23.32
CA ALA S 4 13.61 40.06 -22.85
C ALA S 4 14.18 38.67 -22.52
N THR S 5 15.08 38.22 -23.38
CA THR S 5 16.04 37.17 -23.04
C THR S 5 16.72 37.48 -21.70
N THR S 6 17.23 38.71 -21.59
CA THR S 6 17.95 39.12 -20.40
C THR S 6 17.05 38.98 -19.19
N PHE S 7 15.85 39.53 -19.27
CA PHE S 7 14.96 39.48 -18.14
C PHE S 7 14.63 38.03 -17.77
N TYR S 8 14.37 37.19 -18.78
CA TYR S 8 14.11 35.79 -18.50
C TYR S 8 15.30 35.16 -17.75
N ASN S 9 16.51 35.40 -18.27
CA ASN S 9 17.73 34.77 -17.79
C ASN S 9 18.02 35.13 -16.34
N VAL S 10 17.74 36.37 -16.00
CA VAL S 10 18.06 36.86 -14.68
C VAL S 10 16.99 36.47 -13.67
N PHE S 11 15.71 36.69 -13.99
CA PHE S 11 14.72 36.61 -12.93
C PHE S 11 13.86 35.36 -12.98
N VAL S 12 13.90 34.62 -14.10
CA VAL S 12 12.94 33.55 -14.25
C VAL S 12 13.65 32.19 -14.37
N LYS S 13 14.76 32.12 -15.10
CA LYS S 13 15.37 30.85 -15.45
C LYS S 13 15.70 30.01 -14.22
N ARG S 14 16.42 30.55 -13.24
CA ARG S 14 16.68 29.81 -12.01
C ARG S 14 15.47 29.92 -11.09
N ASN S 15 14.98 28.80 -10.56
CA ASN S 15 13.81 28.87 -9.70
C ASN S 15 14.14 29.63 -8.41
N SER S 16 15.38 29.47 -7.94
CA SER S 16 15.80 30.20 -6.77
C SER S 16 15.60 31.70 -7.01
N ALA S 17 15.91 32.18 -8.21
CA ALA S 17 15.77 33.59 -8.54
C ALA S 17 14.31 33.98 -8.71
N PHE S 18 13.53 33.07 -9.30
CA PHE S 18 12.12 33.28 -9.54
C PHE S 18 11.39 33.40 -8.20
N VAL S 19 11.68 32.51 -7.27
CA VAL S 19 10.98 32.53 -6.00
C VAL S 19 11.42 33.78 -5.23
N ALA S 20 12.70 34.12 -5.28
CA ALA S 20 13.20 35.33 -4.64
C ALA S 20 12.50 36.58 -5.20
N THR S 21 12.29 36.64 -6.53
CA THR S 21 11.63 37.76 -7.17
C THR S 21 10.16 37.84 -6.75
N ILE S 22 9.50 36.69 -6.64
CA ILE S 22 8.08 36.65 -6.27
C ILE S 22 7.95 37.17 -4.85
N LEU S 23 8.82 36.72 -3.93
CA LEU S 23 8.71 37.13 -2.53
C LEU S 23 9.04 38.60 -2.37
N ALA S 24 10.04 39.11 -3.11
CA ALA S 24 10.37 40.53 -3.02
C ALA S 24 9.20 41.37 -3.56
N SER S 25 8.58 40.89 -4.64
CA SER S 25 7.41 41.56 -5.20
C SER S 25 6.26 41.54 -4.19
N ALA S 26 6.10 40.43 -3.46
CA ALA S 26 5.02 40.32 -2.51
C ALA S 26 5.23 41.32 -1.38
N PHE S 27 6.49 41.51 -0.97
CA PHE S 27 6.84 42.48 0.05
C PHE S 27 6.46 43.88 -0.44
N VAL S 28 6.86 44.24 -1.67
CA VAL S 28 6.60 45.55 -2.20
C VAL S 28 5.09 45.76 -2.36
N PHE S 29 4.41 44.78 -2.95
CA PHE S 29 2.99 44.86 -3.16
C PHE S 29 2.30 45.13 -1.84
N ASP S 30 2.60 44.28 -0.85
CA ASP S 30 2.02 44.38 0.47
C ASP S 30 2.13 45.79 1.06
N MET S 31 3.30 46.42 0.95
CA MET S 31 3.55 47.73 1.56
C MET S 31 2.82 48.85 0.82
N THR S 32 2.87 48.78 -0.51
CA THR S 32 2.29 49.82 -1.33
C THR S 32 0.77 49.72 -1.33
N PHE S 33 0.24 48.48 -1.40
CA PHE S 33 -1.20 48.26 -1.44
C PHE S 33 -1.87 48.78 -0.17
N GLU S 34 -1.22 48.53 0.97
CA GLU S 34 -1.67 48.98 2.27
C GLU S 34 -1.84 50.50 2.24
N THR S 35 -0.78 51.20 1.81
CA THR S 35 -0.79 52.65 1.79
C THR S 35 -1.85 53.18 0.83
N ALA S 36 -2.00 52.52 -0.33
CA ALA S 36 -2.92 52.97 -1.36
C ALA S 36 -4.37 52.81 -0.91
N ILE S 37 -4.67 51.70 -0.24
CA ILE S 37 -6.04 51.48 0.20
C ILE S 37 -6.36 52.46 1.33
N ASP S 38 -5.40 52.67 2.24
CA ASP S 38 -5.56 53.64 3.32
C ASP S 38 -5.98 55.00 2.76
N ASN S 39 -5.27 55.50 1.73
CA ASN S 39 -5.63 56.79 1.14
C ASN S 39 -7.00 56.75 0.47
N PHE S 40 -7.29 55.65 -0.21
CA PHE S 40 -8.55 55.57 -0.91
C PHE S 40 -9.73 55.56 0.07
N TRP S 41 -9.55 54.83 1.15
CA TRP S 41 -10.58 54.66 2.16
C TRP S 41 -10.90 55.99 2.83
N ASP S 42 -9.85 56.79 3.06
CA ASP S 42 -9.96 58.09 3.71
C ASP S 42 -10.67 59.10 2.82
N ARG S 43 -10.51 58.98 1.49
CA ARG S 43 -11.16 59.90 0.57
C ARG S 43 -12.64 59.56 0.39
N ILE S 44 -12.97 58.27 0.31
CA ILE S 44 -14.39 57.96 0.10
C ILE S 44 -15.21 58.16 1.37
N ASN S 45 -14.55 58.20 2.53
CA ASN S 45 -15.23 58.35 3.79
C ASN S 45 -14.71 59.63 4.42
N ALA S 46 -14.79 60.73 3.66
CA ALA S 46 -14.18 61.97 4.06
C ALA S 46 -15.14 62.73 5.00
N GLY S 47 -14.58 63.26 6.09
CA GLY S 47 -15.37 63.96 7.09
C GLY S 47 -16.13 63.03 8.04
N LYS S 48 -16.02 61.72 7.84
CA LYS S 48 -16.82 60.82 8.66
C LYS S 48 -15.99 60.20 9.77
N GLN S 49 -14.67 60.08 9.57
CA GLN S 49 -13.88 59.26 10.46
C GLN S 49 -13.43 60.06 11.67
N TRP S 50 -12.98 59.39 12.75
CA TRP S 50 -12.51 60.10 13.94
C TRP S 50 -11.40 61.08 13.60
N LYS S 51 -10.43 60.64 12.78
CA LYS S 51 -9.33 61.46 12.32
C LYS S 51 -9.81 62.76 11.66
N ASP S 52 -11.04 62.79 11.16
CA ASP S 52 -11.59 63.99 10.52
C ASP S 52 -12.25 64.96 11.51
N ILE S 53 -12.60 64.50 12.71
CA ILE S 53 -13.30 65.35 13.67
C ILE S 53 -12.42 65.60 14.88
N ARG S 54 -11.30 64.87 14.96
CA ARG S 54 -10.40 64.88 16.10
C ARG S 54 -9.97 66.31 16.45
N HIS S 55 -9.86 67.18 15.43
CA HIS S 55 -9.26 68.50 15.60
C HIS S 55 -10.12 69.41 16.47
N LYS S 56 -11.43 69.11 16.56
CA LYS S 56 -12.36 69.85 17.42
C LYS S 56 -12.07 69.66 18.91
N TYR S 57 -11.27 68.65 19.30
CA TYR S 57 -11.15 68.23 20.70
C TYR S 57 -9.69 68.23 21.23
N TYR T 8 54.16 7.33 -28.10
CA TYR T 8 53.33 6.19 -27.49
C TYR T 8 52.91 6.46 -26.05
N VAL T 9 51.64 6.14 -25.72
CA VAL T 9 51.06 6.37 -24.41
C VAL T 9 50.83 5.01 -23.76
N LYS T 10 51.33 4.82 -22.53
CA LYS T 10 51.28 3.53 -21.84
C LYS T 10 49.99 3.38 -21.02
N LYS T 11 49.54 4.49 -20.42
CA LYS T 11 48.41 4.49 -19.50
C LYS T 11 47.66 5.81 -19.64
N PRO T 12 46.31 5.85 -19.48
CA PRO T 12 45.59 7.14 -19.53
C PRO T 12 45.95 7.95 -18.28
N SER T 13 45.86 9.28 -18.39
CA SER T 13 46.33 10.12 -17.32
C SER T 13 45.14 10.76 -16.60
N TYR T 14 44.91 10.32 -15.35
CA TYR T 14 43.83 10.85 -14.56
C TYR T 14 44.15 10.75 -13.08
N LYS T 15 43.41 11.53 -12.30
CA LYS T 15 43.41 11.42 -10.85
C LYS T 15 41.98 11.37 -10.37
N ILE T 16 41.83 10.87 -9.14
CA ILE T 16 40.55 10.85 -8.45
C ILE T 16 40.46 12.09 -7.57
N VAL T 17 39.41 12.90 -7.80
CA VAL T 17 39.19 14.05 -6.96
C VAL T 17 38.59 13.60 -5.64
N PRO T 18 38.89 14.30 -4.53
CA PRO T 18 38.27 13.97 -3.25
C PRO T 18 36.75 14.07 -3.33
N HIS T 19 36.08 13.11 -2.68
CA HIS T 19 34.64 13.06 -2.78
C HIS T 19 34.09 12.56 -1.45
N PHE T 20 32.83 12.91 -1.21
CA PHE T 20 32.18 12.51 0.02
C PHE T 20 30.69 12.45 -0.26
N LEU T 21 30.09 11.27 -0.03
CA LEU T 21 28.66 11.05 -0.21
C LEU T 21 28.23 11.43 -1.61
N GLY T 22 29.15 11.25 -2.57
CA GLY T 22 28.90 11.49 -3.98
C GLY T 22 28.90 12.97 -4.35
N PHE T 23 29.49 13.80 -3.49
CA PHE T 23 29.75 15.18 -3.86
C PHE T 23 31.25 15.34 -4.05
N ASN T 24 31.60 16.21 -4.99
CA ASN T 24 32.98 16.61 -5.12
C ASN T 24 32.98 18.13 -5.19
N ILE T 25 34.17 18.74 -5.09
CA ILE T 25 34.27 20.17 -5.06
C ILE T 25 33.87 20.82 -6.39
N PRO T 26 34.32 20.33 -7.57
CA PRO T 26 33.86 20.88 -8.84
C PRO T 26 32.33 20.99 -8.96
N THR T 27 31.60 19.97 -8.52
CA THR T 27 30.15 20.03 -8.62
C THR T 27 29.57 21.06 -7.65
N VAL T 28 29.96 20.95 -6.39
CA VAL T 28 29.42 21.80 -5.33
C VAL T 28 29.66 23.27 -5.68
N SER T 29 30.82 23.57 -6.23
CA SER T 29 31.16 24.95 -6.52
C SER T 29 30.20 25.56 -7.54
N LYS T 30 29.62 24.73 -8.42
CA LYS T 30 28.65 25.23 -9.37
C LYS T 30 27.35 25.60 -8.67
N TRP T 31 27.10 25.02 -7.49
CA TRP T 31 25.82 25.22 -6.81
C TRP T 31 25.88 26.32 -5.76
N ILE T 32 27.11 26.78 -5.46
CA ILE T 32 27.33 27.77 -4.41
C ILE T 32 26.46 28.99 -4.66
N PRO T 33 26.47 29.61 -5.87
CA PRO T 33 25.56 30.70 -6.20
C PRO T 33 24.08 30.43 -5.94
N ILE T 34 23.64 29.21 -6.24
CA ILE T 34 22.24 28.86 -6.06
C ILE T 34 21.89 28.85 -4.58
N PHE T 35 22.79 28.34 -3.73
CA PHE T 35 22.55 28.43 -2.30
C PHE T 35 22.42 29.88 -1.87
N GLY T 36 23.27 30.74 -2.43
CA GLY T 36 23.19 32.18 -2.20
C GLY T 36 21.79 32.73 -2.46
N ILE T 37 21.24 32.45 -3.64
CA ILE T 37 19.94 32.98 -4.02
C ILE T 37 18.84 32.36 -3.16
N TRP T 38 18.93 31.06 -2.87
CA TRP T 38 17.95 30.47 -1.97
C TRP T 38 18.01 31.13 -0.59
N GLY T 39 19.21 31.59 -0.19
CA GLY T 39 19.42 32.19 1.10
C GLY T 39 18.78 33.57 1.16
N ALA T 40 18.92 34.31 0.05
CA ALA T 40 18.24 35.57 -0.17
C ALA T 40 16.72 35.36 -0.11
N ALA T 41 16.21 34.34 -0.83
CA ALA T 41 14.79 34.03 -0.81
C ALA T 41 14.33 33.71 0.61
N ALA T 42 15.16 32.99 1.38
CA ALA T 42 14.80 32.65 2.74
C ALA T 42 14.84 33.89 3.63
N GLY T 43 15.83 34.76 3.38
CA GLY T 43 15.96 36.02 4.11
C GLY T 43 14.77 36.96 3.87
N ILE T 44 14.48 37.21 2.58
CA ILE T 44 13.36 38.05 2.21
C ILE T 44 12.07 37.44 2.78
N GLY T 45 11.91 36.12 2.66
CA GLY T 45 10.71 35.44 3.12
C GLY T 45 10.53 35.58 4.63
N ALA T 46 11.63 35.39 5.38
CA ALA T 46 11.58 35.42 6.82
C ALA T 46 11.19 36.82 7.26
N LEU T 47 11.88 37.80 6.69
CA LEU T 47 11.70 39.19 7.06
C LEU T 47 10.27 39.62 6.77
N PHE T 48 9.76 39.17 5.63
CA PHE T 48 8.40 39.43 5.19
C PHE T 48 7.40 38.88 6.20
N LEU T 49 7.67 37.69 6.72
CA LEU T 49 6.75 37.03 7.64
C LEU T 49 6.67 37.78 8.97
N ILE T 50 7.76 38.43 9.36
CA ILE T 50 7.78 39.03 10.68
C ILE T 50 7.76 40.55 10.56
N GLU T 51 7.35 41.04 9.41
CA GLU T 51 7.31 42.48 9.18
C GLU T 51 6.35 43.12 10.18
N GLY T 52 5.32 42.37 10.60
CA GLY T 52 4.31 42.89 11.51
C GLY T 52 4.82 42.98 12.96
N VAL T 53 5.78 42.13 13.33
CA VAL T 53 6.33 42.13 14.68
C VAL T 53 6.95 43.49 14.93
N PRO T 54 6.53 44.20 16.01
CA PRO T 54 6.99 45.57 16.28
C PRO T 54 8.50 45.74 16.41
N ARG T 55 9.17 44.72 16.93
CA ARG T 55 10.61 44.73 17.09
C ARG T 55 11.31 44.72 15.74
N THR T 56 10.77 43.96 14.77
CA THR T 56 11.30 43.93 13.42
C THR T 56 11.28 45.34 12.83
N ARG T 57 10.21 46.10 13.10
CA ARG T 57 10.09 47.42 12.53
C ARG T 57 11.08 48.34 13.23
N GLN T 58 11.10 48.27 14.57
CA GLN T 58 11.95 49.07 15.44
C GLN T 58 13.43 48.87 15.11
N ASP T 59 13.89 47.61 15.00
CA ASP T 59 15.31 47.29 14.89
C ASP T 59 15.81 47.10 13.45
N ILE T 60 14.95 46.73 12.50
CA ILE T 60 15.42 46.45 11.15
C ILE T 60 14.81 47.47 10.19
N LEU T 61 13.49 47.42 10.04
CA LEU T 61 12.84 48.01 8.87
C LEU T 61 12.88 49.53 8.90
N SER T 62 12.81 50.14 10.09
CA SER T 62 12.75 51.59 10.19
C SER T 62 14.12 52.22 9.96
N LYS T 63 15.17 51.39 9.98
CA LYS T 63 16.55 51.84 9.85
C LYS T 63 16.99 51.93 8.39
N ILE T 64 16.25 51.27 7.50
CA ILE T 64 16.52 51.30 6.06
C ILE T 64 16.38 52.74 5.57
N PRO T 65 17.38 53.28 4.83
CA PRO T 65 17.32 54.65 4.32
C PRO T 65 16.20 54.87 3.30
N ILE T 66 15.53 56.04 3.39
CA ILE T 66 14.46 56.48 2.49
C ILE T 66 13.16 55.75 2.83
N ILE T 67 13.18 54.44 2.61
CA ILE T 67 12.06 53.51 2.71
C ILE T 67 11.60 53.39 4.17
N GLY T 68 12.55 53.58 5.09
CA GLY T 68 12.43 53.23 6.50
C GLY T 68 11.35 54.02 7.23
N GLU T 69 10.91 55.11 6.62
CA GLU T 69 9.96 55.98 7.28
C GLU T 69 8.57 55.39 7.21
N HIS T 70 8.42 54.36 6.38
CA HIS T 70 7.14 53.69 6.24
C HIS T 70 6.75 53.03 7.55
N TRP T 71 7.74 52.70 8.38
CA TRP T 71 7.52 51.92 9.59
C TRP T 71 7.64 52.79 10.85
N ILE T 72 7.85 54.09 10.67
CA ILE T 72 7.85 55.02 11.78
C ILE T 72 6.49 55.70 11.79
N ARG T 73 5.55 55.12 12.55
CA ARG T 73 4.20 55.65 12.64
C ARG T 73 3.78 55.69 14.12
N GLU T 74 3.30 56.87 14.55
CA GLU T 74 2.89 57.10 15.94
C GLU T 74 1.38 57.29 16.03
N ILE T 75 0.78 56.62 17.03
CA ILE T 75 -0.59 56.88 17.44
C ILE T 75 -0.58 58.20 18.21
N PRO T 76 -1.44 59.18 17.83
CA PRO T 76 -1.59 60.41 18.62
C PRO T 76 -2.04 60.08 20.04
N ALA T 77 -1.48 60.81 21.02
CA ALA T 77 -1.70 60.56 22.44
C ALA T 77 -3.18 60.70 22.79
N SER T 78 -3.91 61.45 21.95
CA SER T 78 -5.32 61.75 22.13
C SER T 78 -6.18 60.54 21.79
N ASP T 79 -5.62 59.56 21.06
CA ASP T 79 -6.40 58.46 20.50
C ASP T 79 -5.94 57.14 21.10
N ASN T 80 -5.16 57.22 22.18
CA ASN T 80 -4.56 56.03 22.75
C ASN T 80 -5.11 55.81 24.16
N PRO T 81 -5.94 54.78 24.39
CA PRO T 81 -6.50 54.54 25.72
C PRO T 81 -5.44 54.06 26.70
N PHE T 82 -4.42 53.39 26.17
CA PHE T 82 -3.36 52.82 26.98
C PHE T 82 -2.18 53.80 27.04
FE HEC U . -4.70 15.38 29.83
CHA HEC U . -4.78 17.03 32.78
CHB HEC U . -1.46 14.33 30.42
CHC HEC U . -4.66 13.52 26.90
CHD HEC U . -7.77 16.62 28.94
NA HEC U . -3.40 15.61 31.25
C1A HEC U . -3.68 16.31 32.41
C2A HEC U . -2.50 16.24 33.24
C3A HEC U . -1.58 15.48 32.53
C4A HEC U . -2.14 15.11 31.32
CMA HEC U . -0.21 15.06 32.91
CAA HEC U . -2.30 16.80 34.63
CBA HEC U . -3.04 15.78 35.55
CGA HEC U . -3.27 16.12 37.02
O1A HEC U . -4.40 16.41 37.48
O2A HEC U . -2.28 16.06 37.83
NB HEC U . -3.33 14.16 28.85
C1B HEC U . -2.08 13.87 29.26
C2B HEC U . -1.41 13.02 28.32
C3B HEC U . -2.34 12.80 27.33
C4B HEC U . -3.54 13.55 27.70
CMB HEC U . -0.01 12.44 28.37
CAB HEC U . -2.29 12.02 26.09
CBB HEC U . -1.14 11.64 25.62
NC HEC U . -5.97 15.12 28.23
C1C HEC U . -5.76 14.34 27.16
C2C HEC U . -6.83 14.50 26.27
C3C HEC U . -7.72 15.36 26.82
C4C HEC U . -7.16 15.78 28.07
CMC HEC U . -6.98 13.80 24.95
CAC HEC U . -8.95 15.73 26.12
CBC HEC U . -9.32 16.90 26.53
ND HEC U . -5.95 16.51 30.68
C1D HEC U . -7.16 16.91 30.17
C2D HEC U . -7.85 17.81 31.16
C3D HEC U . -6.99 17.93 32.21
C4D HEC U . -5.81 17.12 31.88
CMD HEC U . -9.22 18.47 31.02
CAD HEC U . -7.17 18.76 33.46
CBD HEC U . -8.04 18.12 34.50
CGD HEC U . -7.07 17.40 35.42
O1D HEC U . -6.00 17.81 35.92
O2D HEC U . -7.32 16.25 35.70
FE HEC V . 7.24 2.88 18.74
CHA HEC V . 7.83 -0.02 17.11
CHB HEC V . 3.94 2.00 19.21
CHC HEC V . 6.60 5.85 20.51
CHD HEC V . 10.34 4.04 17.90
NA HEC V . 6.11 1.33 18.30
C1A HEC V . 6.58 0.20 17.65
C2A HEC V . 5.52 -0.74 17.57
C3A HEC V . 4.42 -0.19 18.17
C4A HEC V . 4.79 1.10 18.61
CMA HEC V . 3.03 -0.83 18.34
CAA HEC V . 5.67 -2.11 16.94
CBA HEC V . 5.76 -3.12 18.09
CGA HEC V . 6.91 -2.91 19.06
O1A HEC V . 6.79 -2.61 20.29
O2A HEC V . 8.08 -3.04 18.64
NB HEC V . 5.58 3.79 19.62
C1B HEC V . 4.35 3.27 19.68
C2B HEC V . 3.45 4.15 20.37
C3B HEC V . 4.24 5.23 20.71
C4B HEC V . 5.58 4.98 20.22
CMB HEC V . 1.97 3.90 20.65
CAB HEC V . 4.02 6.47 21.46
CBB HEC V . 2.83 6.98 21.63
NC HEC V . 8.23 4.62 19.15
C1C HEC V . 7.88 5.61 20.01
C2C HEC V . 8.99 6.42 20.22
C3C HEC V . 10.03 5.85 19.47
C4C HEC V . 9.54 4.74 18.78
CMC HEC V . 9.00 7.63 21.12
CAC HEC V . 11.42 6.31 19.28
CBC HEC V . 12.09 7.31 19.88
ND HEC V . 8.70 2.22 17.75
C1D HEC V . 9.86 2.84 17.48
C2D HEC V . 10.76 2.00 16.68
C3D HEC V . 10.09 0.87 16.48
C4D HEC V . 8.77 1.02 17.16
CMD HEC V . 12.13 2.31 16.19
CAD HEC V . 10.61 -0.31 15.66
CBD HEC V . 11.17 -1.24 16.70
CGD HEC V . 11.28 -2.66 16.24
O1D HEC V . 12.43 -3.07 16.08
O2D HEC V . 10.26 -3.40 16.13
O12 PC1 W . 20.64 -9.45 25.45
P PC1 W . 19.38 -10.27 25.52
O14 PC1 W . 18.33 -10.25 24.44
O13 PC1 W . 19.89 -11.79 25.70
C11 PC1 W . 18.93 -12.88 25.69
C12 PC1 W . 19.70 -14.16 25.94
N PC1 W . 20.67 -14.63 24.88
C13 PC1 W . 21.96 -13.87 24.91
C14 PC1 W . 21.00 -16.06 25.14
C15 PC1 W . 20.04 -14.52 23.52
O11 PC1 W . 18.60 -9.90 26.86
C1 PC1 W . 19.34 -9.49 27.99
C2 PC1 W . 18.33 -8.71 28.78
O21 PC1 W . 18.23 -7.40 28.14
C21 PC1 W . 17.04 -6.87 27.79
O22 PC1 W . 16.08 -7.60 27.65
C22 PC1 W . 17.35 -5.34 27.56
C23 PC1 W . 16.22 -4.32 27.32
C24 PC1 W . 16.61 -2.85 27.66
C25 PC1 W . 15.53 -1.91 28.31
C26 PC1 W . 16.09 -0.73 29.19
C27 PC1 W . 15.12 0.37 29.74
C28 PC1 W . 15.78 1.67 30.35
C29 PC1 W . 15.11 3.07 30.05
C2A PC1 W . 16.01 4.35 29.76
C2B PC1 W . 15.65 5.19 28.48
C2C PC1 W . 16.61 6.25 27.89
C3 PC1 W . 18.75 -8.55 30.23
O31 PC1 W . 19.42 -7.26 30.38
C31 PC1 W . 20.75 -7.27 30.61
O32 PC1 W . 21.26 -7.93 31.48
C32 PC1 W . 21.52 -6.39 29.63
C33 PC1 W . 21.99 -5.04 30.14
C34 PC1 W . 20.87 -4.09 30.57
C35 PC1 W . 21.34 -2.96 31.49
C36 PC1 W . 20.35 -2.51 32.58
C37 PC1 W . 20.96 -1.63 33.67
C38 PC1 W . 20.03 -1.32 34.83
C1 PTY X . -10.78 -13.97 20.69
C2 PTY X . -11.16 -20.07 17.22
C3 PTY X . -9.86 -19.62 17.83
O4 PTY X . -9.53 -13.27 20.86
C5 PTY X . -10.66 -16.08 19.33
C6 PTY X . -10.45 -15.43 20.68
O7 PTY X . -11.26 -16.02 21.74
C8 PTY X . -10.88 -15.79 23.01
O10 PTY X . -9.92 -16.35 23.45
C11 PTY X . -11.67 -14.79 23.81
C12 PTY X . -11.00 -14.40 25.09
C13 PTY X . -10.52 -12.97 25.06
C14 PTY X . -11.56 -12.00 25.50
C15 PTY X . -11.42 -10.69 24.85
C16 PTY X . -11.04 -9.59 25.82
C17 PTY X . -9.68 -9.00 25.57
C18 PTY X . -8.95 -8.53 26.82
C19 PTY X . -9.54 -7.34 27.56
C20 PTY X . -8.66 -6.10 27.65
C30 PTY X . -9.30 -12.32 19.95
C31 PTY X . -8.38 -11.27 20.50
O30 PTY X . -9.77 -12.33 18.84
C32 PTY X . -7.09 -11.82 21.05
C33 PTY X . -6.51 -10.95 22.16
C34 PTY X . -7.02 -9.51 22.14
C35 PTY X . -5.99 -8.50 22.55
C36 PTY X . -5.01 -8.09 21.48
C37 PTY X . -3.84 -7.30 22.01
C38 PTY X . -4.12 -6.59 23.34
C39 PTY X . -3.22 -5.41 23.63
C40 PTY X . -3.86 -4.08 23.36
C41 PTY X . -3.36 -3.46 22.08
C42 PTY X . -3.05 -1.97 22.18
C43 PTY X . -4.26 -1.11 21.84
C44 PTY X . -4.97 -0.53 23.04
P1 PTY X . -8.63 -17.25 18.10
O11 PTY X . -9.93 -18.18 18.00
O12 PTY X . -7.69 -17.53 19.25
O13 PTY X . -8.08 -17.03 16.72
O14 PTY X . -9.41 -15.93 18.57
N1 PTY X . -11.66 -19.14 16.19
C1 CDL Y . 15.56 2.36 2.80
O1 CDL Y . 14.88 1.52 3.74
CA2 CDL Y . 16.43 3.38 3.50
OA2 CDL Y . 16.85 2.87 4.79
PA1 CDL Y . 17.02 3.86 6.05
OA3 CDL Y . 15.75 4.64 6.23
OA4 CDL Y . 17.55 3.03 7.19
OA5 CDL Y . 18.17 4.88 5.61
CA3 CDL Y . 17.81 6.20 5.11
CA4 CDL Y . 17.97 7.30 6.14
OA6 CDL Y . 16.94 8.28 5.84
CA5 CDL Y . 16.00 8.58 6.76
OA7 CDL Y . 15.01 7.90 6.92
C11 CDL Y . 16.25 9.83 7.55
C12 CDL Y . 15.06 10.27 8.35
C13 CDL Y . 15.05 11.79 8.63
C14 CDL Y . 15.78 12.24 9.90
C15 CDL Y . 15.84 13.75 10.13
C16 CDL Y . 15.02 14.26 11.30
CA6 CDL Y . 19.39 7.87 6.16
OA8 CDL Y . 19.49 8.92 7.13
CA7 CDL Y . 20.45 8.83 8.05
OA9 CDL Y . 20.99 7.79 8.33
C31 CDL Y . 20.73 10.18 8.66
C32 CDL Y . 20.18 10.38 10.04
C33 CDL Y . 19.47 11.73 10.24
C34 CDL Y . 20.33 12.89 10.77
C35 CDL Y . 19.59 13.95 11.64
C36 CDL Y . 20.42 15.17 12.14
C37 CDL Y . 19.82 16.01 13.27
CB2 CDL Y . 14.58 3.03 1.86
OB2 CDL Y . 15.20 4.27 1.39
PB2 CDL Y . 14.29 5.44 0.78
OB3 CDL Y . 15.00 5.78 -0.50
OB4 CDL Y . 12.89 4.85 0.75
OB5 CDL Y . 14.43 6.63 1.85
CB3 CDL Y . 14.82 7.98 1.43
CB4 CDL Y . 14.83 8.98 2.59
OB6 CDL Y . 13.59 9.14 3.40
CB5 CDL Y . 12.54 9.92 3.02
OB7 CDL Y . 12.08 9.81 1.91
C51 CDL Y . 11.92 10.85 4.09
C52 CDL Y . 10.39 10.97 4.07
CB6 CDL Y . 15.56 10.28 2.28
OB8 CDL Y . 16.99 10.05 2.39
CB7 CDL Y . 17.72 10.87 3.16
OB9 CDL Y . 17.29 11.52 4.09
C71 CDL Y . 19.18 10.87 2.75
C1B LMT Z . 0.58 -5.50 2.27
C2B LMT Z . 1.62 -6.11 1.32
C3B LMT Z . 0.98 -6.34 -0.06
C4B LMT Z . -0.37 -7.10 -0.01
C5B LMT Z . -1.27 -6.75 1.20
C6B LMT Z . -2.21 -7.90 1.63
O1B LMT Z . 0.22 -4.18 1.80
O2B LMT Z . 2.70 -5.18 1.26
O3B LMT Z . 1.90 -7.00 -0.94
O4' LMT Z . -1.06 -6.80 -1.23
O5B LMT Z . -0.56 -6.36 2.37
O6B LMT Z . -2.45 -7.91 3.04
C1' LMT Z . -0.47 -0.57 3.75
C2' LMT Z . 0.64 -1.45 4.34
C3' LMT Z . 1.04 -2.50 3.32
C4' LMT Z . -0.19 -3.31 2.84
C5' LMT Z . -1.32 -2.40 2.31
C6' LMT Z . -2.65 -3.14 2.20
O1' LMT Z . -0.98 0.20 4.82
O2' LMT Z . 1.74 -0.57 4.54
O3' LMT Z . 2.04 -3.36 3.87
O5' LMT Z . -1.58 -1.29 3.19
O6' LMT Z . -3.57 -2.82 3.27
C1 LMT Z . -1.23 1.51 4.38
C2 LMT Z . -1.47 2.35 5.61
C3 LMT Z . -2.95 2.38 5.96
C4 LMT Z . -3.19 1.50 7.19
C5 LMT Z . -2.85 2.18 8.51
C6 LMT Z . -4.01 1.98 9.45
C7 LMT Z . -3.64 0.92 10.46
C8 LMT Z . -4.64 -0.21 10.29
C9 LMT Z . -5.72 -0.18 11.39
C10 LMT Z . -5.37 -1.12 12.56
C11 LMT Z . -4.68 -0.41 13.75
C12 LMT Z . -3.15 -0.46 13.78
C1 CDL AA . -16.67 -4.53 -4.69
O1 CDL AA . -16.22 -3.23 -5.09
CA2 CDL AA . -18.13 -4.48 -4.27
OA2 CDL AA . -18.83 -3.39 -4.92
PA1 CDL AA . -19.96 -2.53 -4.13
OA3 CDL AA . -19.33 -2.03 -2.85
OA4 CDL AA . -20.60 -1.56 -5.08
OA5 CDL AA . -21.13 -3.56 -3.77
CA3 CDL AA . -21.14 -4.21 -2.46
CA4 CDL AA . -22.14 -3.60 -1.49
OA6 CDL AA . -21.53 -3.65 -0.15
CA5 CDL AA . -21.31 -2.49 0.53
OA7 CDL AA . -20.31 -1.84 0.35
C11 CDL AA . -22.38 -2.15 1.56
C12 CDL AA . -21.97 -1.18 2.60
C13 CDL AA . -22.76 -1.36 3.90
C14 CDL AA . -23.90 -0.35 4.13
C15 CDL AA . -24.69 -0.45 5.45
C16 CDL AA . -24.47 0.70 6.42
CA6 CDL AA . -23.49 -4.28 -1.58
OA8 CDL AA . -24.42 -3.61 -0.70
CA7 CDL AA . -25.53 -3.08 -1.21
OA9 CDL AA . -25.70 -2.89 -2.40
C31 CDL AA . -26.53 -2.82 -0.10
C32 CDL AA . -26.67 -1.38 0.34
C33 CDL AA . -26.75 -1.19 1.87
C34 CDL AA . -28.12 -1.44 2.50
C35 CDL AA . -28.51 -0.63 3.78
C36 CDL AA . -29.98 -0.78 4.22
C37 CDL AA . -30.53 0.25 5.22
CB2 CDL AA . -15.78 -5.08 -3.60
OB2 CDL AA . -16.57 -5.94 -2.73
PB2 CDL AA . -16.04 -6.27 -1.24
OB3 CDL AA . -16.11 -7.76 -1.14
OB4 CDL AA . -14.72 -5.55 -1.13
OB5 CDL AA . -17.20 -5.59 -0.34
CB3 CDL AA . -17.86 -6.36 0.72
CB4 CDL AA . -18.65 -5.50 1.70
OB6 CDL AA . -18.01 -4.39 2.43
CB5 CDL AA . -17.18 -4.56 3.50
OB7 CDL AA . -16.31 -5.39 3.44
C51 CDL AA . -17.39 -3.61 4.72
C52 CDL AA . -16.13 -3.03 5.40
CB6 CDL AA . -19.65 -6.28 2.54
OB8 CDL AA . -20.57 -6.94 1.64
CB7 CDL AA . -21.90 -6.84 1.86
OB9 CDL AA . -22.42 -5.98 2.53
C71 CDL AA . -22.66 -7.90 1.10
FE1 FES BA . 15.91 33.19 42.29
FE2 FES BA . 17.16 30.63 41.47
S1 FES BA . 17.71 32.12 43.05
S2 FES BA . 15.10 31.42 41.22
C1 PTY CA . -5.92 41.09 2.76
C2 PTY CA . -0.48 42.90 6.18
C3 PTY CA . -1.77 42.66 6.90
O4 PTY CA . -6.62 40.07 2.03
C5 PTY CA . -6.30 42.54 4.81
C6 PTY CA . -6.67 41.29 4.05
O7 PTY CA . -6.58 40.18 4.97
C8 PTY CA . -7.67 39.95 5.69
O10 PTY CA . -8.71 40.54 5.51
C11 PTY CA . -7.53 38.90 6.72
C12 PTY CA . -7.13 37.60 6.12
C13 PTY CA . -8.30 36.68 5.85
C14 PTY CA . -8.88 36.73 4.45
C15 PTY CA . -9.46 35.42 3.86
C16 PTY CA . -8.81 34.08 4.31
C17 PTY CA . -9.77 32.97 4.79
C18 PTY CA . -9.13 31.73 5.44
C19 PTY CA . -9.43 31.48 6.92
C20 PTY CA . -8.31 30.77 7.71
C30 PTY CA . -5.82 39.15 1.50
C31 PTY CA . -6.23 37.78 1.96
O30 PTY CA . -4.87 39.45 0.83
C32 PTY CA . -6.91 36.96 0.93
C33 PTY CA . -5.99 35.92 0.33
C34 PTY CA . -6.70 34.67 -0.03
C35 PTY CA . -5.81 33.46 -0.17
C36 PTY CA . -4.42 33.58 0.42
C37 PTY CA . -4.10 32.64 1.57
C38 PTY CA . -5.25 32.18 2.48
C39 PTY CA . -5.03 30.96 3.32
C40 PTY CA . -3.63 30.40 3.27
C41 PTY CA . -3.10 30.02 4.61
C42 PTY CA . -1.58 29.87 4.70
C43 PTY CA . -0.90 30.80 5.68
C44 PTY CA . -1.84 31.45 6.66
P1 PTY CA . -4.12 43.41 5.92
O11 PTY CA . -2.82 42.48 5.90
O12 PTY CA . -5.08 42.94 6.96
O13 PTY CA . -3.78 44.87 5.88
O14 PTY CA . -4.90 42.86 4.63
N1 PTY CA . -0.48 44.20 5.48
C1 CDL DA . -14.68 -15.69 8.42
O1 CDL DA . -14.73 -16.82 7.53
CA2 CDL DA . -13.45 -14.85 8.13
OA2 CDL DA . -12.38 -15.61 8.73
PA1 CDL DA . -10.91 -14.99 8.73
OA3 CDL DA . -10.69 -14.41 7.36
OA4 CDL DA . -10.11 -16.17 9.20
OA5 CDL DA . -11.03 -13.77 9.79
CA3 CDL DA . -10.85 -14.06 11.18
CA4 CDL DA . -11.90 -13.37 12.04
OA6 CDL DA . -12.97 -12.71 11.29
CA6 CDL DA . -11.30 -12.37 12.99
OA8 CDL DA . -10.21 -12.99 13.71
CA7 CDL DA . -9.96 -12.53 14.94
OA9 CDL DA . -10.48 -12.97 15.93
C31 CDL DA . -8.90 -11.38 14.96
C32 CDL DA . -8.89 -10.46 16.20
C33 CDL DA . -7.67 -9.50 16.29
C34 CDL DA . -7.76 -8.46 17.41
C35 CDL DA . -6.62 -7.35 17.46
C36 CDL DA . -6.96 -6.01 18.19
C37 CDL DA . -5.79 -4.90 18.15
CB2 CDL DA . -14.73 -16.14 9.84
OB2 CDL DA . -16.05 -16.65 10.07
PB2 CDL DA . -16.46 -17.01 11.58
OB3 CDL DA . -15.38 -17.67 12.39
OB4 CDL DA . -17.78 -17.72 11.47
OB5 CDL DA . -16.67 -15.60 12.33
CB3 CDL DA . -17.13 -14.39 11.63
CB4 CDL DA . -17.79 -13.46 12.65
OB6 CDL DA . -17.87 -12.12 12.07
CB6 CDL DA . -17.14 -13.61 14.03
OB8 CDL DA . -17.98 -13.37 15.19
CB7 CDL DA . -19.24 -13.83 15.25
OB9 CDL DA . -19.86 -14.29 14.32
C71 CDL DA . -19.88 -13.59 16.59
C72 CDL DA . -18.93 -13.63 17.74
C73 CDL DA . -19.00 -12.34 18.53
C74 CDL DA . -19.71 -12.43 19.88
C75 CDL DA . -19.01 -11.74 21.06
C76 CDL DA . -19.88 -10.79 21.87
C77 CDL DA . -19.25 -10.22 23.12
C1 CDL EA . -17.01 -14.85 1.34
O1 CDL EA . -17.08 -14.92 -0.08
CA2 CDL EA . -15.56 -14.83 1.76
OA2 CDL EA . -15.55 -14.23 3.07
PA1 CDL EA . -14.96 -15.01 4.35
OA3 CDL EA . -14.78 -16.51 4.31
OA4 CDL EA . -13.81 -14.12 4.76
OA5 CDL EA . -16.27 -14.96 5.27
CA3 CDL EA . -17.04 -13.73 5.36
CA4 CDL EA . -17.12 -13.44 6.84
OA6 CDL EA . -18.28 -14.20 7.30
CA5 CDL EA . -19.45 -13.58 7.48
OA7 CDL EA . -20.00 -13.01 6.57
C11 CDL EA . -19.86 -13.74 8.91
C12 CDL EA . -21.32 -13.96 9.12
C13 CDL EA . -22.11 -12.66 9.16
C14 CDL EA . -22.06 -11.93 10.49
C15 CDL EA . -23.41 -11.50 10.98
C16 CDL EA . -23.51 -10.04 11.37
CA6 CDL EA . -16.98 -11.97 7.22
OA8 CDL EA . -15.57 -11.63 7.28
CA7 CDL EA . -15.09 -11.08 8.39
OA9 CDL EA . -15.59 -11.21 9.48
C31 CDL EA . -13.84 -10.26 8.09
C32 CDL EA . -12.82 -10.20 9.21
C33 CDL EA . -12.14 -8.83 9.31
C34 CDL EA . -10.79 -8.82 10.02
C35 CDL EA . -10.30 -7.45 10.50
C36 CDL EA . -9.62 -7.44 11.86
C37 CDL EA . -10.07 -6.33 12.80
CB2 CDL EA . -17.78 -16.02 1.93
OB2 CDL EA . -19.06 -15.58 2.42
PB2 CDL EA . -19.94 -16.59 3.29
OB3 CDL EA . -20.58 -17.63 2.40
OB4 CDL EA . -19.16 -17.04 4.49
OB5 CDL EA . -21.09 -15.59 3.80
CB3 CDL EA . -21.45 -14.46 2.94
CB4 CDL EA . -22.66 -13.73 3.46
OB6 CDL EA . -23.04 -14.36 4.72
CB5 CDL EA . -23.85 -13.68 5.54
OB7 CDL EA . -23.89 -12.47 5.53
C51 CDL EA . -24.67 -14.60 6.43
C52 CDL EA . -25.31 -13.91 7.63
C53 CDL EA . -26.55 -13.09 7.29
C54 CDL EA . -27.61 -12.99 8.41
C55 CDL EA . -27.33 -12.00 9.55
C56 CDL EA . -28.46 -11.84 10.58
O1 XP4 FA . -25.44 -19.95 3.24
O2 XP4 FA . -24.14 -21.22 4.96
P1 XP4 FA . -24.83 -19.94 4.63
O3 XP4 FA . -24.05 -18.68 4.92
O4 XP4 FA . -25.97 -20.06 5.79
C1 XP4 FA . -27.04 -19.15 5.91
C2 XP4 FA . -27.24 -18.53 7.28
C3 XP4 FA . -25.91 -18.10 7.81
O5 XP4 FA . -26.24 -17.51 9.06
C4 XP4 FA . -25.28 -16.75 9.80
O6 XP4 FA . -24.15 -16.64 9.35
C5 XP4 FA . -25.74 -16.15 11.12
C6 XP4 FA . -24.63 -15.64 12.01
C7 XP4 FA . -25.18 -14.67 13.05
C8 XP4 FA . -24.02 -14.11 13.91
C9 XP4 FA . -24.44 -13.16 15.04
C10 XP4 FA . -23.36 -12.63 16.01
C11 XP4 FA . -24.05 -11.74 17.08
C12 XP4 FA . -23.26 -11.36 18.35
C13 XP4 FA . -24.08 -11.03 19.64
O7 XP4 FA . -27.86 -17.25 7.01
C18 XP4 FA . -29.33 -17.17 6.93
O8 XP4 FA . -29.90 -18.18 7.29
C19 XP4 FA . -30.11 -15.92 6.49
FE HEC GA . -4.36 26.67 62.32
CHA HEC GA . -1.98 27.15 59.97
CHB HEC GA . -4.62 23.38 61.38
CHC HEC GA . -6.49 26.07 64.94
CHD HEC GA . -4.38 30.02 63.00
NA HEC GA . -3.43 25.44 60.92
C1A HEC GA . -2.48 25.79 60.07
C2A HEC GA . -1.99 24.72 59.21
C3A HEC GA . -2.80 23.59 59.63
C4A HEC GA . -3.61 24.15 60.70
CMA HEC GA . -2.77 22.20 59.11
CAA HEC GA . -1.00 24.78 58.12
CBA HEC GA . 0.39 24.90 58.61
CGA HEC GA . 1.05 24.79 57.27
O1A HEC GA . 0.90 25.72 56.42
O2A HEC GA . 1.73 23.79 57.00
NB HEC GA . -5.37 25.04 63.01
C1B HEC GA . -5.37 23.78 62.56
C2B HEC GA . -6.17 22.79 63.31
C3B HEC GA . -6.69 23.70 64.33
C4B HEC GA . -6.14 24.99 64.07
CMB HEC GA . -6.39 21.35 63.00
CAB HEC GA . -7.47 23.56 65.52
CBB HEC GA . -8.04 22.22 65.83
NC HEC GA . -5.28 27.83 63.74
C1C HEC GA . -6.13 27.44 64.69
C2C HEC GA . -6.64 28.52 65.53
C3C HEC GA . -5.95 29.65 64.97
C4C HEC GA . -5.18 29.13 63.85
CMC HEC GA . -7.60 28.46 66.68
CAC HEC GA . -5.98 31.07 65.31
CBC HEC GA . -6.81 31.63 66.42
ND HEC GA . -3.34 28.34 61.63
C1D HEC GA . -3.46 29.61 61.98
C2D HEC GA . -2.61 30.56 61.30
C3D HEC GA . -1.89 29.70 60.39
C4D HEC GA . -2.45 28.36 60.66
CMD HEC GA . -2.47 32.04 61.41
CAD HEC GA . -0.86 30.12 59.40
CBD HEC GA . 0.44 29.87 60.13
CGD HEC GA . 1.53 30.34 59.22
O1D HEC GA . 2.53 30.89 59.74
O2D HEC GA . 1.38 30.15 57.99
C1 CDL HA . 9.76 -16.73 29.88
O1 CDL HA . 10.71 -15.67 29.82
CA2 CDL HA . 10.47 -18.01 29.60
OA2 CDL HA . 9.98 -19.03 30.47
PA1 CDL HA . 11.02 -20.16 30.94
OA3 CDL HA . 12.42 -19.66 31.18
OA4 CDL HA . 10.74 -21.35 30.08
OA5 CDL HA . 10.50 -20.32 32.44
CA3 CDL HA . 9.16 -20.80 32.68
CA4 CDL HA . 8.71 -20.18 33.98
OA6 CDL HA . 7.25 -20.07 33.82
CA5 CDL HA . 6.43 -19.91 34.89
OA7 CDL HA . 6.78 -19.83 36.05
C11 CDL HA . 4.95 -19.77 34.52
C12 CDL HA . 4.01 -19.50 35.69
CA6 CDL HA . 9.46 -18.89 34.25
OA8 CDL HA . 9.37 -18.65 35.67
CA7 CDL HA . 9.71 -17.44 36.13
OA9 CDL HA . 10.22 -17.28 37.22
C31 CDL HA . 9.34 -16.33 35.19
C32 CDL HA . 10.46 -15.39 34.87
CB2 CDL HA . 8.64 -16.46 28.90
OB2 CDL HA . 7.46 -16.52 29.73
PB2 CDL HA . 6.14 -17.23 29.17
OB3 CDL HA . 6.42 -18.69 29.05
OB4 CDL HA . 5.71 -16.49 27.93
OB5 CDL HA . 5.10 -16.94 30.38
CB3 CDL HA . 5.55 -16.46 31.68
CB4 CDL HA . 4.98 -15.06 31.81
OB6 CDL HA . 5.85 -13.98 31.29
CB5 CDL HA . 6.67 -13.19 32.05
OB7 CDL HA . 7.61 -13.67 32.64
C51 CDL HA . 6.45 -11.67 32.00
CB6 CDL HA . 4.23 -14.81 33.09
OB8 CDL HA . 4.44 -15.91 33.98
CB7 CDL HA . 4.51 -15.64 35.29
OB9 CDL HA . 5.38 -16.12 35.99
C71 CDL HA . 3.31 -14.80 35.80
C72 CDL HA . 3.37 -13.25 35.73
C1 CDL IA . 15.19 -11.07 27.77
O1 CDL IA . 15.67 -11.78 26.62
CA2 CDL IA . 15.59 -11.77 29.04
OA2 CDL IA . 17.02 -11.79 29.11
PA1 CDL IA . 17.70 -13.20 29.44
OA3 CDL IA . 19.20 -13.04 29.31
OA4 CDL IA . 17.03 -14.36 28.75
OA5 CDL IA . 17.32 -13.32 30.99
CA3 CDL IA . 17.64 -12.22 31.89
CA4 CDL IA . 16.67 -12.12 33.04
OA6 CDL IA . 17.35 -11.74 34.27
CA5 CDL IA . 18.06 -10.58 34.36
OA7 CDL IA . 18.65 -10.03 33.48
C11 CDL IA . 18.12 -9.99 35.73
C12 CDL IA . 19.41 -9.27 35.96
C13 CDL IA . 20.17 -9.83 37.14
C14 CDL IA . 19.72 -9.28 38.50
C15 CDL IA . 20.45 -9.85 39.71
CA6 CDL IA . 15.83 -13.36 33.27
OA8 CDL IA . 14.58 -13.17 32.58
CA7 CDL IA . 13.45 -13.65 33.13
OA9 CDL IA . 12.85 -14.59 32.66
C31 CDL IA . 12.97 -12.83 34.32
CB2 CDL IA . 13.69 -10.92 27.68
OB2 CDL IA . 13.19 -12.16 28.21
PB2 CDL IA . 11.62 -12.34 28.47
OB3 CDL IA . 11.63 -13.46 29.49
OB4 CDL IA . 10.78 -12.33 27.23
OB5 CDL IA . 11.19 -10.99 29.22
CB3 CDL IA . 11.07 -11.01 30.65
CB4 CDL IA . 11.34 -9.60 31.07
OB6 CDL IA . 12.30 -9.81 32.13
CB5 CDL IA . 13.55 -9.39 31.87
OB7 CDL IA . 14.04 -9.59 30.79
C51 CDL IA . 14.20 -8.60 33.00
C52 CDL IA . 15.66 -8.23 32.75
C53 CDL IA . 15.87 -6.76 32.40
C54 CDL IA . 17.14 -6.18 32.99
CB6 CDL IA . 10.08 -8.85 31.44
OB8 CDL IA . 10.21 -7.45 31.11
CB7 CDL IA . 9.31 -6.94 30.26
OB9 CDL IA . 9.60 -6.45 29.20
C71 CDL IA . 7.89 -7.02 30.82
C72 CDL IA . 7.49 -5.83 31.66
C73 CDL IA . 6.08 -5.32 31.34
C74 CDL IA . 5.13 -5.33 32.52
C75 CDL IA . 3.97 -4.35 32.43
C76 CDL IA . 3.95 -3.28 33.50
C77 CDL IA . 4.12 -1.86 33.00
C78 CDL IA . 5.52 -1.31 33.23
O12 PC1 JA . -11.77 -19.96 21.23
P PC1 JA . -13.07 -19.46 20.64
O14 PC1 JA . -13.09 -18.65 19.38
O13 PC1 JA . -14.12 -20.67 20.58
C11 PC1 JA . -14.53 -21.20 19.30
C12 PC1 JA . -14.65 -22.69 19.46
N PC1 JA . -15.90 -23.21 20.15
C13 PC1 JA . -15.76 -23.10 21.62
C14 PC1 JA . -17.12 -22.46 19.72
C15 PC1 JA . -16.07 -24.64 19.80
O11 PC1 JA . -13.78 -18.46 21.66
C1 PC1 JA . -15.18 -18.18 21.47
C2 PC1 JA . -15.52 -16.78 21.91
O21 PC1 JA . -14.78 -15.83 21.09
C21 PC1 JA . -15.49 -15.07 20.25
O22 PC1 JA . -16.56 -15.43 19.82
C22 PC1 JA . -14.80 -13.76 19.94
C23 PC1 JA . -15.29 -12.60 20.79
C24 PC1 JA . -14.24 -12.08 21.80
C25 PC1 JA . -14.19 -10.55 22.00
C3 PC1 JA . -15.33 -16.51 23.39
O31 PC1 JA . -15.40 -15.07 23.55
C31 PC1 JA . -15.86 -14.60 24.71
O32 PC1 JA . -15.46 -14.98 25.78
C32 PC1 JA . -16.86 -13.50 24.49
C33 PC1 JA . -17.60 -13.07 25.73
C34 PC1 JA . -17.05 -11.81 26.43
C35 PC1 JA . -15.91 -11.03 25.80
C36 PC1 JA . -16.06 -9.50 25.93
C37 PC1 JA . -14.83 -8.69 26.39
C38 PC1 JA . -14.89 -7.17 26.11
C39 PC1 JA . -13.57 -6.38 26.26
FE HEC KA . -17.26 24.90 15.93
CHA HEC KA . -19.13 27.27 17.51
CHB HEC KA . -19.71 24.41 13.58
CHC HEC KA . -15.30 22.61 14.24
CHD HEC KA . -14.87 25.08 18.35
NA HEC KA . -19.03 25.65 15.59
C1A HEC KA . -19.59 26.66 16.36
C2A HEC KA . -20.88 26.95 15.82
C3A HEC KA . -21.03 26.15 14.71
C4A HEC KA . -19.86 25.36 14.58
CMA HEC KA . -22.21 26.11 13.78
CAA HEC KA . -21.89 28.02 16.24
CBA HEC KA . -21.30 29.34 15.64
CGA HEC KA . -21.86 30.68 16.11
O1A HEC KA . -21.20 31.45 16.84
O2A HEC KA . -22.98 31.08 15.70
NB HEC KA . -17.48 23.74 14.21
C1B HEC KA . -18.55 23.67 13.44
C2B HEC KA . -18.35 22.74 12.38
C3B HEC KA . -17.07 22.27 12.56
C4B HEC KA . -16.55 22.91 13.74
CMB HEC KA . -19.32 22.36 11.27
CAB HEC KA . -16.25 21.28 11.84
CBB HEC KA . -16.85 20.45 11.01
NC HEC KA . -15.43 24.02 16.21
C1C HEC KA . -14.86 23.09 15.44
C2C HEC KA . -13.65 22.65 16.04
C3C HEC KA . -13.51 23.34 17.21
C4C HEC KA . -14.67 24.19 17.33
CMC HEC KA . -12.66 21.64 15.53
CAC HEC KA . -12.34 23.13 18.10
CBC HEC KA . -12.64 23.40 19.34
ND HEC KA . -17.03 25.92 17.51
C1D HEC KA . -15.99 25.86 18.38
C2D HEC KA . -16.20 26.81 19.50
C3D HEC KA . -17.40 27.42 19.27
C4D HEC KA . -17.91 26.85 18.01
CMD HEC KA . -15.23 27.06 20.66
CAD HEC KA . -18.12 28.41 20.14
CBD HEC KA . -17.68 29.82 19.91
CGD HEC KA . -18.54 30.43 18.82
O1D HEC KA . -19.78 30.44 18.71
O2D HEC KA . -17.94 30.98 17.92
FE HEC LA . -17.24 12.78 -0.66
CHA HEC LA . -15.81 11.61 -3.52
CHB HEC LA . -14.45 14.63 0.02
CHC HEC LA . -18.65 14.02 2.31
CHD HEC LA . -19.84 10.63 -0.98
NA HEC LA . -15.50 13.09 -1.53
C1A HEC LA . -15.16 12.57 -2.77
C2A HEC LA . -13.89 13.13 -3.14
C3A HEC LA . -13.49 14.00 -2.16
C4A HEC LA . -14.52 13.97 -1.16
CMA HEC LA . -12.21 14.87 -2.15
CAA HEC LA . -13.16 12.86 -4.44
CBA HEC LA . -13.38 14.08 -5.33
CGA HEC LA . -14.83 14.38 -5.65
O1A HEC LA . -15.40 15.48 -5.34
O2A HEC LA . -15.51 13.54 -6.31
NB HEC LA . -16.65 14.04 0.87
C1B HEC LA . -15.47 14.64 0.96
C2B HEC LA . -15.37 15.42 2.15
C3B HEC LA . -16.60 15.25 2.79
C4B HEC LA . -17.38 14.33 1.94
CMB HEC LA . -14.18 16.30 2.57
CAB HEC LA . -17.18 15.76 4.04
CBB HEC LA . -16.39 16.24 4.97
NC HEC LA . -18.89 12.43 0.47
C1C HEC LA . -19.34 13.14 1.53
C2C HEC LA . -20.66 12.74 1.81
C3C HEC LA . -20.95 11.78 0.84
C4C HEC LA . -19.83 11.58 0.00
CMC HEC LA . -21.53 13.30 2.92
CAC HEC LA . -22.18 11.01 0.65
CBC HEC LA . -23.36 11.12 1.29
ND HEC LA . -17.70 11.44 -1.89
C1D HEC LA . -18.78 10.62 -1.85
C2D HEC LA . -18.82 9.72 -3.02
C3D HEC LA . -17.70 9.98 -3.73
C4D HEC LA . -17.00 11.09 -3.01
CMD HEC LA . -19.85 8.69 -3.34
CAD HEC LA . -17.30 9.30 -5.02
CBD HEC LA . -17.92 10.21 -6.08
CGD HEC LA . -17.32 10.08 -7.47
O1D HEC LA . -18.06 9.65 -8.36
O2D HEC LA . -16.18 10.45 -7.77
O12 PC1 MA . -26.12 15.99 -17.50
P PC1 MA . -24.84 16.76 -17.70
O14 PC1 MA . -23.52 16.17 -17.27
O13 PC1 MA . -24.81 17.18 -19.24
C11 PC1 MA . -23.60 17.71 -19.82
C12 PC1 MA . -23.85 17.87 -21.30
N PC1 MA . -24.00 16.60 -22.13
C13 PC1 MA . -25.42 16.10 -22.13
C14 PC1 MA . -23.61 16.96 -23.51
C15 PC1 MA . -23.10 15.51 -21.68
O11 PC1 MA . -24.99 18.18 -16.96
C1 PC1 MA . -26.25 18.88 -16.98
C2 PC1 MA . -26.11 19.83 -15.81
O21 PC1 MA . -26.23 18.95 -14.65
C21 PC1 MA . -25.36 19.01 -13.60
O22 PC1 MA . -24.23 19.42 -13.75
C22 PC1 MA . -26.10 18.47 -12.35
C23 PC1 MA . -25.45 18.58 -10.97
C24 PC1 MA . -26.44 18.37 -9.79
C25 PC1 MA . -26.21 19.15 -8.47
C26 PC1 MA . -27.50 19.39 -7.61
C27 PC1 MA . -27.40 20.07 -6.22
C28 PC1 MA . -28.70 20.04 -5.32
C29 PC1 MA . -28.56 19.79 -3.78
C2A PC1 MA . -29.63 18.91 -3.03
C2B PC1 MA . -29.09 17.72 -2.18
C2C PC1 MA . -30.10 16.72 -1.53
C3 PC1 MA . -27.13 20.95 -15.83
O31 PC1 MA . -28.24 20.61 -14.97
C31 PC1 MA . -29.40 20.29 -15.54
O32 PC1 MA . -29.92 20.99 -16.38
C32 PC1 MA . -29.95 18.94 -15.05
C33 PC1 MA . -31.12 19.00 -14.06
C34 PC1 MA . -30.84 19.79 -12.78
C35 PC1 MA . -32.10 20.29 -12.09
C36 PC1 MA . -31.92 20.83 -10.67
C37 PC1 MA . -33.06 21.71 -10.13
C38 PC1 MA . -32.65 22.96 -9.34
C1 CDL NA . -22.29 20.75 -16.30
O1 CDL NA . -22.35 19.33 -16.22
CA2 CDL NA . -22.41 21.11 -17.75
OA2 CDL NA . -23.80 21.32 -18.02
PA1 CDL NA . -24.13 21.62 -19.56
OA3 CDL NA . -25.35 20.90 -20.01
OA4 CDL NA . -22.87 21.48 -20.36
OA5 CDL NA . -24.45 23.19 -19.44
CA3 CDL NA . -25.65 23.63 -18.71
CA4 CDL NA . -25.40 25.01 -18.15
OA6 CDL NA . -26.59 25.84 -17.90
CA5 CDL NA . -27.68 25.36 -17.24
OA7 CDL NA . -27.95 24.21 -16.99
C11 CDL NA . -28.67 26.45 -16.91
C12 CDL NA . -30.10 25.98 -16.89
C13 CDL NA . -31.05 26.92 -17.63
C14 CDL NA . -31.59 28.11 -16.83
C15 CDL NA . -32.34 29.16 -17.64
CA6 CDL NA . -24.37 25.76 -18.96
OA8 CDL NA . -23.17 25.78 -18.19
CA7 CDL NA . -22.38 26.85 -18.30
OA9 CDL NA . -21.56 27.20 -17.48
C31 CDL NA . -22.63 27.59 -19.59
CB2 CDL NA . -20.97 21.16 -15.72
OB2 CDL NA . -20.29 22.01 -16.68
PB2 CDL NA . -19.07 22.89 -16.14
OB3 CDL NA . -18.86 23.92 -17.21
OB4 CDL NA . -17.94 22.01 -15.69
OB5 CDL NA . -19.59 23.54 -14.78
CB3 CDL NA . -20.32 24.75 -14.84
CB4 CDL NA . -21.14 24.67 -13.58
OB6 CDL NA . -22.37 25.37 -13.89
CB5 CDL NA . -23.36 24.67 -14.45
OB7 CDL NA . -23.24 24.08 -15.51
C51 CDL NA . -24.56 24.77 -13.54
C52 CDL NA . -25.74 23.93 -13.96
C53 CDL NA . -26.64 23.53 -12.78
C54 CDL NA . -28.11 23.61 -13.06
CB6 CDL NA . -20.45 25.31 -12.41
OB8 CDL NA . -20.95 24.74 -11.18
CB7 CDL NA . -20.07 24.29 -10.29
OB9 CDL NA . -20.04 23.14 -9.91
C71 CDL NA . -19.22 25.37 -9.72
C72 CDL NA . -19.70 25.83 -8.39
C73 CDL NA . -18.58 26.11 -7.43
C74 CDL NA . -18.54 27.53 -6.92
C75 CDL NA . -17.90 27.71 -5.55
C76 CDL NA . -18.64 28.65 -4.64
C77 CDL NA . -19.26 27.98 -3.44
C78 CDL NA . -20.75 27.85 -3.53
C1 PTY OA . 3.00 24.94 -7.84
C2 PTY OA . 7.03 22.91 -13.38
C3 PTY OA . 5.56 23.23 -13.38
O4 PTY OA . 1.64 24.49 -7.74
C5 PTY OA . 4.18 24.21 -9.92
C6 PTY OA . 3.26 25.22 -9.29
O7 PTY OA . 3.69 26.61 -9.46
C8 PTY OA . 2.79 27.60 -9.29
O10 PTY OA . 1.90 27.82 -10.05
C11 PTY OA . 2.97 28.49 -8.10
C12 PTY OA . 1.81 29.46 -7.91
C13 PTY OA . 1.14 29.33 -6.56
C14 PTY OA . 0.57 27.97 -6.23
C15 PTY OA . -0.77 27.99 -5.50
C16 PTY OA . -0.75 28.05 -3.98
C17 PTY OA . -1.62 29.13 -3.37
C18 PTY OA . -3.11 28.82 -3.30
C19 PTY OA . -3.60 28.35 -1.94
C20 PTY OA . -4.68 29.22 -1.33
C30 PTY OA . 1.46 23.35 -7.07
C31 PTY OA . 0.06 23.23 -6.58
O30 PTY OA . 2.31 22.52 -6.92
C32 PTY OA . -0.95 23.34 -7.68
C33 PTY OA . -2.25 23.97 -7.19
C34 PTY OA . -2.17 24.43 -5.74
C35 PTY OA . -3.14 23.73 -4.79
C36 PTY OA . -3.87 22.53 -5.34
C37 PTY OA . -5.32 22.52 -4.96
C38 PTY OA . -6.00 21.23 -5.26
C39 PTY OA . -6.92 20.70 -4.18
C40 PTY OA . -7.52 21.73 -3.25
C41 PTY OA . -7.63 21.19 -1.85
C42 PTY OA . -8.40 22.04 -0.89
C43 PTY OA . -8.38 21.42 0.49
C44 PTY OA . -7.67 22.19 1.58
P1 PTY OA . 3.61 22.40 -11.74
O11 PTY OA . 4.85 22.13 -12.72
O12 PTY OA . 2.35 22.23 -12.53
O13 PTY OA . 3.82 21.67 -10.44
O14 PTY OA . 3.71 23.93 -11.26
N1 PTY OA . 7.52 22.73 -12.02
C1B LMT PA . -1.35 2.20 -5.51
C2B LMT PA . -1.45 0.98 -6.41
C3B LMT PA . -0.22 0.06 -6.19
C4B LMT PA . 1.14 0.77 -6.30
C5B LMT PA . 1.13 2.23 -5.77
C6B LMT PA . 2.13 3.17 -6.45
O1B LMT PA . -1.39 1.72 -4.16
O2B LMT PA . -2.69 0.33 -6.09
O3B LMT PA . -0.25 -1.07 -7.08
O4' LMT PA . 2.10 0.02 -5.53
O5B LMT PA . -0.14 2.91 -5.79
O6B LMT PA . 1.72 4.56 -6.31
C1' LMT PA . -3.20 2.84 -0.60
C2' LMT PA . -3.98 3.10 -1.90
C3' LMT PA . -3.40 2.27 -3.02
C4' LMT PA . -1.91 2.60 -3.17
C5' LMT PA . -1.14 2.35 -1.85
C6' LMT PA . 0.25 2.97 -1.88
O1' LMT PA . -3.66 3.82 0.31
O2' LMT PA . -5.32 2.70 -1.66
O3' LMT PA . -4.17 2.46 -4.24
O5' LMT PA . -1.78 2.86 -0.67
O6' LMT PA . 0.33 4.29 -1.30
C1 LMT PA . -3.52 3.33 1.65
C2 LMT PA . -4.05 4.40 2.59
C3 LMT PA . -3.00 5.48 2.63
C4 LMT PA . -3.52 6.86 2.30
C5 LMT PA . -3.94 7.62 3.56
C6 LMT PA . -3.38 9.04 3.51
C7 LMT PA . -4.14 9.82 2.42
C8 LMT PA . -3.16 10.55 1.54
C9 LMT PA . -2.96 11.96 2.11
C10 LMT PA . -3.60 13.02 1.23
C11 LMT PA . -5.06 13.36 1.55
C12 LMT PA . -5.97 12.95 0.41
C1B LMT QA . -23.12 1.19 43.48
C2B LMT QA . -23.55 1.52 44.91
C3B LMT QA . -22.87 2.83 45.39
C4B LMT QA . -21.35 2.84 45.17
C5B LMT QA . -20.96 2.32 43.78
C6B LMT QA . -19.48 2.00 43.63
O1B LMT QA . -23.62 2.22 42.62
O2B LMT QA . -24.97 1.68 44.94
O3B LMT QA . -23.18 3.07 46.76
O4' LMT QA . -20.87 4.18 45.38
O5B LMT QA . -21.69 1.12 43.41
O6B LMT QA . -19.36 0.96 42.65
C1' LMT QA . -25.37 2.92 39.11
C2' LMT QA . -26.11 1.84 39.88
C3' LMT QA . -25.52 1.83 41.28
C4' LMT QA . -23.99 1.82 41.30
C5' LMT QA . -23.36 2.74 40.23
C6' LMT QA . -21.90 2.36 40.03
O1' LMT QA . -25.81 3.00 37.81
O2' LMT QA . -27.53 2.08 39.95
O3' LMT QA . -26.01 0.69 41.99
O5' LMT QA . -24.00 2.58 38.98
O6' LMT QA . -21.44 2.86 38.77
C1 LMT QA . -25.38 4.27 37.31
C2 LMT QA . -24.84 4.00 35.94
C3 LMT QA . -25.64 2.84 35.38
C4 LMT QA . -25.95 3.22 33.96
C5 LMT QA . -24.75 3.87 33.25
C6 LMT QA . -24.64 3.63 31.72
C7 LMT QA . -25.42 2.46 31.08
C8 LMT QA . -24.69 1.93 29.84
C9 LMT QA . -25.61 1.83 28.62
C10 LMT QA . -25.46 0.46 27.96
C11 LMT QA . -24.22 0.34 27.06
C12 LMT QA . -24.57 0.34 25.58
C1 PTY RA . -14.08 -3.85 39.09
C2 PTY RA . -20.71 -3.37 38.75
C3 PTY RA . -20.26 -2.07 39.37
O4 PTY RA . -12.88 -3.74 38.30
C5 PTY RA . -15.35 -2.49 40.80
C6 PTY RA . -14.27 -2.50 39.73
O7 PTY RA . -14.54 -1.49 38.73
C8 PTY RA . -14.02 -0.27 38.90
O10 PTY RA . -13.68 0.17 39.97
C11 PTY RA . -13.89 0.44 37.61
C12 PTY RA . -13.08 -0.33 36.66
C13 PTY RA . -11.74 0.30 36.37
C14 PTY RA . -10.56 -0.62 36.60
C15 PTY RA . -9.51 -0.64 35.49
C16 PTY RA . -9.96 -0.19 34.10
C17 PTY RA . -9.07 0.88 33.45
C18 PTY RA . -9.63 1.53 32.18
C19 PTY RA . -10.03 3.01 32.28
C20 PTY RA . -11.07 3.48 31.25
C30 PTY RA . -12.75 -4.65 37.35
C31 PTY RA . -12.33 -4.01 36.08
O30 PTY RA . -12.97 -5.82 37.51
C32 PTY RA . -11.06 -4.51 35.57
C33 PTY RA . -11.26 -5.14 34.23
C34 PTY RA . -10.06 -4.97 33.36
C35 PTY RA . -10.31 -4.76 31.90
C36 PTY RA . -11.47 -5.52 31.31
C37 PTY RA . -12.19 -4.68 30.31
C38 PTY RA . -12.24 -3.19 30.68
C39 PTY RA . -12.21 -2.20 29.53
C40 PTY RA . -13.35 -2.36 28.56
C41 PTY RA . -14.10 -1.10 28.23
C42 PTY RA . -14.92 -1.17 26.95
C43 PTY RA . -15.39 -2.52 26.41
C44 PTY RA . -16.89 -2.78 26.26
P1 PTY RA . -17.97 -2.48 40.64
O11 PTY RA . -18.82 -1.96 39.37
O12 PTY RA . -18.55 -1.93 41.92
O13 PTY RA . -17.75 -3.96 40.48
O14 PTY RA . -16.53 -1.79 40.37
N1 PTY RA . -21.09 -4.34 39.80
C1 CDL SA . 12.39 15.69 -8.02
O1 CDL SA . 13.31 15.10 -8.93
CA2 CDL SA . 11.22 14.76 -7.79
OA2 CDL SA . 10.21 15.09 -8.78
PA1 CDL SA . 8.81 14.31 -8.80
OA3 CDL SA . 8.95 12.89 -8.32
OA4 CDL SA . 8.26 14.59 -10.17
OA5 CDL SA . 7.93 15.08 -7.70
CA3 CDL SA . 7.27 16.31 -8.05
CA4 CDL SA . 7.73 17.40 -7.11
OA6 CDL SA . 8.87 17.07 -6.27
CA6 CDL SA . 6.59 17.96 -6.29
OA8 CDL SA . 5.63 18.51 -7.23
CA7 CDL SA . 4.67 19.31 -6.77
OA9 CDL SA . 4.69 20.51 -6.88
C31 CDL SA . 3.50 18.53 -6.15
C32 CDL SA . 2.39 19.40 -5.55
C33 CDL SA . 1.05 18.69 -5.40
C34 CDL SA . 0.19 19.25 -4.29
C35 CDL SA . -1.30 19.31 -4.59
C36 CDL SA . -2.15 19.77 -3.41
C37 CDL SA . -3.48 19.05 -3.26
CB2 CDL SA . 11.97 17.02 -8.61
OB2 CDL SA . 12.34 18.03 -7.70
PB2 CDL SA . 12.74 19.46 -8.28
OB3 CDL SA . 11.88 20.04 -9.39
OB4 CDL SA . 14.20 19.26 -8.58
OB5 CDL SA . 12.40 20.19 -6.91
CB3 CDL SA . 12.82 19.58 -5.66
CB4 CDL SA . 11.98 20.15 -4.54
OB6 CDL SA . 11.14 18.99 -4.30
CB6 CDL SA . 11.20 21.36 -5.01
OB8 CDL SA . 11.30 22.42 -4.05
CB7 CDL SA . 12.31 23.28 -4.14
OB9 CDL SA . 13.42 23.02 -3.75
C71 CDL SA . 11.84 24.63 -4.60
C72 CDL SA . 10.51 25.03 -4.05
C73 CDL SA . 10.63 26.10 -2.98
C74 CDL SA . 9.51 27.12 -2.97
C75 CDL SA . 9.05 27.58 -1.56
C76 CDL SA . 7.90 28.59 -1.51
C77 CDL SA . 7.38 28.98 -0.11
C1 CDL TA . 16.95 10.09 -6.23
O1 CDL TA . 17.67 8.87 -6.13
CA2 CDL TA . 15.60 9.86 -6.87
OA2 CDL TA . 14.77 10.90 -6.31
PA1 CDL TA . 13.98 11.96 -7.23
OA3 CDL TA . 14.45 12.17 -8.64
OA4 CDL TA . 12.51 11.76 -6.95
OA5 CDL TA . 14.58 13.29 -6.57
CA3 CDL TA . 14.69 13.40 -5.13
CA4 CDL TA . 14.04 14.73 -4.84
OA6 CDL TA . 15.08 15.73 -5.03
CA5 CDL TA . 15.74 16.22 -3.98
OA7 CDL TA . 16.36 15.54 -3.21
C11 CDL TA . 15.52 17.71 -3.93
C12 CDL TA . 16.73 18.50 -3.57
C13 CDL TA . 16.90 18.72 -2.08
C14 CDL TA . 15.66 19.15 -1.31
C15 CDL TA . 15.81 20.44 -0.54
C16 CDL TA . 16.47 20.32 0.82
CA6 CDL TA . 13.19 14.76 -3.58
OA8 CDL TA . 11.90 14.15 -3.88
CA7 CDL TA . 10.80 14.75 -3.41
OA9 CDL TA . 10.78 15.87 -2.95
C31 CDL TA . 9.57 13.86 -3.52
C32 CDL TA . 8.27 14.58 -3.81
C33 CDL TA . 7.16 14.18 -2.85
C34 CDL TA . 5.74 14.14 -3.43
C35 CDL TA . 4.59 14.05 -2.41
C36 CDL TA . 3.44 15.04 -2.62
C37 CDL TA . 2.84 15.66 -1.35
CB2 CDL TA . 17.77 11.11 -6.98
OB2 CDL TA . 18.35 12.02 -6.02
PB2 CDL TA . 19.09 13.34 -6.55
OB3 CDL TA . 20.37 12.92 -7.22
OB4 CDL TA . 18.06 14.14 -7.30
OB5 CDL TA . 19.46 14.06 -5.17
CB3 CDL TA . 20.02 13.23 -4.12
CB4 CDL TA . 20.16 14.03 -2.85
OB6 CDL TA . 20.12 15.43 -3.19
CB5 CDL TA . 20.25 16.31 -2.18
OB7 CDL TA . 19.83 16.02 -1.09
C51 CDL TA . 20.99 17.58 -2.56
C52 CDL TA . 20.63 18.81 -1.75
C53 CDL TA . 21.34 18.89 -0.41
C54 CDL TA . 21.40 20.29 0.22
C55 CDL TA . 20.37 20.60 1.32
C56 CDL TA . 20.49 21.97 2.01
O1 XP4 UA . 24.60 15.97 -6.76
O2 XP4 UA . 24.15 17.21 -8.95
P1 XP4 UA . 23.83 17.08 -7.48
O3 XP4 UA . 22.35 17.07 -7.20
O4 XP4 UA . 24.42 18.51 -7.01
C1 XP4 UA . 24.68 18.79 -5.66
C2 XP4 UA . 24.01 20.02 -5.08
C3 XP4 UA . 22.54 19.96 -5.33
O5 XP4 UA . 22.05 21.13 -4.71
C4 XP4 UA . 20.66 21.30 -4.46
O6 XP4 UA . 19.99 20.36 -4.84
C5 XP4 UA . 20.09 22.57 -3.84
C6 XP4 UA . 18.80 22.29 -3.07
C7 XP4 UA . 18.26 23.58 -2.43
C8 XP4 UA . 16.72 23.78 -2.49
C9 XP4 UA . 16.27 24.80 -1.41
C10 XP4 UA . 14.79 25.26 -1.32
C11 XP4 UA . 14.72 26.38 -0.23
C12 XP4 UA . 13.42 27.22 -0.17
C13 XP4 UA . 13.50 28.64 0.46
O7 XP4 UA . 24.12 19.86 -3.65
C18 XP4 UA . 25.33 20.33 -2.94
O8 XP4 UA . 26.12 20.99 -3.61
C19 XP4 UA . 25.60 20.07 -1.45
FE HEC VA . -36.03 51.72 26.30
CHA HEC VA . -37.19 48.60 25.66
CHB HEC VA . -34.17 51.64 23.42
CHC HEC VA . -35.19 55.01 26.70
CHD HEC VA . -37.59 51.71 29.34
NA HEC VA . -35.74 50.35 24.76
C1A HEC VA . -36.28 49.14 24.65
C2A HEC VA . -35.92 48.40 23.45
C3A HEC VA . -35.04 49.32 22.77
C4A HEC VA . -35.01 50.49 23.65
CMA HEC VA . -34.31 49.10 21.50
CAA HEC VA . -36.27 47.04 23.01
CBA HEC VA . -37.67 46.85 22.55
CGA HEC VA . -37.62 45.37 22.15
O1A HEC VA . -37.47 44.51 23.05
O2A HEC VA . -37.70 45.03 20.94
NB HEC VA . -34.88 53.08 25.26
C1B HEC VA . -34.21 52.90 24.13
C2B HEC VA . -33.47 54.05 23.59
C3B HEC VA . -33.83 55.00 24.63
C4B HEC VA . -34.66 54.32 25.56
CMB HEC VA . -32.61 54.11 22.37
CAB HEC VA . -33.62 56.41 24.82
CBB HEC VA . -32.78 57.20 23.90
NC HEC VA . -36.31 53.13 27.78
C1C HEC VA . -35.88 54.39 27.79
C2C HEC VA . -36.25 55.13 29.00
C3C HEC VA . -36.99 54.12 29.72
C4C HEC VA . -36.94 52.95 28.91
CMC HEC VA . -35.92 56.55 29.35
CAC HEC VA . -37.67 54.12 31.00
CBC HEC VA . -37.68 55.35 31.86
ND HEC VA . -37.20 50.38 27.33
C1D HEC VA . -37.72 50.51 28.54
C2D HEC VA . -38.51 49.39 29.03
C3D HEC VA . -38.37 48.43 27.96
C4D HEC VA . -37.53 49.15 26.97
CMD HEC VA . -39.22 49.23 30.32
CAD HEC VA . -38.97 47.07 27.97
CBD HEC VA . -40.20 47.23 27.14
CGD HEC VA . -40.90 45.92 26.97
O1D HEC VA . -42.15 45.92 27.01
O2D HEC VA . -40.18 44.91 26.77
C1 CDL WA . -16.57 25.89 -19.26
O1 CDL WA . -17.82 25.49 -18.71
CA2 CDL WA . -16.49 25.48 -20.71
OA2 CDL WA . -15.99 26.56 -21.51
PA1 CDL WA . -16.70 26.81 -22.93
OA3 CDL WA . -18.15 26.44 -23.00
OA4 CDL WA . -15.71 26.35 -23.97
OA5 CDL WA . -16.85 28.39 -22.85
CA3 CDL WA . -15.68 29.22 -22.64
CA4 CDL WA . -16.13 30.43 -21.86
OA6 CDL WA . -14.92 30.81 -21.12
CA5 CDL WA . -14.76 32.05 -20.60
OA7 CDL WA . -15.55 32.96 -20.70
C11 CDL WA . -13.46 32.21 -19.82
C12 CDL WA . -13.27 33.59 -19.21
CA6 CDL WA . -17.36 30.14 -21.02
OA8 CDL WA . -17.97 31.41 -20.77
CA7 CDL WA . -18.91 31.53 -19.83
OA9 CDL WA . -19.87 32.26 -19.93
C31 CDL WA . -18.62 30.69 -18.61
C32 CDL WA . -19.75 29.78 -18.27
CB2 CDL WA . -15.43 25.35 -18.44
OB2 CDL WA . -14.73 26.56 -18.10
PB2 CDL WA . -13.12 26.61 -18.12
OB3 CDL WA . -12.69 26.70 -19.56
OB4 CDL WA . -12.62 25.46 -17.27
OB5 CDL WA . -12.88 27.99 -17.32
CB3 CDL WA . -13.96 28.94 -17.09
CB4 CDL WA . -14.08 28.98 -15.58
OB6 CDL WA . -15.02 27.98 -15.02
CB5 CDL WA . -16.32 28.23 -14.68
OB7 CDL WA . -17.14 28.59 -15.50
C51 CDL WA . -16.76 27.87 -13.24
CB6 CDL WA . -14.09 30.37 -14.99
OB8 CDL WA . -14.15 31.33 -16.06
CB7 CDL WA . -14.88 32.43 -15.86
OB9 CDL WA . -15.72 32.80 -16.67
C71 CDL WA . -14.44 33.21 -14.59
C72 CDL WA . -15.15 32.92 -13.25
O12 PC1 XA . 6.11 27.44 -12.89
P PC1 XA . 7.12 26.97 -11.88
O14 PC1 XA . 7.25 25.51 -11.57
O13 PC1 XA . 8.56 27.54 -12.33
C11 PC1 XA . 9.54 26.61 -12.81
C12 PC1 XA . 10.01 27.15 -14.13
N PC1 XA . 10.98 28.30 -14.04
C13 PC1 XA . 10.21 29.56 -13.98
C14 PC1 XA . 11.85 28.22 -12.82
C15 PC1 XA . 11.83 28.30 -15.26
O11 PC1 XA . 6.94 27.68 -10.46
C1 PC1 XA . 8.02 27.44 -9.53
C2 PC1 XA . 7.79 28.07 -8.19
O21 PC1 XA . 6.94 27.16 -7.44
C21 PC1 XA . 7.54 26.28 -6.62
O22 PC1 XA . 8.72 26.06 -6.67
C22 PC1 XA . 6.60 25.68 -5.61
C23 PC1 XA . 6.15 26.70 -4.58
C24 PC1 XA . 4.64 26.94 -4.59
C25 PC1 XA . 4.19 28.23 -3.90
C3 PC1 XA . 7.13 29.42 -8.29
O31 PC1 XA . 5.92 29.37 -7.49
C31 PC1 XA . 5.76 30.35 -6.61
O32 PC1 XA . 4.93 31.21 -6.74
C32 PC1 XA . 6.73 30.23 -5.45
C33 PC1 XA . 7.29 31.56 -4.97
C34 PC1 XA . 6.82 31.92 -3.57
C35 PC1 XA . 5.31 32.07 -3.44
C36 PC1 XA . 4.73 31.48 -2.16
C37 PC1 XA . 3.22 31.28 -2.11
C38 PC1 XA . 2.73 30.63 -0.82
C39 PC1 XA . 1.23 30.42 -0.70
C1B LMT YA . -2.39 46.91 11.32
C2B LMT YA . -2.90 48.28 11.78
C3B LMT YA . -4.32 48.19 12.37
C4B LMT YA . -5.29 47.29 11.58
C5B LMT YA . -4.61 46.03 11.06
C6B LMT YA . -5.43 45.25 10.05
O1B LMT YA . -2.20 46.07 12.47
O2B LMT YA . -2.01 48.81 12.78
O3B LMT YA . -4.86 49.52 12.50
O4' LMT YA . -6.36 46.93 12.46
O5B LMT YA . -3.35 46.32 10.42
O6B LMT YA . -4.63 44.19 9.49
C1' LMT YA . 0.46 43.47 14.09
C2' LMT YA . 1.13 44.74 13.59
C3' LMT YA . 0.06 45.76 13.19
C4' LMT YA . -1.10 45.18 12.36
C5' LMT YA . -1.52 43.79 12.90
C6' LMT YA . -2.46 43.08 11.94
O1' LMT YA . 1.45 42.49 14.35
O2' LMT YA . 1.94 45.29 14.62
O3' LMT YA . 0.69 46.87 12.51
O5' LMT YA . -0.37 42.97 13.06
O6' LMT YA . -2.51 41.73 12.39
C1 LMT YA . 0.92 41.17 14.16
C2 LMT YA . 2.03 40.15 13.96
C3 LMT YA . 1.73 38.73 14.40
C4 LMT YA . 2.95 37.95 13.93
C5 LMT YA . 2.77 36.44 13.96
C6 LMT YA . 3.29 35.82 12.69
C7 LMT YA . 4.63 35.12 12.94
C8 LMT YA . 5.04 34.18 11.81
C9 LMT YA . 5.90 32.98 12.24
C10 LMT YA . 5.60 31.58 11.63
C11 LMT YA . 4.21 31.28 11.02
C12 LMT YA . 4.14 29.88 10.42
#